data_8BU3
#
_entry.id   8BU3
#
_cell.length_a   249.610
_cell.length_b   249.610
_cell.length_c   217.866
_cell.angle_alpha   90.000
_cell.angle_beta   90.000
_cell.angle_gamma   120.000
#
_symmetry.space_group_name_H-M   'P 31 2 1'
#
loop_
_entity.id
_entity.type
_entity.pdbx_description
1 polymer 'DNA damage-binding protein 1'
2 polymer 'Cyclin-dependent kinase 12'
3 polymer Cyclin-K
4 non-polymer 1,2-ETHANEDIOL
5 non-polymer 'SULFATE ION'
6 non-polymer 2-morpholin-4-yl-9-propan-2-yl-~{N}-[(4-pyridin-2-ylphenyl)methyl]purin-6-amine
#
loop_
_entity_poly.entity_id
_entity_poly.type
_entity_poly.pdbx_seq_one_letter_code
_entity_poly.pdbx_strand_id
1 'polypeptide(L)'
;GGGRMSYNYVVTAQKPTAVNGCVTGHFTSAEDLNLLIAKNTRLEIYVVTAEGLRPVKEVGMYGKIAVMELFRPKGESKDL
LFILTAKYNACILEYKQSGESIDIITRAHGNVQDRIGRPSETGIIGIIDPECRMIGLRLYDGLFKVIPLDRDNKELKAFN
IRLEELHVIDVKFLYGCQAPTICFVYQDPQGRHVKTYEVSLREKEFNKGPWKQENVEAEASMVIAVPEPFGGAIIIGQES
ITYHNGDKYLAIAPPIIKQSTIVCHNRVDPNGSRYLLGDMEGRLFMLLLEKEEQMDGTVTLKDLRVELLGETSIAECLTY
LDNGVVFVGSRLGDSQLVKLNVDSNEQGSYVVAMETFTNLGPIVDMCVVDLERQGQGQLVTCSGAFKEGSLRIIRNGIGG
NGNSGEIQKLHIRTVPLYESPRKICYQEVSQCFGVLSSRIEVQDTSGGTTALRPSASTQALSSSVSSSKLFSSSTAPHET
SFGEEVEVHNLLIIDQHTFEVLHAHQFLQNEYALSLVSCKLGKDPNTYFIVGTAMVYPEEAEPKQGRIVVFQYSDGKLQT
VAEKEVKGAVYSMVEFNGKLLASINSTVRLYEWTTEKELRTECNHYNNIMALYLKTKGDFILVGDLMRSVLLLAYKPMEG
NFEEIARDFNPNWMSAVEILDDDNFLGAENAFNLFVCQKDSAATTDEERQHLQEVGLFHLGEFVNVFCHGSLVMQNLGET
STPTQGSVLFGTVNGMIGLVTSLSESWYNLLLDMQNRLNKVIKSVGKIEHSFWRSFHTERKTEPATGFIDGDLIESFLDI
SRPKMQEVVANLQYDDGSGMKREATADDLIKVVEELTRIH
;
A,D,G
2 'polypeptide(L)'
;GGGRRQTESDWGKRCVDKFDIIGIIGEGTYGQVYKAKDKDTGELVALKKVRLDNEKEGFPITAIREIKILRQLIHRSVVN
MKEIVTDKQDALDFKKDKGAFYLVFEYMDHDLMGLLESGLVHFSEDHIKSFMKQLMEGLEYCHKKNFLHRDIKCSNILLN
NSGQIKLADFGLARLYNSEESRPY(TPO)NKVITLWYRPPELLLGEERYTPAIDVWSCGCILGELFTKKPIFQANLELAQ
LELISRLCGSPCPAVWPDVIRLPYFNTMKPKKQYRRRLREEFSFIPSAALDLLDHMLTLDPSKRCTAEQTLQSDFLKDVE
LSKMAPPDLPHWQDCHELWSKKRRRQRQ
;
B,E,H
3 'polypeptide(L)'
;GGGRMKENKENSSPSVTSANLDHTKPCWYWDKKDLAHTPSQLEGLDPATEARYRREGARFIFDVGTRLGLHYDTLATGII
YFHRFYMFHSFKQFPRYVTGACCLFLAGKVEETPKKCKDIIKTARSLLNDVQFGQFGDDPKEEVMVLERILLQTIKFDLQ
VEHPYQFLLKYAKQLKGDKNKIQKLVQMAWTFVNDSLCTTLSLQWEPEIIAVAVMYLAGRLCKFEIQEWTSKPMYRRWWE
QFVQDVPVDVLEDICHQILDLYSQGKQQMPH
;
C,F,I
#
loop_
_chem_comp.id
_chem_comp.type
_chem_comp.name
_chem_comp.formula
EDO non-polymer 1,2-ETHANEDIOL 'C2 H6 O2'
RSI non-polymer 2-morpholin-4-yl-9-propan-2-yl-~{N}-[(4-pyridin-2-ylphenyl)methyl]purin-6-amine 'C24 H27 N7 O'
SO4 non-polymer 'SULFATE ION' 'O4 S -2'
#
# COMPACT_ATOMS: atom_id res chain seq x y z
N MET A 5 0.24 -21.79 -57.37
CA MET A 5 0.66 -23.16 -56.96
C MET A 5 2.17 -23.14 -56.71
N SER A 6 2.69 -24.16 -56.03
CA SER A 6 4.12 -24.30 -55.75
C SER A 6 4.64 -25.64 -56.25
N TYR A 7 5.93 -25.68 -56.57
CA TYR A 7 6.57 -26.84 -57.15
C TYR A 7 7.83 -27.16 -56.37
N ASN A 8 7.94 -28.39 -55.87
CA ASN A 8 9.06 -28.80 -55.03
C ASN A 8 9.45 -30.24 -55.31
N TYR A 9 10.64 -30.60 -54.83
CA TYR A 9 11.33 -31.86 -55.12
C TYR A 9 11.88 -32.40 -53.81
N VAL A 10 11.58 -33.65 -53.51
CA VAL A 10 12.02 -34.32 -52.29
C VAL A 10 12.83 -35.55 -52.66
N VAL A 11 14.04 -35.65 -52.14
CA VAL A 11 14.95 -36.75 -52.43
C VAL A 11 15.50 -37.28 -51.12
N THR A 12 15.83 -38.57 -51.11
CA THR A 12 16.33 -39.26 -49.93
C THR A 12 17.87 -39.26 -50.00
N ALA A 13 18.50 -38.58 -49.05
CA ALA A 13 19.96 -38.55 -49.03
C ALA A 13 20.55 -39.80 -48.36
N GLN A 14 19.99 -40.22 -47.24
CA GLN A 14 20.37 -41.46 -46.57
C GLN A 14 19.12 -42.27 -46.28
N LYS A 15 19.13 -43.55 -46.66
CA LYS A 15 17.96 -44.38 -46.47
C LYS A 15 17.72 -44.68 -44.99
N PRO A 16 16.50 -45.08 -44.63
CA PRO A 16 16.22 -45.43 -43.24
C PRO A 16 17.17 -46.50 -42.73
N THR A 17 17.69 -46.29 -41.52
CA THR A 17 18.68 -47.16 -40.91
C THR A 17 18.16 -47.94 -39.71
N ALA A 18 17.03 -47.56 -39.14
CA ALA A 18 16.51 -48.27 -37.99
C ALA A 18 15.97 -49.62 -38.43
N VAL A 19 16.27 -50.65 -37.65
CA VAL A 19 15.75 -51.98 -37.92
C VAL A 19 14.41 -52.08 -37.21
N ASN A 20 13.34 -52.19 -37.99
CA ASN A 20 11.99 -52.27 -37.45
C ASN A 20 11.54 -53.71 -37.23
N GLY A 21 12.16 -54.66 -37.90
CA GLY A 21 11.86 -56.05 -37.66
C GLY A 21 12.84 -56.94 -38.40
N CYS A 22 12.92 -58.18 -37.94
CA CYS A 22 13.83 -59.15 -38.51
C CYS A 22 13.31 -60.57 -38.34
N VAL A 23 13.37 -61.34 -39.43
CA VAL A 23 12.93 -62.72 -39.46
C VAL A 23 14.01 -63.57 -40.13
N THR A 24 13.96 -64.87 -39.86
CA THR A 24 14.83 -65.84 -40.49
C THR A 24 14.01 -66.94 -41.14
N GLY A 25 14.64 -67.61 -42.10
CA GLY A 25 13.96 -68.69 -42.80
C GLY A 25 14.74 -69.10 -44.03
N HIS A 26 14.01 -69.68 -44.98
CA HIS A 26 14.60 -70.27 -46.18
C HIS A 26 13.86 -69.65 -47.38
N PHE A 27 14.13 -68.37 -47.62
CA PHE A 27 13.38 -67.57 -48.58
C PHE A 27 13.99 -67.58 -49.97
N THR A 28 15.31 -67.41 -50.08
CA THR A 28 15.93 -67.34 -51.40
C THR A 28 16.09 -68.72 -52.03
N SER A 29 16.31 -69.74 -51.21
CA SER A 29 16.41 -71.12 -51.66
C SER A 29 15.96 -71.98 -50.49
N ALA A 30 15.41 -73.16 -50.79
CA ALA A 30 15.02 -74.07 -49.71
C ALA A 30 16.23 -74.51 -48.88
N GLU A 31 17.44 -74.22 -49.36
CA GLU A 31 18.70 -74.65 -48.77
C GLU A 31 19.36 -73.58 -47.91
N ASP A 32 19.36 -72.33 -48.36
CA ASP A 32 20.03 -71.26 -47.65
C ASP A 32 19.28 -70.84 -46.39
N LEU A 33 20.05 -70.45 -45.37
CA LEU A 33 19.48 -69.78 -44.21
C LEU A 33 19.49 -68.27 -44.46
N ASN A 34 18.31 -67.67 -44.45
CA ASN A 34 18.15 -66.27 -44.78
C ASN A 34 17.88 -65.45 -43.52
N LEU A 35 18.28 -64.18 -43.60
CA LEU A 35 17.91 -63.17 -42.61
C LEU A 35 17.28 -62.03 -43.40
N LEU A 36 16.00 -61.77 -43.18
CA LEU A 36 15.31 -60.64 -43.78
C LEU A 36 15.20 -59.55 -42.73
N ILE A 37 15.76 -58.39 -43.03
CA ILE A 37 15.75 -57.23 -42.14
C ILE A 37 14.84 -56.19 -42.78
N ALA A 38 13.91 -55.66 -42.00
CA ALA A 38 12.96 -54.66 -42.47
C ALA A 38 13.31 -53.31 -41.84
N LYS A 39 13.68 -52.35 -42.68
CA LYS A 39 13.72 -50.94 -42.32
C LYS A 39 12.51 -50.26 -42.95
N ASN A 40 12.20 -49.04 -42.50
CA ASN A 40 10.98 -48.42 -42.97
C ASN A 40 11.02 -48.37 -44.51
N THR A 41 10.04 -48.99 -45.15
CA THR A 41 9.88 -49.02 -46.61
C THR A 41 10.96 -49.81 -47.33
N ARG A 42 11.93 -50.38 -46.61
CA ARG A 42 13.06 -51.09 -47.23
C ARG A 42 13.14 -52.52 -46.69
N LEU A 43 13.34 -53.48 -47.58
CA LEU A 43 13.57 -54.88 -47.24
C LEU A 43 14.97 -55.30 -47.66
N GLU A 44 15.75 -55.80 -46.71
CA GLU A 44 17.11 -56.29 -46.97
C GLU A 44 17.14 -57.81 -46.81
N ILE A 45 17.68 -58.52 -47.80
CA ILE A 45 17.76 -59.96 -47.77
C ILE A 45 19.23 -60.35 -47.67
N TYR A 46 19.56 -61.17 -46.67
CA TYR A 46 20.92 -61.65 -46.45
C TYR A 46 20.92 -63.18 -46.47
N VAL A 47 22.11 -63.76 -46.61
CA VAL A 47 22.30 -65.20 -46.46
C VAL A 47 23.32 -65.43 -45.35
N VAL A 48 23.02 -66.34 -44.45
CA VAL A 48 23.82 -66.55 -43.25
C VAL A 48 25.02 -67.43 -43.61
N THR A 49 26.21 -66.93 -43.27
CA THR A 49 27.48 -67.62 -43.46
C THR A 49 28.10 -67.88 -42.09
N ALA A 50 29.28 -68.51 -42.10
CA ALA A 50 29.99 -68.74 -40.85
C ALA A 50 30.69 -67.49 -40.32
N GLU A 51 30.89 -66.45 -41.13
CA GLU A 51 31.55 -65.24 -40.64
C GLU A 51 30.59 -64.11 -40.33
N GLY A 52 29.41 -64.10 -40.94
CA GLY A 52 28.48 -63.00 -40.84
C GLY A 52 27.40 -63.12 -41.89
N LEU A 53 27.05 -62.03 -42.54
CA LEU A 53 25.95 -62.02 -43.49
C LEU A 53 26.46 -61.70 -44.89
N ARG A 54 25.97 -62.45 -45.88
CA ARG A 54 26.25 -62.12 -47.27
C ARG A 54 25.02 -61.44 -47.84
N PRO A 55 25.07 -60.16 -48.19
CA PRO A 55 23.89 -59.53 -48.82
C PRO A 55 23.64 -60.13 -50.19
N VAL A 56 22.37 -60.22 -50.56
CA VAL A 56 21.99 -60.81 -51.84
C VAL A 56 21.04 -59.90 -52.60
N LYS A 57 20.15 -59.21 -51.89
CA LYS A 57 19.14 -58.40 -52.58
C LYS A 57 18.54 -57.38 -51.62
N GLU A 58 18.21 -56.22 -52.17
CA GLU A 58 17.46 -55.20 -51.44
C GLU A 58 16.39 -54.59 -52.36
N VAL A 59 15.16 -54.49 -51.86
CA VAL A 59 14.07 -53.88 -52.60
C VAL A 59 13.44 -52.79 -51.75
N GLY A 60 12.83 -51.82 -52.44
CA GLY A 60 11.96 -50.86 -51.79
C GLY A 60 10.50 -51.24 -52.06
N MET A 61 9.64 -50.87 -51.12
CA MET A 61 8.20 -51.06 -51.27
C MET A 61 7.51 -49.73 -51.08
N TYR A 62 6.40 -49.54 -51.78
CA TYR A 62 5.65 -48.28 -51.70
C TYR A 62 4.69 -48.35 -50.51
N GLY A 63 5.30 -48.41 -49.31
CA GLY A 63 4.56 -48.56 -48.07
C GLY A 63 5.46 -48.82 -46.88
N LYS A 64 4.99 -48.45 -45.69
CA LYS A 64 5.70 -48.77 -44.46
C LYS A 64 5.43 -50.22 -44.09
N ILE A 65 6.49 -51.01 -43.90
CA ILE A 65 6.36 -52.43 -43.64
C ILE A 65 5.89 -52.61 -42.19
N ALA A 66 4.65 -53.05 -42.03
CA ALA A 66 4.06 -53.27 -40.71
C ALA A 66 4.15 -54.71 -40.25
N VAL A 67 3.85 -55.66 -41.12
CA VAL A 67 3.94 -57.10 -40.82
C VAL A 67 4.95 -57.70 -41.79
N MET A 68 5.82 -58.57 -41.27
CA MET A 68 6.76 -59.32 -42.10
C MET A 68 6.93 -60.70 -41.51
N GLU A 69 6.55 -61.73 -42.27
CA GLU A 69 6.57 -63.10 -41.78
C GLU A 69 6.87 -64.05 -42.93
N LEU A 70 7.66 -65.10 -42.64
CA LEU A 70 7.96 -66.16 -43.59
C LEU A 70 7.18 -67.41 -43.23
N PHE A 71 6.68 -68.11 -44.25
CA PHE A 71 5.91 -69.34 -44.07
C PHE A 71 6.11 -70.21 -45.30
N ARG A 72 5.81 -71.51 -45.16
CA ARG A 72 6.00 -72.46 -46.25
C ARG A 72 4.78 -73.37 -46.36
N PRO A 73 3.82 -73.05 -47.22
CA PRO A 73 2.63 -73.91 -47.35
C PRO A 73 2.98 -75.23 -48.04
N LYS A 74 2.23 -76.27 -47.69
CA LYS A 74 2.42 -77.57 -48.32
C LYS A 74 2.38 -77.43 -49.83
N GLY A 75 3.38 -78.01 -50.49
CA GLY A 75 3.52 -77.95 -51.92
C GLY A 75 4.59 -76.99 -52.40
N GLU A 76 5.04 -76.08 -51.55
CA GLU A 76 6.10 -75.14 -51.91
C GLU A 76 7.46 -75.74 -51.51
N SER A 77 8.48 -75.46 -52.32
CA SER A 77 9.82 -75.92 -52.00
C SER A 77 10.50 -75.03 -50.95
N LYS A 78 10.13 -73.75 -50.89
CA LYS A 78 10.85 -72.78 -50.07
C LYS A 78 9.85 -71.80 -49.49
N ASP A 79 10.34 -71.00 -48.53
CA ASP A 79 9.46 -70.11 -47.80
C ASP A 79 8.96 -68.98 -48.69
N LEU A 80 7.73 -68.56 -48.44
CA LEU A 80 7.15 -67.37 -49.04
C LEU A 80 7.08 -66.27 -47.99
N LEU A 81 7.02 -65.02 -48.45
CA LEU A 81 7.06 -63.86 -47.59
C LEU A 81 5.72 -63.14 -47.61
N PHE A 82 5.18 -62.88 -46.42
CA PHE A 82 4.01 -62.05 -46.29
C PHE A 82 4.41 -60.68 -45.76
N ILE A 83 3.91 -59.63 -46.38
CA ILE A 83 4.13 -58.26 -45.93
C ILE A 83 2.79 -57.52 -46.00
N LEU A 84 2.52 -56.74 -44.95
CA LEU A 84 1.35 -55.86 -44.89
C LEU A 84 1.89 -54.46 -44.60
N THR A 85 1.47 -53.49 -45.40
CA THR A 85 1.98 -52.15 -45.18
C THR A 85 1.07 -51.42 -44.19
N ALA A 86 1.57 -50.29 -43.67
CA ALA A 86 0.79 -49.52 -42.70
C ALA A 86 -0.46 -48.90 -43.32
N LYS A 87 -0.52 -48.81 -44.66
CA LYS A 87 -1.74 -48.39 -45.33
C LYS A 87 -2.64 -49.59 -45.67
N TYR A 88 -2.37 -50.74 -45.06
CA TYR A 88 -3.18 -51.95 -45.17
C TYR A 88 -3.05 -52.59 -46.55
N ASN A 89 -1.88 -52.44 -47.18
CA ASN A 89 -1.57 -53.11 -48.44
C ASN A 89 -0.94 -54.46 -48.12
N ALA A 90 -1.60 -55.54 -48.54
CA ALA A 90 -1.13 -56.90 -48.30
C ALA A 90 -0.62 -57.53 -49.59
N CYS A 91 0.36 -58.44 -49.46
CA CYS A 91 0.90 -59.16 -50.60
C CYS A 91 1.68 -60.38 -50.12
N ILE A 92 1.81 -61.36 -51.02
CA ILE A 92 2.67 -62.51 -50.81
C ILE A 92 3.75 -62.50 -51.89
N LEU A 93 5.01 -62.62 -51.48
CA LEU A 93 6.15 -62.43 -52.35
C LEU A 93 6.98 -63.70 -52.47
N GLU A 94 7.61 -63.88 -53.64
CA GLU A 94 8.50 -65.00 -53.87
C GLU A 94 9.82 -64.54 -54.48
N TYR A 95 10.92 -65.10 -53.97
CA TYR A 95 12.26 -64.90 -54.53
C TYR A 95 12.48 -65.86 -55.69
N LYS A 96 12.92 -65.31 -56.81
CA LYS A 96 13.23 -66.11 -58.00
C LYS A 96 14.52 -65.58 -58.59
N GLN A 97 15.44 -66.48 -58.91
CA GLN A 97 16.76 -66.11 -59.41
C GLN A 97 17.03 -66.92 -60.67
N SER A 98 17.43 -66.23 -61.72
CA SER A 98 17.74 -66.84 -63.01
C SER A 98 19.20 -66.51 -63.27
N GLY A 99 20.10 -67.36 -62.78
CA GLY A 99 21.50 -67.04 -62.94
C GLY A 99 21.83 -65.78 -62.18
N GLU A 100 22.25 -64.76 -62.94
CA GLU A 100 22.62 -63.47 -62.40
C GLU A 100 21.44 -62.55 -62.16
N SER A 101 20.25 -62.89 -62.68
CA SER A 101 19.07 -62.04 -62.59
C SER A 101 18.25 -62.39 -61.36
N ILE A 102 18.16 -61.46 -60.42
CA ILE A 102 17.37 -61.64 -59.19
C ILE A 102 16.15 -60.73 -59.27
N ASP A 103 14.96 -61.30 -59.07
CA ASP A 103 13.72 -60.52 -59.04
C ASP A 103 12.79 -61.05 -57.95
N ILE A 104 11.82 -60.22 -57.57
CA ILE A 104 10.84 -60.56 -56.54
C ILE A 104 9.45 -60.67 -57.15
N ILE A 105 8.81 -61.82 -56.95
CA ILE A 105 7.53 -62.14 -57.56
C ILE A 105 6.41 -61.72 -56.61
N THR A 106 5.39 -61.03 -57.13
CA THR A 106 4.19 -60.74 -56.34
C THR A 106 3.18 -61.85 -56.65
N ARG A 107 3.01 -62.77 -55.71
CA ARG A 107 2.14 -63.92 -55.95
C ARG A 107 0.68 -63.60 -55.68
N ALA A 108 0.40 -62.78 -54.67
CA ALA A 108 -0.96 -62.39 -54.32
C ALA A 108 -0.89 -61.00 -53.72
N HIS A 109 -1.96 -60.22 -53.91
CA HIS A 109 -1.95 -58.87 -53.37
C HIS A 109 -3.36 -58.31 -53.28
N GLY A 110 -3.51 -57.35 -52.38
CA GLY A 110 -4.75 -56.64 -52.19
C GLY A 110 -4.67 -55.76 -50.97
N ASN A 111 -5.67 -54.89 -50.84
CA ASN A 111 -5.78 -53.96 -49.72
C ASN A 111 -6.88 -54.43 -48.80
N VAL A 112 -6.57 -54.60 -47.52
CA VAL A 112 -7.46 -55.25 -46.58
C VAL A 112 -8.15 -54.24 -45.65
N GLN A 113 -8.13 -52.96 -46.01
CA GLN A 113 -8.73 -51.92 -45.18
C GLN A 113 -10.25 -52.07 -45.12
N ASP A 114 -10.81 -51.84 -43.93
CA ASP A 114 -12.24 -51.87 -43.73
C ASP A 114 -12.81 -50.45 -43.76
N ARG A 115 -14.00 -50.32 -44.36
CA ARG A 115 -14.69 -49.03 -44.40
C ARG A 115 -14.94 -48.50 -42.99
N ILE A 116 -15.24 -49.39 -42.05
CA ILE A 116 -15.54 -49.01 -40.68
C ILE A 116 -14.67 -49.82 -39.74
N GLY A 117 -14.02 -49.14 -38.80
CA GLY A 117 -13.23 -49.82 -37.79
C GLY A 117 -12.41 -48.87 -36.94
N ARG A 118 -12.10 -49.29 -35.71
CA ARG A 118 -11.25 -48.48 -34.85
C ARG A 118 -9.84 -49.04 -34.83
N PRO A 119 -8.85 -48.27 -35.27
CA PRO A 119 -7.45 -48.73 -35.16
C PRO A 119 -7.09 -49.05 -33.71
N SER A 120 -6.44 -50.19 -33.50
CA SER A 120 -6.14 -50.67 -32.16
C SER A 120 -4.94 -49.95 -31.54
N GLU A 121 -4.90 -49.94 -30.21
CA GLU A 121 -3.83 -49.24 -29.48
C GLU A 121 -2.47 -49.91 -29.69
N THR A 122 -2.43 -51.24 -29.62
CA THR A 122 -1.18 -51.97 -29.76
C THR A 122 -0.82 -52.23 -31.22
N GLY A 123 -1.46 -51.52 -32.15
CA GLY A 123 -1.01 -51.52 -33.53
C GLY A 123 -1.40 -52.76 -34.28
N ILE A 124 -1.02 -52.77 -35.55
CA ILE A 124 -1.29 -53.92 -36.42
C ILE A 124 -0.50 -55.12 -35.90
N ILE A 125 -1.18 -56.26 -35.79
CA ILE A 125 -0.54 -57.53 -35.49
C ILE A 125 -0.87 -58.49 -36.63
N GLY A 126 0.15 -59.21 -37.11
CA GLY A 126 -0.05 -60.23 -38.11
C GLY A 126 0.64 -61.52 -37.72
N ILE A 127 -0.09 -62.63 -37.76
CA ILE A 127 0.43 -63.94 -37.38
C ILE A 127 -0.06 -64.96 -38.42
N ILE A 128 0.67 -66.05 -38.53
CA ILE A 128 0.34 -67.10 -39.48
C ILE A 128 0.28 -68.45 -38.76
N ASP A 129 -0.70 -69.24 -39.17
CA ASP A 129 -0.95 -70.56 -38.59
C ASP A 129 0.27 -71.46 -38.77
N PRO A 130 0.57 -72.32 -37.78
CA PRO A 130 1.67 -73.28 -37.98
C PRO A 130 1.48 -74.21 -39.17
N GLU A 131 0.23 -74.55 -39.51
CA GLU A 131 -0.05 -75.32 -40.71
C GLU A 131 -0.26 -74.43 -41.92
N CYS A 132 0.05 -73.14 -41.81
CA CYS A 132 -0.07 -72.19 -42.92
C CYS A 132 -1.42 -72.33 -43.62
N ARG A 133 -2.48 -72.45 -42.81
CA ARG A 133 -3.83 -72.49 -43.34
C ARG A 133 -4.44 -71.11 -43.50
N MET A 134 -3.98 -70.15 -42.71
CA MET A 134 -4.54 -68.81 -42.74
C MET A 134 -3.55 -67.81 -42.17
N ILE A 135 -3.78 -66.54 -42.50
CA ILE A 135 -3.08 -65.40 -41.92
C ILE A 135 -4.05 -64.69 -41.00
N GLY A 136 -3.65 -64.47 -39.76
CA GLY A 136 -4.44 -63.70 -38.81
C GLY A 136 -3.96 -62.25 -38.77
N LEU A 137 -4.92 -61.33 -38.81
CA LEU A 137 -4.63 -59.90 -38.72
C LEU A 137 -5.49 -59.28 -37.64
N ARG A 138 -4.87 -58.51 -36.75
CA ARG A 138 -5.58 -57.70 -35.76
C ARG A 138 -5.38 -56.24 -36.17
N LEU A 139 -6.33 -55.70 -36.92
CA LEU A 139 -6.26 -54.32 -37.38
C LEU A 139 -7.13 -53.38 -36.56
N TYR A 140 -8.31 -53.82 -36.12
CA TYR A 140 -9.26 -52.95 -35.46
C TYR A 140 -9.74 -53.57 -34.15
N ASP A 141 -10.12 -52.70 -33.22
CA ASP A 141 -10.69 -53.14 -31.96
C ASP A 141 -11.97 -53.92 -32.21
N GLY A 142 -12.07 -55.08 -31.59
CA GLY A 142 -13.31 -55.85 -31.68
C GLY A 142 -13.44 -56.69 -32.92
N LEU A 143 -12.38 -56.81 -33.72
CA LEU A 143 -12.46 -57.59 -34.94
C LEU A 143 -11.17 -58.36 -35.21
N PHE A 144 -11.32 -59.59 -35.69
CA PHE A 144 -10.22 -60.45 -36.11
C PHE A 144 -10.44 -60.77 -37.58
N LYS A 145 -9.47 -60.39 -38.42
CA LYS A 145 -9.56 -60.59 -39.87
C LYS A 145 -8.78 -61.83 -40.26
N VAL A 146 -9.39 -62.68 -41.09
CA VAL A 146 -8.79 -63.93 -41.52
C VAL A 146 -8.62 -63.88 -43.03
N ILE A 147 -7.39 -64.01 -43.50
CA ILE A 147 -7.10 -64.30 -44.90
C ILE A 147 -6.80 -65.80 -45.00
N PRO A 148 -7.71 -66.61 -45.53
CA PRO A 148 -7.40 -68.03 -45.69
C PRO A 148 -6.39 -68.24 -46.82
N LEU A 149 -5.40 -69.10 -46.55
CA LEU A 149 -4.33 -69.32 -47.52
C LEU A 149 -4.66 -70.51 -48.44
N ASP A 150 -5.71 -70.33 -49.24
CA ASP A 150 -6.00 -71.27 -50.32
C ASP A 150 -5.33 -70.82 -51.60
N ARG A 151 -5.07 -71.79 -52.50
CA ARG A 151 -4.38 -71.50 -53.75
C ARG A 151 -5.10 -70.46 -54.58
N ASP A 152 -6.42 -70.39 -54.48
CA ASP A 152 -7.19 -69.53 -55.36
C ASP A 152 -7.24 -68.08 -54.90
N ASN A 153 -6.84 -67.80 -53.66
CA ASN A 153 -7.01 -66.48 -53.08
C ASN A 153 -5.85 -65.57 -53.51
N LYS A 154 -5.82 -65.29 -54.82
CA LYS A 154 -4.73 -64.45 -55.33
C LYS A 154 -4.95 -62.99 -54.99
N GLU A 155 -6.17 -62.60 -54.65
CA GLU A 155 -6.47 -61.22 -54.28
C GLU A 155 -6.44 -61.02 -52.76
N LEU A 156 -6.17 -62.08 -52.01
CA LEU A 156 -6.14 -62.03 -50.55
C LEU A 156 -7.47 -61.51 -49.97
N LYS A 157 -8.57 -62.07 -50.45
CA LYS A 157 -9.88 -61.75 -49.89
C LYS A 157 -10.00 -62.31 -48.49
N ALA A 158 -10.74 -61.60 -47.63
CA ALA A 158 -10.78 -61.95 -46.21
C ALA A 158 -12.12 -61.59 -45.60
N PHE A 159 -12.36 -62.13 -44.40
CA PHE A 159 -13.57 -61.92 -43.63
C PHE A 159 -13.23 -61.64 -42.18
N ASN A 160 -14.13 -60.92 -41.51
CA ASN A 160 -13.97 -60.58 -40.10
C ASN A 160 -14.85 -61.44 -39.20
N ILE A 161 -14.24 -61.89 -38.11
CA ILE A 161 -14.94 -62.57 -37.02
C ILE A 161 -15.12 -61.59 -35.88
N ARG A 162 -16.34 -61.49 -35.36
CA ARG A 162 -16.56 -60.61 -34.22
C ARG A 162 -15.74 -61.11 -33.04
N LEU A 163 -15.05 -60.18 -32.39
CA LEU A 163 -14.24 -60.47 -31.20
C LEU A 163 -14.84 -59.69 -30.04
N GLU A 164 -15.31 -60.42 -29.03
CA GLU A 164 -15.92 -59.75 -27.88
C GLU A 164 -14.89 -58.90 -27.14
N GLU A 165 -13.67 -59.40 -26.99
CA GLU A 165 -12.62 -58.72 -26.24
C GLU A 165 -12.10 -57.57 -27.08
N LEU A 166 -12.47 -56.34 -26.71
CA LEU A 166 -12.15 -55.20 -27.56
C LEU A 166 -10.68 -54.79 -27.46
N HIS A 167 -10.11 -54.86 -26.27
CA HIS A 167 -8.73 -54.39 -26.03
C HIS A 167 -7.81 -55.60 -25.95
N VAL A 168 -7.13 -55.89 -27.06
CA VAL A 168 -6.22 -57.03 -27.17
C VAL A 168 -4.80 -56.52 -27.12
N ILE A 169 -3.98 -57.11 -26.25
CA ILE A 169 -2.57 -56.73 -26.15
C ILE A 169 -1.74 -57.43 -27.20
N ASP A 170 -1.82 -58.77 -27.27
CA ASP A 170 -1.01 -59.51 -28.23
C ASP A 170 -1.68 -60.84 -28.50
N VAL A 171 -1.39 -61.41 -29.68
CA VAL A 171 -1.96 -62.69 -30.09
C VAL A 171 -0.94 -63.47 -30.91
N LYS A 172 -1.01 -64.79 -30.78
CA LYS A 172 -0.19 -65.72 -31.55
C LYS A 172 -1.05 -66.92 -31.89
N PHE A 173 -0.71 -67.60 -32.98
CA PHE A 173 -1.31 -68.89 -33.29
C PHE A 173 -0.58 -69.97 -32.50
N LEU A 174 -1.34 -70.79 -31.76
CA LEU A 174 -0.70 -71.79 -30.93
C LEU A 174 -0.36 -73.06 -31.70
N TYR A 175 0.61 -73.80 -31.18
CA TYR A 175 1.07 -75.07 -31.74
C TYR A 175 0.36 -76.24 -31.06
N GLY A 176 0.34 -77.37 -31.75
CA GLY A 176 -0.14 -78.60 -31.15
C GLY A 176 -1.62 -78.68 -30.94
N CYS A 177 -2.41 -78.01 -31.78
CA CYS A 177 -3.85 -77.94 -31.62
C CYS A 177 -4.56 -78.69 -32.74
N GLN A 178 -5.72 -79.27 -32.39
CA GLN A 178 -6.51 -80.03 -33.35
C GLN A 178 -7.07 -79.13 -34.45
N ALA A 179 -7.31 -77.86 -34.14
CA ALA A 179 -7.73 -76.84 -35.08
C ALA A 179 -6.87 -75.61 -34.89
N PRO A 180 -6.88 -74.68 -35.84
CA PRO A 180 -6.18 -73.40 -35.61
C PRO A 180 -6.68 -72.75 -34.34
N THR A 181 -5.75 -72.39 -33.46
CA THR A 181 -6.09 -71.83 -32.16
C THR A 181 -5.23 -70.58 -31.90
N ILE A 182 -5.87 -69.54 -31.38
CA ILE A 182 -5.21 -68.28 -31.06
C ILE A 182 -5.18 -68.09 -29.55
N CYS A 183 -4.04 -67.63 -29.04
CA CYS A 183 -3.87 -67.26 -27.64
C CYS A 183 -3.61 -65.77 -27.57
N PHE A 184 -4.44 -65.05 -26.82
CA PHE A 184 -4.31 -63.60 -26.74
C PHE A 184 -4.45 -63.12 -25.29
N VAL A 185 -3.68 -62.10 -24.96
CA VAL A 185 -3.79 -61.37 -23.70
C VAL A 185 -4.63 -60.12 -23.99
N TYR A 186 -5.73 -59.96 -23.28
CA TYR A 186 -6.63 -58.84 -23.50
C TYR A 186 -6.83 -58.09 -22.19
N GLN A 187 -7.33 -56.86 -22.31
CA GLN A 187 -7.57 -56.01 -21.15
C GLN A 187 -9.03 -55.57 -21.13
N ASP A 188 -9.65 -55.69 -19.97
CA ASP A 188 -10.99 -55.18 -19.67
C ASP A 188 -10.86 -54.56 -18.29
N PRO A 189 -11.94 -54.04 -17.69
CA PRO A 189 -11.78 -53.34 -16.40
C PRO A 189 -11.26 -54.21 -15.26
N GLN A 190 -11.37 -55.52 -15.35
CA GLN A 190 -10.98 -56.37 -14.22
C GLN A 190 -9.51 -56.75 -14.24
N GLY A 191 -8.73 -56.17 -15.16
CA GLY A 191 -7.34 -56.54 -15.28
C GLY A 191 -7.04 -57.17 -16.63
N ARG A 192 -5.94 -57.89 -16.72
CA ARG A 192 -5.56 -58.58 -17.94
C ARG A 192 -5.75 -60.08 -17.77
N HIS A 193 -6.10 -60.73 -18.87
CA HIS A 193 -6.41 -62.14 -18.90
C HIS A 193 -5.78 -62.73 -20.15
N VAL A 194 -5.58 -64.03 -20.13
CA VAL A 194 -5.11 -64.78 -21.28
C VAL A 194 -6.25 -65.71 -21.65
N LYS A 195 -6.64 -65.72 -22.91
CA LYS A 195 -7.79 -66.49 -23.39
C LYS A 195 -7.42 -67.17 -24.70
N THR A 196 -8.12 -68.26 -25.01
CA THR A 196 -7.93 -68.98 -26.26
C THR A 196 -9.25 -69.21 -26.98
N TYR A 197 -9.20 -69.13 -28.31
CA TYR A 197 -10.30 -69.40 -29.21
C TYR A 197 -9.79 -70.29 -30.35
N GLU A 198 -10.71 -70.97 -31.02
CA GLU A 198 -10.43 -71.76 -32.22
C GLU A 198 -11.02 -71.06 -33.44
N VAL A 199 -10.33 -71.16 -34.58
CA VAL A 199 -10.71 -70.44 -35.80
C VAL A 199 -11.20 -71.45 -36.83
N SER A 200 -12.46 -71.29 -37.25
CA SER A 200 -13.11 -72.17 -38.21
C SER A 200 -13.27 -71.49 -39.57
N LEU A 201 -12.47 -71.92 -40.54
CA LEU A 201 -12.61 -71.40 -41.90
C LEU A 201 -13.94 -71.82 -42.53
N ARG A 202 -14.47 -72.99 -42.14
CA ARG A 202 -15.72 -73.48 -42.70
C ARG A 202 -16.91 -72.67 -42.16
N GLU A 203 -16.95 -72.48 -40.84
CA GLU A 203 -18.02 -71.71 -40.23
C GLU A 203 -17.77 -70.20 -40.22
N LYS A 204 -16.51 -69.78 -40.38
CA LYS A 204 -16.15 -68.36 -40.39
C LYS A 204 -16.57 -67.71 -39.07
N GLU A 205 -16.20 -68.35 -37.97
CA GLU A 205 -16.44 -67.84 -36.63
C GLU A 205 -15.50 -68.52 -35.64
N PHE A 206 -15.46 -67.99 -34.43
CA PHE A 206 -14.71 -68.61 -33.34
C PHE A 206 -15.55 -69.71 -32.68
N ASN A 207 -14.87 -70.73 -32.17
CA ASN A 207 -15.44 -71.76 -31.31
C ASN A 207 -14.67 -71.74 -30.00
N LYS A 208 -15.21 -72.37 -28.96
CA LYS A 208 -14.53 -72.29 -27.68
C LYS A 208 -13.17 -72.99 -27.72
N GLY A 209 -12.16 -72.33 -27.14
CA GLY A 209 -10.76 -72.70 -27.24
C GLY A 209 -10.37 -73.78 -26.25
N PRO A 210 -9.14 -74.28 -26.43
CA PRO A 210 -8.70 -75.43 -25.61
C PRO A 210 -8.64 -75.18 -24.12
N TRP A 211 -8.09 -74.05 -23.64
CA TRP A 211 -7.94 -73.90 -22.19
C TRP A 211 -8.51 -72.58 -21.68
N LYS A 212 -8.89 -72.62 -20.40
CA LYS A 212 -9.67 -71.57 -19.75
C LYS A 212 -8.85 -70.30 -19.58
N GLN A 213 -9.56 -69.17 -19.45
CA GLN A 213 -8.86 -67.94 -19.16
C GLN A 213 -8.25 -68.02 -17.75
N GLU A 214 -7.06 -67.48 -17.62
CA GLU A 214 -6.34 -67.36 -16.37
C GLU A 214 -6.02 -65.87 -16.24
N ASN A 215 -6.15 -65.33 -15.04
CA ASN A 215 -5.79 -63.94 -14.80
C ASN A 215 -4.28 -63.78 -14.81
N VAL A 216 -3.79 -62.78 -15.54
CA VAL A 216 -2.37 -62.59 -15.74
C VAL A 216 -1.94 -61.24 -15.19
N GLU A 217 -0.63 -61.04 -15.15
CA GLU A 217 -0.05 -59.80 -14.67
C GLU A 217 -0.69 -58.60 -15.35
N ALA A 218 -0.83 -57.52 -14.59
CA ALA A 218 -1.49 -56.32 -15.09
C ALA A 218 -0.76 -55.74 -16.30
N GLU A 219 0.56 -55.90 -16.37
CA GLU A 219 1.35 -55.39 -17.48
C GLU A 219 1.88 -56.51 -18.38
N ALA A 220 1.13 -57.60 -18.49
CA ALA A 220 1.43 -58.67 -19.44
C ALA A 220 1.52 -58.11 -20.86
N SER A 221 2.70 -58.27 -21.48
CA SER A 221 2.98 -57.60 -22.74
C SER A 221 3.09 -58.51 -23.96
N MET A 222 3.70 -59.69 -23.86
CA MET A 222 4.00 -60.47 -25.06
C MET A 222 3.58 -61.92 -24.90
N VAL A 223 3.19 -62.52 -26.01
CA VAL A 223 2.74 -63.91 -26.09
C VAL A 223 3.74 -64.70 -26.92
N ILE A 224 4.18 -65.83 -26.38
CA ILE A 224 5.09 -66.76 -27.06
C ILE A 224 4.37 -68.08 -27.27
N ALA A 225 4.31 -68.53 -28.52
CA ALA A 225 3.77 -69.85 -28.84
C ALA A 225 4.90 -70.87 -28.74
N VAL A 226 4.83 -71.74 -27.73
CA VAL A 226 5.90 -72.72 -27.49
C VAL A 226 5.68 -73.90 -28.43
N PRO A 227 6.76 -74.51 -28.95
CA PRO A 227 6.61 -75.55 -30.00
C PRO A 227 6.11 -76.89 -29.49
N GLU A 228 6.16 -77.88 -30.38
CA GLU A 228 5.52 -79.17 -30.09
C GLU A 228 6.05 -79.92 -28.88
N PRO A 229 7.36 -79.97 -28.60
CA PRO A 229 7.78 -80.77 -27.43
C PRO A 229 7.02 -80.41 -26.16
N PHE A 230 7.00 -79.13 -25.80
CA PHE A 230 6.09 -78.61 -24.78
C PHE A 230 5.10 -77.70 -25.50
N GLY A 231 3.89 -78.16 -25.76
CA GLY A 231 2.92 -77.26 -26.35
C GLY A 231 2.37 -76.33 -25.28
N GLY A 232 1.96 -75.13 -25.68
CA GLY A 232 1.42 -74.16 -24.75
C GLY A 232 1.80 -72.76 -25.17
N ALA A 233 1.85 -71.86 -24.19
CA ALA A 233 2.19 -70.46 -24.44
C ALA A 233 2.91 -69.88 -23.21
N ILE A 234 3.82 -68.95 -23.46
CA ILE A 234 4.50 -68.20 -22.41
C ILE A 234 4.07 -66.74 -22.49
N ILE A 235 3.85 -66.12 -21.32
CA ILE A 235 3.40 -64.74 -21.21
C ILE A 235 4.47 -63.96 -20.46
N ILE A 236 5.00 -62.92 -21.10
CA ILE A 236 6.07 -62.10 -20.54
C ILE A 236 5.46 -60.82 -19.97
N GLY A 237 5.85 -60.46 -18.75
CA GLY A 237 5.38 -59.22 -18.15
C GLY A 237 6.48 -58.26 -17.73
N GLN A 238 6.18 -57.38 -16.77
CA GLN A 238 7.18 -56.51 -16.17
C GLN A 238 7.90 -57.21 -15.02
N GLU A 239 7.17 -57.99 -14.22
CA GLU A 239 7.76 -58.69 -13.10
C GLU A 239 7.79 -60.20 -13.25
N SER A 240 6.90 -60.79 -14.06
CA SER A 240 6.79 -62.24 -14.08
C SER A 240 6.67 -62.78 -15.50
N ILE A 241 7.15 -64.01 -15.67
CA ILE A 241 6.99 -64.80 -16.88
C ILE A 241 6.19 -66.03 -16.50
N THR A 242 5.08 -66.27 -17.19
CA THR A 242 4.18 -67.36 -16.86
C THR A 242 3.95 -68.23 -18.08
N TYR A 243 3.76 -69.53 -17.83
CA TYR A 243 3.49 -70.53 -18.86
C TYR A 243 2.12 -71.12 -18.63
N HIS A 244 1.30 -71.14 -19.67
CA HIS A 244 -0.06 -71.66 -19.59
C HIS A 244 -0.24 -72.70 -20.68
N ASN A 245 -0.49 -73.95 -20.29
CA ASN A 245 -0.91 -75.00 -21.21
C ASN A 245 -1.98 -75.80 -20.49
N GLY A 246 -3.21 -75.70 -20.95
CA GLY A 246 -4.29 -76.44 -20.31
C GLY A 246 -4.34 -76.16 -18.83
N ASP A 247 -4.23 -77.21 -18.03
CA ASP A 247 -4.25 -77.07 -16.57
C ASP A 247 -2.89 -76.76 -15.99
N LYS A 248 -1.82 -76.98 -16.74
CA LYS A 248 -0.48 -76.67 -16.26
C LYS A 248 -0.30 -75.17 -16.22
N TYR A 249 0.10 -74.66 -15.06
CA TYR A 249 0.42 -73.24 -14.87
C TYR A 249 1.70 -73.19 -14.04
N LEU A 250 2.72 -72.55 -14.58
CA LEU A 250 4.02 -72.35 -13.95
C LEU A 250 4.37 -70.89 -14.09
N ALA A 251 5.03 -70.34 -13.06
CA ALA A 251 5.36 -68.92 -13.05
C ALA A 251 6.69 -68.67 -12.34
N ILE A 252 7.55 -67.89 -12.98
CA ILE A 252 8.83 -67.47 -12.43
C ILE A 252 8.85 -65.95 -12.34
N ALA A 253 9.30 -65.42 -11.20
CA ALA A 253 9.33 -63.98 -10.94
C ALA A 253 10.70 -63.57 -10.44
N PRO A 254 11.73 -63.68 -11.28
CA PRO A 254 13.09 -63.34 -10.82
C PRO A 254 13.27 -61.84 -10.71
N PRO A 255 13.90 -61.37 -9.63
CA PRO A 255 14.03 -59.92 -9.43
C PRO A 255 14.82 -59.19 -10.50
N ILE A 256 15.58 -59.91 -11.34
CA ILE A 256 16.46 -59.22 -12.28
C ILE A 256 15.65 -58.54 -13.37
N ILE A 257 14.56 -59.17 -13.81
CA ILE A 257 13.79 -58.59 -14.92
C ILE A 257 12.92 -57.42 -14.48
N LYS A 258 12.58 -57.31 -13.19
CA LYS A 258 11.76 -56.19 -12.74
C LYS A 258 12.43 -54.85 -13.03
N GLN A 259 13.75 -54.84 -13.11
CA GLN A 259 14.49 -53.59 -13.26
C GLN A 259 14.24 -52.92 -14.60
N SER A 260 14.05 -53.68 -15.67
CA SER A 260 13.89 -53.09 -16.98
C SER A 260 12.88 -53.89 -17.80
N THR A 261 12.02 -53.15 -18.49
CA THR A 261 10.95 -53.77 -19.28
C THR A 261 11.52 -54.60 -20.42
N ILE A 262 11.00 -55.82 -20.57
CA ILE A 262 11.41 -56.71 -21.65
C ILE A 262 10.56 -56.42 -22.88
N VAL A 263 11.23 -56.19 -24.02
CA VAL A 263 10.54 -55.72 -25.21
C VAL A 263 10.58 -56.71 -26.39
N CYS A 264 11.52 -57.65 -26.44
CA CYS A 264 11.61 -58.54 -27.58
C CYS A 264 11.87 -59.99 -27.15
N HIS A 265 11.48 -60.92 -28.02
CA HIS A 265 11.68 -62.35 -27.77
C HIS A 265 11.98 -63.04 -29.09
N ASN A 266 12.64 -64.19 -28.99
CA ASN A 266 12.97 -65.04 -30.13
C ASN A 266 13.37 -66.42 -29.61
N ARG A 267 13.07 -67.45 -30.38
CA ARG A 267 13.39 -68.84 -30.03
C ARG A 267 14.79 -69.23 -30.48
N VAL A 268 15.58 -69.78 -29.56
CA VAL A 268 16.94 -70.20 -29.88
C VAL A 268 16.86 -71.65 -30.38
N ASP A 269 16.40 -72.56 -29.51
CA ASP A 269 16.31 -73.98 -29.87
C ASP A 269 14.92 -74.28 -30.41
N PRO A 270 14.81 -74.86 -31.61
CA PRO A 270 13.47 -75.12 -32.17
C PRO A 270 12.57 -75.95 -31.26
N ASN A 271 13.13 -76.83 -30.44
CA ASN A 271 12.28 -77.60 -29.53
C ASN A 271 11.54 -76.70 -28.55
N GLY A 272 12.00 -75.48 -28.36
CA GLY A 272 11.41 -74.57 -27.41
C GLY A 272 12.09 -74.56 -26.07
N SER A 273 13.25 -75.20 -25.96
CA SER A 273 13.91 -75.31 -24.66
C SER A 273 14.51 -73.97 -24.25
N ARG A 274 15.00 -73.19 -25.21
CA ARG A 274 15.66 -71.93 -24.90
C ARG A 274 15.08 -70.82 -25.77
N TYR A 275 14.80 -69.69 -25.13
CA TYR A 275 14.33 -68.47 -25.78
C TYR A 275 15.20 -67.30 -25.31
N LEU A 276 15.38 -66.32 -26.20
CA LEU A 276 16.07 -65.08 -25.86
C LEU A 276 15.07 -64.00 -25.50
N LEU A 277 15.44 -63.16 -24.53
CA LEU A 277 14.64 -62.02 -24.09
C LEU A 277 15.55 -60.79 -23.99
N GLY A 278 15.04 -59.65 -24.43
CA GLY A 278 15.77 -58.40 -24.34
C GLY A 278 14.95 -57.32 -23.67
N ASP A 279 15.66 -56.36 -23.05
CA ASP A 279 15.03 -55.29 -22.28
C ASP A 279 15.63 -53.95 -22.65
N MET A 280 15.03 -52.88 -22.09
CA MET A 280 15.32 -51.53 -22.56
C MET A 280 16.72 -51.05 -22.23
N GLU A 281 17.33 -51.56 -21.17
CA GLU A 281 18.69 -51.17 -20.82
C GLU A 281 19.71 -51.99 -21.60
N GLY A 282 19.25 -52.72 -22.61
CA GLY A 282 20.12 -53.48 -23.47
C GLY A 282 20.51 -54.84 -22.95
N ARG A 283 19.93 -55.29 -21.84
CA ARG A 283 20.32 -56.58 -21.30
C ARG A 283 19.67 -57.71 -22.08
N LEU A 284 20.43 -58.76 -22.29
CA LEU A 284 20.02 -59.93 -23.05
C LEU A 284 19.94 -61.12 -22.11
N PHE A 285 18.79 -61.77 -22.06
CA PHE A 285 18.57 -62.91 -21.19
C PHE A 285 18.38 -64.18 -22.01
N MET A 286 18.60 -65.31 -21.35
CA MET A 286 18.22 -66.62 -21.87
C MET A 286 17.09 -67.13 -21.00
N LEU A 287 15.96 -67.47 -21.62
CA LEU A 287 14.85 -68.11 -20.93
C LEU A 287 14.98 -69.59 -21.24
N LEU A 288 15.27 -70.39 -20.21
CA LEU A 288 15.51 -71.82 -20.39
C LEU A 288 14.28 -72.56 -19.88
N LEU A 289 13.73 -73.44 -20.71
CA LEU A 289 12.60 -74.27 -20.32
C LEU A 289 13.15 -75.63 -19.90
N GLU A 290 13.05 -75.92 -18.60
CA GLU A 290 13.57 -77.14 -18.00
C GLU A 290 12.63 -78.30 -18.30
N LYS A 291 13.17 -79.40 -18.81
CA LYS A 291 12.35 -80.54 -19.19
C LYS A 291 12.21 -81.62 -18.11
N GLU A 292 11.02 -82.23 -18.08
CA GLU A 292 10.74 -83.42 -17.30
C GLU A 292 9.97 -84.40 -18.17
N GLU A 293 10.60 -85.50 -18.57
CA GLU A 293 9.93 -86.58 -19.30
C GLU A 293 9.27 -87.52 -18.31
N GLN A 294 8.03 -87.93 -18.61
CA GLN A 294 7.28 -88.78 -17.70
C GLN A 294 7.34 -90.20 -18.24
N MET A 295 7.24 -91.18 -17.33
CA MET A 295 7.27 -92.58 -17.72
C MET A 295 6.24 -92.93 -18.76
N ASP A 296 5.20 -92.09 -18.89
CA ASP A 296 4.15 -92.26 -19.87
C ASP A 296 4.66 -92.06 -21.28
N GLY A 297 5.94 -91.71 -21.41
CA GLY A 297 6.50 -91.32 -22.69
C GLY A 297 6.16 -89.92 -23.14
N THR A 298 5.76 -89.07 -22.20
CA THR A 298 5.37 -87.69 -22.46
C THR A 298 6.40 -86.71 -21.90
N VAL A 299 6.54 -85.58 -22.59
CA VAL A 299 7.44 -84.50 -22.18
C VAL A 299 6.61 -83.38 -21.58
N THR A 300 6.97 -82.95 -20.37
CA THR A 300 6.33 -81.85 -19.66
C THR A 300 7.37 -80.78 -19.33
N LEU A 301 6.89 -79.61 -18.90
CA LEU A 301 7.74 -78.48 -18.52
C LEU A 301 7.93 -78.51 -17.00
N LYS A 302 9.17 -78.73 -16.56
CA LYS A 302 9.43 -78.85 -15.12
C LYS A 302 9.47 -77.47 -14.46
N ASP A 303 10.22 -76.55 -15.03
CA ASP A 303 10.41 -75.24 -14.42
C ASP A 303 10.88 -74.26 -15.50
N LEU A 304 10.76 -72.97 -15.18
CA LEU A 304 11.25 -71.89 -16.02
C LEU A 304 12.37 -71.20 -15.27
N ARG A 305 13.43 -70.85 -15.98
CA ARG A 305 14.63 -70.22 -15.44
C ARG A 305 15.05 -69.09 -16.36
N VAL A 306 15.58 -68.04 -15.78
CA VAL A 306 16.09 -66.90 -16.54
C VAL A 306 17.55 -66.67 -16.16
N GLU A 307 18.41 -66.56 -17.17
CA GLU A 307 19.85 -66.38 -16.98
C GLU A 307 20.29 -65.17 -17.79
N LEU A 308 21.04 -64.26 -17.14
CA LEU A 308 21.57 -63.07 -17.81
C LEU A 308 22.82 -63.41 -18.61
N LEU A 309 22.82 -63.04 -19.90
CA LEU A 309 23.93 -63.31 -20.78
C LEU A 309 24.92 -62.15 -20.92
N GLY A 310 24.42 -60.93 -21.03
CA GLY A 310 25.31 -59.80 -21.21
C GLY A 310 24.54 -58.56 -21.65
N GLU A 311 25.21 -57.72 -22.43
CA GLU A 311 24.62 -56.48 -22.91
C GLU A 311 24.73 -56.40 -24.42
N THR A 312 23.65 -55.99 -25.04
CA THR A 312 23.55 -55.71 -26.46
C THR A 312 23.07 -54.27 -26.63
N SER A 313 22.90 -53.83 -27.87
CA SER A 313 22.24 -52.56 -28.11
C SER A 313 20.76 -52.67 -27.79
N ILE A 314 20.19 -51.58 -27.28
CA ILE A 314 18.76 -51.56 -26.97
C ILE A 314 18.05 -52.06 -28.22
N ALA A 315 17.37 -53.21 -28.14
CA ALA A 315 16.96 -53.94 -29.33
C ALA A 315 15.46 -53.88 -29.54
N GLU A 316 15.05 -53.48 -30.75
CA GLU A 316 13.66 -53.62 -31.18
C GLU A 316 13.33 -55.03 -31.63
N CYS A 317 14.27 -55.69 -32.30
CA CYS A 317 14.03 -57.04 -32.77
C CYS A 317 15.28 -57.86 -32.51
N LEU A 318 15.08 -59.11 -32.11
CA LEU A 318 16.14 -60.10 -31.95
C LEU A 318 15.85 -61.27 -32.88
N THR A 319 16.92 -61.81 -33.47
CA THR A 319 16.79 -63.06 -34.21
C THR A 319 18.09 -63.84 -34.10
N TYR A 320 17.96 -65.10 -33.68
CA TYR A 320 19.09 -66.02 -33.58
C TYR A 320 19.38 -66.63 -34.95
N LEU A 321 20.64 -66.59 -35.36
CA LEU A 321 21.00 -67.17 -36.65
C LEU A 321 21.48 -68.61 -36.54
N ASP A 322 22.73 -68.82 -36.17
CA ASP A 322 23.27 -70.16 -36.10
C ASP A 322 24.52 -70.16 -35.24
N ASN A 323 24.83 -71.32 -34.68
CA ASN A 323 26.04 -71.46 -33.86
C ASN A 323 25.80 -70.57 -32.66
N GLY A 324 26.66 -69.59 -32.39
CA GLY A 324 26.46 -68.64 -31.31
C GLY A 324 26.09 -67.25 -31.76
N VAL A 325 25.75 -67.06 -33.04
CA VAL A 325 25.54 -65.73 -33.59
C VAL A 325 24.08 -65.31 -33.55
N VAL A 326 23.84 -64.12 -32.95
CA VAL A 326 22.52 -63.53 -32.78
C VAL A 326 22.54 -62.15 -33.42
N PHE A 327 21.53 -61.84 -34.22
CA PHE A 327 21.40 -60.50 -34.78
C PHE A 327 20.57 -59.58 -33.89
N VAL A 328 21.15 -58.43 -33.54
CA VAL A 328 20.48 -57.45 -32.68
C VAL A 328 20.03 -56.29 -33.57
N GLY A 329 18.69 -56.15 -33.79
CA GLY A 329 18.15 -55.06 -34.56
C GLY A 329 17.61 -53.96 -33.65
N SER A 330 18.24 -52.80 -33.77
CA SER A 330 17.95 -51.68 -32.88
C SER A 330 17.38 -50.49 -33.65
N ARG A 331 16.34 -49.87 -33.08
CA ARG A 331 15.81 -48.62 -33.60
C ARG A 331 16.38 -47.41 -32.88
N LEU A 332 16.87 -47.60 -31.66
CA LEU A 332 17.41 -46.52 -30.86
C LEU A 332 18.92 -46.40 -31.01
N GLY A 333 19.61 -47.50 -31.33
CA GLY A 333 21.05 -47.46 -31.49
C GLY A 333 21.52 -48.37 -32.60
N ASP A 334 22.83 -48.57 -32.69
CA ASP A 334 23.38 -49.41 -33.76
C ASP A 334 22.91 -50.85 -33.63
N SER A 335 22.60 -51.46 -34.77
CA SER A 335 22.31 -52.89 -34.80
C SER A 335 23.61 -53.68 -34.73
N GLN A 336 23.48 -54.99 -34.47
CA GLN A 336 24.70 -55.75 -34.25
C GLN A 336 24.56 -57.22 -34.64
N LEU A 337 25.72 -57.82 -34.88
CA LEU A 337 25.95 -59.25 -34.74
C LEU A 337 26.77 -59.46 -33.48
N VAL A 338 26.30 -60.35 -32.60
CA VAL A 338 27.00 -60.68 -31.37
C VAL A 338 27.10 -62.19 -31.30
N LYS A 339 28.15 -62.69 -30.66
CA LYS A 339 28.31 -64.11 -30.46
C LYS A 339 28.10 -64.46 -28.99
N LEU A 340 27.28 -65.48 -28.74
CA LEU A 340 27.02 -65.99 -27.41
C LEU A 340 27.99 -67.14 -27.13
N ASN A 341 28.76 -67.02 -26.06
CA ASN A 341 29.75 -68.02 -25.72
C ASN A 341 29.22 -68.91 -24.60
N VAL A 342 29.68 -70.16 -24.59
CA VAL A 342 29.33 -71.07 -23.50
C VAL A 342 30.03 -70.67 -22.22
N ASP A 343 31.28 -70.22 -22.33
CA ASP A 343 32.06 -69.76 -21.21
C ASP A 343 32.01 -68.24 -21.16
N SER A 344 31.83 -67.72 -19.96
CA SER A 344 31.85 -66.28 -19.74
C SER A 344 33.26 -65.74 -19.84
N ASN A 345 33.39 -64.45 -20.13
CA ASN A 345 34.69 -63.82 -20.14
C ASN A 345 35.02 -63.40 -18.71
N GLU A 346 36.16 -62.72 -18.52
CA GLU A 346 36.60 -62.40 -17.17
C GLU A 346 35.71 -61.38 -16.47
N GLN A 347 34.84 -60.69 -17.21
CA GLN A 347 33.90 -59.75 -16.61
C GLN A 347 32.57 -60.40 -16.26
N GLY A 348 32.41 -61.68 -16.59
CA GLY A 348 31.18 -62.41 -16.36
C GLY A 348 30.21 -62.46 -17.52
N SER A 349 30.57 -61.92 -18.68
CA SER A 349 29.66 -61.82 -19.81
C SER A 349 29.84 -62.99 -20.78
N TYR A 350 28.73 -63.45 -21.35
CA TYR A 350 28.76 -64.45 -22.40
C TYR A 350 28.57 -63.85 -23.80
N VAL A 351 28.49 -62.53 -23.90
CA VAL A 351 28.17 -61.86 -25.15
C VAL A 351 29.37 -61.04 -25.58
N VAL A 352 29.82 -61.22 -26.82
CA VAL A 352 30.93 -60.46 -27.36
C VAL A 352 30.52 -59.95 -28.73
N ALA A 353 30.64 -58.64 -28.93
CA ALA A 353 30.21 -58.02 -30.18
C ALA A 353 31.10 -58.43 -31.34
N MET A 354 30.46 -58.75 -32.47
CA MET A 354 31.19 -59.05 -33.70
C MET A 354 31.26 -57.86 -34.64
N GLU A 355 30.11 -57.43 -35.14
CA GLU A 355 30.03 -56.35 -36.11
C GLU A 355 29.02 -55.32 -35.59
N THR A 356 29.18 -54.08 -36.05
CA THR A 356 28.29 -53.00 -35.69
C THR A 356 27.81 -52.34 -36.95
N PHE A 357 26.48 -52.28 -37.11
CA PHE A 357 25.82 -51.73 -38.29
C PHE A 357 25.30 -50.35 -37.94
N THR A 358 25.76 -49.34 -38.67
CA THR A 358 25.41 -47.97 -38.35
C THR A 358 23.90 -47.75 -38.38
N ASN A 359 23.38 -47.13 -37.32
CA ASN A 359 22.00 -46.66 -37.26
C ASN A 359 22.02 -45.21 -36.81
N LEU A 360 21.62 -44.30 -37.69
CA LEU A 360 21.53 -42.90 -37.26
C LEU A 360 20.46 -42.69 -36.18
N GLY A 361 19.79 -43.77 -35.78
CA GLY A 361 18.87 -43.75 -34.67
C GLY A 361 17.84 -42.67 -34.84
N PRO A 362 17.09 -42.40 -33.78
CA PRO A 362 16.21 -41.21 -33.78
C PRO A 362 17.06 -39.95 -33.93
N ILE A 363 16.75 -39.15 -34.93
CA ILE A 363 17.43 -37.87 -35.13
C ILE A 363 16.55 -36.80 -34.48
N VAL A 364 16.90 -36.43 -33.23
CA VAL A 364 16.10 -35.46 -32.50
C VAL A 364 16.33 -34.06 -33.04
N ASP A 365 17.58 -33.70 -33.33
CA ASP A 365 17.92 -32.39 -33.88
C ASP A 365 19.20 -32.54 -34.69
N MET A 366 19.52 -31.50 -35.46
CA MET A 366 20.77 -31.50 -36.22
C MET A 366 21.08 -30.09 -36.73
N CYS A 367 22.35 -29.85 -37.02
CA CYS A 367 22.80 -28.59 -37.60
C CYS A 367 23.86 -28.86 -38.66
N VAL A 368 23.97 -27.95 -39.63
CA VAL A 368 24.99 -28.03 -40.68
C VAL A 368 26.07 -26.99 -40.39
N VAL A 369 27.32 -27.44 -40.36
CA VAL A 369 28.46 -26.60 -40.02
C VAL A 369 29.64 -27.00 -40.89
N ASP A 370 30.36 -26.01 -41.42
CA ASP A 370 31.56 -26.22 -42.22
C ASP A 370 32.78 -26.22 -41.31
N LEU A 371 33.09 -27.40 -40.76
CA LEU A 371 34.14 -27.51 -39.75
C LEU A 371 35.54 -27.24 -40.33
N GLU A 372 35.82 -27.75 -41.53
CA GLU A 372 37.13 -27.60 -42.17
C GLU A 372 37.24 -26.45 -43.16
N ARG A 373 36.35 -25.46 -43.09
CA ARG A 373 36.39 -24.29 -43.97
C ARG A 373 36.42 -24.68 -45.45
N GLN A 374 35.65 -25.71 -45.81
CA GLN A 374 35.70 -26.28 -47.16
C GLN A 374 34.61 -25.80 -48.10
N GLY A 375 33.68 -24.97 -47.64
CA GLY A 375 32.60 -24.62 -48.52
C GLY A 375 31.59 -25.72 -48.71
N GLN A 376 31.80 -26.87 -48.07
CA GLN A 376 30.94 -28.04 -48.26
C GLN A 376 29.76 -28.03 -47.29
N GLY A 377 30.03 -28.32 -46.03
CA GLY A 377 29.07 -28.44 -44.96
C GLY A 377 29.01 -29.89 -44.51
N GLN A 378 28.95 -30.07 -43.18
CA GLN A 378 28.84 -31.36 -42.54
C GLN A 378 27.63 -31.32 -41.61
N LEU A 379 27.03 -32.48 -41.41
CA LEU A 379 25.81 -32.59 -40.62
C LEU A 379 26.16 -33.24 -39.29
N VAL A 380 26.00 -32.49 -38.20
CA VAL A 380 26.19 -33.01 -36.86
C VAL A 380 24.79 -33.27 -36.31
N THR A 381 24.45 -34.54 -36.07
CA THR A 381 23.11 -34.93 -35.69
C THR A 381 23.08 -35.38 -34.24
N CYS A 382 22.00 -35.06 -33.56
CA CYS A 382 21.68 -35.67 -32.26
C CYS A 382 20.94 -36.97 -32.55
N SER A 383 21.60 -38.10 -32.34
CA SER A 383 21.06 -39.39 -32.71
C SER A 383 21.08 -40.36 -31.54
N GLY A 384 20.09 -41.25 -31.54
CA GLY A 384 19.99 -42.27 -30.53
C GLY A 384 19.30 -41.78 -29.27
N ALA A 385 19.00 -42.74 -28.38
CA ALA A 385 18.37 -42.44 -27.11
C ALA A 385 18.96 -43.31 -26.02
N PHE A 386 18.89 -42.81 -24.79
CA PHE A 386 19.28 -43.57 -23.59
C PHE A 386 20.75 -43.96 -23.76
N LYS A 387 21.12 -45.21 -23.48
CA LYS A 387 22.53 -45.60 -23.51
C LYS A 387 23.14 -45.54 -24.90
N GLU A 388 22.31 -45.65 -25.93
CA GLU A 388 22.75 -45.62 -27.32
C GLU A 388 22.84 -44.20 -27.85
N GLY A 389 22.75 -43.21 -26.98
CA GLY A 389 22.79 -41.84 -27.44
C GLY A 389 24.15 -41.50 -28.03
N SER A 390 24.13 -40.69 -29.08
CA SER A 390 25.34 -40.40 -29.83
C SER A 390 25.14 -39.08 -30.56
N LEU A 391 26.28 -38.48 -30.92
CA LEU A 391 26.36 -37.45 -31.95
C LEU A 391 27.03 -38.09 -33.15
N ARG A 392 26.53 -37.77 -34.35
CA ARG A 392 27.03 -38.38 -35.57
C ARG A 392 27.39 -37.27 -36.53
N ILE A 393 28.63 -37.28 -37.02
CA ILE A 393 29.11 -36.27 -37.95
C ILE A 393 29.09 -36.91 -39.34
N ILE A 394 28.32 -36.34 -40.26
CA ILE A 394 28.06 -36.94 -41.56
C ILE A 394 28.55 -35.99 -42.66
N ARG A 395 29.39 -36.52 -43.56
CA ARG A 395 29.95 -35.75 -44.66
C ARG A 395 29.93 -36.60 -45.93
N ASN A 396 29.82 -35.94 -47.08
CA ASN A 396 29.89 -36.67 -48.35
C ASN A 396 31.33 -36.93 -48.79
N GLY A 397 31.51 -38.05 -49.49
CA GLY A 397 32.81 -38.43 -50.01
C GLY A 397 32.84 -39.81 -50.65
N GLN A 408 31.41 -43.49 -53.93
CA GLN A 408 30.23 -42.71 -53.58
C GLN A 408 29.53 -43.29 -52.35
N LYS A 409 29.79 -42.68 -51.20
CA LYS A 409 29.16 -43.10 -49.94
C LYS A 409 29.40 -42.01 -48.90
N LEU A 410 28.49 -41.93 -47.92
CA LEU A 410 28.61 -40.94 -46.87
C LEU A 410 29.54 -41.45 -45.77
N HIS A 411 30.43 -40.58 -45.29
CA HIS A 411 31.33 -40.92 -44.18
C HIS A 411 30.72 -40.46 -42.86
N ILE A 412 30.52 -41.39 -41.93
CA ILE A 412 29.80 -41.11 -40.69
C ILE A 412 30.70 -41.43 -39.50
N ARG A 413 30.98 -40.42 -38.69
CA ARG A 413 31.69 -40.58 -37.42
C ARG A 413 30.71 -40.54 -36.25
N THR A 414 30.88 -41.46 -35.31
CA THR A 414 29.98 -41.58 -34.17
C THR A 414 30.72 -41.19 -32.88
N VAL A 415 30.11 -40.29 -32.12
CA VAL A 415 30.65 -39.83 -30.84
C VAL A 415 29.69 -40.29 -29.75
N PRO A 416 30.03 -41.33 -28.98
CA PRO A 416 29.07 -41.85 -27.99
C PRO A 416 28.88 -40.85 -26.85
N LEU A 417 27.62 -40.61 -26.50
CA LEU A 417 27.28 -39.80 -25.34
C LEU A 417 26.78 -40.61 -24.17
N TYR A 418 26.19 -41.78 -24.42
CA TYR A 418 25.65 -42.67 -23.40
C TYR A 418 24.51 -42.05 -22.62
N GLU A 419 23.93 -40.98 -23.16
CA GLU A 419 22.73 -40.33 -22.64
C GLU A 419 21.95 -39.77 -23.81
N SER A 420 20.69 -39.45 -23.58
CA SER A 420 19.79 -39.07 -24.66
C SER A 420 20.10 -37.63 -25.08
N PRO A 421 20.49 -37.37 -26.32
CA PRO A 421 20.69 -35.98 -26.76
C PRO A 421 19.40 -35.38 -27.31
N ARG A 422 19.19 -34.09 -27.03
CA ARG A 422 17.93 -33.43 -27.36
C ARG A 422 18.08 -32.32 -28.39
N LYS A 423 19.01 -31.39 -28.20
CA LYS A 423 19.19 -30.28 -29.11
C LYS A 423 20.68 -30.00 -29.32
N ILE A 424 21.02 -29.50 -30.51
CA ILE A 424 22.40 -29.14 -30.83
C ILE A 424 22.43 -27.81 -31.57
N CYS A 425 23.43 -26.98 -31.28
CA CYS A 425 23.67 -25.72 -31.96
C CYS A 425 25.18 -25.46 -31.95
N TYR A 426 25.69 -24.83 -33.01
CA TYR A 426 27.12 -24.58 -33.15
C TYR A 426 27.47 -23.13 -32.80
N GLN A 427 28.57 -22.96 -32.06
CA GLN A 427 29.08 -21.65 -31.64
C GLN A 427 30.51 -21.52 -32.16
N GLU A 428 30.67 -20.83 -33.29
CA GLU A 428 31.99 -20.78 -33.92
C GLU A 428 33.01 -20.02 -33.05
N VAL A 429 32.58 -18.93 -32.41
CA VAL A 429 33.50 -18.13 -31.61
C VAL A 429 34.24 -19.00 -30.61
N SER A 430 33.59 -20.05 -30.12
CA SER A 430 34.17 -20.92 -29.11
C SER A 430 34.73 -22.21 -29.67
N GLN A 431 34.74 -22.39 -30.99
CA GLN A 431 35.23 -23.64 -31.59
C GLN A 431 34.64 -24.87 -30.91
N CYS A 432 33.35 -24.80 -30.60
CA CYS A 432 32.68 -25.89 -29.91
C CYS A 432 31.20 -25.90 -30.22
N PHE A 433 30.55 -27.03 -29.88
CA PHE A 433 29.11 -27.21 -29.96
C PHE A 433 28.48 -27.17 -28.57
N GLY A 434 27.26 -26.64 -28.49
CA GLY A 434 26.41 -26.82 -27.33
C GLY A 434 25.38 -27.90 -27.61
N VAL A 435 25.25 -28.84 -26.68
CA VAL A 435 24.31 -29.95 -26.81
C VAL A 435 23.52 -30.11 -25.52
N LEU A 436 22.19 -30.15 -25.65
CA LEU A 436 21.30 -30.48 -24.55
C LEU A 436 21.12 -31.99 -24.49
N SER A 437 21.12 -32.52 -23.27
CA SER A 437 21.05 -33.96 -23.10
C SER A 437 20.30 -34.25 -21.81
N SER A 438 19.77 -35.47 -21.72
CA SER A 438 19.12 -35.93 -20.50
C SER A 438 19.54 -37.36 -20.23
N ARG A 439 19.74 -37.67 -18.96
CA ARG A 439 20.13 -38.99 -18.52
C ARG A 439 19.10 -39.47 -17.52
N ILE A 440 18.97 -40.79 -17.41
CA ILE A 440 17.97 -41.41 -16.56
C ILE A 440 18.69 -41.82 -15.27
N GLU A 441 18.22 -41.30 -14.14
CA GLU A 441 18.63 -41.75 -12.81
C GLU A 441 17.42 -42.33 -12.10
N VAL A 442 17.67 -43.07 -11.02
CA VAL A 442 16.59 -43.78 -10.32
C VAL A 442 16.61 -43.40 -8.84
N GLN A 443 15.43 -43.23 -8.26
CA GLN A 443 15.34 -42.90 -6.84
C GLN A 443 16.00 -44.01 -6.04
N ASP A 444 16.98 -43.66 -5.21
CA ASP A 444 17.75 -44.64 -4.45
C ASP A 444 17.51 -44.44 -2.96
N THR A 445 18.11 -45.33 -2.16
CA THR A 445 17.83 -45.35 -0.73
C THR A 445 18.37 -44.15 0.01
N SER A 446 19.20 -43.33 -0.62
CA SER A 446 19.68 -42.13 0.05
C SER A 446 18.65 -41.01 0.06
N GLY A 447 17.54 -41.19 -0.66
CA GLY A 447 16.62 -40.11 -0.95
C GLY A 447 16.92 -39.39 -2.24
N GLY A 448 18.17 -39.40 -2.68
CA GLY A 448 18.56 -38.84 -3.95
C GLY A 448 18.39 -39.86 -5.06
N THR A 449 19.18 -39.68 -6.12
CA THR A 449 19.09 -40.58 -7.26
C THR A 449 20.49 -41.04 -7.67
N THR A 450 20.52 -42.14 -8.41
CA THR A 450 21.76 -42.76 -8.85
C THR A 450 21.62 -43.11 -10.32
N ALA A 451 22.64 -42.78 -11.10
CA ALA A 451 22.65 -43.07 -12.53
C ALA A 451 23.00 -44.52 -12.79
N LEU A 452 22.35 -45.11 -13.80
CA LEU A 452 22.56 -46.51 -14.13
C LEU A 452 23.92 -46.77 -14.76
N ARG A 453 24.56 -45.73 -15.30
CA ARG A 453 25.84 -45.83 -15.97
C ARG A 453 26.41 -44.43 -16.15
N PRO A 454 27.73 -44.31 -16.28
CA PRO A 454 28.32 -42.99 -16.57
C PRO A 454 27.98 -42.54 -17.99
N SER A 455 27.86 -41.22 -18.16
CA SER A 455 27.53 -40.63 -19.45
C SER A 455 28.25 -39.30 -19.58
N ALA A 456 27.99 -38.61 -20.70
CA ALA A 456 28.70 -37.37 -20.99
C ALA A 456 28.48 -36.34 -19.89
N SER A 457 27.26 -36.25 -19.38
CA SER A 457 26.96 -35.25 -18.37
C SER A 457 27.70 -35.49 -17.07
N THR A 458 28.31 -36.67 -16.92
CA THR A 458 29.10 -37.02 -15.75
C THR A 458 30.59 -37.14 -16.04
N GLN A 459 30.96 -37.37 -17.30
CA GLN A 459 32.35 -37.47 -17.71
C GLN A 459 32.86 -36.19 -18.38
N ALA A 460 32.43 -35.03 -17.89
CA ALA A 460 32.84 -33.75 -18.45
C ALA A 460 34.09 -33.28 -17.73
N LEU A 461 34.97 -32.59 -18.45
CA LEU A 461 36.21 -32.14 -17.82
C LEU A 461 35.93 -31.23 -16.62
N SER A 462 35.11 -30.20 -16.81
CA SER A 462 34.65 -29.32 -15.74
C SER A 462 33.13 -29.39 -15.70
N SER A 463 32.55 -29.10 -14.54
CA SER A 463 31.12 -29.22 -14.39
C SER A 463 30.54 -28.16 -13.46
N SER A 464 29.25 -27.90 -13.65
CA SER A 464 28.53 -26.92 -12.84
C SER A 464 27.08 -27.37 -12.67
N VAL A 465 26.40 -26.77 -11.70
CA VAL A 465 25.00 -27.03 -11.41
C VAL A 465 24.33 -25.68 -11.14
N SER A 466 23.26 -25.38 -11.87
CA SER A 466 22.59 -24.10 -11.64
C SER A 466 22.10 -24.05 -10.19
N SER A 467 22.28 -22.88 -9.58
CA SER A 467 21.88 -22.63 -8.20
C SER A 467 20.71 -21.66 -8.15
N SER A 468 19.93 -21.61 -9.23
CA SER A 468 18.87 -20.62 -9.35
C SER A 468 17.90 -20.74 -8.19
N LYS A 469 17.45 -19.58 -7.70
CA LYS A 469 16.52 -19.50 -6.60
C LYS A 469 15.11 -19.16 -7.09
N LEU A 470 14.89 -19.20 -8.41
CA LEU A 470 13.63 -18.71 -8.96
C LEU A 470 12.44 -19.48 -8.40
N PHE A 471 12.44 -20.79 -8.53
CA PHE A 471 11.41 -21.68 -7.98
C PHE A 471 11.76 -22.20 -6.60
N SER A 472 12.82 -21.67 -5.99
CA SER A 472 13.22 -22.12 -4.65
C SER A 472 12.10 -22.04 -3.61
N SER A 473 11.14 -21.15 -3.79
CA SER A 473 10.11 -21.03 -2.76
C SER A 473 9.23 -22.26 -2.76
N SER A 474 9.15 -22.93 -3.89
CA SER A 474 8.39 -24.16 -4.05
C SER A 474 7.08 -24.20 -3.27
N THR A 475 7.05 -24.91 -2.14
CA THR A 475 5.84 -25.13 -1.35
C THR A 475 4.89 -26.06 -2.10
N ALA A 476 5.36 -26.69 -3.20
CA ALA A 476 4.62 -27.69 -3.95
C ALA A 476 5.15 -29.06 -3.56
N PRO A 477 4.35 -29.93 -2.94
CA PRO A 477 4.86 -31.23 -2.46
C PRO A 477 4.95 -32.22 -3.59
N HIS A 478 6.12 -32.83 -3.79
CA HIS A 478 6.28 -33.89 -4.79
C HIS A 478 6.94 -35.07 -4.10
N GLU A 479 6.26 -36.20 -4.08
CA GLU A 479 6.69 -37.37 -3.32
C GLU A 479 7.46 -38.33 -4.22
N THR A 480 8.46 -38.99 -3.65
CA THR A 480 9.35 -39.90 -4.37
C THR A 480 9.29 -41.31 -3.80
N SER A 481 9.16 -42.30 -4.68
CA SER A 481 9.20 -43.71 -4.31
C SER A 481 10.48 -44.34 -4.85
N PHE A 482 11.11 -45.19 -4.05
CA PHE A 482 12.34 -45.84 -4.46
C PHE A 482 12.12 -46.63 -5.74
N GLY A 483 13.04 -46.49 -6.69
CA GLY A 483 12.98 -47.20 -7.95
C GLY A 483 12.39 -46.43 -9.12
N GLU A 484 11.72 -45.31 -8.86
CA GLU A 484 11.16 -44.52 -9.95
C GLU A 484 12.26 -43.82 -10.74
N GLU A 485 12.00 -43.63 -12.03
CA GLU A 485 12.94 -42.96 -12.92
C GLU A 485 12.73 -41.46 -12.91
N VAL A 486 13.82 -40.72 -13.16
CA VAL A 486 13.79 -39.29 -13.37
C VAL A 486 14.72 -38.93 -14.52
N GLU A 487 14.42 -37.85 -15.22
CA GLU A 487 15.34 -37.31 -16.22
C GLU A 487 16.17 -36.19 -15.58
N VAL A 488 17.46 -36.19 -15.88
CA VAL A 488 18.36 -35.13 -15.44
C VAL A 488 18.91 -34.49 -16.70
N HIS A 489 18.67 -33.19 -16.85
CA HIS A 489 19.00 -32.49 -18.07
C HIS A 489 20.27 -31.67 -17.89
N ASN A 490 21.03 -31.57 -18.98
CA ASN A 490 22.33 -30.92 -18.95
C ASN A 490 22.53 -30.12 -20.23
N LEU A 491 23.39 -29.11 -20.16
CA LEU A 491 23.96 -28.45 -21.32
C LEU A 491 25.40 -28.94 -21.42
N LEU A 492 25.75 -29.50 -22.57
CA LEU A 492 27.09 -30.02 -22.80
C LEU A 492 27.84 -29.08 -23.73
N ILE A 493 29.07 -28.73 -23.37
CA ILE A 493 29.95 -27.99 -24.26
C ILE A 493 30.94 -29.01 -24.81
N ILE A 494 30.90 -29.23 -26.12
CA ILE A 494 31.64 -30.30 -26.79
C ILE A 494 32.51 -29.65 -27.86
N ASP A 495 33.78 -30.04 -27.93
CA ASP A 495 34.74 -29.38 -28.82
C ASP A 495 34.54 -29.86 -30.26
N GLN A 496 34.76 -28.95 -31.21
CA GLN A 496 34.43 -29.24 -32.61
C GLN A 496 35.48 -30.11 -33.31
N HIS A 497 36.69 -30.21 -32.76
CA HIS A 497 37.73 -31.03 -33.37
C HIS A 497 37.87 -32.38 -32.67
N THR A 498 37.97 -32.37 -31.34
CA THR A 498 38.13 -33.60 -30.58
C THR A 498 36.80 -34.20 -30.14
N PHE A 499 35.79 -33.36 -29.90
CA PHE A 499 34.52 -33.78 -29.33
C PHE A 499 34.68 -34.31 -27.91
N GLU A 500 35.65 -33.73 -27.20
CA GLU A 500 35.79 -33.95 -25.77
C GLU A 500 34.71 -33.16 -25.08
N VAL A 501 34.01 -33.78 -24.13
CA VAL A 501 33.02 -33.03 -23.38
C VAL A 501 33.77 -32.10 -22.46
N LEU A 502 33.88 -30.83 -22.86
CA LEU A 502 34.64 -29.88 -22.08
C LEU A 502 33.89 -29.50 -20.81
N HIS A 503 32.59 -29.28 -20.91
CA HIS A 503 31.80 -28.83 -19.78
C HIS A 503 30.41 -29.44 -19.82
N ALA A 504 29.86 -29.66 -18.63
CA ALA A 504 28.50 -30.13 -18.48
C ALA A 504 27.83 -29.31 -17.38
N HIS A 505 26.77 -28.60 -17.74
CA HIS A 505 25.97 -27.84 -16.78
C HIS A 505 24.70 -28.63 -16.47
N GLN A 506 24.45 -28.91 -15.21
CA GLN A 506 23.25 -29.62 -14.82
C GLN A 506 22.18 -28.63 -14.40
N PHE A 507 20.97 -28.82 -14.93
CA PHE A 507 19.87 -27.91 -14.66
C PHE A 507 19.18 -28.33 -13.37
N LEU A 508 18.17 -27.56 -12.98
CA LEU A 508 17.49 -27.77 -11.71
C LEU A 508 16.81 -29.13 -11.70
N GLN A 509 16.54 -29.63 -10.50
CA GLN A 509 15.79 -30.86 -10.35
C GLN A 509 14.40 -30.67 -10.96
N ASN A 510 14.01 -31.61 -11.83
CA ASN A 510 12.75 -31.57 -12.55
C ASN A 510 12.70 -30.50 -13.63
N GLU A 511 13.83 -29.93 -14.01
CA GLU A 511 13.88 -28.93 -15.05
C GLU A 511 14.29 -29.62 -16.35
N TYR A 512 13.48 -29.45 -17.39
CA TYR A 512 13.79 -30.00 -18.70
C TYR A 512 14.34 -28.88 -19.57
N ALA A 513 15.42 -29.17 -20.29
CA ALA A 513 15.95 -28.25 -21.28
C ALA A 513 15.29 -28.59 -22.62
N LEU A 514 14.57 -27.62 -23.18
CA LEU A 514 13.79 -27.84 -24.38
C LEU A 514 14.33 -27.13 -25.62
N SER A 515 15.06 -26.04 -25.46
CA SER A 515 15.48 -25.24 -26.60
C SER A 515 16.85 -24.64 -26.33
N LEU A 516 17.60 -24.42 -27.40
CA LEU A 516 18.98 -23.96 -27.31
C LEU A 516 19.33 -23.12 -28.52
N VAL A 517 19.96 -21.96 -28.27
CA VAL A 517 20.49 -21.11 -29.33
C VAL A 517 21.87 -20.60 -28.93
N SER A 518 22.66 -20.24 -29.94
CA SER A 518 23.93 -19.56 -29.76
C SER A 518 23.91 -18.29 -30.61
N CYS A 519 24.08 -17.15 -29.96
CA CYS A 519 23.98 -15.87 -30.69
C CYS A 519 24.48 -14.71 -29.85
N LYS A 520 24.69 -13.58 -30.52
CA LYS A 520 24.88 -12.29 -29.87
C LYS A 520 23.55 -11.54 -29.84
N LEU A 521 23.34 -10.72 -28.80
CA LEU A 521 22.13 -9.92 -28.69
C LEU A 521 22.47 -8.45 -28.56
N GLY A 522 21.59 -7.62 -29.10
CA GLY A 522 21.69 -6.18 -28.93
C GLY A 522 23.04 -5.62 -29.28
N LYS A 523 23.53 -4.74 -28.41
CA LYS A 523 24.85 -4.14 -28.53
C LYS A 523 25.89 -4.91 -27.73
N ASP A 524 25.56 -6.12 -27.29
CA ASP A 524 26.46 -6.94 -26.49
C ASP A 524 27.38 -7.73 -27.40
N PRO A 525 28.70 -7.51 -27.33
CA PRO A 525 29.61 -8.22 -28.24
C PRO A 525 29.84 -9.68 -27.88
N ASN A 526 29.46 -10.11 -26.69
CA ASN A 526 29.69 -11.49 -26.28
C ASN A 526 28.74 -12.45 -26.97
N THR A 527 29.24 -13.64 -27.29
CA THR A 527 28.44 -14.70 -27.89
C THR A 527 27.99 -15.66 -26.79
N TYR A 528 26.68 -15.87 -26.67
CA TYR A 528 26.14 -16.64 -25.56
C TYR A 528 25.49 -17.95 -26.03
N PHE A 529 25.45 -18.91 -25.11
CA PHE A 529 24.58 -20.07 -25.19
C PHE A 529 23.32 -19.74 -24.39
N ILE A 530 22.15 -19.83 -25.01
CA ILE A 530 20.88 -19.54 -24.34
C ILE A 530 20.00 -20.77 -24.38
N VAL A 531 19.43 -21.13 -23.23
CA VAL A 531 18.65 -22.35 -23.06
C VAL A 531 17.28 -21.99 -22.51
N GLY A 532 16.24 -22.57 -23.10
CA GLY A 532 14.88 -22.43 -22.62
C GLY A 532 14.40 -23.73 -22.00
N THR A 533 13.79 -23.63 -20.82
CA THR A 533 13.46 -24.79 -20.00
C THR A 533 12.00 -24.78 -19.59
N ALA A 534 11.58 -25.89 -18.97
CA ALA A 534 10.24 -26.05 -18.43
C ALA A 534 10.31 -26.84 -17.14
N MET A 535 9.56 -26.41 -16.12
CA MET A 535 9.46 -27.14 -14.87
C MET A 535 8.39 -28.21 -15.03
N VAL A 536 8.80 -29.46 -15.02
CA VAL A 536 7.97 -30.59 -15.36
C VAL A 536 7.71 -31.37 -14.09
N TYR A 537 6.45 -31.35 -13.63
CA TYR A 537 6.03 -32.16 -12.51
C TYR A 537 4.96 -33.13 -12.98
N PRO A 538 5.01 -34.40 -12.53
CA PRO A 538 4.03 -35.38 -13.02
C PRO A 538 2.59 -34.92 -12.88
N GLU A 539 2.30 -34.06 -11.90
CA GLU A 539 0.93 -33.65 -11.63
C GLU A 539 0.38 -32.72 -12.71
N GLU A 540 1.23 -32.02 -13.44
CA GLU A 540 0.77 -30.97 -14.35
C GLU A 540 0.43 -31.49 -15.74
N ALA A 541 -0.73 -31.04 -16.25
CA ALA A 541 -1.11 -31.32 -17.63
C ALA A 541 -0.21 -30.60 -18.62
N GLU A 542 0.25 -29.39 -18.25
CA GLU A 542 1.07 -28.55 -19.09
C GLU A 542 1.94 -27.71 -18.17
N PRO A 543 3.25 -27.62 -18.44
CA PRO A 543 4.12 -26.89 -17.51
C PRO A 543 3.66 -25.46 -17.31
N LYS A 544 3.78 -24.99 -16.07
CA LYS A 544 3.39 -23.63 -15.71
C LYS A 544 4.55 -22.78 -15.21
N GLN A 545 5.77 -23.32 -15.21
CA GLN A 545 6.97 -22.58 -14.80
C GLN A 545 8.08 -22.90 -15.79
N GLY A 546 8.99 -21.94 -15.96
CA GLY A 546 10.12 -22.17 -16.84
C GLY A 546 11.13 -21.04 -16.76
N ARG A 547 12.28 -21.27 -17.40
CA ARG A 547 13.36 -20.32 -17.39
C ARG A 547 13.90 -20.12 -18.80
N ILE A 548 14.40 -18.91 -19.06
CA ILE A 548 15.34 -18.64 -20.13
C ILE A 548 16.66 -18.28 -19.45
N VAL A 549 17.72 -19.02 -19.76
CA VAL A 549 19.00 -18.87 -19.09
C VAL A 549 20.03 -18.45 -20.13
N VAL A 550 20.80 -17.42 -19.80
CA VAL A 550 21.88 -16.95 -20.65
C VAL A 550 23.19 -17.39 -20.02
N PHE A 551 23.94 -18.21 -20.75
CA PHE A 551 25.25 -18.69 -20.32
C PHE A 551 26.32 -18.04 -21.19
N GLN A 552 27.54 -17.98 -20.66
CA GLN A 552 28.69 -17.65 -21.49
C GLN A 552 29.76 -18.71 -21.28
N TYR A 553 30.20 -19.30 -22.39
CA TYR A 553 31.31 -20.23 -22.36
C TYR A 553 32.58 -19.43 -22.59
N SER A 554 33.42 -19.37 -21.56
CA SER A 554 34.65 -18.58 -21.60
C SER A 554 35.71 -19.31 -20.81
N ASP A 555 36.88 -19.52 -21.42
CA ASP A 555 38.04 -20.08 -20.74
C ASP A 555 37.70 -21.40 -20.03
N GLY A 556 36.99 -22.26 -20.74
CA GLY A 556 36.72 -23.58 -20.23
C GLY A 556 35.68 -23.64 -19.12
N LYS A 557 35.01 -22.53 -18.84
CA LYS A 557 34.00 -22.49 -17.81
C LYS A 557 32.74 -21.84 -18.39
N LEU A 558 31.59 -22.34 -17.97
CA LEU A 558 30.29 -21.81 -18.37
C LEU A 558 29.80 -20.90 -17.23
N GLN A 559 29.54 -19.64 -17.55
CA GLN A 559 29.13 -18.63 -16.58
C GLN A 559 27.65 -18.34 -16.77
N THR A 560 26.88 -18.39 -15.68
CA THR A 560 25.47 -17.99 -15.76
C THR A 560 25.38 -16.47 -15.82
N VAL A 561 24.98 -15.94 -16.97
CA VAL A 561 24.98 -14.50 -17.19
C VAL A 561 23.69 -13.84 -16.71
N ALA A 562 22.54 -14.46 -16.99
CA ALA A 562 21.26 -13.87 -16.66
C ALA A 562 20.19 -14.94 -16.78
N GLU A 563 19.11 -14.77 -16.02
CA GLU A 563 17.99 -15.70 -16.08
C GLU A 563 16.69 -14.90 -16.09
N LYS A 564 15.75 -15.35 -16.90
CA LYS A 564 14.43 -14.73 -17.01
C LYS A 564 13.39 -15.79 -16.71
N GLU A 565 12.53 -15.52 -15.73
CA GLU A 565 11.47 -16.44 -15.37
C GLU A 565 10.30 -16.28 -16.32
N VAL A 566 9.72 -17.39 -16.73
CA VAL A 566 8.53 -17.39 -17.58
C VAL A 566 7.48 -18.30 -16.97
N LYS A 567 6.24 -18.12 -17.42
CA LYS A 567 5.09 -18.85 -16.88
C LYS A 567 4.65 -19.97 -17.82
N GLY A 568 5.61 -20.81 -18.21
CA GLY A 568 5.31 -21.90 -19.11
C GLY A 568 6.59 -22.55 -19.59
N ALA A 569 6.45 -23.39 -20.62
CA ALA A 569 7.57 -24.12 -21.20
C ALA A 569 8.10 -23.33 -22.40
N VAL A 570 9.42 -23.15 -22.45
CA VAL A 570 10.07 -22.43 -23.58
C VAL A 570 10.35 -23.52 -24.61
N TYR A 571 9.33 -23.80 -25.42
CA TYR A 571 9.46 -24.91 -26.38
C TYR A 571 10.45 -24.58 -27.49
N SER A 572 10.47 -23.33 -27.95
CA SER A 572 11.32 -22.97 -29.09
C SER A 572 11.83 -21.55 -28.94
N MET A 573 13.08 -21.35 -29.34
CA MET A 573 13.71 -20.03 -29.38
C MET A 573 14.48 -19.87 -30.69
N VAL A 574 14.67 -18.61 -31.09
CA VAL A 574 15.44 -18.31 -32.30
C VAL A 574 15.88 -16.85 -32.23
N GLU A 575 17.11 -16.59 -32.71
CA GLU A 575 17.63 -15.23 -32.79
C GLU A 575 16.88 -14.44 -33.85
N PHE A 576 16.55 -13.20 -33.53
CA PHE A 576 15.71 -12.36 -34.39
C PHE A 576 16.25 -10.93 -34.40
N ASN A 577 17.16 -10.66 -35.31
CA ASN A 577 17.67 -9.30 -35.54
C ASN A 577 18.13 -8.66 -34.23
N GLY A 578 19.00 -9.38 -33.52
CA GLY A 578 19.55 -8.91 -32.27
C GLY A 578 18.62 -9.02 -31.07
N LYS A 579 17.40 -9.51 -31.27
CA LYS A 579 16.44 -9.74 -30.21
C LYS A 579 16.19 -11.23 -30.09
N LEU A 580 15.65 -11.66 -28.95
CA LEU A 580 15.39 -13.06 -28.69
C LEU A 580 13.90 -13.35 -28.84
N LEU A 581 13.57 -14.22 -29.78
CA LEU A 581 12.21 -14.65 -30.04
C LEU A 581 12.01 -16.02 -29.39
N ALA A 582 11.07 -16.10 -28.46
CA ALA A 582 10.82 -17.30 -27.68
C ALA A 582 9.33 -17.59 -27.64
N SER A 583 8.99 -18.88 -27.61
CA SER A 583 7.61 -19.33 -27.53
C SER A 583 7.38 -19.99 -26.17
N ILE A 584 6.51 -19.39 -25.35
CA ILE A 584 6.17 -19.93 -24.03
C ILE A 584 4.72 -20.39 -24.08
N ASN A 585 4.52 -21.71 -24.20
CA ASN A 585 3.18 -22.29 -24.29
C ASN A 585 2.36 -21.64 -25.41
N SER A 586 1.28 -20.96 -25.04
CA SER A 586 0.45 -20.26 -26.03
C SER A 586 1.14 -19.00 -26.54
N THR A 587 1.90 -18.32 -25.69
CA THR A 587 2.50 -17.02 -26.02
C THR A 587 3.71 -17.17 -26.93
N VAL A 588 3.85 -16.23 -27.87
CA VAL A 588 5.06 -16.04 -28.66
C VAL A 588 5.60 -14.65 -28.32
N ARG A 589 6.81 -14.59 -27.77
CA ARG A 589 7.33 -13.36 -27.18
C ARG A 589 8.65 -12.94 -27.83
N LEU A 590 8.83 -11.63 -27.94
CA LEU A 590 10.10 -11.04 -28.41
C LEU A 590 10.71 -10.26 -27.24
N TYR A 591 11.94 -10.62 -26.87
CA TYR A 591 12.69 -9.98 -25.81
C TYR A 591 13.81 -9.12 -26.40
N GLU A 592 14.11 -8.00 -25.75
CA GLU A 592 15.30 -7.23 -26.07
C GLU A 592 16.37 -7.46 -25.00
N TRP A 593 17.63 -7.34 -25.41
CA TRP A 593 18.78 -7.53 -24.52
C TRP A 593 19.31 -6.15 -24.12
N THR A 594 19.14 -5.79 -22.85
CA THR A 594 19.44 -4.44 -22.42
C THR A 594 20.94 -4.25 -22.21
N THR A 595 21.33 -3.00 -21.99
CA THR A 595 22.69 -2.68 -21.61
C THR A 595 23.03 -3.17 -20.20
N GLU A 596 22.03 -3.54 -19.41
CA GLU A 596 22.27 -4.17 -18.11
C GLU A 596 22.32 -5.70 -18.20
N LYS A 597 22.39 -6.25 -19.41
CA LYS A 597 22.52 -7.70 -19.59
C LYS A 597 21.38 -8.44 -18.91
N GLU A 598 20.16 -7.99 -19.20
CA GLU A 598 18.93 -8.67 -18.78
C GLU A 598 17.95 -8.64 -19.94
N LEU A 599 17.08 -9.63 -19.99
CA LEU A 599 16.09 -9.72 -21.06
C LEU A 599 14.88 -8.86 -20.72
N ARG A 600 14.38 -8.13 -21.70
CA ARG A 600 13.23 -7.26 -21.52
C ARG A 600 12.20 -7.54 -22.60
N THR A 601 10.96 -7.75 -22.19
CA THR A 601 9.90 -8.07 -23.12
C THR A 601 9.52 -6.85 -23.95
N GLU A 602 9.43 -7.04 -25.27
CA GLU A 602 8.94 -5.99 -26.17
C GLU A 602 7.48 -6.22 -26.56
N CYS A 603 7.17 -7.38 -27.14
CA CYS A 603 5.84 -7.64 -27.68
C CYS A 603 5.49 -9.13 -27.60
N ASN A 604 4.18 -9.40 -27.64
CA ASN A 604 3.66 -10.75 -27.42
C ASN A 604 2.57 -11.07 -28.44
N HIS A 605 2.41 -12.37 -28.71
CA HIS A 605 1.29 -12.89 -29.49
C HIS A 605 0.69 -14.07 -28.74
N TYR A 606 -0.62 -14.04 -28.49
CA TYR A 606 -1.23 -15.03 -27.62
C TYR A 606 -2.16 -16.01 -28.33
N ASN A 607 -2.43 -15.83 -29.62
CA ASN A 607 -3.41 -16.68 -30.32
C ASN A 607 -2.74 -17.97 -30.82
N ASN A 608 -2.48 -18.86 -29.86
CA ASN A 608 -1.93 -20.17 -30.18
C ASN A 608 -2.39 -21.17 -29.13
N ILE A 609 -2.44 -22.43 -29.54
CA ILE A 609 -2.73 -23.52 -28.61
C ILE A 609 -1.45 -23.92 -27.87
N MET A 610 -0.40 -24.20 -28.63
CA MET A 610 0.91 -24.51 -28.09
C MET A 610 1.95 -24.18 -29.16
N ALA A 611 2.73 -23.12 -28.96
CA ALA A 611 3.68 -22.67 -29.98
C ALA A 611 4.91 -23.57 -29.94
N LEU A 612 4.81 -24.69 -30.66
CA LEU A 612 5.86 -25.70 -30.51
C LEU A 612 7.11 -25.38 -31.34
N TYR A 613 6.96 -24.80 -32.53
CA TYR A 613 8.09 -24.60 -33.42
C TYR A 613 8.12 -23.17 -33.95
N LEU A 614 9.33 -22.60 -34.04
CA LEU A 614 9.54 -21.24 -34.54
C LEU A 614 10.65 -21.23 -35.58
N LYS A 615 10.42 -20.47 -36.67
CA LYS A 615 11.39 -20.18 -37.72
C LYS A 615 11.21 -18.74 -38.16
N THR A 616 12.30 -18.12 -38.62
CA THR A 616 12.26 -16.71 -39.02
C THR A 616 12.96 -16.48 -40.35
N LYS A 617 12.61 -15.35 -40.98
CA LYS A 617 13.30 -14.87 -42.17
C LYS A 617 13.03 -13.38 -42.29
N GLY A 618 14.04 -12.56 -42.07
CA GLY A 618 13.81 -11.12 -42.06
C GLY A 618 13.01 -10.76 -40.83
N ASP A 619 11.91 -10.02 -41.03
CA ASP A 619 11.01 -9.69 -39.94
C ASP A 619 9.76 -10.58 -39.90
N PHE A 620 9.76 -11.68 -40.63
CA PHE A 620 8.66 -12.63 -40.68
C PHE A 620 8.96 -13.83 -39.78
N ILE A 621 7.92 -14.30 -39.08
CA ILE A 621 8.04 -15.42 -38.15
C ILE A 621 6.98 -16.46 -38.53
N LEU A 622 7.41 -17.71 -38.69
CA LEU A 622 6.51 -18.82 -38.95
C LEU A 622 6.38 -19.64 -37.66
N VAL A 623 5.15 -19.80 -37.18
CA VAL A 623 4.87 -20.47 -35.91
C VAL A 623 4.22 -21.81 -36.23
N GLY A 624 4.74 -22.87 -35.63
CA GLY A 624 4.15 -24.19 -35.75
C GLY A 624 3.42 -24.56 -34.48
N ASP A 625 2.12 -24.83 -34.59
CA ASP A 625 1.26 -25.05 -33.45
C ASP A 625 0.98 -26.54 -33.29
N LEU A 626 0.53 -26.91 -32.09
CA LEU A 626 0.28 -28.31 -31.80
C LEU A 626 -0.81 -28.89 -32.69
N MET A 627 -1.91 -28.16 -32.88
CA MET A 627 -3.03 -28.65 -33.66
C MET A 627 -3.48 -27.74 -34.78
N ARG A 628 -2.99 -26.49 -34.83
CA ARG A 628 -3.45 -25.53 -35.82
C ARG A 628 -2.45 -25.30 -36.94
N SER A 629 -1.55 -26.26 -37.18
CA SER A 629 -0.63 -26.26 -38.33
C SER A 629 0.24 -25.00 -38.25
N VAL A 630 0.31 -24.17 -39.29
CA VAL A 630 1.33 -23.11 -39.34
C VAL A 630 0.67 -21.75 -39.51
N LEU A 631 1.31 -20.74 -38.92
CA LEU A 631 0.88 -19.34 -38.93
C LEU A 631 2.03 -18.46 -39.38
N LEU A 632 1.77 -17.49 -40.27
CA LEU A 632 2.75 -16.49 -40.68
C LEU A 632 2.53 -15.19 -39.90
N LEU A 633 3.45 -14.89 -38.98
CA LEU A 633 3.51 -13.65 -38.22
C LEU A 633 4.54 -12.66 -38.77
N ALA A 634 4.37 -11.39 -38.39
CA ALA A 634 5.35 -10.36 -38.74
C ALA A 634 5.51 -9.37 -37.59
N TYR A 635 6.75 -8.87 -37.45
CA TYR A 635 7.10 -7.82 -36.50
C TYR A 635 7.03 -6.47 -37.21
N LYS A 636 6.18 -5.58 -36.72
CA LYS A 636 6.06 -4.25 -37.31
C LYS A 636 7.00 -3.31 -36.56
N PRO A 637 8.21 -3.07 -37.05
CA PRO A 637 9.17 -2.27 -36.26
C PRO A 637 8.67 -0.86 -35.98
N MET A 638 7.90 -0.28 -36.90
CA MET A 638 7.39 1.07 -36.69
C MET A 638 6.54 1.14 -35.43
N GLU A 639 5.90 0.01 -35.06
CA GLU A 639 4.95 -0.02 -33.95
C GLU A 639 5.42 -0.76 -32.72
N GLY A 640 6.39 -1.67 -32.86
CA GLY A 640 6.87 -2.45 -31.74
C GLY A 640 5.96 -3.59 -31.29
N ASN A 641 5.35 -4.31 -32.23
CA ASN A 641 4.43 -5.38 -31.88
C ASN A 641 4.41 -6.42 -33.01
N PHE A 642 3.49 -7.39 -32.90
CA PHE A 642 3.29 -8.46 -33.87
C PHE A 642 2.00 -8.27 -34.65
N GLU A 643 2.00 -8.70 -35.92
CA GLU A 643 0.80 -8.75 -36.74
C GLU A 643 0.65 -10.12 -37.39
N GLU A 644 -0.53 -10.72 -37.25
CA GLU A 644 -0.81 -11.98 -37.96
C GLU A 644 -0.96 -11.66 -39.44
N ILE A 645 -0.13 -12.29 -40.27
CA ILE A 645 -0.23 -12.10 -41.72
C ILE A 645 -1.20 -13.11 -42.33
N ALA A 646 -1.01 -14.39 -42.01
CA ALA A 646 -1.86 -15.44 -42.57
C ALA A 646 -1.64 -16.74 -41.80
N ARG A 647 -2.70 -17.54 -41.68
CA ARG A 647 -2.72 -18.79 -40.94
C ARG A 647 -3.18 -19.92 -41.86
N ASP A 648 -2.69 -21.13 -41.60
CA ASP A 648 -3.19 -22.33 -42.26
C ASP A 648 -4.38 -22.84 -41.47
N PHE A 649 -5.59 -22.61 -41.97
CA PHE A 649 -6.76 -23.00 -41.19
C PHE A 649 -7.08 -24.49 -41.25
N ASN A 650 -6.49 -25.24 -42.18
CA ASN A 650 -6.64 -26.70 -42.17
C ASN A 650 -5.93 -27.23 -40.94
N PRO A 651 -6.59 -28.05 -40.10
CA PRO A 651 -5.95 -28.47 -38.85
C PRO A 651 -4.95 -29.61 -39.04
N ASN A 652 -3.77 -29.46 -38.44
CA ASN A 652 -2.75 -30.52 -38.51
C ASN A 652 -1.87 -30.51 -37.26
N TRP A 653 -1.46 -31.71 -36.84
CA TRP A 653 -0.47 -31.89 -35.78
C TRP A 653 0.94 -31.81 -36.35
N MET A 654 1.73 -30.85 -35.88
CA MET A 654 3.03 -30.55 -36.46
C MET A 654 4.17 -31.27 -35.76
N SER A 655 5.12 -31.79 -36.55
CA SER A 655 6.37 -32.32 -36.01
C SER A 655 7.55 -31.39 -36.22
N ALA A 656 7.54 -30.61 -37.29
CA ALA A 656 8.58 -29.62 -37.56
C ALA A 656 8.15 -28.76 -38.74
N VAL A 657 8.72 -27.55 -38.80
CA VAL A 657 8.41 -26.59 -39.86
C VAL A 657 9.69 -25.95 -40.38
N GLU A 658 9.58 -25.34 -41.56
CA GLU A 658 10.68 -24.61 -42.17
C GLU A 658 10.14 -23.60 -43.17
N ILE A 659 10.90 -22.52 -43.36
CA ILE A 659 10.60 -21.48 -44.34
C ILE A 659 11.41 -21.77 -45.59
N LEU A 660 10.75 -21.87 -46.75
CA LEU A 660 11.43 -22.11 -48.01
C LEU A 660 11.84 -20.80 -48.69
N ASP A 661 10.92 -19.85 -48.77
CA ASP A 661 11.19 -18.52 -49.30
C ASP A 661 10.11 -17.60 -48.73
N ASP A 662 10.12 -16.34 -49.16
CA ASP A 662 9.25 -15.35 -48.52
C ASP A 662 7.76 -15.72 -48.65
N ASP A 663 7.40 -16.63 -49.56
CA ASP A 663 6.00 -16.98 -49.77
C ASP A 663 5.63 -18.43 -49.50
N ASN A 664 6.57 -19.37 -49.57
CA ASN A 664 6.28 -20.79 -49.42
C ASN A 664 6.80 -21.30 -48.09
N PHE A 665 5.98 -22.13 -47.41
CA PHE A 665 6.30 -22.63 -46.09
C PHE A 665 6.08 -24.14 -46.01
N LEU A 666 7.04 -24.84 -45.40
CA LEU A 666 7.06 -26.29 -45.32
C LEU A 666 6.76 -26.78 -43.91
N GLY A 667 5.94 -27.82 -43.82
CA GLY A 667 5.56 -28.39 -42.55
C GLY A 667 5.52 -29.90 -42.62
N ALA A 668 5.62 -30.53 -41.45
CA ALA A 668 5.56 -31.98 -41.34
C ALA A 668 4.50 -32.38 -40.33
N GLU A 669 3.78 -33.46 -40.63
CA GLU A 669 2.64 -33.88 -39.85
C GLU A 669 3.05 -35.10 -39.03
N ASN A 670 2.33 -35.36 -37.96
CA ASN A 670 2.60 -36.55 -37.15
C ASN A 670 2.09 -37.82 -37.84
N ALA A 671 1.46 -37.68 -39.00
CA ALA A 671 0.94 -38.79 -39.78
C ALA A 671 1.92 -39.22 -40.86
N PHE A 672 3.17 -38.76 -40.79
CA PHE A 672 4.18 -39.07 -41.79
C PHE A 672 3.87 -38.39 -43.12
N ASN A 673 3.31 -37.17 -43.05
CA ASN A 673 2.94 -36.40 -44.22
C ASN A 673 3.61 -35.04 -44.21
N LEU A 674 3.89 -34.54 -45.42
CA LEU A 674 4.50 -33.23 -45.65
C LEU A 674 3.55 -32.35 -46.46
N PHE A 675 3.61 -31.05 -46.21
CA PHE A 675 2.79 -30.10 -46.94
C PHE A 675 3.49 -28.74 -47.04
N VAL A 676 3.10 -27.98 -48.07
CA VAL A 676 3.61 -26.63 -48.32
C VAL A 676 2.44 -25.67 -48.39
N CYS A 677 2.57 -24.57 -47.65
CA CYS A 677 1.56 -23.51 -47.62
C CYS A 677 2.14 -22.26 -48.26
N GLN A 678 1.31 -21.51 -48.98
CA GLN A 678 1.76 -20.28 -49.63
C GLN A 678 0.77 -19.17 -49.35
N LYS A 679 1.27 -17.94 -49.29
CA LYS A 679 0.40 -16.77 -49.24
C LYS A 679 -0.46 -16.76 -50.50
N ASP A 680 -1.76 -16.50 -50.34
CA ASP A 680 -2.63 -16.54 -51.51
C ASP A 680 -2.29 -15.45 -52.52
N SER A 681 -1.49 -14.47 -52.12
CA SER A 681 -0.98 -13.40 -52.98
C SER A 681 -2.07 -12.71 -53.80
N ALA A 682 -3.34 -12.86 -53.42
CA ALA A 682 -4.47 -12.23 -54.11
C ALA A 682 -5.03 -11.20 -53.13
N ALA A 683 -4.95 -9.93 -53.48
CA ALA A 683 -5.32 -8.83 -52.59
C ALA A 683 -6.75 -8.35 -52.79
N THR A 684 -7.62 -9.15 -53.42
CA THR A 684 -9.01 -8.75 -53.58
C THR A 684 -9.65 -8.43 -52.22
N THR A 685 -9.57 -9.37 -51.28
CA THR A 685 -10.14 -9.23 -49.95
C THR A 685 -9.08 -9.44 -48.86
N ASP A 686 -9.29 -8.82 -47.70
CA ASP A 686 -8.41 -9.09 -46.55
C ASP A 686 -8.45 -10.56 -46.16
N GLU A 687 -9.60 -11.22 -46.36
CA GLU A 687 -9.75 -12.63 -46.01
C GLU A 687 -8.87 -13.52 -46.87
N GLU A 688 -8.76 -13.21 -48.16
CA GLU A 688 -7.91 -14.00 -49.04
C GLU A 688 -6.45 -13.90 -48.61
N ARG A 689 -6.02 -12.71 -48.22
CA ARG A 689 -4.63 -12.48 -47.86
C ARG A 689 -4.26 -13.25 -46.60
N GLN A 690 -5.24 -13.51 -45.74
CA GLN A 690 -5.01 -14.17 -44.47
C GLN A 690 -5.19 -15.68 -44.53
N HIS A 691 -5.47 -16.24 -45.71
CA HIS A 691 -5.67 -17.68 -45.83
C HIS A 691 -4.40 -18.25 -46.46
N LEU A 692 -3.59 -18.92 -45.66
CA LEU A 692 -2.49 -19.70 -46.21
C LEU A 692 -3.12 -20.93 -46.84
N GLN A 693 -2.87 -21.13 -48.13
CA GLN A 693 -3.47 -22.23 -48.87
C GLN A 693 -2.46 -23.36 -49.02
N GLU A 694 -2.85 -24.56 -48.63
CA GLU A 694 -1.95 -25.69 -48.79
C GLU A 694 -1.88 -26.03 -50.28
N VAL A 695 -0.72 -25.80 -50.89
CA VAL A 695 -0.53 -26.05 -52.32
C VAL A 695 0.31 -27.28 -52.57
N GLY A 696 0.97 -27.81 -51.55
CA GLY A 696 1.72 -29.04 -51.67
C GLY A 696 1.27 -30.05 -50.63
N LEU A 697 1.05 -31.28 -51.07
CA LEU A 697 0.68 -32.39 -50.20
C LEU A 697 1.50 -33.60 -50.61
N PHE A 698 2.12 -34.28 -49.63
CA PHE A 698 3.01 -35.38 -49.94
C PHE A 698 3.14 -36.30 -48.73
N HIS A 699 2.94 -37.60 -48.96
CA HIS A 699 3.14 -38.61 -47.91
C HIS A 699 4.60 -39.05 -47.96
N LEU A 700 5.38 -38.61 -46.97
CA LEU A 700 6.80 -38.95 -46.93
C LEU A 700 7.01 -40.40 -46.48
N GLY A 701 6.26 -40.84 -45.47
CA GLY A 701 6.48 -42.15 -44.88
C GLY A 701 7.42 -42.14 -43.69
N GLU A 702 7.93 -40.98 -43.31
CA GLU A 702 8.86 -40.84 -42.19
C GLU A 702 8.37 -39.73 -41.27
N PHE A 703 8.88 -39.74 -40.04
CA PHE A 703 8.55 -38.73 -39.04
C PHE A 703 9.69 -37.72 -39.02
N VAL A 704 9.42 -36.49 -39.46
CA VAL A 704 10.44 -35.46 -39.56
C VAL A 704 10.49 -34.68 -38.25
N ASN A 705 11.64 -34.67 -37.59
CA ASN A 705 11.83 -33.92 -36.37
C ASN A 705 12.49 -32.57 -36.58
N VAL A 706 13.39 -32.45 -37.55
CA VAL A 706 14.21 -31.25 -37.70
C VAL A 706 14.35 -30.92 -39.18
N PHE A 707 14.02 -29.68 -39.53
CA PHE A 707 14.30 -29.10 -40.85
C PHE A 707 15.47 -28.15 -40.68
N CYS A 708 16.44 -28.21 -41.60
CA CYS A 708 17.67 -27.44 -41.46
C CYS A 708 18.15 -27.01 -42.85
N HIS A 709 18.30 -25.71 -43.06
CA HIS A 709 18.86 -25.22 -44.31
C HIS A 709 20.32 -25.63 -44.42
N GLY A 710 20.71 -26.14 -45.58
CA GLY A 710 22.08 -26.52 -45.84
C GLY A 710 22.15 -27.67 -46.83
N SER A 711 23.37 -27.90 -47.32
CA SER A 711 23.63 -29.04 -48.18
C SER A 711 25.02 -29.59 -47.90
N LEU A 712 25.17 -30.89 -48.13
CA LEU A 712 26.41 -31.62 -47.97
C LEU A 712 27.21 -31.72 -49.25
N VAL A 713 26.73 -31.16 -50.36
CA VAL A 713 27.43 -31.23 -51.62
C VAL A 713 28.57 -30.22 -51.61
N MET A 714 29.71 -30.60 -52.20
CA MET A 714 30.82 -29.67 -52.33
C MET A 714 30.42 -28.57 -53.32
N GLN A 715 30.59 -27.31 -52.92
CA GLN A 715 30.31 -26.19 -53.81
C GLN A 715 31.61 -25.45 -54.12
N ASN A 716 32.09 -25.60 -55.36
CA ASN A 716 33.27 -24.87 -55.82
C ASN A 716 32.89 -23.66 -56.67
N LEU A 717 31.58 -23.45 -56.92
CA LEU A 717 31.03 -22.43 -57.82
C LEU A 717 31.16 -22.89 -59.27
N GLY A 718 32.06 -23.88 -59.50
CA GLY A 718 32.21 -24.54 -60.81
C GLY A 718 31.24 -25.67 -61.11
N GLU A 719 30.44 -26.07 -60.12
CA GLU A 719 29.50 -27.18 -60.29
C GLU A 719 28.38 -26.73 -61.23
N THR A 720 28.12 -27.53 -62.27
CA THR A 720 27.01 -27.23 -63.17
C THR A 720 25.76 -26.89 -62.39
N SER A 721 25.09 -25.81 -62.78
CA SER A 721 23.95 -25.30 -62.00
C SER A 721 22.77 -26.25 -62.20
N THR A 722 22.29 -26.82 -61.09
CA THR A 722 21.18 -27.74 -61.13
C THR A 722 19.86 -27.00 -61.40
N PRO A 723 18.88 -27.69 -61.98
CA PRO A 723 17.55 -27.06 -62.15
C PRO A 723 16.93 -26.66 -60.84
N THR A 724 17.22 -27.40 -59.77
CA THR A 724 16.63 -27.19 -58.47
C THR A 724 17.21 -25.95 -57.81
N GLN A 725 16.37 -25.24 -57.06
CA GLN A 725 16.77 -24.07 -56.28
C GLN A 725 16.46 -24.29 -54.81
N GLY A 726 17.43 -23.98 -53.95
CA GLY A 726 17.27 -24.08 -52.52
C GLY A 726 17.66 -25.45 -51.97
N SER A 727 17.91 -25.49 -50.67
CA SER A 727 18.30 -26.74 -50.02
C SER A 727 17.86 -26.77 -48.56
N VAL A 728 16.95 -27.70 -48.26
CA VAL A 728 16.51 -27.96 -46.89
C VAL A 728 16.76 -29.44 -46.61
N LEU A 729 17.53 -29.72 -45.57
CA LEU A 729 17.78 -31.08 -45.10
C LEU A 729 16.86 -31.38 -43.92
N PHE A 730 16.40 -32.63 -43.82
CA PHE A 730 15.55 -32.99 -42.69
C PHE A 730 15.93 -34.35 -42.13
N GLY A 731 15.78 -34.46 -40.81
CA GLY A 731 16.10 -35.68 -40.07
C GLY A 731 14.86 -36.31 -39.47
N THR A 732 14.81 -37.63 -39.49
CA THR A 732 13.62 -38.38 -39.10
C THR A 732 13.91 -39.37 -37.97
N VAL A 733 12.84 -40.00 -37.48
CA VAL A 733 12.96 -40.94 -36.38
C VAL A 733 13.73 -42.20 -36.80
N ASN A 734 13.50 -42.66 -38.02
CA ASN A 734 14.09 -43.91 -38.48
C ASN A 734 15.50 -43.72 -39.06
N GLY A 735 16.12 -42.57 -38.84
CA GLY A 735 17.46 -42.31 -39.31
C GLY A 735 17.53 -41.80 -40.73
N MET A 736 16.40 -41.77 -41.44
CA MET A 736 16.37 -41.27 -42.80
C MET A 736 16.69 -39.78 -42.82
N ILE A 737 17.56 -39.37 -43.75
CA ILE A 737 17.90 -37.97 -44.00
C ILE A 737 17.48 -37.64 -45.44
N GLY A 738 16.81 -36.50 -45.62
CA GLY A 738 16.29 -36.14 -46.92
C GLY A 738 16.50 -34.67 -47.23
N LEU A 739 16.17 -34.31 -48.48
CA LEU A 739 16.39 -32.96 -48.99
C LEU A 739 15.14 -32.53 -49.75
N VAL A 740 14.69 -31.31 -49.49
CA VAL A 740 13.57 -30.69 -50.20
C VAL A 740 14.13 -29.50 -50.97
N THR A 741 13.83 -29.41 -52.26
CA THR A 741 14.30 -28.31 -53.09
C THR A 741 13.19 -27.90 -54.05
N SER A 742 13.28 -26.66 -54.53
CA SER A 742 12.24 -26.05 -55.36
C SER A 742 12.55 -26.16 -56.85
N LEU A 743 11.48 -26.14 -57.64
CA LEU A 743 11.56 -26.25 -59.09
C LEU A 743 10.84 -25.07 -59.76
N SER A 744 11.16 -24.84 -61.03
CA SER A 744 10.35 -23.96 -61.85
C SER A 744 9.14 -24.71 -62.39
N GLU A 745 8.10 -23.96 -62.77
CA GLU A 745 6.90 -24.61 -63.29
C GLU A 745 7.25 -25.55 -64.43
N SER A 746 8.14 -25.11 -65.32
CA SER A 746 8.55 -25.94 -66.45
C SER A 746 9.20 -27.23 -66.00
N TRP A 747 10.09 -27.17 -64.99
CA TRP A 747 10.83 -28.36 -64.60
C TRP A 747 9.92 -29.34 -63.87
N TYR A 748 9.01 -28.84 -63.05
CA TYR A 748 8.03 -29.69 -62.39
C TYR A 748 7.23 -30.49 -63.41
N ASN A 749 6.61 -29.78 -64.37
CA ASN A 749 5.74 -30.45 -65.33
C ASN A 749 6.50 -31.54 -66.05
N LEU A 750 7.73 -31.26 -66.46
CA LEU A 750 8.56 -32.30 -67.08
C LEU A 750 8.74 -33.48 -66.15
N LEU A 751 9.19 -33.23 -64.92
CA LEU A 751 9.45 -34.33 -64.01
C LEU A 751 8.16 -35.02 -63.58
N LEU A 752 7.07 -34.27 -63.43
CA LEU A 752 5.79 -34.89 -63.09
C LEU A 752 5.29 -35.78 -64.22
N ASP A 753 5.28 -35.26 -65.45
CA ASP A 753 4.84 -36.07 -66.59
C ASP A 753 5.70 -37.32 -66.70
N MET A 754 6.99 -37.20 -66.39
CA MET A 754 7.88 -38.36 -66.44
C MET A 754 7.53 -39.38 -65.36
N GLN A 755 7.12 -38.92 -64.17
CA GLN A 755 6.72 -39.87 -63.14
C GLN A 755 5.58 -40.74 -63.63
N ASN A 756 4.54 -40.11 -64.19
CA ASN A 756 3.38 -40.87 -64.64
C ASN A 756 3.77 -41.89 -65.68
N ARG A 757 4.79 -41.58 -66.48
CA ARG A 757 5.31 -42.54 -67.45
C ARG A 757 6.11 -43.63 -66.75
N LEU A 758 6.93 -43.24 -65.76
CA LEU A 758 7.71 -44.23 -65.04
C LEU A 758 6.84 -45.20 -64.25
N ASN A 759 5.75 -44.70 -63.66
CA ASN A 759 4.91 -45.58 -62.85
C ASN A 759 4.25 -46.66 -63.69
N LYS A 760 3.93 -46.35 -64.95
CA LYS A 760 3.39 -47.37 -65.84
C LYS A 760 4.43 -48.40 -66.22
N VAL A 761 5.72 -48.01 -66.21
CA VAL A 761 6.79 -48.90 -66.67
C VAL A 761 7.36 -49.72 -65.52
N ILE A 762 7.56 -49.12 -64.35
CA ILE A 762 8.29 -49.76 -63.28
C ILE A 762 7.36 -50.69 -62.51
N LYS A 763 7.83 -51.90 -62.25
CA LYS A 763 7.07 -52.93 -61.55
C LYS A 763 7.27 -52.76 -60.05
N SER A 764 6.18 -52.63 -59.32
CA SER A 764 6.24 -52.40 -57.88
C SER A 764 6.17 -53.72 -57.14
N VAL A 765 6.92 -53.81 -56.03
CA VAL A 765 6.83 -54.98 -55.18
C VAL A 765 5.47 -54.97 -54.48
N GLY A 766 4.77 -56.09 -54.54
CA GLY A 766 3.43 -56.15 -54.01
C GLY A 766 2.38 -55.51 -54.88
N LYS A 767 2.77 -55.02 -56.06
CA LYS A 767 1.85 -54.36 -56.98
C LYS A 767 1.12 -53.22 -56.27
N ILE A 768 1.90 -52.40 -55.57
CA ILE A 768 1.37 -51.23 -54.87
C ILE A 768 1.46 -50.04 -55.82
N GLU A 769 0.34 -49.38 -56.07
CA GLU A 769 0.34 -48.19 -56.90
C GLU A 769 1.14 -47.06 -56.25
N HIS A 770 2.08 -46.51 -57.01
CA HIS A 770 2.90 -45.41 -56.49
C HIS A 770 2.03 -44.22 -56.12
N SER A 771 1.03 -43.90 -56.96
CA SER A 771 0.14 -42.79 -56.67
C SER A 771 -0.58 -42.96 -55.35
N PHE A 772 -0.95 -44.20 -55.01
CA PHE A 772 -1.58 -44.47 -53.72
C PHE A 772 -0.62 -44.22 -52.57
N TRP A 773 0.60 -44.73 -52.70
CA TRP A 773 1.62 -44.62 -51.65
C TRP A 773 1.87 -43.18 -51.25
N ARG A 774 2.07 -42.29 -52.23
CA ARG A 774 2.39 -40.90 -51.91
C ARG A 774 1.15 -40.06 -51.61
N SER A 775 -0.04 -40.65 -51.62
CA SER A 775 -1.24 -39.90 -51.29
C SER A 775 -1.17 -39.46 -49.82
N PHE A 776 -1.50 -38.19 -49.57
CA PHE A 776 -1.61 -37.68 -48.21
C PHE A 776 -2.59 -38.58 -47.46
N HIS A 777 -2.22 -39.02 -46.25
CA HIS A 777 -3.05 -40.01 -45.56
C HIS A 777 -3.09 -39.73 -44.06
N THR A 778 -4.30 -39.50 -43.58
CA THR A 778 -4.64 -39.45 -42.17
C THR A 778 -5.77 -40.44 -41.94
N GLU A 779 -6.08 -40.73 -40.68
CA GLU A 779 -7.21 -41.63 -40.42
C GLU A 779 -8.51 -41.05 -40.97
N ARG A 780 -8.60 -39.73 -41.07
CA ARG A 780 -9.82 -39.03 -41.44
C ARG A 780 -9.80 -38.53 -42.88
N LYS A 781 -8.61 -38.42 -43.50
CA LYS A 781 -8.48 -37.89 -44.85
C LYS A 781 -7.53 -38.70 -45.70
N THR A 782 -7.75 -38.63 -47.01
CA THR A 782 -6.84 -39.19 -48.02
C THR A 782 -6.92 -38.34 -49.28
N GLU A 783 -5.80 -37.74 -49.68
CA GLU A 783 -5.75 -36.86 -50.83
C GLU A 783 -4.64 -37.26 -51.79
N PRO A 784 -4.81 -37.03 -53.08
CA PRO A 784 -3.70 -37.26 -54.03
C PRO A 784 -2.59 -36.27 -53.77
N ALA A 785 -1.36 -36.72 -53.96
CA ALA A 785 -0.21 -35.85 -53.77
C ALA A 785 -0.26 -34.69 -54.75
N THR A 786 0.31 -33.55 -54.33
CA THR A 786 0.36 -32.39 -55.20
C THR A 786 1.58 -31.53 -54.86
N GLY A 787 2.19 -30.97 -55.91
CA GLY A 787 3.28 -30.05 -55.75
C GLY A 787 4.62 -30.66 -55.39
N PHE A 788 4.74 -31.98 -55.41
CA PHE A 788 5.95 -32.66 -54.97
C PHE A 788 6.36 -33.69 -56.00
N ILE A 789 7.64 -33.71 -56.33
CA ILE A 789 8.23 -34.70 -57.22
C ILE A 789 8.97 -35.72 -56.36
N ASP A 790 8.61 -36.98 -56.49
CA ASP A 790 9.30 -38.06 -55.77
C ASP A 790 10.66 -38.27 -56.40
N GLY A 791 11.71 -37.71 -55.81
CA GLY A 791 13.02 -37.81 -56.41
C GLY A 791 13.49 -39.23 -56.62
N ASP A 792 13.13 -40.14 -55.71
CA ASP A 792 13.58 -41.52 -55.81
C ASP A 792 12.98 -42.23 -57.01
N LEU A 793 11.75 -41.87 -57.41
CA LEU A 793 11.23 -42.41 -58.66
C LEU A 793 12.00 -41.84 -59.84
N ILE A 794 12.28 -40.53 -59.80
CA ILE A 794 13.04 -39.88 -60.87
C ILE A 794 14.45 -40.46 -60.95
N GLU A 795 15.11 -40.65 -59.81
CA GLU A 795 16.47 -41.17 -59.83
C GLU A 795 16.54 -42.67 -60.07
N SER A 796 15.40 -43.35 -60.19
CA SER A 796 15.38 -44.76 -60.58
C SER A 796 15.36 -44.95 -62.09
N PHE A 797 15.03 -43.88 -62.84
CA PHE A 797 15.09 -43.95 -64.29
C PHE A 797 16.45 -44.46 -64.77
N LEU A 798 17.52 -44.09 -64.06
CA LEU A 798 18.86 -44.52 -64.41
C LEU A 798 19.10 -45.99 -64.17
N ASP A 799 18.23 -46.68 -63.43
CA ASP A 799 18.41 -48.08 -63.10
C ASP A 799 17.49 -49.02 -63.86
N ILE A 800 16.60 -48.51 -64.71
CA ILE A 800 15.72 -49.36 -65.49
C ILE A 800 16.41 -49.73 -66.80
N SER A 801 16.06 -50.90 -67.35
CA SER A 801 16.73 -51.39 -68.54
C SER A 801 16.47 -50.48 -69.74
N ARG A 802 17.37 -50.58 -70.73
CA ARG A 802 17.25 -49.71 -71.89
C ARG A 802 15.90 -49.81 -72.59
N PRO A 803 15.33 -51.00 -72.83
CA PRO A 803 13.99 -51.04 -73.46
C PRO A 803 12.99 -50.20 -72.72
N LYS A 804 13.07 -50.22 -71.38
CA LYS A 804 12.13 -49.48 -70.55
C LYS A 804 12.37 -47.98 -70.63
N MET A 805 13.65 -47.57 -70.72
CA MET A 805 13.97 -46.16 -70.84
C MET A 805 13.36 -45.54 -72.09
N GLN A 806 13.50 -46.22 -73.22
CA GLN A 806 12.95 -45.71 -74.48
C GLN A 806 11.43 -45.75 -74.47
N GLU A 807 10.84 -46.73 -73.78
CA GLU A 807 9.39 -46.78 -73.63
C GLU A 807 8.89 -45.59 -72.82
N VAL A 808 9.69 -45.11 -71.87
CA VAL A 808 9.30 -43.98 -71.04
C VAL A 808 9.29 -42.68 -71.83
N VAL A 809 10.29 -42.50 -72.71
CA VAL A 809 10.45 -41.20 -73.37
C VAL A 809 9.57 -41.04 -74.60
N ALA A 810 8.87 -42.10 -75.00
CA ALA A 810 8.00 -42.01 -76.18
C ALA A 810 6.97 -40.91 -76.03
N ASN A 811 6.90 -40.04 -77.03
CA ASN A 811 5.89 -38.99 -77.08
C ASN A 811 6.02 -37.99 -75.93
N LEU A 812 7.23 -37.77 -75.43
CA LEU A 812 7.47 -36.83 -74.33
C LEU A 812 7.96 -35.51 -74.90
N GLN A 813 7.33 -34.42 -74.46
CA GLN A 813 7.57 -33.07 -74.97
C GLN A 813 7.92 -32.08 -73.84
N TYR A 814 8.85 -31.17 -74.12
CA TYR A 814 9.28 -30.13 -73.19
C TYR A 814 8.49 -28.81 -73.41
N ASP A 815 8.63 -27.86 -72.48
CA ASP A 815 7.95 -26.57 -72.61
C ASP A 815 8.65 -25.44 -71.85
N ASP A 816 8.18 -24.21 -72.09
CA ASP A 816 8.58 -22.99 -71.37
C ASP A 816 10.09 -22.75 -71.34
N GLY A 817 10.78 -23.12 -72.41
CA GLY A 817 12.22 -23.05 -72.41
C GLY A 817 12.79 -22.56 -73.72
N SER A 818 13.97 -23.08 -74.11
CA SER A 818 14.52 -22.77 -75.42
C SER A 818 13.59 -23.25 -76.52
N GLY A 819 12.90 -24.37 -76.30
CA GLY A 819 11.96 -24.91 -77.26
C GLY A 819 10.59 -25.04 -76.64
N MET A 820 9.54 -24.58 -77.34
CA MET A 820 8.21 -24.65 -76.75
C MET A 820 7.65 -26.07 -76.82
N LYS A 821 8.10 -26.86 -77.79
CA LYS A 821 7.77 -28.29 -77.85
C LYS A 821 9.01 -29.00 -78.35
N ARG A 822 9.66 -29.78 -77.50
CA ARG A 822 10.87 -30.47 -77.89
C ARG A 822 10.77 -31.91 -77.41
N GLU A 823 10.97 -32.84 -78.34
CA GLU A 823 10.94 -34.25 -78.01
C GLU A 823 12.13 -34.66 -77.15
N ALA A 824 11.91 -35.71 -76.35
CA ALA A 824 12.94 -36.25 -75.47
C ALA A 824 13.38 -37.62 -75.96
N THR A 825 14.69 -37.88 -75.89
CA THR A 825 15.27 -39.20 -76.14
C THR A 825 15.71 -39.77 -74.80
N ALA A 826 15.91 -41.08 -74.74
CA ALA A 826 16.35 -41.68 -73.49
C ALA A 826 17.67 -41.10 -73.01
N ASP A 827 18.57 -40.77 -73.93
CA ASP A 827 19.86 -40.21 -73.53
C ASP A 827 19.74 -38.82 -72.95
N ASP A 828 18.77 -38.02 -73.42
CA ASP A 828 18.62 -36.67 -72.88
C ASP A 828 18.28 -36.70 -71.40
N LEU A 829 17.36 -37.59 -71.02
CA LEU A 829 16.90 -37.67 -69.64
C LEU A 829 18.01 -38.22 -68.73
N ILE A 830 18.87 -39.10 -69.25
CA ILE A 830 19.94 -39.65 -68.43
C ILE A 830 20.83 -38.53 -67.91
N LYS A 831 21.07 -37.50 -68.73
CA LYS A 831 21.85 -36.35 -68.28
C LYS A 831 21.09 -35.54 -67.25
N VAL A 832 19.80 -35.29 -67.46
CA VAL A 832 19.03 -34.48 -66.52
C VAL A 832 18.96 -35.17 -65.16
N VAL A 833 18.62 -36.46 -65.16
CA VAL A 833 18.49 -37.18 -63.90
C VAL A 833 19.84 -37.25 -63.20
N GLU A 834 20.92 -37.46 -63.97
CA GLU A 834 22.24 -37.46 -63.37
C GLU A 834 22.56 -36.14 -62.69
N GLU A 835 22.16 -35.02 -63.30
CA GLU A 835 22.35 -33.72 -62.65
C GLU A 835 21.52 -33.65 -61.39
N LEU A 836 20.31 -34.23 -61.41
CA LEU A 836 19.47 -34.25 -60.22
C LEU A 836 20.09 -35.09 -59.12
N THR A 837 20.88 -36.11 -59.50
CA THR A 837 21.57 -36.90 -58.48
C THR A 837 22.72 -36.14 -57.83
N ARG A 838 23.05 -34.93 -58.31
CA ARG A 838 24.17 -34.22 -57.71
C ARG A 838 23.77 -33.44 -56.47
N ILE A 839 22.47 -33.29 -56.20
CA ILE A 839 22.05 -32.54 -55.04
C ILE A 839 22.04 -33.43 -53.80
N HIS A 840 22.03 -34.75 -53.96
CA HIS A 840 21.89 -35.64 -52.83
C HIS A 840 23.29 -36.26 -52.69
N THR B 7 -28.38 0.49 -21.27
CA THR B 7 -28.60 -0.80 -20.65
C THR B 7 -27.91 -1.91 -21.43
N GLU B 8 -27.96 -3.13 -20.88
CA GLU B 8 -27.34 -4.29 -21.51
C GLU B 8 -27.99 -4.64 -22.85
N SER B 9 -29.19 -4.13 -23.09
CA SER B 9 -30.00 -4.57 -24.22
C SER B 9 -29.80 -3.70 -25.46
N ASP B 10 -29.11 -2.57 -25.32
CA ASP B 10 -28.95 -1.59 -26.40
C ASP B 10 -27.78 -2.02 -27.28
N TRP B 11 -28.05 -3.00 -28.13
CA TRP B 11 -27.03 -3.57 -29.01
C TRP B 11 -26.79 -2.65 -30.21
N GLY B 12 -25.66 -2.86 -30.86
CA GLY B 12 -25.29 -2.14 -32.06
C GLY B 12 -24.59 -0.81 -31.86
N LYS B 13 -24.53 -0.32 -30.62
CA LYS B 13 -23.91 0.96 -30.31
C LYS B 13 -22.51 0.83 -29.72
N ARG B 14 -22.29 -0.12 -28.81
CA ARG B 14 -20.98 -0.24 -28.18
C ARG B 14 -19.92 -0.52 -29.24
N CYS B 15 -18.73 0.06 -29.06
CA CYS B 15 -17.70 -0.06 -30.08
C CYS B 15 -16.82 -1.28 -29.86
N VAL B 16 -16.25 -1.79 -30.96
CA VAL B 16 -15.28 -2.88 -30.88
C VAL B 16 -13.97 -2.45 -30.25
N ASP B 17 -13.81 -1.14 -29.98
CA ASP B 17 -12.65 -0.70 -29.23
C ASP B 17 -12.55 -1.44 -27.90
N LYS B 18 -13.71 -1.84 -27.38
CA LYS B 18 -13.79 -2.45 -26.05
C LYS B 18 -13.19 -3.84 -26.00
N PHE B 19 -12.72 -4.38 -27.12
CA PHE B 19 -12.10 -5.68 -27.18
C PHE B 19 -10.68 -5.56 -27.74
N ASP B 20 -9.74 -6.21 -27.08
CA ASP B 20 -8.38 -6.38 -27.59
C ASP B 20 -8.37 -7.64 -28.45
N ILE B 21 -8.13 -7.48 -29.74
CA ILE B 21 -8.23 -8.60 -30.67
C ILE B 21 -7.00 -9.48 -30.49
N ILE B 22 -7.20 -10.75 -30.16
CA ILE B 22 -6.08 -11.66 -29.96
C ILE B 22 -5.63 -12.27 -31.27
N GLY B 23 -6.55 -12.61 -32.17
CA GLY B 23 -6.18 -13.18 -33.45
C GLY B 23 -7.38 -13.79 -34.14
N ILE B 24 -7.13 -14.31 -35.33
CA ILE B 24 -8.20 -14.88 -36.16
C ILE B 24 -8.28 -16.37 -35.85
N ILE B 25 -9.41 -16.79 -35.26
CA ILE B 25 -9.62 -18.19 -34.88
C ILE B 25 -10.12 -19.01 -36.07
N GLY B 26 -10.88 -18.40 -36.99
CA GLY B 26 -11.33 -19.14 -38.16
C GLY B 26 -11.99 -18.22 -39.16
N GLU B 27 -12.25 -18.79 -40.33
CA GLU B 27 -12.97 -18.12 -41.40
C GLU B 27 -14.42 -18.62 -41.39
N GLY B 28 -15.35 -17.69 -41.45
CA GLY B 28 -16.77 -17.99 -41.39
C GLY B 28 -17.40 -17.84 -42.75
N THR B 29 -18.71 -17.59 -42.76
CA THR B 29 -19.47 -17.39 -43.99
C THR B 29 -19.61 -15.93 -44.42
N TYR B 30 -19.94 -15.06 -43.48
CA TYR B 30 -20.25 -13.66 -43.75
C TYR B 30 -19.11 -12.75 -43.29
N GLY B 31 -18.01 -13.34 -42.81
CA GLY B 31 -16.87 -12.59 -42.32
C GLY B 31 -15.97 -13.51 -41.56
N GLN B 32 -14.83 -12.96 -41.14
CA GLN B 32 -13.87 -13.73 -40.37
C GLN B 32 -14.26 -13.74 -38.89
N VAL B 33 -13.81 -14.78 -38.19
CA VAL B 33 -14.07 -14.95 -36.76
C VAL B 33 -12.77 -14.71 -36.02
N TYR B 34 -12.79 -13.81 -35.04
CA TYR B 34 -11.58 -13.42 -34.32
C TYR B 34 -11.76 -13.76 -32.83
N LYS B 35 -10.64 -14.11 -32.18
CA LYS B 35 -10.59 -14.26 -30.73
C LYS B 35 -10.19 -12.94 -30.10
N ALA B 36 -10.83 -12.60 -28.98
CA ALA B 36 -10.60 -11.29 -28.40
C ALA B 36 -10.81 -11.36 -26.90
N LYS B 37 -10.29 -10.36 -26.20
CA LYS B 37 -10.42 -10.22 -24.75
C LYS B 37 -11.15 -8.93 -24.49
N ASP B 38 -12.18 -8.97 -23.65
CA ASP B 38 -12.91 -7.78 -23.25
C ASP B 38 -12.03 -6.94 -22.34
N LYS B 39 -11.87 -5.66 -22.68
CA LYS B 39 -10.94 -4.82 -21.91
C LYS B 39 -11.41 -4.59 -20.49
N ASP B 40 -12.72 -4.55 -20.28
CA ASP B 40 -13.25 -4.18 -18.96
C ASP B 40 -13.26 -5.38 -18.01
N THR B 41 -13.77 -6.53 -18.48
CA THR B 41 -13.93 -7.70 -17.65
C THR B 41 -12.78 -8.69 -17.74
N GLY B 42 -12.05 -8.72 -18.85
CA GLY B 42 -11.05 -9.73 -19.07
C GLY B 42 -11.59 -11.00 -19.67
N GLU B 43 -12.90 -11.09 -19.85
CA GLU B 43 -13.50 -12.27 -20.45
C GLU B 43 -12.99 -12.45 -21.87
N LEU B 44 -12.82 -13.70 -22.27
CA LEU B 44 -12.48 -14.04 -23.64
C LEU B 44 -13.77 -14.20 -24.43
N VAL B 45 -13.81 -13.60 -25.61
CA VAL B 45 -14.98 -13.62 -26.47
C VAL B 45 -14.52 -14.07 -27.85
N ALA B 46 -15.49 -14.38 -28.70
CA ALA B 46 -15.24 -14.64 -30.10
C ALA B 46 -16.11 -13.66 -30.88
N LEU B 47 -15.48 -12.93 -31.81
CA LEU B 47 -16.15 -11.89 -32.58
C LEU B 47 -16.31 -12.39 -34.02
N LYS B 48 -17.55 -12.46 -34.48
CA LYS B 48 -17.88 -12.72 -35.88
C LYS B 48 -18.16 -11.42 -36.62
N LYS B 49 -17.38 -11.17 -37.67
CA LYS B 49 -17.48 -9.92 -38.42
C LYS B 49 -18.55 -10.02 -39.49
N VAL B 50 -19.48 -9.07 -39.48
CA VAL B 50 -20.52 -8.99 -40.50
C VAL B 50 -20.27 -7.75 -41.34
N ARG B 51 -20.02 -7.94 -42.62
CA ARG B 51 -19.70 -6.84 -43.52
C ARG B 51 -20.91 -6.62 -44.41
N LEU B 52 -21.55 -5.47 -44.25
CA LEU B 52 -22.59 -5.02 -45.16
C LEU B 52 -22.03 -4.06 -46.20
N ASP B 53 -20.71 -3.93 -46.26
CA ASP B 53 -20.11 -3.04 -47.26
C ASP B 53 -20.39 -3.56 -48.66
N ASN B 54 -20.56 -4.88 -48.82
CA ASN B 54 -20.82 -5.42 -50.16
C ASN B 54 -22.09 -4.81 -50.74
N GLU B 55 -23.14 -4.68 -49.92
CA GLU B 55 -24.35 -3.99 -50.31
C GLU B 55 -25.02 -4.63 -51.52
N LYS B 56 -24.64 -5.86 -51.88
CA LYS B 56 -25.39 -6.57 -52.92
C LYS B 56 -26.84 -6.75 -52.50
N GLU B 57 -27.07 -7.31 -51.31
CA GLU B 57 -28.40 -7.43 -50.71
C GLU B 57 -28.38 -7.01 -49.25
N GLY B 58 -27.44 -6.17 -48.87
CA GLY B 58 -27.41 -5.61 -47.52
C GLY B 58 -26.91 -6.58 -46.46
N PHE B 59 -27.41 -6.39 -45.24
CA PHE B 59 -26.99 -7.23 -44.11
C PHE B 59 -27.24 -8.69 -44.44
N PRO B 60 -26.25 -9.56 -44.29
CA PRO B 60 -26.44 -10.96 -44.70
C PRO B 60 -27.54 -11.65 -43.91
N ILE B 61 -28.35 -12.45 -44.62
CA ILE B 61 -29.42 -13.18 -43.96
C ILE B 61 -28.86 -14.27 -43.05
N THR B 62 -27.72 -14.87 -43.42
CA THR B 62 -27.10 -15.87 -42.55
C THR B 62 -26.87 -15.31 -41.16
N ALA B 63 -26.44 -14.04 -41.08
CA ALA B 63 -26.24 -13.41 -39.78
C ALA B 63 -27.56 -13.03 -39.14
N ILE B 64 -28.54 -12.60 -39.95
CA ILE B 64 -29.87 -12.28 -39.44
C ILE B 64 -30.49 -13.50 -38.75
N ARG B 65 -30.34 -14.68 -39.36
CA ARG B 65 -30.84 -15.90 -38.74
C ARG B 65 -30.17 -16.14 -37.39
N GLU B 66 -28.86 -15.97 -37.32
CA GLU B 66 -28.10 -16.25 -36.11
C GLU B 66 -28.40 -15.25 -35.01
N ILE B 67 -28.75 -14.01 -35.37
CA ILE B 67 -29.16 -13.03 -34.38
C ILE B 67 -30.59 -13.31 -33.92
N LYS B 68 -31.50 -13.51 -34.88
CA LYS B 68 -32.91 -13.73 -34.57
C LYS B 68 -33.10 -14.94 -33.65
N ILE B 69 -32.40 -16.04 -33.93
CA ILE B 69 -32.65 -17.29 -33.24
C ILE B 69 -31.91 -17.34 -31.90
N LEU B 70 -30.64 -16.93 -31.87
CA LEU B 70 -29.83 -17.11 -30.68
C LEU B 70 -30.17 -16.13 -29.56
N ARG B 71 -30.88 -15.03 -29.86
CA ARG B 71 -31.44 -14.22 -28.78
C ARG B 71 -32.69 -14.86 -28.19
N GLN B 72 -33.29 -15.83 -28.90
CA GLN B 72 -34.44 -16.58 -28.37
C GLN B 72 -34.01 -17.81 -27.58
N LEU B 73 -32.94 -18.49 -28.02
CA LEU B 73 -32.57 -19.79 -27.49
C LEU B 73 -31.62 -19.62 -26.31
N ILE B 74 -32.00 -20.18 -25.16
CA ILE B 74 -31.21 -20.09 -23.94
C ILE B 74 -31.08 -21.52 -23.41
N HIS B 75 -29.99 -22.19 -23.76
CA HIS B 75 -29.68 -23.53 -23.26
C HIS B 75 -28.17 -23.64 -23.09
N ARG B 76 -27.75 -24.50 -22.17
CA ARG B 76 -26.33 -24.68 -21.90
C ARG B 76 -25.59 -25.22 -23.12
N SER B 77 -26.26 -26.00 -23.95
CA SER B 77 -25.64 -26.63 -25.10
C SER B 77 -25.87 -25.85 -26.38
N VAL B 78 -26.40 -24.63 -26.27
CA VAL B 78 -26.52 -23.68 -27.38
C VAL B 78 -25.58 -22.52 -27.12
N VAL B 79 -24.88 -22.08 -28.18
CA VAL B 79 -23.88 -21.04 -28.00
C VAL B 79 -24.58 -19.72 -27.68
N ASN B 80 -23.91 -18.85 -26.91
CA ASN B 80 -24.52 -17.63 -26.40
C ASN B 80 -23.94 -16.42 -27.12
N MET B 81 -24.82 -15.63 -27.74
CA MET B 81 -24.44 -14.32 -28.27
C MET B 81 -24.53 -13.29 -27.15
N LYS B 82 -23.41 -12.63 -26.83
CA LYS B 82 -23.44 -11.69 -25.71
C LYS B 82 -23.87 -10.30 -26.14
N GLU B 83 -23.43 -9.82 -27.30
CA GLU B 83 -23.79 -8.50 -27.79
C GLU B 83 -23.34 -8.35 -29.23
N ILE B 84 -23.75 -7.25 -29.85
CA ILE B 84 -23.33 -6.87 -31.19
C ILE B 84 -22.70 -5.50 -31.08
N VAL B 85 -21.46 -5.38 -31.57
CA VAL B 85 -20.69 -4.15 -31.47
C VAL B 85 -20.26 -3.74 -32.88
N THR B 86 -19.80 -2.50 -33.01
CA THR B 86 -19.53 -1.91 -34.30
C THR B 86 -18.17 -1.25 -34.36
N ASP B 87 -17.69 -1.11 -35.60
CA ASP B 87 -16.52 -0.32 -35.91
C ASP B 87 -16.80 1.15 -35.60
N LYS B 88 -15.73 1.93 -35.38
CA LYS B 88 -15.95 3.35 -35.15
C LYS B 88 -16.75 3.87 -36.33
N GLN B 89 -17.93 4.42 -36.08
CA GLN B 89 -18.80 4.91 -37.13
C GLN B 89 -18.36 6.31 -37.55
N ASP B 90 -18.67 6.66 -38.79
CA ASP B 90 -18.32 7.99 -39.28
C ASP B 90 -19.24 8.98 -38.58
N ALA B 91 -18.68 10.08 -38.11
CA ALA B 91 -19.44 10.99 -37.27
C ALA B 91 -20.33 11.87 -38.13
N LEU B 92 -21.62 11.88 -37.78
CA LEU B 92 -22.66 12.67 -38.45
C LEU B 92 -22.62 12.55 -39.97
N ASP B 93 -22.44 11.33 -40.47
CA ASP B 93 -22.38 11.06 -41.93
C ASP B 93 -22.80 9.59 -42.11
N PHE B 94 -24.08 9.29 -41.87
CA PHE B 94 -24.48 7.88 -41.83
C PHE B 94 -24.32 7.17 -43.18
N LYS B 95 -24.47 7.87 -44.31
CA LYS B 95 -24.35 7.21 -45.61
C LYS B 95 -22.93 6.70 -45.87
N LYS B 96 -21.91 7.53 -45.67
CA LYS B 96 -20.56 7.07 -45.97
C LYS B 96 -20.10 5.93 -45.07
N ASP B 97 -20.83 5.62 -44.02
CA ASP B 97 -20.37 4.65 -43.03
C ASP B 97 -20.42 3.25 -43.64
N LYS B 98 -19.25 2.63 -43.79
CA LYS B 98 -19.16 1.26 -44.28
C LYS B 98 -18.61 0.33 -43.21
N GLY B 99 -18.52 0.80 -41.98
CA GLY B 99 -17.94 -0.03 -40.93
C GLY B 99 -18.79 -1.25 -40.68
N ALA B 100 -18.14 -2.32 -40.27
CA ALA B 100 -18.81 -3.59 -40.10
C ALA B 100 -19.33 -3.74 -38.68
N PHE B 101 -20.18 -4.75 -38.49
CA PHE B 101 -20.72 -5.11 -37.19
C PHE B 101 -20.07 -6.41 -36.75
N TYR B 102 -20.00 -6.63 -35.45
CA TYR B 102 -19.37 -7.81 -34.87
C TYR B 102 -20.35 -8.49 -33.92
N LEU B 103 -20.58 -9.79 -34.11
CA LEU B 103 -21.43 -10.58 -33.23
C LEU B 103 -20.55 -11.19 -32.14
N VAL B 104 -20.74 -10.76 -30.90
CA VAL B 104 -19.92 -11.21 -29.78
C VAL B 104 -20.53 -12.50 -29.22
N PHE B 105 -19.70 -13.52 -29.08
CA PHE B 105 -20.10 -14.81 -28.52
C PHE B 105 -19.14 -15.15 -27.38
N GLU B 106 -19.49 -16.16 -26.60
CA GLU B 106 -18.55 -16.76 -25.67
C GLU B 106 -17.44 -17.49 -26.42
N TYR B 107 -16.23 -17.49 -25.84
CA TYR B 107 -15.11 -18.20 -26.44
C TYR B 107 -15.08 -19.64 -25.93
N MET B 108 -15.19 -20.60 -26.85
CA MET B 108 -15.07 -22.01 -26.55
C MET B 108 -13.66 -22.47 -26.87
N ASP B 109 -13.08 -23.31 -26.01
CA ASP B 109 -11.65 -23.59 -26.10
C ASP B 109 -11.28 -24.28 -27.40
N HIS B 110 -12.09 -25.24 -27.86
CA HIS B 110 -11.75 -26.02 -29.06
C HIS B 110 -13.01 -26.33 -29.88
N ASP B 111 -12.81 -26.77 -31.12
CA ASP B 111 -13.87 -27.28 -31.98
C ASP B 111 -13.61 -28.74 -32.33
N LEU B 112 -14.70 -29.52 -32.46
CA LEU B 112 -14.56 -30.96 -32.55
C LEU B 112 -13.73 -31.39 -33.76
N MET B 113 -13.92 -30.74 -34.91
CA MET B 113 -13.16 -31.16 -36.09
C MET B 113 -11.67 -30.98 -35.85
N GLY B 114 -11.28 -29.83 -35.31
CA GLY B 114 -9.88 -29.59 -35.02
C GLY B 114 -9.32 -30.61 -34.06
N LEU B 115 -10.08 -30.94 -33.00
CA LEU B 115 -9.57 -31.90 -32.03
C LEU B 115 -9.41 -33.28 -32.64
N LEU B 116 -10.29 -33.66 -33.57
CA LEU B 116 -10.20 -34.97 -34.21
C LEU B 116 -9.24 -34.99 -35.40
N GLU B 117 -9.35 -34.00 -36.29
CA GLU B 117 -8.40 -33.92 -37.41
C GLU B 117 -6.96 -33.96 -36.93
N SER B 118 -6.66 -33.23 -35.84
CA SER B 118 -5.31 -33.25 -35.29
C SER B 118 -4.98 -34.55 -34.59
N GLY B 119 -5.96 -35.42 -34.37
CA GLY B 119 -5.72 -36.70 -33.74
C GLY B 119 -5.38 -36.63 -32.27
N LEU B 120 -5.85 -35.58 -31.60
CA LEU B 120 -5.46 -35.30 -30.23
C LEU B 120 -6.57 -35.59 -29.23
N VAL B 121 -7.54 -36.42 -29.59
CA VAL B 121 -8.59 -36.77 -28.66
C VAL B 121 -8.82 -38.28 -28.70
N HIS B 122 -9.06 -38.83 -27.52
CA HIS B 122 -9.50 -40.21 -27.32
C HIS B 122 -10.75 -40.13 -26.46
N PHE B 123 -11.79 -40.87 -26.85
CA PHE B 123 -13.09 -40.80 -26.20
C PHE B 123 -13.43 -42.18 -25.63
N SER B 124 -13.55 -42.27 -24.31
CA SER B 124 -14.10 -43.46 -23.68
C SER B 124 -15.61 -43.46 -23.85
N GLU B 125 -16.25 -44.61 -23.57
CA GLU B 125 -17.70 -44.64 -23.66
C GLU B 125 -18.30 -43.53 -22.79
N ASP B 126 -17.73 -43.32 -21.59
CA ASP B 126 -18.27 -42.32 -20.68
C ASP B 126 -18.09 -40.90 -21.21
N HIS B 127 -17.04 -40.66 -22.00
CA HIS B 127 -16.89 -39.33 -22.60
C HIS B 127 -17.88 -39.13 -23.73
N ILE B 128 -18.21 -40.21 -24.44
CA ILE B 128 -19.19 -40.12 -25.51
C ILE B 128 -20.58 -39.98 -24.94
N LYS B 129 -20.84 -40.57 -23.78
CA LYS B 129 -22.11 -40.37 -23.10
C LYS B 129 -22.32 -38.91 -22.74
N SER B 130 -21.29 -38.26 -22.19
CA SER B 130 -21.45 -36.87 -21.78
C SER B 130 -21.56 -35.96 -22.99
N PHE B 131 -20.82 -36.27 -24.05
CA PHE B 131 -20.88 -35.49 -25.27
C PHE B 131 -22.27 -35.52 -25.87
N MET B 132 -22.84 -36.72 -26.04
CA MET B 132 -24.09 -36.85 -26.76
C MET B 132 -25.27 -36.36 -25.92
N LYS B 133 -25.25 -36.61 -24.61
CA LYS B 133 -26.37 -36.14 -23.81
C LYS B 133 -26.53 -34.62 -23.93
N GLN B 134 -25.41 -33.90 -23.94
CA GLN B 134 -25.44 -32.45 -24.09
C GLN B 134 -25.87 -32.04 -25.48
N LEU B 135 -25.33 -32.69 -26.52
CA LEU B 135 -25.70 -32.33 -27.87
C LEU B 135 -27.19 -32.56 -28.10
N MET B 136 -27.67 -33.74 -27.73
CA MET B 136 -29.08 -34.06 -27.96
C MET B 136 -29.98 -33.26 -27.05
N GLU B 137 -29.55 -32.97 -25.82
CA GLU B 137 -30.37 -32.12 -24.96
C GLU B 137 -30.53 -30.73 -25.57
N GLY B 138 -29.46 -30.20 -26.16
CA GLY B 138 -29.55 -28.91 -26.83
C GLY B 138 -30.27 -29.01 -28.14
N LEU B 139 -30.11 -30.12 -28.85
CA LEU B 139 -30.89 -30.33 -30.06
C LEU B 139 -32.37 -30.46 -29.72
N GLU B 140 -32.67 -31.19 -28.64
CA GLU B 140 -34.04 -31.28 -28.16
C GLU B 140 -34.60 -29.91 -27.84
N TYR B 141 -33.84 -29.09 -27.11
CA TYR B 141 -34.32 -27.76 -26.79
C TYR B 141 -34.70 -27.00 -28.06
N CYS B 142 -33.81 -27.05 -29.06
CA CYS B 142 -34.09 -26.35 -30.31
C CYS B 142 -35.30 -26.94 -31.02
N HIS B 143 -35.45 -28.27 -31.00
CA HIS B 143 -36.56 -28.90 -31.70
C HIS B 143 -37.88 -28.63 -30.97
N LYS B 144 -37.88 -28.58 -29.64
CA LYS B 144 -39.07 -28.19 -28.91
C LYS B 144 -39.51 -26.79 -29.29
N LYS B 145 -38.57 -25.92 -29.64
CA LYS B 145 -38.83 -24.56 -30.09
C LYS B 145 -39.11 -24.48 -31.59
N ASN B 146 -39.21 -25.62 -32.28
CA ASN B 146 -39.56 -25.69 -33.71
C ASN B 146 -38.54 -25.00 -34.61
N PHE B 147 -37.25 -25.22 -34.34
CA PHE B 147 -36.15 -24.72 -35.18
C PHE B 147 -35.33 -25.90 -35.67
N LEU B 148 -34.89 -25.85 -36.94
CA LEU B 148 -34.00 -26.86 -37.50
C LEU B 148 -32.61 -26.28 -37.78
N HIS B 149 -31.56 -26.96 -37.31
CA HIS B 149 -30.20 -26.45 -37.49
C HIS B 149 -29.78 -26.46 -38.96
N ARG B 150 -29.85 -27.62 -39.61
CA ARG B 150 -29.65 -27.82 -41.04
C ARG B 150 -28.18 -27.81 -41.42
N ASP B 151 -27.26 -27.61 -40.48
CA ASP B 151 -25.83 -27.71 -40.76
C ASP B 151 -25.09 -28.31 -39.57
N ILE B 152 -25.42 -29.53 -39.18
CA ILE B 152 -24.74 -30.18 -38.07
C ILE B 152 -23.53 -30.91 -38.64
N LYS B 153 -22.35 -30.34 -38.42
CA LYS B 153 -21.06 -30.93 -38.75
C LYS B 153 -20.19 -30.88 -37.51
N CYS B 154 -19.04 -31.56 -37.56
CA CYS B 154 -18.14 -31.55 -36.40
C CYS B 154 -17.54 -30.17 -36.14
N SER B 155 -17.48 -29.32 -37.15
CA SER B 155 -16.88 -28.00 -36.97
C SER B 155 -17.83 -27.02 -36.29
N ASN B 156 -19.12 -27.32 -36.23
CA ASN B 156 -20.08 -26.47 -35.54
C ASN B 156 -20.39 -26.97 -34.14
N ILE B 157 -19.65 -27.96 -33.64
CA ILE B 157 -19.76 -28.42 -32.27
C ILE B 157 -18.52 -27.96 -31.53
N LEU B 158 -18.72 -27.05 -30.57
CA LEU B 158 -17.63 -26.47 -29.80
C LEU B 158 -17.66 -27.05 -28.40
N LEU B 159 -16.51 -27.55 -27.96
CA LEU B 159 -16.34 -28.12 -26.63
C LEU B 159 -15.15 -27.41 -26.00
N ASN B 160 -15.35 -26.90 -24.79
CA ASN B 160 -14.26 -26.36 -24.00
C ASN B 160 -13.72 -27.46 -23.10
N ASN B 161 -12.51 -27.23 -22.59
CA ASN B 161 -11.81 -28.30 -21.89
C ASN B 161 -12.59 -28.80 -20.68
N SER B 162 -13.54 -28.01 -20.18
CA SER B 162 -14.32 -28.40 -19.02
C SER B 162 -15.33 -29.52 -19.32
N GLY B 163 -15.44 -29.94 -20.58
CA GLY B 163 -16.37 -30.98 -20.95
C GLY B 163 -17.76 -30.50 -21.29
N GLN B 164 -17.96 -29.21 -21.46
CA GLN B 164 -19.24 -28.65 -21.84
C GLN B 164 -19.26 -28.51 -23.35
N ILE B 165 -20.35 -28.96 -23.95
CA ILE B 165 -20.52 -28.95 -25.40
C ILE B 165 -21.53 -27.87 -25.72
N LYS B 166 -21.28 -27.12 -26.79
CA LYS B 166 -22.22 -26.09 -27.26
C LYS B 166 -22.34 -26.19 -28.78
N LEU B 167 -23.57 -26.05 -29.27
CA LEU B 167 -23.87 -25.97 -30.71
C LEU B 167 -23.76 -24.52 -31.15
N ALA B 168 -23.38 -24.31 -32.42
CA ALA B 168 -22.95 -22.96 -32.78
C ALA B 168 -23.42 -22.32 -34.08
N ASP B 169 -23.07 -22.85 -35.25
CA ASP B 169 -23.36 -22.14 -36.50
C ASP B 169 -24.82 -22.31 -36.90
N PHE B 170 -25.66 -21.35 -36.48
CA PHE B 170 -27.07 -21.32 -36.83
C PHE B 170 -27.35 -20.50 -38.08
N GLY B 171 -26.35 -20.34 -38.95
CA GLY B 171 -26.55 -19.54 -40.15
C GLY B 171 -27.62 -20.08 -41.07
N LEU B 172 -27.93 -21.37 -40.98
CA LEU B 172 -28.94 -21.98 -41.83
C LEU B 172 -30.23 -22.34 -41.09
N ALA B 173 -30.43 -21.86 -39.87
CA ALA B 173 -31.58 -22.28 -39.08
C ALA B 173 -32.86 -21.57 -39.50
N ARG B 174 -33.96 -22.34 -39.58
CA ARG B 174 -35.28 -21.84 -39.93
C ARG B 174 -36.34 -22.60 -39.14
N LEU B 175 -37.48 -21.94 -38.93
CA LEU B 175 -38.58 -22.54 -38.19
C LEU B 175 -39.28 -23.62 -39.00
N TYR B 176 -39.73 -24.68 -38.30
CA TYR B 176 -40.42 -25.82 -38.91
C TYR B 176 -41.83 -25.88 -38.34
N ASN B 177 -42.84 -26.00 -39.22
CA ASN B 177 -44.22 -26.18 -38.79
C ASN B 177 -44.71 -27.54 -39.27
N SER B 178 -45.19 -28.36 -38.34
CA SER B 178 -45.66 -29.70 -38.69
C SER B 178 -46.94 -29.63 -39.52
N GLU B 179 -47.85 -28.73 -39.18
CA GLU B 179 -49.08 -28.58 -39.95
C GLU B 179 -48.82 -27.98 -41.33
N GLU B 180 -48.05 -26.89 -41.37
CA GLU B 180 -47.83 -26.16 -42.62
C GLU B 180 -46.54 -26.63 -43.29
N SER B 181 -46.68 -27.49 -44.30
CA SER B 181 -45.53 -27.92 -45.08
C SER B 181 -45.07 -26.76 -45.96
N ARG B 182 -43.78 -26.46 -45.91
CA ARG B 182 -43.24 -25.35 -46.67
C ARG B 182 -42.12 -25.82 -47.57
N PRO B 183 -41.93 -25.20 -48.74
CA PRO B 183 -40.76 -25.56 -49.58
C PRO B 183 -39.49 -25.03 -48.93
N TYR B 184 -38.50 -25.91 -48.78
CA TYR B 184 -37.23 -25.50 -48.17
C TYR B 184 -36.06 -25.77 -49.12
N TPO B 185 -34.90 -25.15 -48.85
CA TPO B 185 -33.72 -25.34 -49.69
CB TPO B 185 -32.61 -24.39 -49.23
CG2 TPO B 185 -31.36 -24.56 -50.08
OG1 TPO B 185 -33.10 -23.05 -49.40
P TPO B 185 -33.31 -22.20 -48.03
O1P TPO B 185 -31.89 -21.81 -47.39
O2P TPO B 185 -34.03 -20.96 -48.39
O3P TPO B 185 -34.15 -23.02 -46.93
C TPO B 185 -33.25 -26.80 -49.63
O TPO B 185 -33.09 -27.36 -48.54
H TPO B 185 -34.79 -24.61 -48.20
HA TPO B 185 -33.93 -25.14 -50.62
HB TPO B 185 -32.35 -24.59 -48.19
HG21 TPO B 185 -30.60 -23.84 -49.76
HG22 TPO B 185 -31.61 -24.38 -51.12
HG23 TPO B 185 -30.99 -25.57 -49.97
N ASN B 186 -33.05 -27.42 -50.79
CA ASN B 186 -32.71 -28.85 -50.84
C ASN B 186 -31.39 -29.20 -50.16
N LYS B 187 -30.30 -28.60 -50.63
CA LYS B 187 -28.95 -28.89 -50.17
C LYS B 187 -28.62 -28.09 -48.92
N VAL B 188 -28.78 -28.67 -47.72
CA VAL B 188 -28.55 -27.92 -46.49
C VAL B 188 -27.37 -28.46 -45.66
N ILE B 189 -27.28 -29.77 -45.50
CA ILE B 189 -26.28 -30.29 -44.55
C ILE B 189 -25.08 -30.78 -45.35
N THR B 190 -23.88 -30.69 -44.75
CA THR B 190 -22.66 -31.02 -45.48
C THR B 190 -22.71 -32.47 -45.94
N LEU B 191 -22.14 -32.72 -47.11
CA LEU B 191 -22.40 -34.00 -47.77
C LEU B 191 -22.05 -35.17 -46.85
N TRP B 192 -20.96 -35.07 -46.10
CA TRP B 192 -20.58 -36.18 -45.24
C TRP B 192 -21.67 -36.49 -44.21
N TYR B 193 -22.33 -35.45 -43.71
CA TYR B 193 -23.36 -35.58 -42.68
C TYR B 193 -24.77 -35.37 -43.23
N ARG B 194 -24.95 -35.49 -44.56
CA ARG B 194 -26.27 -35.16 -45.09
C ARG B 194 -27.24 -36.32 -44.91
N PRO B 195 -28.49 -36.04 -44.55
CA PRO B 195 -29.47 -37.11 -44.38
C PRO B 195 -29.84 -37.72 -45.71
N PRO B 196 -30.33 -38.96 -45.71
CA PRO B 196 -30.66 -39.61 -47.01
C PRO B 196 -31.81 -38.96 -47.75
N GLU B 197 -32.82 -38.46 -47.04
CA GLU B 197 -33.98 -37.91 -47.72
C GLU B 197 -33.60 -36.69 -48.56
N LEU B 198 -32.71 -35.85 -48.03
CA LEU B 198 -32.23 -34.67 -48.75
C LEU B 198 -31.34 -35.05 -49.93
N LEU B 199 -30.68 -36.21 -49.85
CA LEU B 199 -29.99 -36.69 -51.04
C LEU B 199 -30.98 -36.91 -52.17
N LEU B 200 -32.19 -37.35 -51.84
CA LEU B 200 -33.25 -37.46 -52.83
C LEU B 200 -34.08 -36.18 -52.91
N GLY B 201 -33.75 -35.15 -52.13
CA GLY B 201 -34.34 -33.85 -52.38
C GLY B 201 -35.69 -33.60 -51.78
N GLU B 202 -36.02 -34.20 -50.63
CA GLU B 202 -37.35 -34.05 -50.06
C GLU B 202 -37.86 -32.61 -50.25
N GLU B 203 -37.11 -31.64 -49.71
CA GLU B 203 -37.42 -30.22 -49.88
C GLU B 203 -38.49 -29.81 -48.88
N ARG B 204 -39.23 -30.79 -48.35
CA ARG B 204 -40.14 -30.61 -47.23
C ARG B 204 -39.67 -31.61 -46.17
N TYR B 205 -38.59 -31.27 -45.46
CA TYR B 205 -37.95 -32.21 -44.58
C TYR B 205 -38.39 -31.94 -43.14
N THR B 206 -38.10 -32.90 -42.27
CA THR B 206 -38.49 -32.89 -40.88
C THR B 206 -37.27 -32.58 -40.03
N PRO B 207 -37.47 -32.26 -38.75
CA PRO B 207 -36.31 -32.09 -37.85
C PRO B 207 -35.41 -33.33 -37.79
N ALA B 208 -35.87 -34.46 -38.32
CA ALA B 208 -35.06 -35.68 -38.32
C ALA B 208 -33.76 -35.52 -39.10
N ILE B 209 -33.66 -34.52 -39.98
CA ILE B 209 -32.42 -34.33 -40.73
C ILE B 209 -31.25 -34.13 -39.76
N ASP B 210 -31.46 -33.33 -38.72
CA ASP B 210 -30.40 -33.08 -37.75
C ASP B 210 -30.03 -34.35 -37.00
N VAL B 211 -31.03 -35.20 -36.70
CA VAL B 211 -30.74 -36.42 -35.96
C VAL B 211 -29.81 -37.33 -36.76
N TRP B 212 -30.00 -37.41 -38.08
CA TRP B 212 -29.11 -38.23 -38.90
C TRP B 212 -27.68 -37.75 -38.78
N SER B 213 -27.48 -36.44 -38.85
CA SER B 213 -26.13 -35.88 -38.72
C SER B 213 -25.53 -36.26 -37.37
N CYS B 214 -26.33 -36.17 -36.30
CA CYS B 214 -25.79 -36.50 -34.98
C CYS B 214 -25.46 -37.98 -34.87
N GLY B 215 -26.26 -38.84 -35.50
CA GLY B 215 -25.91 -40.25 -35.57
C GLY B 215 -24.59 -40.48 -36.28
N CYS B 216 -24.38 -39.76 -37.38
CA CYS B 216 -23.10 -39.81 -38.07
C CYS B 216 -21.97 -39.46 -37.13
N ILE B 217 -22.19 -38.45 -36.28
CA ILE B 217 -21.20 -38.09 -35.27
C ILE B 217 -21.04 -39.21 -34.25
N LEU B 218 -22.16 -39.78 -33.79
CA LEU B 218 -22.08 -40.85 -32.80
C LEU B 218 -21.19 -41.97 -33.32
N GLY B 219 -21.43 -42.42 -34.55
CA GLY B 219 -20.54 -43.43 -35.13
C GLY B 219 -19.11 -42.95 -35.22
N GLU B 220 -18.92 -41.71 -35.64
CA GLU B 220 -17.57 -41.14 -35.82
C GLU B 220 -16.81 -41.09 -34.51
N LEU B 221 -17.49 -40.80 -33.39
CA LEU B 221 -16.80 -40.75 -32.11
C LEU B 221 -16.27 -42.12 -31.68
N PHE B 222 -16.87 -43.21 -32.18
CA PHE B 222 -16.44 -44.55 -31.83
C PHE B 222 -15.35 -45.09 -32.75
N THR B 223 -15.16 -44.48 -33.92
CA THR B 223 -14.10 -44.87 -34.84
C THR B 223 -13.03 -43.79 -35.04
N LYS B 224 -13.35 -42.53 -34.75
CA LYS B 224 -12.51 -41.36 -35.00
C LYS B 224 -12.40 -41.02 -36.49
N LYS B 225 -13.18 -41.70 -37.34
CA LYS B 225 -13.24 -41.45 -38.78
C LYS B 225 -14.70 -41.26 -39.16
N PRO B 226 -15.02 -40.23 -39.97
CA PRO B 226 -16.41 -40.09 -40.42
C PRO B 226 -16.90 -41.34 -41.12
N ILE B 227 -18.21 -41.54 -41.07
CA ILE B 227 -18.77 -42.81 -41.54
C ILE B 227 -18.98 -42.80 -43.04
N PHE B 228 -19.55 -41.73 -43.58
CA PHE B 228 -19.95 -41.66 -44.97
C PHE B 228 -19.15 -40.54 -45.62
N GLN B 229 -17.99 -40.89 -46.16
CA GLN B 229 -17.11 -39.92 -46.79
C GLN B 229 -17.20 -40.10 -48.30
N ALA B 230 -17.78 -39.11 -48.96
CA ALA B 230 -17.93 -39.13 -50.40
C ALA B 230 -17.77 -37.71 -50.93
N ASN B 231 -17.57 -37.61 -52.25
CA ASN B 231 -17.43 -36.30 -52.89
C ASN B 231 -18.67 -35.90 -53.66
N LEU B 232 -19.48 -36.87 -54.09
CA LEU B 232 -20.63 -36.61 -54.92
C LEU B 232 -21.87 -37.23 -54.29
N GLU B 233 -23.02 -36.64 -54.59
CA GLU B 233 -24.26 -37.03 -53.93
C GLU B 233 -24.60 -38.49 -54.18
N LEU B 234 -24.30 -39.00 -55.38
CA LEU B 234 -24.60 -40.39 -55.66
C LEU B 234 -23.70 -41.33 -54.86
N ALA B 235 -22.38 -41.04 -54.84
CA ALA B 235 -21.46 -41.89 -54.09
C ALA B 235 -21.82 -41.93 -52.62
N GLN B 236 -22.36 -40.82 -52.09
CA GLN B 236 -22.79 -40.77 -50.70
C GLN B 236 -23.96 -41.72 -50.46
N LEU B 237 -24.97 -41.65 -51.34
CA LEU B 237 -26.10 -42.56 -51.23
C LEU B 237 -25.63 -44.01 -51.31
N GLU B 238 -24.59 -44.28 -52.10
CA GLU B 238 -24.03 -45.63 -52.19
C GLU B 238 -23.42 -46.06 -50.87
N LEU B 239 -22.63 -45.18 -50.24
CA LEU B 239 -22.02 -45.54 -48.97
C LEU B 239 -23.06 -45.74 -47.89
N ILE B 240 -24.01 -44.82 -47.77
CA ILE B 240 -25.10 -45.00 -46.82
C ILE B 240 -25.80 -46.32 -47.09
N SER B 241 -26.06 -46.63 -48.36
CA SER B 241 -26.77 -47.85 -48.70
C SER B 241 -25.96 -49.09 -48.34
N ARG B 242 -24.63 -49.04 -48.52
CA ARG B 242 -23.83 -50.21 -48.16
C ARG B 242 -23.99 -50.55 -46.68
N LEU B 243 -24.26 -49.55 -45.84
CA LEU B 243 -24.35 -49.74 -44.40
C LEU B 243 -25.80 -49.88 -43.93
N CYS B 244 -26.67 -48.93 -44.31
CA CYS B 244 -28.02 -48.87 -43.78
C CYS B 244 -29.04 -49.63 -44.62
N GLY B 245 -28.66 -50.07 -45.81
CA GLY B 245 -29.61 -50.66 -46.74
C GLY B 245 -30.09 -49.67 -47.78
N SER B 246 -30.44 -50.19 -48.95
CA SER B 246 -30.87 -49.33 -50.03
C SER B 246 -32.28 -48.81 -49.75
N PRO B 247 -32.55 -47.55 -50.05
CA PRO B 247 -33.93 -47.05 -49.98
C PRO B 247 -34.85 -47.87 -50.87
N CYS B 248 -35.95 -48.36 -50.28
CA CYS B 248 -36.96 -49.09 -51.02
C CYS B 248 -38.24 -49.02 -50.23
N PRO B 249 -39.40 -49.13 -50.90
CA PRO B 249 -40.68 -49.03 -50.17
C PRO B 249 -40.79 -50.04 -49.04
N ALA B 250 -40.02 -51.13 -49.07
CA ALA B 250 -40.10 -52.12 -48.02
C ALA B 250 -39.80 -51.52 -46.65
N VAL B 251 -38.93 -50.51 -46.60
CA VAL B 251 -38.53 -49.89 -45.35
C VAL B 251 -38.87 -48.41 -45.28
N TRP B 252 -39.26 -47.80 -46.40
CA TRP B 252 -39.45 -46.35 -46.48
C TRP B 252 -40.59 -46.12 -47.47
N PRO B 253 -41.83 -46.41 -47.05
CA PRO B 253 -42.93 -46.50 -48.02
C PRO B 253 -43.02 -45.32 -48.96
N ASP B 254 -42.66 -44.13 -48.50
CA ASP B 254 -42.83 -42.90 -49.25
C ASP B 254 -41.60 -42.54 -50.08
N VAL B 255 -40.62 -43.42 -50.18
CA VAL B 255 -39.42 -43.12 -50.96
C VAL B 255 -39.81 -42.89 -52.42
N ILE B 256 -40.90 -43.51 -52.86
CA ILE B 256 -41.35 -43.38 -54.23
C ILE B 256 -41.83 -41.96 -54.55
N ARG B 257 -42.12 -41.16 -53.53
CA ARG B 257 -42.55 -39.79 -53.74
C ARG B 257 -41.38 -38.82 -53.97
N LEU B 258 -40.15 -39.27 -53.79
CA LEU B 258 -39.03 -38.32 -53.79
C LEU B 258 -38.53 -38.08 -55.21
N PRO B 259 -38.18 -36.83 -55.51
CA PRO B 259 -37.78 -36.50 -56.89
C PRO B 259 -36.81 -37.47 -57.55
N TYR B 260 -35.71 -37.81 -56.89
CA TYR B 260 -34.64 -38.54 -57.53
C TYR B 260 -34.62 -40.02 -57.16
N PHE B 261 -35.71 -40.54 -56.59
CA PHE B 261 -35.72 -41.93 -56.14
C PHE B 261 -35.37 -42.90 -57.26
N ASN B 262 -36.10 -42.81 -58.37
CA ASN B 262 -35.83 -43.67 -59.53
C ASN B 262 -34.49 -43.31 -60.17
N THR B 263 -34.10 -42.05 -60.08
CA THR B 263 -32.85 -41.59 -60.70
C THR B 263 -31.63 -42.17 -59.99
N MET B 264 -31.53 -41.95 -58.67
CA MET B 264 -30.30 -42.24 -57.93
C MET B 264 -30.35 -43.64 -57.31
N LYS B 265 -30.36 -44.65 -58.18
CA LYS B 265 -30.35 -46.02 -57.63
C LYS B 265 -28.92 -46.42 -57.24
N PRO B 266 -28.75 -47.07 -56.08
CA PRO B 266 -27.43 -47.63 -55.74
C PRO B 266 -27.12 -48.88 -56.56
N LYS B 267 -25.84 -49.27 -56.52
CA LYS B 267 -25.40 -50.41 -57.32
C LYS B 267 -26.28 -51.63 -57.11
N LYS B 268 -26.65 -51.90 -55.87
CA LYS B 268 -27.48 -53.05 -55.52
C LYS B 268 -28.62 -52.58 -54.63
N GLN B 269 -29.52 -53.50 -54.32
CA GLN B 269 -30.48 -53.30 -53.23
C GLN B 269 -29.86 -53.97 -52.01
N TYR B 270 -29.04 -53.21 -51.29
CA TYR B 270 -28.23 -53.74 -50.20
C TYR B 270 -29.08 -54.05 -48.97
N ARG B 271 -28.67 -55.07 -48.24
CA ARG B 271 -29.22 -55.33 -46.90
C ARG B 271 -28.51 -54.48 -45.86
N ARG B 272 -29.22 -54.21 -44.76
CA ARG B 272 -28.66 -53.40 -43.68
C ARG B 272 -27.65 -54.24 -42.89
N ARG B 273 -26.45 -53.69 -42.74
CA ARG B 273 -25.36 -54.32 -41.98
C ARG B 273 -24.89 -53.47 -40.81
N LEU B 274 -25.63 -52.41 -40.45
CA LEU B 274 -25.13 -51.45 -39.48
C LEU B 274 -24.66 -52.15 -38.21
N ARG B 275 -25.44 -53.12 -37.72
CA ARG B 275 -25.05 -53.82 -36.50
C ARG B 275 -23.83 -54.69 -36.70
N GLU B 276 -23.61 -55.20 -37.93
CA GLU B 276 -22.44 -56.03 -38.15
C GLU B 276 -21.17 -55.19 -38.24
N GLU B 277 -21.17 -54.14 -39.06
CA GLU B 277 -19.96 -53.35 -39.21
C GLU B 277 -19.66 -52.51 -37.98
N PHE B 278 -20.63 -52.34 -37.07
CA PHE B 278 -20.39 -51.66 -35.81
C PHE B 278 -20.51 -52.61 -34.61
N SER B 279 -20.18 -53.89 -34.79
CA SER B 279 -20.34 -54.85 -33.70
C SER B 279 -19.41 -54.56 -32.53
N PHE B 280 -18.35 -53.78 -32.73
CA PHE B 280 -17.42 -53.47 -31.65
C PHE B 280 -17.97 -52.43 -30.67
N ILE B 281 -19.12 -51.83 -30.98
CA ILE B 281 -19.73 -50.78 -30.15
C ILE B 281 -20.57 -51.38 -29.02
N PRO B 282 -20.55 -50.77 -27.83
CA PRO B 282 -21.42 -51.24 -26.74
C PRO B 282 -22.88 -51.36 -27.17
N SER B 283 -23.56 -52.33 -26.56
CA SER B 283 -24.93 -52.63 -26.98
C SER B 283 -25.84 -51.42 -26.84
N ALA B 284 -25.77 -50.75 -25.68
CA ALA B 284 -26.63 -49.58 -25.45
C ALA B 284 -26.37 -48.50 -26.49
N ALA B 285 -25.12 -48.33 -26.91
CA ALA B 285 -24.81 -47.32 -27.91
C ALA B 285 -25.22 -47.77 -29.30
N LEU B 286 -24.90 -49.03 -29.66
CA LEU B 286 -25.22 -49.51 -31.00
C LEU B 286 -26.69 -49.36 -31.32
N ASP B 287 -27.57 -49.64 -30.35
CA ASP B 287 -29.00 -49.44 -30.57
C ASP B 287 -29.31 -47.98 -30.88
N LEU B 288 -28.67 -47.05 -30.19
CA LEU B 288 -28.87 -45.64 -30.50
C LEU B 288 -28.45 -45.31 -31.93
N LEU B 289 -27.31 -45.84 -32.36
CA LEU B 289 -26.86 -45.58 -33.73
C LEU B 289 -27.85 -46.13 -34.73
N ASP B 290 -28.32 -47.36 -34.52
CA ASP B 290 -29.28 -47.97 -35.43
C ASP B 290 -30.55 -47.14 -35.56
N HIS B 291 -31.03 -46.60 -34.45
CA HIS B 291 -32.27 -45.82 -34.49
C HIS B 291 -32.05 -44.43 -35.08
N MET B 292 -30.85 -43.87 -34.91
CA MET B 292 -30.60 -42.54 -35.46
C MET B 292 -30.29 -42.59 -36.94
N LEU B 293 -29.69 -43.69 -37.43
CA LEU B 293 -29.38 -43.86 -38.85
C LEU B 293 -30.43 -44.71 -39.54
N THR B 294 -31.69 -44.43 -39.22
CA THR B 294 -32.82 -45.05 -39.90
C THR B 294 -33.14 -44.30 -41.19
N LEU B 295 -33.36 -45.03 -42.28
CA LEU B 295 -33.52 -44.40 -43.58
C LEU B 295 -34.76 -43.52 -43.61
N ASP B 296 -35.89 -44.03 -43.15
CA ASP B 296 -37.15 -43.30 -43.25
C ASP B 296 -37.23 -42.25 -42.15
N PRO B 297 -37.25 -40.96 -42.49
CA PRO B 297 -37.25 -39.92 -41.44
C PRO B 297 -38.43 -40.00 -40.49
N SER B 298 -39.55 -40.58 -40.91
CA SER B 298 -40.71 -40.72 -40.01
C SER B 298 -40.56 -41.91 -39.07
N LYS B 299 -39.55 -42.75 -39.27
CA LYS B 299 -39.20 -43.82 -38.36
C LYS B 299 -37.91 -43.54 -37.61
N ARG B 300 -37.17 -42.51 -38.01
CA ARG B 300 -35.98 -42.09 -37.30
C ARG B 300 -36.37 -41.48 -35.96
N CYS B 301 -35.66 -41.89 -34.92
CA CYS B 301 -35.97 -41.45 -33.56
C CYS B 301 -35.81 -39.93 -33.43
N THR B 302 -36.52 -39.37 -32.46
CA THR B 302 -36.43 -37.94 -32.20
C THR B 302 -35.29 -37.64 -31.23
N ALA B 303 -35.00 -36.35 -31.07
CA ALA B 303 -34.00 -35.95 -30.09
C ALA B 303 -34.44 -36.40 -28.70
N GLU B 304 -35.71 -36.19 -28.36
CA GLU B 304 -36.18 -36.62 -27.05
C GLU B 304 -36.02 -38.12 -26.85
N GLN B 305 -36.32 -38.91 -27.89
CA GLN B 305 -36.27 -40.36 -27.72
C GLN B 305 -34.85 -40.84 -27.43
N THR B 306 -33.85 -40.17 -28.00
CA THR B 306 -32.47 -40.53 -27.69
C THR B 306 -32.13 -40.21 -26.24
N LEU B 307 -32.70 -39.13 -25.70
CA LEU B 307 -32.50 -38.80 -24.29
C LEU B 307 -33.23 -39.77 -23.36
N GLN B 308 -34.20 -40.53 -23.87
CA GLN B 308 -34.84 -41.59 -23.11
C GLN B 308 -34.41 -42.96 -23.63
N SER B 309 -33.11 -43.11 -23.84
CA SER B 309 -32.49 -44.35 -24.28
C SER B 309 -31.60 -44.92 -23.18
N ASP B 310 -31.39 -46.23 -23.23
CA ASP B 310 -30.51 -46.87 -22.26
C ASP B 310 -29.13 -46.25 -22.25
N PHE B 311 -28.68 -45.71 -23.39
CA PHE B 311 -27.34 -45.16 -23.48
C PHE B 311 -27.24 -43.82 -22.76
N LEU B 312 -28.23 -42.94 -22.94
CA LEU B 312 -28.17 -41.58 -22.41
C LEU B 312 -29.07 -41.34 -21.22
N LYS B 313 -30.09 -42.18 -21.01
CA LYS B 313 -31.09 -41.94 -19.98
C LYS B 313 -30.45 -41.67 -18.63
N ASP B 314 -29.53 -42.52 -18.21
CA ASP B 314 -28.94 -42.46 -16.87
C ASP B 314 -27.55 -41.86 -16.86
N VAL B 315 -27.34 -40.74 -17.57
CA VAL B 315 -26.09 -39.99 -17.50
C VAL B 315 -26.31 -38.77 -16.60
N GLU B 316 -25.41 -38.57 -15.63
CA GLU B 316 -25.50 -37.42 -14.75
C GLU B 316 -24.57 -36.34 -15.28
N LEU B 317 -25.11 -35.17 -15.58
CA LEU B 317 -24.27 -34.12 -16.13
C LEU B 317 -23.41 -33.42 -15.08
N SER B 318 -23.56 -33.75 -13.80
CA SER B 318 -22.56 -33.36 -12.82
C SER B 318 -21.22 -34.01 -13.14
N LYS B 319 -21.24 -35.23 -13.66
CA LYS B 319 -20.04 -35.97 -14.04
C LYS B 319 -19.73 -35.65 -15.50
N MET B 320 -19.20 -34.45 -15.73
CA MET B 320 -18.94 -34.02 -17.09
C MET B 320 -17.99 -34.97 -17.82
N ALA B 321 -16.92 -35.40 -17.15
CA ALA B 321 -15.96 -36.33 -17.73
C ALA B 321 -15.36 -35.73 -19.00
N PRO B 322 -14.41 -34.79 -18.87
CA PRO B 322 -13.85 -34.14 -20.06
C PRO B 322 -13.06 -35.11 -20.91
N PRO B 323 -12.96 -34.87 -22.22
CA PRO B 323 -12.19 -35.78 -23.09
C PRO B 323 -10.70 -35.76 -22.79
N ASP B 324 -10.05 -36.88 -23.12
CA ASP B 324 -8.61 -37.01 -22.90
C ASP B 324 -7.82 -36.19 -23.90
N LEU B 325 -7.50 -34.94 -23.57
CA LEU B 325 -6.72 -34.11 -24.48
C LEU B 325 -5.26 -34.16 -24.04
N PRO B 326 -4.37 -34.81 -24.79
CA PRO B 326 -2.94 -34.73 -24.44
C PRO B 326 -2.45 -33.30 -24.60
N HIS B 327 -1.60 -32.87 -23.67
CA HIS B 327 -1.00 -31.55 -23.75
C HIS B 327 0.49 -31.61 -23.47
N TRP B 328 0.93 -32.28 -22.42
CA TRP B 328 2.35 -32.52 -22.23
C TRP B 328 2.72 -33.91 -22.72
N GLN B 329 3.95 -34.06 -23.22
CA GLN B 329 4.52 -35.27 -23.83
C GLN B 329 3.98 -35.45 -25.24
N ASP B 330 3.19 -34.50 -25.75
CA ASP B 330 2.77 -34.57 -27.13
C ASP B 330 3.96 -34.33 -28.03
N CYS B 331 4.95 -33.62 -27.50
CA CYS B 331 6.21 -33.38 -28.21
C CYS B 331 7.01 -34.66 -28.36
N HIS B 332 7.32 -35.33 -27.26
CA HIS B 332 8.12 -36.56 -27.32
C HIS B 332 7.20 -37.79 -27.44
N THR C 24 -30.84 -7.68 -20.84
CA THR C 24 -31.18 -8.84 -21.65
C THR C 24 -31.93 -8.41 -22.92
N LYS C 25 -33.23 -8.11 -22.81
CA LYS C 25 -34.07 -7.67 -23.91
C LYS C 25 -34.65 -6.28 -23.71
N PRO C 26 -34.79 -5.49 -24.77
CA PRO C 26 -35.25 -4.10 -24.63
C PRO C 26 -36.76 -3.97 -24.46
N CYS C 27 -37.16 -2.83 -23.92
CA CYS C 27 -38.57 -2.51 -23.72
C CYS C 27 -39.09 -1.72 -24.92
N TRP C 28 -40.12 -2.24 -25.58
CA TRP C 28 -40.63 -1.62 -26.80
C TRP C 28 -42.03 -1.04 -26.66
N TYR C 29 -42.45 -0.70 -25.45
CA TYR C 29 -43.81 -0.19 -25.26
C TYR C 29 -43.74 1.08 -24.43
N TRP C 30 -44.44 2.11 -24.90
CA TRP C 30 -44.51 3.41 -24.25
C TRP C 30 -45.95 3.69 -23.84
N ASP C 31 -46.14 4.72 -23.02
CA ASP C 31 -47.47 5.20 -22.64
C ASP C 31 -47.97 6.25 -23.64
N LYS C 32 -49.29 6.30 -23.81
CA LYS C 32 -49.88 7.27 -24.74
C LYS C 32 -49.36 8.67 -24.48
N LYS C 33 -49.26 9.06 -23.21
CA LYS C 33 -48.79 10.40 -22.87
C LYS C 33 -47.39 10.66 -23.40
N ASP C 34 -46.59 9.61 -23.58
CA ASP C 34 -45.22 9.80 -24.02
C ASP C 34 -45.13 10.20 -25.49
N LEU C 35 -46.15 9.88 -26.29
CA LEU C 35 -46.10 10.19 -27.71
C LEU C 35 -46.15 11.68 -27.98
N ALA C 36 -46.47 12.50 -26.96
CA ALA C 36 -46.38 13.93 -27.09
C ALA C 36 -44.95 14.43 -27.18
N HIS C 37 -43.98 13.52 -27.02
CA HIS C 37 -42.57 13.89 -26.95
C HIS C 37 -41.72 13.02 -27.88
N THR C 38 -42.28 12.60 -29.01
CA THR C 38 -41.45 11.99 -30.03
C THR C 38 -40.57 13.07 -30.65
N PRO C 39 -39.42 12.71 -31.21
CA PRO C 39 -38.62 13.71 -31.93
C PRO C 39 -39.45 14.52 -32.91
N SER C 40 -40.35 13.85 -33.64
CA SER C 40 -41.17 14.54 -34.62
C SER C 40 -41.97 15.66 -33.97
N GLN C 41 -42.59 15.37 -32.83
CA GLN C 41 -43.37 16.38 -32.12
C GLN C 41 -42.51 17.56 -31.71
N LEU C 42 -41.31 17.30 -31.21
CA LEU C 42 -40.45 18.34 -30.67
C LEU C 42 -39.79 19.19 -31.75
N GLU C 43 -39.79 18.74 -32.99
CA GLU C 43 -39.34 19.55 -34.11
C GLU C 43 -40.49 20.34 -34.74
N GLY C 44 -41.64 20.43 -34.06
CA GLY C 44 -42.73 21.28 -34.48
C GLY C 44 -43.84 20.60 -35.24
N LEU C 45 -43.76 19.29 -35.47
CA LEU C 45 -44.84 18.56 -36.10
C LEU C 45 -45.98 18.38 -35.11
N ASP C 46 -47.21 18.61 -35.50
CA ASP C 46 -48.32 18.52 -34.57
C ASP C 46 -48.79 17.08 -34.48
N PRO C 47 -49.56 16.76 -33.43
CA PRO C 47 -49.97 15.36 -33.25
C PRO C 47 -50.72 14.80 -34.44
N ALA C 48 -51.62 15.59 -35.03
CA ALA C 48 -52.39 15.09 -36.17
C ALA C 48 -51.47 14.73 -37.32
N THR C 49 -50.48 15.59 -37.61
CA THR C 49 -49.60 15.34 -38.73
C THR C 49 -48.77 14.07 -38.52
N GLU C 50 -48.20 13.90 -37.32
CA GLU C 50 -47.43 12.68 -37.08
C GLU C 50 -48.31 11.45 -37.20
N ALA C 51 -49.54 11.52 -36.68
CA ALA C 51 -50.48 10.42 -36.84
C ALA C 51 -50.75 10.13 -38.30
N ARG C 52 -50.93 11.18 -39.11
CA ARG C 52 -51.14 10.99 -40.54
C ARG C 52 -49.91 10.33 -41.17
N TYR C 53 -48.72 10.82 -40.84
CA TYR C 53 -47.50 10.23 -41.38
C TYR C 53 -47.42 8.75 -41.03
N ARG C 54 -47.77 8.40 -39.80
CA ARG C 54 -47.71 6.99 -39.40
C ARG C 54 -48.69 6.15 -40.21
N ARG C 55 -49.92 6.64 -40.39
CA ARG C 55 -50.86 5.88 -41.22
C ARG C 55 -50.35 5.72 -42.63
N GLU C 56 -49.83 6.79 -43.23
CA GLU C 56 -49.37 6.73 -44.60
C GLU C 56 -48.17 5.82 -44.76
N GLY C 57 -47.20 5.90 -43.84
CA GLY C 57 -46.04 5.03 -43.94
C GLY C 57 -46.40 3.58 -43.76
N ALA C 58 -47.26 3.27 -42.79
CA ALA C 58 -47.68 1.90 -42.56
C ALA C 58 -48.44 1.36 -43.78
N ARG C 59 -49.43 2.13 -44.25
CA ARG C 59 -50.21 1.69 -45.40
C ARG C 59 -49.35 1.55 -46.64
N PHE C 60 -48.33 2.39 -46.78
CA PHE C 60 -47.35 2.22 -47.85
C PHE C 60 -46.64 0.88 -47.72
N ILE C 61 -46.17 0.56 -46.51
CA ILE C 61 -45.55 -0.74 -46.28
C ILE C 61 -46.53 -1.86 -46.61
N PHE C 62 -47.78 -1.73 -46.15
CA PHE C 62 -48.76 -2.79 -46.36
C PHE C 62 -49.03 -3.00 -47.84
N ASP C 63 -49.34 -1.92 -48.56
CA ASP C 63 -49.73 -2.03 -49.95
C ASP C 63 -48.58 -2.56 -50.81
N VAL C 64 -47.37 -2.04 -50.58
CA VAL C 64 -46.23 -2.50 -51.36
C VAL C 64 -46.02 -4.00 -51.18
N GLY C 65 -46.02 -4.46 -49.93
CA GLY C 65 -45.81 -5.88 -49.69
C GLY C 65 -46.94 -6.73 -50.20
N THR C 66 -48.17 -6.23 -50.17
CA THR C 66 -49.29 -6.97 -50.73
C THR C 66 -49.10 -7.19 -52.22
N ARG C 67 -48.67 -6.15 -52.94
CA ARG C 67 -48.38 -6.29 -54.36
C ARG C 67 -47.28 -7.32 -54.61
N LEU C 68 -46.28 -7.36 -53.72
CA LEU C 68 -45.18 -8.31 -53.84
C LEU C 68 -45.56 -9.72 -53.41
N GLY C 69 -46.76 -9.90 -52.85
CA GLY C 69 -47.18 -11.22 -52.42
C GLY C 69 -46.67 -11.62 -51.06
N LEU C 70 -46.42 -10.65 -50.17
CA LEU C 70 -45.78 -10.97 -48.91
C LEU C 70 -46.78 -11.41 -47.86
N HIS C 71 -46.34 -12.34 -47.03
CA HIS C 71 -47.08 -12.86 -45.89
C HIS C 71 -47.49 -11.73 -44.95
N TYR C 72 -48.58 -11.95 -44.22
CA TYR C 72 -49.08 -10.89 -43.34
C TYR C 72 -48.10 -10.59 -42.21
N ASP C 73 -47.39 -11.61 -41.71
CA ASP C 73 -46.39 -11.36 -40.67
C ASP C 73 -45.27 -10.47 -41.20
N THR C 74 -44.88 -10.66 -42.45
CA THR C 74 -43.82 -9.83 -43.01
C THR C 74 -44.25 -8.38 -43.10
N LEU C 75 -45.50 -8.14 -43.52
CA LEU C 75 -46.01 -6.77 -43.57
C LEU C 75 -46.01 -6.15 -42.19
N ALA C 76 -46.50 -6.90 -41.20
CA ALA C 76 -46.61 -6.36 -39.83
C ALA C 76 -45.23 -6.10 -39.23
N THR C 77 -44.29 -7.04 -39.42
CA THR C 77 -42.96 -6.83 -38.87
C THR C 77 -42.36 -5.53 -39.36
N GLY C 78 -42.46 -5.27 -40.67
CA GLY C 78 -41.99 -4.01 -41.19
C GLY C 78 -42.66 -2.83 -40.51
N ILE C 79 -43.98 -2.92 -40.30
CA ILE C 79 -44.69 -1.81 -39.68
C ILE C 79 -44.22 -1.60 -38.25
N ILE C 80 -43.95 -2.69 -37.51
CA ILE C 80 -43.53 -2.52 -36.13
C ILE C 80 -42.15 -1.89 -36.08
N TYR C 81 -41.26 -2.30 -37.00
CA TYR C 81 -39.98 -1.61 -37.16
C TYR C 81 -40.20 -0.13 -37.47
N PHE C 82 -41.07 0.15 -38.45
CA PHE C 82 -41.34 1.53 -38.84
C PHE C 82 -41.85 2.34 -37.66
N HIS C 83 -42.87 1.83 -36.96
CA HIS C 83 -43.41 2.54 -35.80
C HIS C 83 -42.35 2.74 -34.73
N ARG C 84 -41.55 1.71 -34.44
CA ARG C 84 -40.50 1.87 -33.46
C ARG C 84 -39.48 2.92 -33.92
N PHE C 85 -39.13 2.89 -35.21
CA PHE C 85 -38.11 3.80 -35.73
C PHE C 85 -38.41 5.26 -35.39
N TYR C 86 -39.64 5.69 -35.61
CA TYR C 86 -40.00 7.09 -35.40
C TYR C 86 -40.36 7.41 -33.96
N MET C 87 -40.02 6.49 -33.06
CA MET C 87 -39.91 6.78 -31.64
C MET C 87 -38.53 7.25 -31.24
N PHE C 88 -37.55 7.16 -32.14
CA PHE C 88 -36.19 7.61 -31.91
C PHE C 88 -35.73 8.68 -32.88
N HIS C 89 -36.48 8.95 -33.94
CA HIS C 89 -36.07 9.88 -34.99
C HIS C 89 -37.26 10.74 -35.37
N SER C 90 -36.97 11.80 -36.11
CA SER C 90 -38.00 12.74 -36.57
C SER C 90 -38.40 12.47 -38.01
N PHE C 91 -39.69 12.61 -38.30
CA PHE C 91 -40.16 12.49 -39.67
C PHE C 91 -39.57 13.57 -40.59
N LYS C 92 -39.14 14.71 -40.04
CA LYS C 92 -38.61 15.77 -40.88
C LYS C 92 -37.20 15.50 -41.38
N GLN C 93 -36.45 14.60 -40.74
CA GLN C 93 -35.11 14.26 -41.17
C GLN C 93 -35.00 12.90 -41.84
N PHE C 94 -36.00 12.05 -41.71
CA PHE C 94 -36.01 10.74 -42.35
C PHE C 94 -37.29 10.57 -43.15
N PRO C 95 -37.23 10.75 -44.47
CA PRO C 95 -38.44 10.61 -45.30
C PRO C 95 -39.12 9.26 -45.09
N ARG C 96 -40.43 9.30 -44.89
CA ARG C 96 -41.13 8.15 -44.33
C ARG C 96 -41.19 6.99 -45.32
N TYR C 97 -41.37 7.27 -46.61
CA TYR C 97 -41.53 6.18 -47.56
C TYR C 97 -40.21 5.47 -47.83
N VAL C 98 -39.09 6.17 -47.66
CA VAL C 98 -37.79 5.49 -47.69
C VAL C 98 -37.67 4.58 -46.47
N THR C 99 -37.96 5.12 -45.29
CA THR C 99 -37.96 4.32 -44.08
C THR C 99 -38.87 3.11 -44.24
N GLY C 100 -40.09 3.32 -44.69
CA GLY C 100 -41.01 2.22 -44.91
C GLY C 100 -40.41 1.15 -45.81
N ALA C 101 -39.90 1.57 -46.97
CA ALA C 101 -39.31 0.60 -47.90
C ALA C 101 -38.18 -0.17 -47.25
N CYS C 102 -37.34 0.50 -46.47
CA CYS C 102 -36.24 -0.18 -45.78
C CYS C 102 -36.77 -1.18 -44.77
N CYS C 103 -37.76 -0.79 -43.97
CA CYS C 103 -38.32 -1.70 -42.98
C CYS C 103 -38.83 -2.97 -43.66
N LEU C 104 -39.61 -2.80 -44.73
CA LEU C 104 -40.13 -3.96 -45.44
C LEU C 104 -39.00 -4.82 -45.97
N PHE C 105 -37.96 -4.18 -46.51
CA PHE C 105 -36.81 -4.92 -47.03
C PHE C 105 -36.17 -5.79 -45.94
N LEU C 106 -35.93 -5.20 -44.76
CA LEU C 106 -35.36 -5.98 -43.67
C LEU C 106 -36.34 -7.02 -43.16
N ALA C 107 -37.60 -6.62 -42.98
CA ALA C 107 -38.62 -7.55 -42.51
C ALA C 107 -38.65 -8.80 -43.38
N GLY C 108 -38.53 -8.63 -44.70
CA GLY C 108 -38.52 -9.78 -45.58
C GLY C 108 -37.40 -10.74 -45.24
N LYS C 109 -36.21 -10.21 -44.93
CA LYS C 109 -35.12 -11.09 -44.52
C LYS C 109 -35.36 -11.70 -43.15
N VAL C 110 -35.91 -10.92 -42.21
CA VAL C 110 -36.12 -11.44 -40.86
C VAL C 110 -37.12 -12.57 -40.89
N GLU C 111 -38.23 -12.39 -41.59
CA GLU C 111 -39.33 -13.35 -41.60
C GLU C 111 -39.18 -14.42 -42.69
N GLU C 112 -38.03 -14.47 -43.38
CA GLU C 112 -37.74 -15.48 -44.41
C GLU C 112 -38.72 -15.40 -45.58
N THR C 113 -39.10 -14.19 -45.95
CA THR C 113 -39.86 -13.93 -47.17
C THR C 113 -39.12 -12.86 -47.97
N PRO C 114 -37.88 -13.15 -48.37
CA PRO C 114 -37.00 -12.08 -48.86
C PRO C 114 -37.42 -11.54 -50.21
N LYS C 115 -37.10 -10.26 -50.43
CA LYS C 115 -37.28 -9.61 -51.71
C LYS C 115 -36.03 -8.81 -52.04
N LYS C 116 -35.76 -8.65 -53.33
CA LYS C 116 -34.64 -7.82 -53.75
C LYS C 116 -35.03 -6.36 -53.62
N CYS C 117 -34.08 -5.55 -53.14
CA CYS C 117 -34.40 -4.14 -52.93
C CYS C 117 -34.90 -3.47 -54.21
N LYS C 118 -34.31 -3.84 -55.36
CA LYS C 118 -34.76 -3.26 -56.62
C LYS C 118 -36.25 -3.53 -56.85
N ASP C 119 -36.73 -4.71 -56.43
CA ASP C 119 -38.14 -5.03 -56.63
C ASP C 119 -39.04 -4.22 -55.69
N ILE C 120 -38.57 -3.92 -54.48
CA ILE C 120 -39.34 -3.04 -53.60
C ILE C 120 -39.40 -1.63 -54.19
N ILE C 121 -38.29 -1.14 -54.72
CA ILE C 121 -38.28 0.18 -55.33
C ILE C 121 -39.25 0.20 -56.51
N LYS C 122 -39.22 -0.85 -57.34
CA LYS C 122 -40.12 -0.92 -58.49
C LYS C 122 -41.57 -0.77 -58.06
N THR C 123 -41.99 -1.56 -57.08
CA THR C 123 -43.37 -1.48 -56.61
C THR C 123 -43.64 -0.12 -56.00
N ALA C 124 -42.67 0.44 -55.28
CA ALA C 124 -42.84 1.76 -54.69
C ALA C 124 -43.12 2.80 -55.77
N ARG C 125 -42.43 2.70 -56.90
CA ARG C 125 -42.63 3.69 -57.96
C ARG C 125 -44.06 3.63 -58.48
N SER C 126 -44.61 2.42 -58.63
CA SER C 126 -45.96 2.28 -59.13
C SER C 126 -46.98 2.92 -58.20
N LEU C 127 -46.77 2.77 -56.89
CA LEU C 127 -47.77 3.20 -55.93
C LEU C 127 -47.59 4.65 -55.50
N LEU C 128 -46.43 5.24 -55.74
CA LEU C 128 -46.13 6.59 -55.26
C LEU C 128 -46.16 7.57 -56.42
N ASN C 129 -46.64 8.79 -56.14
CA ASN C 129 -46.63 9.85 -57.13
C ASN C 129 -45.22 10.46 -57.18
N ASP C 130 -45.02 11.34 -58.16
CA ASP C 130 -43.67 11.81 -58.42
C ASP C 130 -43.11 12.58 -57.24
N VAL C 131 -43.95 13.39 -56.56
CA VAL C 131 -43.47 14.13 -55.39
C VAL C 131 -43.00 13.18 -54.31
N GLN C 132 -43.80 12.14 -54.04
CA GLN C 132 -43.46 11.20 -52.98
C GLN C 132 -42.20 10.42 -53.33
N PHE C 133 -42.11 9.93 -54.57
CA PHE C 133 -40.92 9.19 -54.97
C PHE C 133 -39.69 10.11 -54.98
N GLY C 134 -39.89 11.43 -54.95
CA GLY C 134 -38.77 12.33 -54.79
C GLY C 134 -37.99 12.10 -53.50
N GLN C 135 -38.67 11.64 -52.45
CA GLN C 135 -37.98 11.32 -51.19
C GLN C 135 -36.85 10.34 -51.42
N PHE C 136 -36.98 9.42 -52.38
CA PHE C 136 -35.94 8.44 -52.66
C PHE C 136 -34.74 9.06 -53.36
N GLY C 137 -34.82 10.34 -53.69
CA GLY C 137 -33.70 11.06 -54.25
C GLY C 137 -33.30 10.53 -55.61
N ASP C 138 -32.05 10.80 -55.97
CA ASP C 138 -31.58 10.49 -57.30
C ASP C 138 -31.33 9.00 -57.47
N ASP C 139 -31.02 8.30 -56.39
CA ASP C 139 -30.74 6.86 -56.42
C ASP C 139 -31.61 6.19 -55.36
N PRO C 140 -32.80 5.74 -55.74
CA PRO C 140 -33.69 5.13 -54.72
C PRO C 140 -33.10 3.92 -54.01
N LYS C 141 -32.56 2.95 -54.76
CA LYS C 141 -32.07 1.74 -54.11
C LYS C 141 -31.00 2.06 -53.09
N GLU C 142 -30.08 2.96 -53.42
CA GLU C 142 -29.00 3.29 -52.50
C GLU C 142 -29.53 3.91 -51.21
N GLU C 143 -30.44 4.86 -51.31
CA GLU C 143 -30.94 5.53 -50.10
C GLU C 143 -31.56 4.52 -49.13
N VAL C 144 -32.24 3.49 -49.67
CA VAL C 144 -32.85 2.48 -48.81
C VAL C 144 -31.77 1.59 -48.20
N MET C 145 -30.84 1.11 -49.03
CA MET C 145 -29.80 0.20 -48.53
C MET C 145 -28.97 0.86 -47.44
N VAL C 146 -28.69 2.16 -47.59
CA VAL C 146 -27.88 2.88 -46.61
C VAL C 146 -28.58 2.90 -45.26
N LEU C 147 -29.90 3.04 -45.28
CA LEU C 147 -30.68 3.20 -44.05
C LEU C 147 -30.68 1.93 -43.23
N GLU C 148 -30.42 0.78 -43.85
CA GLU C 148 -30.45 -0.48 -43.11
C GLU C 148 -29.57 -0.42 -41.87
N ARG C 149 -28.40 0.20 -41.99
CA ARG C 149 -27.51 0.32 -40.83
C ARG C 149 -28.21 1.04 -39.68
N ILE C 150 -28.86 2.16 -40.00
CA ILE C 150 -29.51 2.95 -38.95
C ILE C 150 -30.70 2.18 -38.38
N LEU C 151 -31.48 1.54 -39.26
CA LEU C 151 -32.63 0.77 -38.80
C LEU C 151 -32.22 -0.28 -37.78
N LEU C 152 -31.20 -1.09 -38.11
CA LEU C 152 -30.77 -2.15 -37.21
C LEU C 152 -30.33 -1.59 -35.86
N GLN C 153 -29.55 -0.51 -35.87
CA GLN C 153 -29.12 0.09 -34.60
C GLN C 153 -30.32 0.66 -33.84
N THR C 154 -31.31 1.19 -34.55
CA THR C 154 -32.47 1.77 -33.89
C THR C 154 -33.27 0.69 -33.15
N ILE C 155 -33.54 -0.43 -33.82
CA ILE C 155 -34.32 -1.51 -33.20
C ILE C 155 -33.43 -2.36 -32.32
N LYS C 156 -32.20 -1.91 -32.09
CA LYS C 156 -31.30 -2.56 -31.13
C LYS C 156 -31.13 -4.05 -31.45
N PHE C 157 -31.18 -4.38 -32.73
CA PHE C 157 -31.04 -5.73 -33.23
C PHE C 157 -32.02 -6.73 -32.61
N ASP C 158 -33.15 -6.25 -32.09
CA ASP C 158 -34.22 -7.14 -31.62
C ASP C 158 -35.16 -7.39 -32.79
N LEU C 159 -34.86 -8.44 -33.56
CA LEU C 159 -35.54 -8.68 -34.82
C LEU C 159 -36.80 -9.53 -34.67
N GLN C 160 -36.87 -10.36 -33.63
CA GLN C 160 -38.03 -11.23 -33.43
C GLN C 160 -39.19 -10.40 -32.94
N VAL C 161 -40.33 -10.50 -33.62
CA VAL C 161 -41.53 -9.75 -33.25
C VAL C 161 -42.72 -10.70 -33.31
N GLU C 162 -43.60 -10.57 -32.33
CA GLU C 162 -44.85 -11.32 -32.26
C GLU C 162 -45.98 -10.36 -32.63
N HIS C 163 -47.02 -10.89 -33.26
CA HIS C 163 -48.08 -10.05 -33.79
C HIS C 163 -49.43 -10.54 -33.30
N PRO C 164 -50.43 -9.64 -33.22
CA PRO C 164 -51.75 -10.05 -32.74
C PRO C 164 -52.34 -11.25 -33.47
N TYR C 165 -51.91 -11.49 -34.71
CA TYR C 165 -52.54 -12.55 -35.50
C TYR C 165 -52.39 -13.91 -34.83
N GLN C 166 -51.17 -14.28 -34.41
CA GLN C 166 -50.98 -15.62 -33.87
C GLN C 166 -51.86 -15.85 -32.65
N PHE C 167 -52.04 -14.81 -31.82
CA PHE C 167 -52.83 -14.95 -30.61
C PHE C 167 -54.33 -14.98 -30.92
N LEU C 168 -54.76 -14.23 -31.93
CA LEU C 168 -56.14 -14.32 -32.37
C LEU C 168 -56.51 -15.75 -32.75
N LEU C 169 -55.58 -16.47 -33.39
CA LEU C 169 -55.84 -17.83 -33.81
C LEU C 169 -55.62 -18.83 -32.66
N LYS C 170 -54.66 -18.57 -31.78
CA LYS C 170 -54.45 -19.49 -30.66
C LYS C 170 -55.64 -19.45 -29.72
N TYR C 171 -56.16 -18.25 -29.45
CA TYR C 171 -57.32 -18.10 -28.56
C TYR C 171 -58.60 -18.58 -29.24
N ALA C 172 -58.78 -18.27 -30.52
CA ALA C 172 -59.99 -18.69 -31.21
C ALA C 172 -60.10 -20.21 -31.28
N LYS C 173 -58.96 -20.90 -31.38
CA LYS C 173 -59.00 -22.36 -31.45
C LYS C 173 -59.59 -22.98 -30.19
N GLN C 174 -59.49 -22.30 -29.05
CA GLN C 174 -60.02 -22.81 -27.80
C GLN C 174 -61.51 -22.52 -27.64
N LEU C 175 -62.08 -21.69 -28.51
CA LEU C 175 -63.52 -21.45 -28.51
C LEU C 175 -64.23 -22.61 -29.20
N LYS C 176 -65.31 -23.10 -28.59
CA LYS C 176 -66.12 -24.17 -29.17
C LYS C 176 -67.59 -23.75 -29.17
N GLY C 177 -68.22 -23.86 -30.32
CA GLY C 177 -69.59 -23.42 -30.48
C GLY C 177 -69.95 -23.34 -31.96
N ASP C 178 -70.90 -22.46 -32.26
CA ASP C 178 -71.33 -22.26 -33.64
C ASP C 178 -70.14 -21.92 -34.53
N LYS C 179 -69.85 -22.82 -35.49
CA LYS C 179 -68.72 -22.60 -36.38
C LYS C 179 -68.80 -21.25 -37.07
N ASN C 180 -70.00 -20.85 -37.48
CA ASN C 180 -70.19 -19.65 -38.28
C ASN C 180 -70.12 -18.36 -37.47
N LYS C 181 -70.55 -18.39 -36.21
CA LYS C 181 -70.43 -17.19 -35.39
C LYS C 181 -68.98 -16.93 -34.98
N ILE C 182 -68.23 -17.99 -34.68
CA ILE C 182 -66.82 -17.83 -34.33
C ILE C 182 -66.00 -17.37 -35.53
N GLN C 183 -66.29 -17.88 -36.73
CA GLN C 183 -65.52 -17.44 -37.89
C GLN C 183 -65.81 -15.98 -38.22
N LYS C 184 -67.07 -15.54 -38.05
CA LYS C 184 -67.36 -14.12 -38.20
C LYS C 184 -66.60 -13.27 -37.18
N LEU C 185 -66.50 -13.75 -35.94
CA LEU C 185 -65.72 -13.04 -34.94
C LEU C 185 -64.26 -12.94 -35.37
N VAL C 186 -63.68 -14.06 -35.80
CA VAL C 186 -62.27 -14.05 -36.16
C VAL C 186 -62.00 -13.09 -37.31
N GLN C 187 -62.78 -13.19 -38.39
CA GLN C 187 -62.51 -12.31 -39.53
C GLN C 187 -62.70 -10.84 -39.16
N MET C 188 -63.75 -10.53 -38.42
CA MET C 188 -63.94 -9.15 -38.01
C MET C 188 -62.77 -8.68 -37.15
N ALA C 189 -62.33 -9.53 -36.21
CA ALA C 189 -61.18 -9.20 -35.39
C ALA C 189 -59.92 -9.07 -36.23
N TRP C 190 -59.74 -9.97 -37.21
CA TRP C 190 -58.58 -9.87 -38.09
C TRP C 190 -58.51 -8.52 -38.78
N THR C 191 -59.65 -8.04 -39.31
CA THR C 191 -59.66 -6.74 -39.97
C THR C 191 -59.28 -5.63 -39.01
N PHE C 192 -59.68 -5.74 -37.73
CA PHE C 192 -59.27 -4.75 -36.74
C PHE C 192 -57.76 -4.79 -36.51
N VAL C 193 -57.17 -5.99 -36.47
CA VAL C 193 -55.73 -6.09 -36.28
C VAL C 193 -55.00 -5.37 -37.40
N ASN C 194 -55.41 -5.62 -38.65
CA ASN C 194 -54.78 -4.94 -39.77
C ASN C 194 -54.85 -3.43 -39.61
N ASP C 195 -55.98 -2.94 -39.08
CA ASP C 195 -56.18 -1.52 -38.90
C ASP C 195 -55.40 -0.98 -37.71
N SER C 196 -55.18 -1.79 -36.69
CA SER C 196 -54.40 -1.34 -35.54
C SER C 196 -52.94 -1.12 -35.91
N LEU C 197 -52.47 -1.73 -37.00
CA LEU C 197 -51.10 -1.52 -37.44
C LEU C 197 -50.86 -0.10 -37.91
N CYS C 198 -51.91 0.59 -38.36
CA CYS C 198 -51.80 1.99 -38.76
C CYS C 198 -51.72 2.95 -37.58
N THR C 199 -51.79 2.43 -36.35
CA THR C 199 -51.86 3.23 -35.15
C THR C 199 -50.64 2.97 -34.28
N THR C 200 -50.54 3.77 -33.23
CA THR C 200 -49.47 3.64 -32.25
C THR C 200 -49.77 2.61 -31.17
N LEU C 201 -50.89 1.88 -31.30
CA LEU C 201 -51.18 0.82 -30.35
C LEU C 201 -50.08 -0.23 -30.33
N SER C 202 -49.50 -0.52 -31.50
CA SER C 202 -48.40 -1.47 -31.59
C SER C 202 -47.27 -1.12 -30.62
N LEU C 203 -47.17 0.15 -30.26
CA LEU C 203 -46.12 0.65 -29.39
C LEU C 203 -46.59 0.82 -27.95
N GLN C 204 -47.87 0.58 -27.67
CA GLN C 204 -48.42 0.75 -26.33
C GLN C 204 -48.74 -0.54 -25.61
N TRP C 205 -49.23 -1.55 -26.30
CA TRP C 205 -49.73 -2.77 -25.65
C TRP C 205 -49.16 -3.97 -26.39
N GLU C 206 -48.80 -5.00 -25.63
CA GLU C 206 -48.29 -6.23 -26.20
C GLU C 206 -49.28 -6.81 -27.20
N PRO C 207 -48.80 -7.59 -28.18
CA PRO C 207 -49.74 -8.18 -29.16
C PRO C 207 -50.80 -9.06 -28.53
N GLU C 208 -50.47 -9.78 -27.47
CA GLU C 208 -51.47 -10.62 -26.82
C GLU C 208 -52.70 -9.80 -26.42
N ILE C 209 -52.47 -8.61 -25.86
CA ILE C 209 -53.58 -7.74 -25.47
C ILE C 209 -54.35 -7.27 -26.69
N ILE C 210 -53.63 -6.95 -27.77
CA ILE C 210 -54.30 -6.50 -29.00
C ILE C 210 -55.25 -7.58 -29.51
N ALA C 211 -54.80 -8.83 -29.54
CA ALA C 211 -55.65 -9.92 -30.03
C ALA C 211 -56.91 -10.02 -29.19
N VAL C 212 -56.78 -9.92 -27.86
CA VAL C 212 -57.96 -9.96 -27.00
C VAL C 212 -58.86 -8.76 -27.27
N ALA C 213 -58.27 -7.57 -27.37
CA ALA C 213 -59.06 -6.37 -27.56
C ALA C 213 -59.91 -6.48 -28.83
N VAL C 214 -59.33 -7.03 -29.90
CA VAL C 214 -60.08 -7.13 -31.15
C VAL C 214 -61.17 -8.21 -31.07
N MET C 215 -60.90 -9.31 -30.34
CA MET C 215 -61.97 -10.28 -30.08
C MET C 215 -63.10 -9.62 -29.29
N TYR C 216 -62.74 -8.88 -28.25
CA TYR C 216 -63.69 -8.12 -27.44
C TYR C 216 -64.50 -7.15 -28.28
N LEU C 217 -63.83 -6.39 -29.15
CA LEU C 217 -64.53 -5.44 -30.01
C LEU C 217 -65.49 -6.15 -30.96
N ALA C 218 -64.98 -7.15 -31.69
CA ALA C 218 -65.86 -7.90 -32.59
C ALA C 218 -67.04 -8.48 -31.84
N GLY C 219 -66.82 -8.93 -30.61
CA GLY C 219 -67.92 -9.46 -29.82
C GLY C 219 -69.00 -8.44 -29.51
N ARG C 220 -68.59 -7.25 -29.05
CA ARG C 220 -69.59 -6.23 -28.73
C ARG C 220 -70.43 -5.90 -29.95
N LEU C 221 -69.77 -5.70 -31.09
CA LEU C 221 -70.51 -5.34 -32.31
C LEU C 221 -71.39 -6.48 -32.80
N CYS C 222 -70.93 -7.72 -32.68
CA CYS C 222 -71.71 -8.85 -33.17
C CYS C 222 -72.73 -9.38 -32.15
N LYS C 223 -72.87 -8.72 -31.00
CA LYS C 223 -73.81 -9.16 -29.96
C LYS C 223 -73.59 -10.64 -29.61
N PHE C 224 -72.32 -11.04 -29.54
CA PHE C 224 -71.92 -12.37 -29.12
C PHE C 224 -71.47 -12.32 -27.65
N GLU C 225 -71.71 -13.39 -26.91
CA GLU C 225 -71.19 -13.53 -25.55
C GLU C 225 -70.13 -14.63 -25.54
N ILE C 226 -68.88 -14.22 -25.68
CA ILE C 226 -67.75 -15.14 -25.90
C ILE C 226 -67.54 -16.09 -24.72
N GLN C 227 -67.94 -15.71 -23.52
CA GLN C 227 -67.68 -16.60 -22.38
C GLN C 227 -68.33 -17.96 -22.61
N GLU C 228 -69.47 -17.99 -23.31
CA GLU C 228 -70.16 -19.26 -23.52
C GLU C 228 -69.32 -20.24 -24.32
N TRP C 229 -68.46 -19.74 -25.20
CA TRP C 229 -67.60 -20.60 -26.00
C TRP C 229 -66.36 -21.09 -25.25
N THR C 230 -66.07 -20.54 -24.07
CA THR C 230 -64.87 -20.92 -23.35
C THR C 230 -65.10 -22.18 -22.51
N SER C 231 -63.99 -22.72 -21.97
CA SER C 231 -64.10 -23.83 -21.04
C SER C 231 -64.71 -23.40 -19.70
N LYS C 232 -64.75 -22.09 -19.43
CA LYS C 232 -65.32 -21.55 -18.19
C LYS C 232 -66.50 -20.65 -18.55
N PRO C 233 -67.64 -21.25 -18.90
CA PRO C 233 -68.76 -20.45 -19.46
C PRO C 233 -69.41 -19.50 -18.46
N MET C 234 -69.15 -19.63 -17.17
CA MET C 234 -69.72 -18.72 -16.17
C MET C 234 -68.67 -17.74 -15.66
N TYR C 235 -67.55 -17.66 -16.35
CA TYR C 235 -66.47 -16.69 -16.13
C TYR C 235 -66.70 -15.53 -17.11
N ARG C 236 -67.40 -14.50 -16.63
CA ARG C 236 -67.84 -13.44 -17.53
C ARG C 236 -66.67 -12.64 -18.13
N ARG C 237 -65.56 -12.50 -17.41
CA ARG C 237 -64.36 -11.88 -17.99
C ARG C 237 -63.58 -12.97 -18.71
N TRP C 238 -64.07 -13.31 -19.91
CA TRP C 238 -63.57 -14.48 -20.60
C TRP C 238 -62.09 -14.38 -20.92
N TRP C 239 -61.58 -13.17 -21.16
CA TRP C 239 -60.20 -13.04 -21.63
C TRP C 239 -59.19 -13.46 -20.55
N GLU C 240 -59.53 -13.31 -19.28
CA GLU C 240 -58.51 -13.53 -18.23
C GLU C 240 -57.87 -14.90 -18.26
N GLN C 241 -58.51 -15.90 -18.88
CA GLN C 241 -57.87 -17.20 -19.05
C GLN C 241 -56.86 -17.20 -20.19
N PHE C 242 -56.90 -16.19 -21.07
CA PHE C 242 -55.93 -16.06 -22.14
C PHE C 242 -54.81 -15.08 -21.79
N VAL C 243 -55.18 -13.91 -21.28
CA VAL C 243 -54.23 -12.84 -20.96
C VAL C 243 -54.46 -12.43 -19.51
N GLN C 244 -53.51 -12.75 -18.65
CA GLN C 244 -53.63 -12.42 -17.24
C GLN C 244 -53.39 -10.94 -17.02
N ASP C 245 -54.10 -10.38 -16.05
CA ASP C 245 -53.86 -9.03 -15.54
C ASP C 245 -54.27 -7.94 -16.54
N VAL C 246 -55.34 -8.16 -17.31
CA VAL C 246 -55.74 -7.13 -18.25
C VAL C 246 -57.06 -6.54 -17.78
N PRO C 247 -57.09 -5.27 -17.37
CA PRO C 247 -58.34 -4.63 -17.02
C PRO C 247 -59.14 -4.29 -18.28
N VAL C 248 -60.45 -4.17 -18.08
CA VAL C 248 -61.29 -3.71 -19.17
C VAL C 248 -60.86 -2.31 -19.60
N ASP C 249 -60.39 -1.51 -18.62
CA ASP C 249 -59.89 -0.18 -18.95
C ASP C 249 -59.02 -0.22 -20.20
N VAL C 250 -58.13 -1.20 -20.26
CA VAL C 250 -57.22 -1.32 -21.38
C VAL C 250 -57.97 -1.71 -22.65
N LEU C 251 -58.80 -2.76 -22.55
CA LEU C 251 -59.53 -3.21 -23.73
C LEU C 251 -60.42 -2.11 -24.31
N GLU C 252 -61.05 -1.32 -23.44
CA GLU C 252 -61.88 -0.23 -23.92
C GLU C 252 -61.04 0.87 -24.56
N ASP C 253 -59.91 1.21 -23.95
CA ASP C 253 -59.01 2.19 -24.54
C ASP C 253 -58.59 1.75 -25.94
N ILE C 254 -58.26 0.47 -26.10
CA ILE C 254 -57.86 -0.03 -27.42
C ILE C 254 -59.04 0.05 -28.38
N CYS C 255 -60.22 -0.42 -27.95
CA CYS C 255 -61.38 -0.37 -28.83
C CYS C 255 -61.69 1.06 -29.28
N HIS C 256 -61.61 2.01 -28.34
CA HIS C 256 -61.86 3.41 -28.68
C HIS C 256 -60.94 3.88 -29.79
N GLN C 257 -59.65 3.55 -29.68
CA GLN C 257 -58.68 3.99 -30.68
C GLN C 257 -58.96 3.38 -32.05
N ILE C 258 -59.30 2.09 -32.10
CA ILE C 258 -59.59 1.49 -33.41
C ILE C 258 -60.84 2.10 -34.02
N LEU C 259 -61.90 2.24 -33.22
CA LEU C 259 -63.15 2.77 -33.77
C LEU C 259 -63.02 4.24 -34.19
N ASP C 260 -62.16 5.01 -33.52
CA ASP C 260 -61.97 6.40 -33.94
C ASP C 260 -61.41 6.46 -35.35
N LEU C 261 -60.58 5.48 -35.71
CA LEU C 261 -60.02 5.42 -37.06
C LEU C 261 -61.12 5.18 -38.08
N TYR C 262 -62.14 4.40 -37.71
CA TYR C 262 -63.26 4.15 -38.61
C TYR C 262 -64.18 5.37 -38.70
N SER C 263 -64.37 6.10 -37.60
CA SER C 263 -65.26 7.27 -37.63
C SER C 263 -64.67 8.40 -38.46
N GLN C 264 -63.38 8.72 -38.25
CA GLN C 264 -62.75 9.80 -39.01
C GLN C 264 -62.72 9.44 -40.49
N GLY C 265 -62.37 8.19 -40.81
CA GLY C 265 -62.35 7.76 -42.19
C GLY C 265 -63.76 7.49 -42.69
N LYS C 266 -63.88 7.29 -44.00
CA LYS C 266 -65.18 7.00 -44.59
C LYS C 266 -65.68 5.60 -44.23
N GLN C 267 -64.77 4.65 -44.09
CA GLN C 267 -65.14 3.25 -43.87
C GLN C 267 -65.89 3.07 -42.55
N GLN C 268 -66.85 2.14 -42.54
CA GLN C 268 -67.66 1.79 -41.38
C GLN C 268 -67.31 0.36 -40.94
N MET C 269 -67.79 -0.01 -39.76
CA MET C 269 -67.41 -1.28 -39.15
C MET C 269 -67.55 -2.44 -40.14
N PRO C 270 -66.61 -3.39 -40.15
CA PRO C 270 -66.60 -4.42 -41.21
C PRO C 270 -67.86 -5.26 -41.39
N HIS C 271 -68.48 -5.73 -40.31
CA HIS C 271 -69.61 -6.67 -40.41
C HIS C 271 -69.54 -7.56 -41.66
N MET D 5 -12.25 62.61 -3.64
CA MET D 5 -13.53 62.28 -4.35
C MET D 5 -13.25 62.13 -5.84
N SER D 6 -14.16 61.45 -6.54
CA SER D 6 -14.04 61.19 -7.97
C SER D 6 -15.21 61.85 -8.68
N TYR D 7 -14.96 62.27 -9.93
CA TYR D 7 -15.92 63.05 -10.68
C TYR D 7 -16.14 62.40 -12.04
N ASN D 8 -17.40 62.13 -12.37
CA ASN D 8 -17.73 61.39 -13.57
C ASN D 8 -19.02 61.92 -14.18
N TYR D 9 -19.23 61.53 -15.44
CA TYR D 9 -20.28 62.03 -16.32
C TYR D 9 -20.88 60.81 -17.00
N VAL D 10 -22.21 60.70 -16.98
CA VAL D 10 -22.90 59.54 -17.53
C VAL D 10 -23.93 60.00 -18.56
N VAL D 11 -23.87 59.43 -19.77
CA VAL D 11 -24.79 59.78 -20.85
C VAL D 11 -25.36 58.53 -21.51
N THR D 12 -26.50 58.73 -22.17
CA THR D 12 -27.16 57.67 -22.92
C THR D 12 -26.73 57.74 -24.39
N ALA D 13 -26.07 56.67 -24.87
CA ALA D 13 -25.69 56.60 -26.28
C ALA D 13 -26.85 56.05 -27.12
N GLN D 14 -27.51 55.00 -26.64
CA GLN D 14 -28.70 54.45 -27.28
C GLN D 14 -29.79 54.33 -26.23
N LYS D 15 -30.96 54.89 -26.51
CA LYS D 15 -32.04 54.85 -25.54
C LYS D 15 -32.57 53.43 -25.38
N PRO D 16 -33.30 53.17 -24.30
CA PRO D 16 -33.89 51.83 -24.12
C PRO D 16 -34.74 51.43 -25.31
N THR D 17 -34.56 50.18 -25.75
CA THR D 17 -35.28 49.68 -26.92
C THR D 17 -36.29 48.61 -26.58
N ALA D 18 -36.21 48.00 -25.40
CA ALA D 18 -37.12 46.93 -25.00
C ALA D 18 -38.48 47.48 -24.61
N VAL D 19 -39.53 46.77 -25.02
CA VAL D 19 -40.90 47.15 -24.71
C VAL D 19 -41.29 46.53 -23.37
N ASN D 20 -41.60 47.40 -22.40
CA ASN D 20 -42.00 46.94 -21.07
C ASN D 20 -43.51 46.88 -20.90
N GLY D 21 -44.26 47.67 -21.68
CA GLY D 21 -45.71 47.59 -21.69
C GLY D 21 -46.27 48.49 -22.76
N CYS D 22 -47.50 48.20 -23.18
CA CYS D 22 -48.14 49.02 -24.20
C CYS D 22 -49.65 48.96 -24.06
N VAL D 23 -50.30 50.12 -24.27
CA VAL D 23 -51.74 50.26 -24.13
C VAL D 23 -52.29 50.94 -25.38
N THR D 24 -53.61 50.81 -25.57
CA THR D 24 -54.31 51.52 -26.62
C THR D 24 -55.45 52.34 -26.01
N GLY D 25 -55.86 53.38 -26.72
CA GLY D 25 -56.93 54.23 -26.23
C GLY D 25 -57.02 55.51 -27.04
N HIS D 26 -57.61 56.54 -26.41
CA HIS D 26 -57.92 57.81 -27.06
C HIS D 26 -57.36 58.96 -26.22
N PHE D 27 -56.04 59.12 -26.26
CA PHE D 27 -55.30 60.01 -25.38
C PHE D 27 -55.08 61.38 -26.00
N THR D 28 -54.67 61.45 -27.26
CA THR D 28 -54.37 62.74 -27.87
C THR D 28 -55.63 63.47 -28.31
N SER D 29 -56.62 62.73 -28.80
CA SER D 29 -57.89 63.29 -29.22
C SER D 29 -58.94 62.21 -29.05
N ALA D 30 -60.19 62.62 -28.79
CA ALA D 30 -61.24 61.63 -28.69
C ALA D 30 -61.45 60.89 -30.01
N GLU D 31 -60.86 61.38 -31.10
CA GLU D 31 -60.99 60.79 -32.43
C GLU D 31 -59.83 59.86 -32.75
N ASP D 32 -58.63 60.23 -32.33
CA ASP D 32 -57.45 59.46 -32.67
C ASP D 32 -57.41 58.14 -31.91
N LEU D 33 -57.00 57.07 -32.59
CA LEU D 33 -56.68 55.81 -31.93
C LEU D 33 -55.17 55.81 -31.64
N ASN D 34 -54.82 55.72 -30.36
CA ASN D 34 -53.44 55.86 -29.92
C ASN D 34 -52.86 54.51 -29.51
N LEU D 35 -51.53 54.40 -29.66
CA LEU D 35 -50.76 53.30 -29.09
C LEU D 35 -49.65 53.95 -28.28
N LEU D 36 -49.66 53.77 -26.96
CA LEU D 36 -48.60 54.26 -26.10
C LEU D 36 -47.71 53.07 -25.77
N ILE D 37 -46.43 53.19 -26.10
CA ILE D 37 -45.45 52.15 -25.85
C ILE D 37 -44.52 52.68 -24.76
N ALA D 38 -44.28 51.88 -23.74
CA ALA D 38 -43.43 52.27 -22.62
C ALA D 38 -42.11 51.51 -22.68
N LYS D 39 -41.02 52.25 -22.79
CA LYS D 39 -39.67 51.78 -22.49
C LYS D 39 -39.31 52.21 -21.08
N ASN D 40 -38.17 51.70 -20.60
CA ASN D 40 -37.90 51.82 -19.17
C ASN D 40 -38.12 53.22 -18.64
N THR D 41 -37.49 54.21 -19.27
CA THR D 41 -37.67 55.61 -18.90
C THR D 41 -38.31 56.44 -20.00
N ARG D 42 -38.73 55.84 -21.11
CA ARG D 42 -39.23 56.58 -22.26
C ARG D 42 -40.67 56.18 -22.54
N LEU D 43 -41.52 57.16 -22.77
CA LEU D 43 -42.90 56.98 -23.19
C LEU D 43 -43.03 57.47 -24.63
N GLU D 44 -43.49 56.59 -25.50
CA GLU D 44 -43.68 56.88 -26.93
C GLU D 44 -45.16 56.87 -27.25
N ILE D 45 -45.63 57.92 -27.92
CA ILE D 45 -47.03 58.08 -28.27
C ILE D 45 -47.15 58.01 -29.79
N TYR D 46 -48.02 57.12 -30.27
CA TYR D 46 -48.25 56.92 -31.70
C TYR D 46 -49.72 57.08 -32.03
N VAL D 47 -50.02 57.25 -33.32
CA VAL D 47 -51.40 57.24 -33.82
C VAL D 47 -51.55 56.16 -34.88
N VAL D 48 -52.63 55.41 -34.80
CA VAL D 48 -52.85 54.24 -35.65
C VAL D 48 -53.39 54.67 -37.01
N THR D 49 -52.73 54.22 -38.07
CA THR D 49 -53.16 54.41 -39.45
C THR D 49 -53.40 53.03 -40.09
N ALA D 50 -53.85 53.03 -41.34
CA ALA D 50 -53.96 51.78 -42.08
C ALA D 50 -52.59 51.31 -42.58
N GLU D 51 -51.57 52.15 -42.42
CA GLU D 51 -50.22 51.92 -42.91
C GLU D 51 -49.27 51.39 -41.85
N GLY D 52 -49.46 51.81 -40.61
CA GLY D 52 -48.55 51.52 -39.52
C GLY D 52 -48.80 52.50 -38.40
N LEU D 53 -47.72 52.99 -37.78
CA LEU D 53 -47.84 53.90 -36.66
C LEU D 53 -47.27 55.25 -37.04
N ARG D 54 -47.98 56.32 -36.71
CA ARG D 54 -47.49 57.67 -36.93
C ARG D 54 -47.03 58.27 -35.62
N PRO D 55 -45.73 58.53 -35.44
CA PRO D 55 -45.27 59.13 -34.18
C PRO D 55 -45.81 60.53 -34.01
N VAL D 56 -46.04 60.90 -32.75
CA VAL D 56 -46.56 62.24 -32.48
C VAL D 56 -45.70 62.93 -31.42
N LYS D 57 -45.27 62.20 -30.40
CA LYS D 57 -44.53 62.81 -29.30
C LYS D 57 -43.83 61.71 -28.52
N GLU D 58 -42.63 62.04 -28.02
CA GLU D 58 -41.91 61.17 -27.10
C GLU D 58 -41.38 61.99 -25.94
N VAL D 59 -41.57 61.48 -24.73
CA VAL D 59 -41.07 62.13 -23.52
C VAL D 59 -40.26 61.14 -22.71
N GLY D 60 -39.32 61.68 -21.92
CA GLY D 60 -38.65 60.94 -20.88
C GLY D 60 -39.22 61.31 -19.53
N MET D 61 -39.14 60.37 -18.59
CA MET D 61 -39.56 60.59 -17.22
C MET D 61 -38.42 60.30 -16.27
N TYR D 62 -38.42 61.01 -15.13
CA TYR D 62 -37.41 60.79 -14.09
C TYR D 62 -37.83 59.62 -13.20
N GLY D 63 -37.91 58.45 -13.83
CA GLY D 63 -38.42 57.27 -13.17
C GLY D 63 -38.65 56.08 -14.09
N LYS D 64 -38.60 54.88 -13.53
CA LYS D 64 -38.93 53.66 -14.26
C LYS D 64 -40.44 53.45 -14.30
N ILE D 65 -41.00 53.29 -15.50
CA ILE D 65 -42.44 53.18 -15.64
C ILE D 65 -42.90 51.80 -15.18
N ALA D 66 -43.63 51.74 -14.07
CA ALA D 66 -44.14 50.48 -13.53
C ALA D 66 -45.57 50.21 -13.98
N VAL D 67 -46.45 51.20 -13.86
CA VAL D 67 -47.84 51.06 -14.27
C VAL D 67 -48.12 52.10 -15.35
N MET D 68 -48.83 51.69 -16.40
CA MET D 68 -49.25 52.59 -17.46
C MET D 68 -50.62 52.15 -17.95
N GLU D 69 -51.62 53.01 -17.79
CA GLU D 69 -52.99 52.66 -18.14
C GLU D 69 -53.73 53.92 -18.60
N LEU D 70 -54.62 53.74 -19.56
CA LEU D 70 -55.48 54.82 -20.03
C LEU D 70 -56.87 54.66 -19.44
N PHE D 71 -57.45 55.78 -19.00
CA PHE D 71 -58.78 55.77 -18.43
C PHE D 71 -59.44 57.09 -18.78
N ARG D 72 -60.77 57.13 -18.68
CA ARG D 72 -61.53 58.32 -19.07
C ARG D 72 -62.63 58.57 -18.05
N PRO D 73 -62.38 59.42 -17.07
CA PRO D 73 -63.37 59.63 -16.00
C PRO D 73 -64.59 60.40 -16.49
N LYS D 74 -65.70 60.17 -15.79
CA LYS D 74 -66.95 60.85 -16.11
C LYS D 74 -66.71 62.35 -16.23
N GLY D 75 -67.09 62.92 -17.37
CA GLY D 75 -66.93 64.33 -17.62
C GLY D 75 -65.80 64.73 -18.55
N GLU D 76 -64.87 63.83 -18.86
CA GLU D 76 -63.72 64.18 -19.69
C GLU D 76 -63.99 64.03 -21.18
N SER D 77 -63.26 64.84 -21.98
CA SER D 77 -63.37 64.80 -23.42
C SER D 77 -62.65 63.61 -24.04
N LYS D 78 -61.54 63.18 -23.43
CA LYS D 78 -60.68 62.16 -24.00
C LYS D 78 -59.96 61.46 -22.86
N ASP D 79 -59.26 60.38 -23.20
CA ASP D 79 -58.63 59.56 -22.17
C ASP D 79 -57.49 60.32 -21.48
N LEU D 80 -57.33 60.04 -20.20
CA LEU D 80 -56.17 60.48 -19.42
C LEU D 80 -55.27 59.28 -19.16
N LEU D 81 -54.01 59.57 -18.86
CA LEU D 81 -52.98 58.54 -18.69
C LEU D 81 -52.53 58.50 -17.24
N PHE D 82 -52.53 57.30 -16.66
CA PHE D 82 -51.97 57.09 -15.33
C PHE D 82 -50.64 56.37 -15.42
N ILE D 83 -49.64 56.86 -14.68
CA ILE D 83 -48.32 56.20 -14.62
C ILE D 83 -47.81 56.19 -13.19
N LEU D 84 -47.25 55.05 -12.79
CA LEU D 84 -46.59 54.87 -11.50
C LEU D 84 -45.19 54.32 -11.73
N THR D 85 -44.20 54.94 -11.10
CA THR D 85 -42.81 54.51 -11.28
C THR D 85 -42.37 53.52 -10.20
N ALA D 86 -41.21 52.90 -10.43
CA ALA D 86 -40.64 51.93 -9.51
C ALA D 86 -40.19 52.57 -8.20
N LYS D 87 -39.97 53.88 -8.17
CA LYS D 87 -39.75 54.59 -6.92
C LYS D 87 -41.05 55.11 -6.32
N TYR D 88 -42.19 54.66 -6.84
CA TYR D 88 -43.51 54.97 -6.31
C TYR D 88 -43.92 56.40 -6.60
N ASN D 89 -43.49 56.95 -7.73
CA ASN D 89 -43.97 58.25 -8.19
C ASN D 89 -45.21 58.04 -9.04
N ALA D 90 -46.33 58.58 -8.60
CA ALA D 90 -47.61 58.46 -9.30
C ALA D 90 -47.97 59.80 -9.93
N CYS D 91 -48.69 59.75 -11.04
CA CYS D 91 -49.15 60.97 -11.69
C CYS D 91 -50.27 60.62 -12.67
N ILE D 92 -51.08 61.63 -12.96
CA ILE D 92 -52.07 61.56 -14.03
C ILE D 92 -51.71 62.61 -15.07
N LEU D 93 -51.66 62.20 -16.34
CA LEU D 93 -51.14 63.03 -17.41
C LEU D 93 -52.23 63.30 -18.44
N GLU D 94 -52.14 64.48 -19.07
CA GLU D 94 -53.03 64.90 -20.13
C GLU D 94 -52.23 65.37 -21.34
N TYR D 95 -52.67 64.96 -22.53
CA TYR D 95 -52.10 65.45 -23.78
C TYR D 95 -52.80 66.76 -24.15
N LYS D 96 -52.01 67.80 -24.38
CA LYS D 96 -52.56 69.09 -24.78
C LYS D 96 -51.72 69.67 -25.90
N GLN D 97 -52.39 70.04 -26.99
CA GLN D 97 -51.69 70.54 -28.16
C GLN D 97 -52.40 71.77 -28.70
N SER D 98 -51.64 72.84 -28.91
CA SER D 98 -52.14 74.10 -29.47
C SER D 98 -51.29 74.42 -30.69
N GLY D 99 -51.78 74.05 -31.88
CA GLY D 99 -50.98 74.18 -33.08
C GLY D 99 -49.82 73.21 -33.06
N GLU D 100 -48.60 73.72 -33.19
CA GLU D 100 -47.41 72.87 -33.16
C GLU D 100 -46.83 72.69 -31.76
N SER D 101 -47.34 73.40 -30.75
CA SER D 101 -46.78 73.33 -29.41
C SER D 101 -47.42 72.14 -28.68
N ILE D 102 -46.62 71.12 -28.39
CA ILE D 102 -47.08 69.92 -27.70
C ILE D 102 -46.51 69.91 -26.30
N ASP D 103 -47.37 69.71 -25.31
CA ASP D 103 -46.96 69.61 -23.92
C ASP D 103 -47.73 68.45 -23.30
N ILE D 104 -47.15 67.86 -22.26
CA ILE D 104 -47.81 66.82 -21.47
C ILE D 104 -48.03 67.39 -20.09
N ILE D 105 -49.28 67.51 -19.68
CA ILE D 105 -49.66 68.24 -18.47
C ILE D 105 -49.79 67.28 -17.29
N THR D 106 -49.25 67.70 -16.15
CA THR D 106 -49.36 66.93 -14.91
C THR D 106 -50.64 67.35 -14.21
N ARG D 107 -51.67 66.50 -14.30
CA ARG D 107 -52.95 66.82 -13.68
C ARG D 107 -52.95 66.47 -12.20
N ALA D 108 -52.26 65.40 -11.81
CA ALA D 108 -52.17 64.97 -10.42
C ALA D 108 -50.81 64.30 -10.23
N HIS D 109 -50.25 64.45 -9.03
CA HIS D 109 -48.97 63.81 -8.77
C HIS D 109 -48.69 63.70 -7.27
N GLY D 110 -47.89 62.69 -6.93
CA GLY D 110 -47.47 62.44 -5.57
C GLY D 110 -46.75 61.12 -5.49
N ASN D 111 -46.15 60.87 -4.33
CA ASN D 111 -45.44 59.62 -4.07
C ASN D 111 -46.27 58.74 -3.15
N VAL D 112 -46.51 57.51 -3.57
CA VAL D 112 -47.48 56.64 -2.93
C VAL D 112 -46.81 55.58 -2.06
N GLN D 113 -45.54 55.76 -1.73
CA GLN D 113 -44.81 54.78 -0.92
C GLN D 113 -45.33 54.78 0.52
N ASP D 114 -45.40 53.60 1.12
CA ASP D 114 -45.80 53.44 2.51
C ASP D 114 -44.55 53.34 3.39
N ARG D 115 -44.61 53.92 4.59
CA ARG D 115 -43.46 53.82 5.48
C ARG D 115 -43.11 52.37 5.76
N ILE D 116 -44.12 51.52 5.93
CA ILE D 116 -43.94 50.13 6.31
C ILE D 116 -44.75 49.27 5.34
N GLY D 117 -44.09 48.26 4.77
CA GLY D 117 -44.74 47.31 3.89
C GLY D 117 -43.73 46.40 3.24
N ARG D 118 -44.13 45.17 2.88
CA ARG D 118 -43.23 44.25 2.21
C ARG D 118 -43.52 44.27 0.72
N PRO D 119 -42.57 44.69 -0.12
CA PRO D 119 -42.82 44.66 -1.57
C PRO D 119 -43.22 43.26 -2.03
N SER D 120 -44.24 43.19 -2.88
CA SER D 120 -44.81 41.91 -3.23
C SER D 120 -43.88 41.13 -4.16
N GLU D 121 -44.03 39.81 -4.13
CA GLU D 121 -43.15 38.96 -4.93
C GLU D 121 -43.39 39.18 -6.42
N THR D 122 -44.65 39.26 -6.84
CA THR D 122 -44.97 39.45 -8.25
C THR D 122 -44.99 40.91 -8.67
N GLY D 123 -44.40 41.81 -7.88
CA GLY D 123 -44.18 43.17 -8.31
C GLY D 123 -45.40 44.05 -8.24
N ILE D 124 -45.19 45.32 -8.61
CA ILE D 124 -46.29 46.28 -8.58
C ILE D 124 -47.36 45.90 -9.59
N ILE D 125 -48.61 45.97 -9.17
CA ILE D 125 -49.76 45.83 -10.05
C ILE D 125 -50.61 47.08 -9.92
N GLY D 126 -51.08 47.61 -11.06
CA GLY D 126 -51.98 48.74 -11.08
C GLY D 126 -53.22 48.52 -11.92
N ILE D 127 -54.40 48.81 -11.37
CA ILE D 127 -55.67 48.59 -12.04
C ILE D 127 -56.60 49.77 -11.77
N ILE D 128 -57.55 49.99 -12.68
CA ILE D 128 -58.50 51.09 -12.56
C ILE D 128 -59.92 50.58 -12.75
N ASP D 129 -60.85 51.15 -11.98
CA ASP D 129 -62.25 50.76 -12.01
C ASP D 129 -62.83 50.98 -13.41
N PRO D 130 -63.74 50.11 -13.88
CA PRO D 130 -64.32 50.35 -15.20
C PRO D 130 -65.08 51.66 -15.27
N GLU D 131 -65.68 52.07 -14.15
CA GLU D 131 -66.35 53.35 -14.03
C GLU D 131 -65.40 54.45 -13.60
N CYS D 132 -64.09 54.17 -13.64
CA CYS D 132 -63.07 55.16 -13.34
C CYS D 132 -63.36 55.89 -12.04
N ARG D 133 -63.73 55.11 -11.03
CA ARG D 133 -63.96 55.66 -9.71
C ARG D 133 -62.71 55.68 -8.84
N MET D 134 -61.76 54.78 -9.09
CA MET D 134 -60.59 54.70 -8.22
C MET D 134 -59.47 53.99 -8.98
N ILE D 135 -58.26 54.16 -8.46
CA ILE D 135 -57.08 53.43 -8.92
C ILE D 135 -56.71 52.43 -7.84
N GLY D 136 -56.61 51.15 -8.22
CA GLY D 136 -56.16 50.12 -7.32
C GLY D 136 -54.68 49.85 -7.50
N LEU D 137 -53.96 49.78 -6.39
CA LEU D 137 -52.52 49.51 -6.40
C LEU D 137 -52.20 48.36 -5.47
N ARG D 138 -51.45 47.39 -5.96
CA ARG D 138 -50.90 46.31 -5.13
C ARG D 138 -49.40 46.55 -5.05
N LEU D 139 -48.97 47.23 -4.00
CA LEU D 139 -47.56 47.53 -3.81
C LEU D 139 -46.90 46.59 -2.82
N TYR D 140 -47.61 46.19 -1.76
CA TYR D 140 -47.04 45.41 -0.68
C TYR D 140 -47.90 44.18 -0.39
N ASP D 141 -47.26 43.13 0.11
CA ASP D 141 -47.99 41.96 0.56
C ASP D 141 -48.90 42.38 1.71
N GLY D 142 -50.17 42.01 1.63
CA GLY D 142 -51.09 42.26 2.71
C GLY D 142 -51.71 43.64 2.77
N LEU D 143 -51.52 44.47 1.74
CA LEU D 143 -52.10 45.80 1.71
C LEU D 143 -52.55 46.12 0.28
N PHE D 144 -53.75 46.68 0.17
CA PHE D 144 -54.32 47.12 -1.10
C PHE D 144 -54.53 48.63 -0.98
N LYS D 145 -53.87 49.39 -1.85
CA LYS D 145 -53.92 50.85 -1.80
C LYS D 145 -54.93 51.36 -2.81
N VAL D 146 -55.78 52.29 -2.38
CA VAL D 146 -56.83 52.86 -3.23
C VAL D 146 -56.58 54.34 -3.38
N ILE D 147 -56.44 54.80 -4.62
CA ILE D 147 -56.47 56.20 -4.96
C ILE D 147 -57.87 56.51 -5.55
N PRO D 148 -58.71 57.24 -4.83
CA PRO D 148 -60.03 57.57 -5.41
C PRO D 148 -59.88 58.58 -6.55
N LEU D 149 -60.64 58.36 -7.62
CA LEU D 149 -60.58 59.24 -8.78
C LEU D 149 -61.58 60.37 -8.58
N ASP D 150 -61.26 61.21 -7.60
CA ASP D 150 -61.99 62.44 -7.31
C ASP D 150 -61.43 63.58 -8.14
N ARG D 151 -62.30 64.56 -8.42
CA ARG D 151 -61.86 65.71 -9.20
C ARG D 151 -60.78 66.49 -8.46
N ASP D 152 -60.89 66.59 -7.13
CA ASP D 152 -59.99 67.38 -6.31
C ASP D 152 -58.74 66.64 -5.85
N ASN D 153 -58.64 65.33 -6.08
CA ASN D 153 -57.53 64.54 -5.55
C ASN D 153 -56.29 64.80 -6.39
N LYS D 154 -55.82 66.05 -6.33
CA LYS D 154 -54.67 66.49 -7.10
C LYS D 154 -53.35 65.99 -6.52
N GLU D 155 -53.34 65.57 -5.25
CA GLU D 155 -52.15 64.99 -4.63
C GLU D 155 -52.15 63.46 -4.67
N LEU D 156 -53.17 62.84 -5.28
CA LEU D 156 -53.25 61.38 -5.34
C LEU D 156 -53.13 60.77 -3.95
N LYS D 157 -53.90 61.32 -3.02
CA LYS D 157 -53.98 60.77 -1.67
C LYS D 157 -54.64 59.40 -1.72
N ALA D 158 -54.24 58.53 -0.81
CA ALA D 158 -54.72 57.15 -0.85
C ALA D 158 -54.81 56.59 0.57
N PHE D 159 -55.55 55.49 0.67
CA PHE D 159 -55.75 54.73 1.91
C PHE D 159 -55.58 53.26 1.55
N ASN D 160 -55.08 52.48 2.51
CA ASN D 160 -54.83 51.06 2.29
C ASN D 160 -55.95 50.27 2.95
N ILE D 161 -56.49 49.28 2.25
CA ILE D 161 -57.46 48.34 2.82
C ILE D 161 -56.70 47.05 3.09
N ARG D 162 -56.73 46.58 4.34
CA ARG D 162 -55.94 45.40 4.69
C ARG D 162 -56.44 44.17 3.96
N LEU D 163 -55.51 43.36 3.45
CA LEU D 163 -55.81 42.15 2.69
C LEU D 163 -55.28 40.93 3.42
N GLU D 164 -56.18 39.99 3.72
CA GLU D 164 -55.77 38.77 4.41
C GLU D 164 -54.82 37.94 3.56
N GLU D 165 -55.10 37.82 2.26
CA GLU D 165 -54.31 36.99 1.35
C GLU D 165 -53.02 37.74 1.06
N LEU D 166 -51.93 37.31 1.69
CA LEU D 166 -50.69 38.08 1.61
C LEU D 166 -50.04 37.95 0.24
N HIS D 167 -50.10 36.77 -0.35
CA HIS D 167 -49.43 36.46 -1.61
C HIS D 167 -50.46 36.46 -2.72
N VAL D 168 -50.52 37.55 -3.49
CA VAL D 168 -51.45 37.69 -4.59
C VAL D 168 -50.66 37.51 -5.88
N ILE D 169 -51.13 36.63 -6.75
CA ILE D 169 -50.45 36.41 -8.03
C ILE D 169 -50.84 37.50 -9.02
N ASP D 170 -52.14 37.77 -9.15
CA ASP D 170 -52.65 38.78 -10.07
C ASP D 170 -54.00 39.27 -9.59
N VAL D 171 -54.34 40.51 -9.95
CA VAL D 171 -55.62 41.10 -9.59
C VAL D 171 -56.10 42.02 -10.71
N LYS D 172 -57.43 42.05 -10.90
CA LYS D 172 -58.08 42.92 -11.88
C LYS D 172 -59.41 43.40 -11.30
N PHE D 173 -59.85 44.58 -11.76
CA PHE D 173 -61.18 45.08 -11.45
C PHE D 173 -62.18 44.44 -12.43
N LEU D 174 -63.29 43.92 -11.91
CA LEU D 174 -64.26 43.19 -12.72
C LEU D 174 -65.31 44.08 -13.38
N TYR D 175 -65.83 43.60 -14.51
CA TYR D 175 -66.88 44.30 -15.24
C TYR D 175 -68.25 43.74 -14.83
N GLY D 176 -69.28 44.55 -15.05
CA GLY D 176 -70.65 44.12 -14.85
C GLY D 176 -71.08 43.97 -13.41
N CYS D 177 -70.43 44.68 -12.49
CA CYS D 177 -70.74 44.59 -11.07
C CYS D 177 -71.31 45.93 -10.61
N GLN D 178 -72.30 45.89 -9.71
CA GLN D 178 -72.86 47.15 -9.25
C GLN D 178 -71.92 47.91 -8.34
N ALA D 179 -71.09 47.22 -7.60
CA ALA D 179 -70.09 47.84 -6.74
C ALA D 179 -68.72 47.48 -7.31
N PRO D 180 -67.70 48.25 -6.99
CA PRO D 180 -66.34 47.90 -7.45
C PRO D 180 -65.95 46.52 -6.96
N THR D 181 -65.46 45.70 -7.87
CA THR D 181 -65.11 44.33 -7.55
C THR D 181 -63.72 44.01 -8.06
N ILE D 182 -62.92 43.36 -7.22
CA ILE D 182 -61.59 42.90 -7.57
C ILE D 182 -61.63 41.38 -7.60
N CYS D 183 -61.05 40.80 -8.64
CA CYS D 183 -60.93 39.35 -8.76
C CYS D 183 -59.43 39.05 -8.75
N PHE D 184 -58.99 38.24 -7.79
CA PHE D 184 -57.57 38.00 -7.65
C PHE D 184 -57.27 36.53 -7.42
N VAL D 185 -56.18 36.07 -8.03
CA VAL D 185 -55.64 34.74 -7.81
C VAL D 185 -54.52 34.86 -6.79
N TYR D 186 -54.65 34.14 -5.69
CA TYR D 186 -53.69 34.20 -4.60
C TYR D 186 -53.19 32.80 -4.30
N GLN D 187 -52.09 32.74 -3.56
CA GLN D 187 -51.46 31.49 -3.20
C GLN D 187 -51.36 31.40 -1.69
N ASP D 188 -51.75 30.26 -1.14
CA ASP D 188 -51.62 29.96 0.27
C ASP D 188 -51.07 28.53 0.32
N PRO D 189 -50.85 27.96 1.51
CA PRO D 189 -50.31 26.59 1.56
C PRO D 189 -51.21 25.56 0.92
N GLN D 190 -52.49 25.88 0.70
CA GLN D 190 -53.46 24.92 0.18
C GLN D 190 -53.53 24.89 -1.35
N GLY D 191 -52.66 25.64 -2.03
CA GLY D 191 -52.70 25.72 -3.48
C GLY D 191 -53.00 27.13 -3.96
N ARG D 192 -53.44 27.28 -5.22
CA ARG D 192 -53.84 28.57 -5.72
C ARG D 192 -55.36 28.62 -5.85
N HIS D 193 -55.91 29.78 -5.54
CA HIS D 193 -57.35 29.99 -5.51
C HIS D 193 -57.64 31.35 -6.14
N VAL D 194 -58.88 31.52 -6.59
CA VAL D 194 -59.38 32.79 -7.09
C VAL D 194 -60.52 33.23 -6.17
N LYS D 195 -60.48 34.49 -5.75
CA LYS D 195 -61.42 35.05 -4.79
C LYS D 195 -61.82 36.42 -5.30
N THR D 196 -63.00 36.88 -4.87
CA THR D 196 -63.46 38.21 -5.23
C THR D 196 -63.79 38.97 -3.94
N TYR D 197 -63.48 40.26 -3.96
CA TYR D 197 -63.81 41.19 -2.88
C TYR D 197 -64.42 42.43 -3.51
N GLU D 198 -65.17 43.18 -2.73
CA GLU D 198 -65.67 44.49 -3.15
C GLU D 198 -65.02 45.62 -2.38
N VAL D 199 -64.84 46.75 -3.05
CA VAL D 199 -64.17 47.93 -2.51
C VAL D 199 -65.23 49.00 -2.28
N SER D 200 -65.40 49.45 -1.04
CA SER D 200 -66.33 50.52 -0.72
C SER D 200 -65.50 51.76 -0.40
N LEU D 201 -65.51 52.73 -1.31
CA LEU D 201 -64.76 53.97 -1.08
C LEU D 201 -65.30 54.75 0.11
N ARG D 202 -66.59 54.61 0.40
CA ARG D 202 -67.19 55.34 1.51
C ARG D 202 -66.71 54.80 2.84
N GLU D 203 -66.70 53.47 2.99
CA GLU D 203 -66.26 52.86 4.23
C GLU D 203 -64.75 52.68 4.31
N LYS D 204 -64.06 52.73 3.17
CA LYS D 204 -62.63 52.48 3.11
C LYS D 204 -62.30 51.07 3.61
N GLU D 205 -63.03 50.08 3.11
CA GLU D 205 -62.74 48.70 3.46
C GLU D 205 -63.37 47.75 2.45
N PHE D 206 -62.99 46.47 2.56
CA PHE D 206 -63.54 45.43 1.70
C PHE D 206 -64.87 44.92 2.24
N ASN D 207 -65.72 44.48 1.31
CA ASN D 207 -66.95 43.75 1.60
C ASN D 207 -66.95 42.40 0.89
N LYS D 208 -67.96 41.60 1.24
CA LYS D 208 -68.08 40.23 0.76
C LYS D 208 -68.13 40.19 -0.76
N GLY D 209 -67.48 39.20 -1.37
CA GLY D 209 -67.36 39.22 -2.80
C GLY D 209 -68.60 38.72 -3.52
N PRO D 210 -68.70 39.05 -4.82
CA PRO D 210 -69.90 38.63 -5.57
C PRO D 210 -70.02 37.12 -5.68
N TRP D 211 -68.93 36.42 -5.96
CA TRP D 211 -68.98 34.97 -6.13
C TRP D 211 -67.87 34.27 -5.34
N LYS D 212 -68.12 33.00 -5.05
CA LYS D 212 -67.29 32.23 -4.13
C LYS D 212 -65.90 31.99 -4.71
N GLN D 213 -64.93 31.78 -3.81
CA GLN D 213 -63.60 31.39 -4.23
C GLN D 213 -63.65 29.97 -4.80
N GLU D 214 -62.78 29.70 -5.76
CA GLU D 214 -62.63 28.37 -6.31
C GLU D 214 -61.17 27.93 -6.21
N ASN D 215 -60.96 26.64 -5.93
CA ASN D 215 -59.60 26.10 -5.99
C ASN D 215 -59.24 25.97 -7.47
N VAL D 216 -58.13 26.56 -7.87
CA VAL D 216 -57.76 26.66 -9.27
C VAL D 216 -56.42 26.00 -9.52
N GLU D 217 -56.04 25.98 -10.80
CA GLU D 217 -54.76 25.41 -11.22
C GLU D 217 -53.61 25.94 -10.38
N ALA D 218 -52.64 25.07 -10.12
CA ALA D 218 -51.48 25.43 -9.32
C ALA D 218 -50.64 26.51 -9.97
N GLU D 219 -50.64 26.57 -11.31
CA GLU D 219 -49.83 27.53 -12.04
C GLU D 219 -50.68 28.66 -12.62
N ALA D 220 -51.80 28.97 -11.98
CA ALA D 220 -52.61 30.11 -12.41
C ALA D 220 -51.73 31.37 -12.45
N SER D 221 -51.63 31.96 -13.64
CA SER D 221 -50.70 33.05 -13.87
C SER D 221 -51.38 34.40 -14.03
N MET D 222 -52.48 34.47 -14.77
CA MET D 222 -53.07 35.75 -15.14
C MET D 222 -54.58 35.75 -15.00
N VAL D 223 -55.10 36.93 -14.67
CA VAL D 223 -56.53 37.17 -14.51
C VAL D 223 -56.96 38.11 -15.64
N ILE D 224 -58.03 37.73 -16.32
CA ILE D 224 -58.62 38.54 -17.38
C ILE D 224 -60.02 38.93 -16.94
N ALA D 225 -60.30 40.23 -16.87
CA ALA D 225 -61.64 40.74 -16.58
C ALA D 225 -62.39 40.85 -17.90
N VAL D 226 -63.40 40.01 -18.09
CA VAL D 226 -64.17 39.90 -19.32
C VAL D 226 -65.25 40.97 -19.42
N PRO D 227 -65.53 41.46 -20.64
CA PRO D 227 -66.45 42.59 -20.77
C PRO D 227 -67.89 42.24 -20.42
N GLU D 228 -68.72 43.28 -20.40
CA GLU D 228 -70.03 43.16 -19.78
C GLU D 228 -70.97 42.19 -20.51
N PRO D 229 -70.94 42.06 -21.84
CA PRO D 229 -71.85 41.07 -22.47
C PRO D 229 -71.79 39.71 -21.79
N PHE D 230 -70.59 39.27 -21.41
CA PHE D 230 -70.42 38.05 -20.64
C PHE D 230 -70.21 38.31 -19.15
N GLY D 231 -69.25 39.14 -18.80
CA GLY D 231 -68.95 39.40 -17.40
C GLY D 231 -68.18 38.25 -16.77
N GLY D 232 -67.46 38.57 -15.71
CA GLY D 232 -66.75 37.50 -15.03
C GLY D 232 -65.25 37.62 -15.19
N ALA D 233 -64.53 36.51 -15.12
CA ALA D 233 -63.09 36.51 -15.30
C ALA D 233 -62.62 35.20 -15.92
N ILE D 234 -61.52 35.30 -16.68
CA ILE D 234 -60.82 34.14 -17.21
C ILE D 234 -59.49 34.03 -16.50
N ILE D 235 -59.07 32.81 -16.20
CA ILE D 235 -57.82 32.55 -15.48
C ILE D 235 -56.92 31.75 -16.40
N ILE D 236 -55.74 32.29 -16.69
CA ILE D 236 -54.78 31.63 -17.58
C ILE D 236 -53.76 30.88 -16.71
N GLY D 237 -53.55 29.62 -17.03
CA GLY D 237 -52.58 28.83 -16.29
C GLY D 237 -51.47 28.26 -17.16
N GLN D 238 -50.87 27.17 -16.70
CA GLN D 238 -49.86 26.46 -17.48
C GLN D 238 -50.49 25.42 -18.39
N GLU D 239 -51.50 24.71 -17.87
CA GLU D 239 -52.18 23.65 -18.61
C GLU D 239 -53.60 23.98 -19.00
N SER D 240 -54.27 24.88 -18.27
CA SER D 240 -55.71 25.08 -18.45
C SER D 240 -56.08 26.56 -18.42
N ILE D 241 -57.18 26.87 -19.09
CA ILE D 241 -57.82 28.18 -19.07
C ILE D 241 -59.22 27.98 -18.49
N THR D 242 -59.57 28.80 -17.50
CA THR D 242 -60.86 28.64 -16.82
C THR D 242 -61.63 29.95 -16.82
N TYR D 243 -62.96 29.84 -16.86
CA TYR D 243 -63.87 30.98 -16.78
C TYR D 243 -64.71 30.86 -15.53
N HIS D 244 -64.77 31.93 -14.74
CA HIS D 244 -65.50 31.97 -13.47
C HIS D 244 -66.44 33.17 -13.46
N ASN D 245 -67.74 32.93 -13.28
CA ASN D 245 -68.65 34.02 -12.96
C ASN D 245 -69.81 33.45 -12.15
N GLY D 246 -69.78 33.71 -10.84
CA GLY D 246 -70.84 33.23 -10.00
C GLY D 246 -71.07 31.73 -10.11
N ASP D 247 -72.24 31.38 -10.64
CA ASP D 247 -72.60 29.97 -10.80
C ASP D 247 -71.99 29.34 -12.05
N LYS D 248 -71.57 30.13 -13.03
CA LYS D 248 -71.00 29.57 -14.25
C LYS D 248 -69.54 29.19 -14.03
N TYR D 249 -69.18 27.96 -14.46
CA TYR D 249 -67.80 27.51 -14.43
C TYR D 249 -67.49 26.75 -15.71
N LEU D 250 -66.42 27.16 -16.40
CA LEU D 250 -65.93 26.47 -17.59
C LEU D 250 -64.43 26.25 -17.49
N ALA D 251 -63.95 25.15 -18.06
CA ALA D 251 -62.52 24.87 -18.09
C ALA D 251 -62.17 24.16 -19.38
N ILE D 252 -61.20 24.69 -20.13
CA ILE D 252 -60.67 24.07 -21.33
C ILE D 252 -59.18 23.84 -21.11
N ALA D 253 -58.71 22.65 -21.41
CA ALA D 253 -57.32 22.26 -21.19
C ALA D 253 -56.78 21.63 -22.46
N PRO D 254 -56.59 22.43 -23.52
CA PRO D 254 -56.10 21.88 -24.78
C PRO D 254 -54.63 21.51 -24.67
N PRO D 255 -54.23 20.38 -25.25
CA PRO D 255 -52.84 19.92 -25.08
C PRO D 255 -51.80 20.88 -25.63
N ILE D 256 -52.22 21.87 -26.43
CA ILE D 256 -51.28 22.70 -27.17
C ILE D 256 -50.57 23.69 -26.25
N ILE D 257 -51.29 24.27 -25.29
CA ILE D 257 -50.71 25.33 -24.48
C ILE D 257 -49.73 24.82 -23.44
N LYS D 258 -49.85 23.56 -23.03
CA LYS D 258 -48.92 23.00 -22.05
C LYS D 258 -47.48 23.01 -22.57
N GLN D 259 -47.31 23.02 -23.90
CA GLN D 259 -45.96 22.96 -24.45
C GLN D 259 -45.12 24.18 -24.06
N SER D 260 -45.72 25.36 -23.92
CA SER D 260 -44.97 26.54 -23.54
C SER D 260 -45.84 27.49 -22.74
N THR D 261 -45.25 28.08 -21.70
CA THR D 261 -46.00 28.95 -20.81
C THR D 261 -46.55 30.17 -21.53
N ILE D 262 -47.83 30.47 -21.28
CA ILE D 262 -48.50 31.65 -21.81
C ILE D 262 -48.24 32.80 -20.85
N VAL D 263 -47.74 33.91 -21.39
CA VAL D 263 -47.26 35.00 -20.54
C VAL D 263 -48.05 36.29 -20.69
N CYS D 264 -48.73 36.54 -21.82
CA CYS D 264 -49.46 37.78 -22.01
C CYS D 264 -50.78 37.52 -22.72
N HIS D 265 -51.69 38.51 -22.61
CA HIS D 265 -53.01 38.46 -23.22
C HIS D 265 -53.44 39.85 -23.64
N ASN D 266 -54.47 39.91 -24.50
CA ASN D 266 -55.08 41.19 -24.87
C ASN D 266 -56.47 40.96 -25.44
N ARG D 267 -57.36 41.93 -25.17
CA ARG D 267 -58.74 41.88 -25.64
C ARG D 267 -58.79 42.41 -27.07
N VAL D 268 -59.35 41.61 -27.97
CA VAL D 268 -59.50 41.99 -29.37
C VAL D 268 -60.83 42.69 -29.57
N ASP D 269 -61.92 41.97 -29.31
CA ASP D 269 -63.28 42.47 -29.54
C ASP D 269 -63.80 43.10 -28.27
N PRO D 270 -64.26 44.35 -28.30
CA PRO D 270 -64.80 44.93 -27.05
C PRO D 270 -65.89 44.09 -26.38
N ASN D 271 -66.72 43.37 -27.15
CA ASN D 271 -67.74 42.56 -26.48
C ASN D 271 -67.14 41.41 -25.65
N GLY D 272 -65.88 41.07 -25.89
CA GLY D 272 -65.22 40.01 -25.16
C GLY D 272 -65.22 38.66 -25.86
N SER D 273 -65.55 38.63 -27.14
CA SER D 273 -65.68 37.36 -27.85
C SER D 273 -64.32 36.74 -28.15
N ARG D 274 -63.31 37.55 -28.44
CA ARG D 274 -62.00 37.05 -28.84
C ARG D 274 -60.87 37.73 -28.09
N TYR D 275 -59.88 36.92 -27.68
CA TYR D 275 -58.68 37.40 -27.01
C TYR D 275 -57.43 36.83 -27.68
N LEU D 276 -56.33 37.58 -27.62
CA LEU D 276 -55.04 37.10 -28.08
C LEU D 276 -54.23 36.59 -26.90
N LEU D 277 -53.45 35.53 -27.13
CA LEU D 277 -52.56 34.96 -26.13
C LEU D 277 -51.18 34.69 -26.74
N GLY D 278 -50.13 34.98 -25.97
CA GLY D 278 -48.78 34.70 -26.39
C GLY D 278 -48.01 33.91 -25.35
N ASP D 279 -47.04 33.12 -25.82
CA ASP D 279 -46.25 32.25 -24.96
C ASP D 279 -44.77 32.43 -25.25
N MET D 280 -43.93 31.81 -24.43
CA MET D 280 -42.50 32.06 -24.47
C MET D 280 -41.84 31.52 -25.73
N GLU D 281 -42.45 30.54 -26.40
CA GLU D 281 -41.91 30.09 -27.68
C GLU D 281 -42.37 30.98 -28.83
N GLY D 282 -42.99 32.11 -28.51
CA GLY D 282 -43.40 33.08 -29.50
C GLY D 282 -44.70 32.77 -30.20
N ARG D 283 -45.41 31.74 -29.77
CA ARG D 283 -46.62 31.32 -30.46
C ARG D 283 -47.77 32.25 -30.09
N LEU D 284 -48.61 32.53 -31.08
CA LEU D 284 -49.72 33.45 -30.94
C LEU D 284 -51.03 32.68 -31.08
N PHE D 285 -51.88 32.79 -30.06
CA PHE D 285 -53.16 32.10 -30.05
C PHE D 285 -54.33 33.08 -30.07
N MET D 286 -55.48 32.56 -30.50
CA MET D 286 -56.76 33.24 -30.38
C MET D 286 -57.62 32.47 -29.39
N LEU D 287 -58.10 33.16 -28.35
CA LEU D 287 -59.02 32.59 -27.37
C LEU D 287 -60.43 33.05 -27.70
N LEU D 288 -61.30 32.09 -28.01
CA LEU D 288 -62.65 32.35 -28.49
C LEU D 288 -63.66 32.05 -27.40
N LEU D 289 -64.52 33.03 -27.11
CA LEU D 289 -65.63 32.83 -26.18
C LEU D 289 -66.90 32.62 -26.98
N GLU D 290 -67.40 31.39 -27.01
CA GLU D 290 -68.60 31.07 -27.77
C GLU D 290 -69.84 31.42 -26.95
N LYS D 291 -70.65 32.31 -27.49
CA LYS D 291 -71.83 32.86 -26.81
C LYS D 291 -73.05 31.99 -27.05
N GLU D 292 -73.92 31.94 -26.06
CA GLU D 292 -75.24 31.31 -26.16
C GLU D 292 -76.31 32.27 -25.68
N GLU D 293 -77.22 32.67 -26.58
CA GLU D 293 -78.34 33.51 -26.17
C GLU D 293 -79.42 32.64 -25.53
N GLN D 294 -79.97 33.15 -24.43
CA GLN D 294 -81.00 32.44 -23.68
C GLN D 294 -82.36 32.94 -24.12
N MET D 295 -83.38 32.09 -23.96
CA MET D 295 -84.74 32.54 -24.28
C MET D 295 -85.09 33.84 -23.58
N ASP D 296 -84.34 34.19 -22.52
CA ASP D 296 -84.53 35.46 -21.83
C ASP D 296 -84.11 36.67 -22.65
N GLY D 297 -83.31 36.48 -23.69
CA GLY D 297 -82.64 37.55 -24.39
C GLY D 297 -81.33 37.93 -23.74
N THR D 298 -80.87 37.13 -22.77
CA THR D 298 -79.62 37.34 -22.07
C THR D 298 -78.65 36.29 -22.61
N VAL D 299 -77.39 36.68 -22.75
CA VAL D 299 -76.36 35.84 -23.35
C VAL D 299 -75.44 35.30 -22.26
N THR D 300 -75.17 34.00 -22.31
CA THR D 300 -74.27 33.30 -21.42
C THR D 300 -73.11 32.72 -22.23
N LEU D 301 -72.08 32.25 -21.53
CA LEU D 301 -70.89 31.71 -22.18
C LEU D 301 -71.04 30.20 -22.29
N LYS D 302 -71.14 29.71 -23.52
CA LYS D 302 -71.32 28.28 -23.76
C LYS D 302 -69.99 27.52 -23.69
N ASP D 303 -68.95 28.02 -24.36
CA ASP D 303 -67.72 27.25 -24.45
C ASP D 303 -66.53 28.13 -24.77
N LEU D 304 -65.33 27.58 -24.54
CA LEU D 304 -64.07 28.23 -24.84
C LEU D 304 -63.33 27.44 -25.91
N ARG D 305 -62.66 28.15 -26.81
CA ARG D 305 -61.87 27.52 -27.87
C ARG D 305 -60.56 28.28 -28.01
N VAL D 306 -59.50 27.55 -28.35
CA VAL D 306 -58.19 28.14 -28.60
C VAL D 306 -57.74 27.73 -30.01
N GLU D 307 -57.26 28.70 -30.78
CA GLU D 307 -56.80 28.47 -32.14
C GLU D 307 -55.39 29.03 -32.28
N LEU D 308 -54.49 28.24 -32.86
CA LEU D 308 -53.12 28.69 -33.11
C LEU D 308 -53.10 29.57 -34.35
N LEU D 309 -52.59 30.80 -34.20
CA LEU D 309 -52.54 31.73 -35.32
C LEU D 309 -51.20 31.68 -36.04
N GLY D 310 -50.09 31.61 -35.32
CA GLY D 310 -48.79 31.63 -35.95
C GLY D 310 -47.68 31.90 -34.97
N GLU D 311 -46.63 32.56 -35.45
CA GLU D 311 -45.45 32.84 -34.65
C GLU D 311 -45.16 34.34 -34.69
N THR D 312 -44.83 34.90 -33.53
CA THR D 312 -44.37 36.27 -33.39
C THR D 312 -43.05 36.24 -32.62
N SER D 313 -42.52 37.43 -32.36
CA SER D 313 -41.39 37.53 -31.43
C SER D 313 -41.87 37.28 -30.01
N ILE D 314 -40.99 36.66 -29.19
CA ILE D 314 -41.32 36.43 -27.79
C ILE D 314 -41.86 37.74 -27.22
N ALA D 315 -43.10 37.75 -26.75
CA ALA D 315 -43.83 38.99 -26.49
C ALA D 315 -43.97 39.26 -25.00
N GLU D 316 -43.59 40.48 -24.59
CA GLU D 316 -43.87 40.89 -23.22
C GLU D 316 -45.33 41.34 -23.08
N CYS D 317 -45.85 42.05 -24.08
CA CYS D 317 -47.23 42.49 -24.12
C CYS D 317 -47.71 42.53 -25.55
N LEU D 318 -48.99 42.24 -25.73
CA LEU D 318 -49.65 42.32 -27.01
C LEU D 318 -50.71 43.40 -26.95
N THR D 319 -50.95 44.07 -28.08
CA THR D 319 -52.11 44.94 -28.17
C THR D 319 -52.67 44.91 -29.58
N TYR D 320 -53.98 44.67 -29.70
CA TYR D 320 -54.63 44.67 -31.00
C TYR D 320 -54.94 46.13 -31.34
N LEU D 321 -54.55 46.56 -32.54
CA LEU D 321 -54.85 47.92 -32.97
C LEU D 321 -56.16 47.93 -33.75
N ASP D 322 -56.14 47.55 -35.01
CA ASP D 322 -57.37 47.54 -35.79
C ASP D 322 -57.16 46.93 -37.17
N ASN D 323 -58.21 46.36 -37.74
CA ASN D 323 -58.17 45.86 -39.12
C ASN D 323 -57.18 44.71 -39.26
N GLY D 324 -57.04 43.93 -38.19
CA GLY D 324 -56.18 42.76 -38.17
C GLY D 324 -54.73 43.02 -37.82
N VAL D 325 -54.39 44.25 -37.43
CA VAL D 325 -53.01 44.64 -37.14
C VAL D 325 -52.76 44.59 -35.64
N VAL D 326 -51.71 43.88 -35.22
CA VAL D 326 -51.38 43.68 -33.81
C VAL D 326 -49.95 44.15 -33.55
N PHE D 327 -49.75 44.94 -32.47
CA PHE D 327 -48.41 45.33 -32.06
C PHE D 327 -47.86 44.31 -31.07
N VAL D 328 -46.68 43.78 -31.38
CA VAL D 328 -46.00 42.78 -30.54
C VAL D 328 -44.88 43.51 -29.80
N GLY D 329 -45.06 43.73 -28.50
CA GLY D 329 -44.05 44.41 -27.72
C GLY D 329 -43.15 43.43 -26.99
N SER D 330 -41.87 43.41 -27.37
CA SER D 330 -40.94 42.40 -26.89
C SER D 330 -39.78 43.03 -26.12
N ARG D 331 -39.41 42.39 -25.02
CA ARG D 331 -38.22 42.73 -24.24
C ARG D 331 -37.03 41.85 -24.55
N LEU D 332 -37.26 40.66 -25.12
CA LEU D 332 -36.18 39.74 -25.47
C LEU D 332 -35.73 39.86 -26.92
N GLY D 333 -36.60 40.28 -27.83
CA GLY D 333 -36.25 40.38 -29.23
C GLY D 333 -36.91 41.56 -29.92
N ASP D 334 -36.84 41.61 -31.25
CA ASP D 334 -37.41 42.73 -31.98
C ASP D 334 -38.92 42.78 -31.76
N SER D 335 -39.44 43.99 -31.58
CA SER D 335 -40.88 44.23 -31.55
C SER D 335 -41.42 44.22 -32.98
N GLN D 336 -42.74 44.18 -33.10
CA GLN D 336 -43.30 43.98 -34.44
C GLN D 336 -44.66 44.64 -34.61
N LEU D 337 -44.98 44.92 -35.88
CA LEU D 337 -46.36 45.01 -36.36
C LEU D 337 -46.64 43.77 -37.19
N VAL D 338 -47.76 43.10 -36.93
CA VAL D 338 -48.13 41.92 -37.70
C VAL D 338 -49.58 42.02 -38.16
N LYS D 339 -49.86 41.39 -39.29
CA LYS D 339 -51.20 41.32 -39.87
C LYS D 339 -51.80 39.94 -39.62
N LEU D 340 -53.02 39.93 -39.08
CA LEU D 340 -53.79 38.71 -38.89
C LEU D 340 -54.75 38.56 -40.06
N ASN D 341 -54.63 37.45 -40.78
CA ASN D 341 -55.46 37.17 -41.95
C ASN D 341 -56.54 36.15 -41.62
N VAL D 342 -57.66 36.24 -42.36
CA VAL D 342 -58.74 35.29 -42.17
C VAL D 342 -58.38 33.92 -42.74
N ASP D 343 -57.70 33.90 -43.89
CA ASP D 343 -57.25 32.66 -44.51
C ASP D 343 -55.76 32.46 -44.20
N SER D 344 -55.40 31.22 -43.90
CA SER D 344 -54.01 30.86 -43.64
C SER D 344 -53.20 30.87 -44.94
N ASN D 345 -51.88 31.02 -44.79
CA ASN D 345 -51.00 30.97 -45.94
C ASN D 345 -50.63 29.51 -46.22
N GLU D 346 -49.68 29.31 -47.15
CA GLU D 346 -49.34 27.95 -47.57
C GLU D 346 -48.67 27.14 -46.46
N GLN D 347 -48.21 27.81 -45.40
CA GLN D 347 -47.55 27.14 -44.29
C GLN D 347 -48.50 26.80 -43.14
N GLY D 348 -49.76 27.21 -43.24
CA GLY D 348 -50.69 27.02 -42.17
C GLY D 348 -50.77 28.20 -41.22
N SER D 349 -50.05 29.27 -41.51
CA SER D 349 -49.98 30.43 -40.63
C SER D 349 -50.99 31.47 -41.05
N TYR D 350 -51.59 32.13 -40.06
CA TYR D 350 -52.47 33.26 -40.27
C TYR D 350 -51.79 34.58 -39.96
N VAL D 351 -50.48 34.56 -39.68
CA VAL D 351 -49.75 35.74 -39.21
C VAL D 351 -48.69 36.11 -40.24
N VAL D 352 -48.68 37.39 -40.61
CA VAL D 352 -47.69 37.93 -41.54
C VAL D 352 -47.11 39.19 -40.94
N ALA D 353 -45.79 39.24 -40.84
CA ALA D 353 -45.13 40.41 -40.28
C ALA D 353 -45.27 41.59 -41.22
N MET D 354 -45.56 42.76 -40.65
CA MET D 354 -45.56 44.01 -41.40
C MET D 354 -44.25 44.77 -41.20
N GLU D 355 -43.95 45.16 -39.96
CA GLU D 355 -42.76 45.93 -39.65
C GLU D 355 -41.98 45.29 -38.50
N THR D 356 -40.69 45.62 -38.44
CA THR D 356 -39.81 45.15 -37.37
C THR D 356 -39.12 46.35 -36.73
N PHE D 357 -39.26 46.45 -35.41
CA PHE D 357 -38.69 47.54 -34.62
C PHE D 357 -37.45 47.03 -33.90
N THR D 358 -36.32 47.67 -34.17
CA THR D 358 -35.06 47.20 -33.59
C THR D 358 -35.16 47.20 -32.08
N ASN D 359 -34.82 46.06 -31.48
CA ASN D 359 -34.68 45.94 -30.03
C ASN D 359 -33.33 45.29 -29.75
N LEU D 360 -32.43 46.05 -29.13
CA LEU D 360 -31.16 45.47 -28.73
C LEU D 360 -31.34 44.43 -27.62
N GLY D 361 -32.56 44.29 -27.11
CA GLY D 361 -32.88 43.21 -26.20
C GLY D 361 -31.91 43.15 -25.05
N PRO D 362 -31.92 42.03 -24.33
CA PRO D 362 -30.89 41.80 -23.31
C PRO D 362 -29.51 41.82 -23.94
N ILE D 363 -28.63 42.67 -23.41
CA ILE D 363 -27.24 42.70 -23.83
C ILE D 363 -26.44 41.89 -22.82
N VAL D 364 -26.15 40.63 -23.15
CA VAL D 364 -25.45 39.77 -22.21
C VAL D 364 -23.97 40.15 -22.13
N ASP D 365 -23.35 40.38 -23.29
CA ASP D 365 -21.95 40.77 -23.36
C ASP D 365 -21.76 41.58 -24.65
N MET D 366 -20.62 42.25 -24.75
CA MET D 366 -20.31 43.02 -25.95
C MET D 366 -18.82 43.34 -25.99
N CYS D 367 -18.32 43.60 -27.20
CA CYS D 367 -16.93 44.01 -27.41
C CYS D 367 -16.89 45.11 -28.46
N VAL D 368 -15.87 45.97 -28.35
CA VAL D 368 -15.66 47.06 -29.30
C VAL D 368 -14.49 46.68 -30.20
N VAL D 369 -14.70 46.76 -31.51
CA VAL D 369 -13.69 46.36 -32.49
C VAL D 369 -13.73 47.33 -33.66
N ASP D 370 -12.55 47.75 -34.12
CA ASP D 370 -12.43 48.61 -35.29
C ASP D 370 -12.37 47.69 -36.50
N LEU D 371 -13.55 47.28 -36.97
CA LEU D 371 -13.63 46.34 -38.09
C LEU D 371 -13.00 46.96 -39.33
N GLU D 372 -13.14 48.27 -39.49
CA GLU D 372 -12.60 48.98 -40.64
C GLU D 372 -11.17 49.45 -40.40
N ARG D 373 -10.54 48.98 -39.31
CA ARG D 373 -9.17 49.36 -38.96
C ARG D 373 -8.96 50.87 -39.01
N GLN D 374 -10.02 51.62 -38.70
CA GLN D 374 -10.03 53.08 -38.68
C GLN D 374 -10.09 53.55 -37.22
N GLY D 375 -10.15 54.86 -37.03
CA GLY D 375 -10.27 55.38 -35.68
C GLY D 375 -11.62 55.11 -35.07
N GLN D 376 -12.64 54.94 -35.90
CA GLN D 376 -13.99 54.72 -35.44
C GLN D 376 -14.20 53.24 -35.16
N GLY D 377 -14.76 52.95 -33.99
CA GLY D 377 -14.98 51.60 -33.53
C GLY D 377 -16.44 51.21 -33.67
N GLN D 378 -16.67 49.91 -33.79
CA GLN D 378 -18.02 49.36 -33.85
C GLN D 378 -18.23 48.45 -32.64
N LEU D 379 -19.47 48.39 -32.16
CA LEU D 379 -19.87 47.63 -30.98
C LEU D 379 -20.62 46.40 -31.43
N VAL D 380 -20.06 45.22 -31.15
CA VAL D 380 -20.69 43.94 -31.45
C VAL D 380 -21.22 43.33 -30.16
N THR D 381 -22.53 43.15 -30.07
CA THR D 381 -23.20 42.71 -28.86
C THR D 381 -23.78 41.30 -28.99
N CYS D 382 -23.76 40.57 -27.88
CA CYS D 382 -24.58 39.37 -27.72
C CYS D 382 -25.95 39.82 -27.23
N SER D 383 -26.96 39.80 -28.10
CA SER D 383 -28.25 40.37 -27.77
C SER D 383 -29.38 39.37 -27.95
N GLY D 384 -30.40 39.53 -27.11
CA GLY D 384 -31.58 38.68 -27.17
C GLY D 384 -31.37 37.38 -26.42
N ALA D 385 -32.47 36.63 -26.32
CA ALA D 385 -32.45 35.31 -25.71
C ALA D 385 -33.37 34.40 -26.52
N PHE D 386 -33.07 33.11 -26.48
CA PHE D 386 -33.88 32.05 -27.11
C PHE D 386 -33.89 32.28 -28.63
N LYS D 387 -35.03 32.09 -29.30
CA LYS D 387 -35.08 32.18 -30.75
C LYS D 387 -34.78 33.59 -31.24
N GLU D 388 -34.92 34.58 -30.35
CA GLU D 388 -34.66 35.97 -30.67
C GLU D 388 -33.21 36.36 -30.46
N GLY D 389 -32.36 35.39 -30.13
CA GLY D 389 -30.95 35.69 -29.88
C GLY D 389 -30.22 36.09 -31.15
N SER D 390 -29.29 37.04 -31.00
CA SER D 390 -28.60 37.57 -32.16
C SER D 390 -27.32 38.27 -31.73
N LEU D 391 -26.48 38.55 -32.72
CA LEU D 391 -25.38 39.49 -32.59
C LEU D 391 -25.78 40.79 -33.28
N ARG D 392 -25.40 41.92 -32.70
CA ARG D 392 -25.73 43.22 -33.28
C ARG D 392 -24.47 44.06 -33.40
N ILE D 393 -24.22 44.59 -34.60
CA ILE D 393 -23.10 45.49 -34.85
C ILE D 393 -23.64 46.91 -34.91
N ILE D 394 -23.16 47.76 -34.02
CA ILE D 394 -23.64 49.12 -33.86
C ILE D 394 -22.47 50.04 -34.21
N ARG D 395 -22.72 50.98 -35.11
CA ARG D 395 -21.73 51.93 -35.57
C ARG D 395 -22.37 53.31 -35.53
N ASN D 396 -21.54 54.32 -35.25
CA ASN D 396 -22.02 55.69 -35.29
C ASN D 396 -22.01 56.15 -36.75
N GLY D 397 -22.99 56.98 -37.09
CA GLY D 397 -23.10 57.48 -38.45
C GLY D 397 -22.14 58.58 -38.80
N ILE D 398 -22.06 58.85 -40.11
CA ILE D 398 -21.11 59.81 -40.70
C ILE D 398 -19.70 59.53 -40.18
N GLN D 408 -27.97 61.60 -37.16
CA GLN D 408 -27.08 60.94 -36.21
C GLN D 408 -27.85 59.83 -35.48
N LYS D 409 -28.18 58.77 -36.20
CA LYS D 409 -28.74 57.54 -35.66
C LYS D 409 -27.68 56.44 -35.77
N LEU D 410 -27.66 55.53 -34.81
CA LEU D 410 -26.71 54.42 -34.85
C LEU D 410 -27.26 53.42 -35.85
N HIS D 411 -26.39 52.94 -36.75
CA HIS D 411 -26.77 51.95 -37.74
C HIS D 411 -26.48 50.57 -37.16
N ILE D 412 -27.50 49.73 -37.09
CA ILE D 412 -27.45 48.48 -36.37
C ILE D 412 -27.63 47.39 -37.40
N ARG D 413 -26.60 46.56 -37.56
CA ARG D 413 -26.67 45.38 -38.41
C ARG D 413 -27.03 44.23 -37.50
N THR D 414 -28.00 43.42 -37.90
CA THR D 414 -28.53 42.36 -37.06
C THR D 414 -28.12 41.00 -37.61
N VAL D 415 -27.54 40.17 -36.75
CA VAL D 415 -27.11 38.83 -37.10
C VAL D 415 -27.89 37.84 -36.26
N PRO D 416 -28.94 37.24 -36.81
CA PRO D 416 -29.74 36.28 -36.03
C PRO D 416 -28.98 34.98 -35.80
N LEU D 417 -29.02 34.51 -34.55
CA LEU D 417 -28.46 33.22 -34.17
C LEU D 417 -29.53 32.16 -33.91
N TYR D 418 -30.74 32.59 -33.55
CA TYR D 418 -31.88 31.73 -33.25
C TYR D 418 -31.62 30.84 -32.04
N GLU D 419 -30.58 31.15 -31.27
CA GLU D 419 -30.30 30.47 -30.01
C GLU D 419 -29.73 31.54 -29.08
N SER D 420 -29.64 31.23 -27.81
CA SER D 420 -29.30 32.24 -26.81
C SER D 420 -27.82 32.55 -26.85
N PRO D 421 -27.41 33.80 -27.11
CA PRO D 421 -26.00 34.18 -27.02
C PRO D 421 -25.62 34.59 -25.61
N ARG D 422 -24.43 34.21 -25.16
CA ARG D 422 -24.04 34.51 -23.78
C ARG D 422 -22.80 35.38 -23.65
N LYS D 423 -21.68 35.03 -24.29
CA LYS D 423 -20.47 35.86 -24.20
C LYS D 423 -19.82 35.94 -25.59
N ILE D 424 -19.11 37.04 -25.82
CA ILE D 424 -18.47 37.28 -27.11
C ILE D 424 -17.03 37.73 -26.88
N CYS D 425 -16.14 37.29 -27.77
CA CYS D 425 -14.74 37.65 -27.75
C CYS D 425 -14.25 37.78 -29.19
N TYR D 426 -13.41 38.79 -29.42
CA TYR D 426 -12.85 39.04 -30.74
C TYR D 426 -11.42 38.52 -30.77
N GLN D 427 -11.09 37.82 -31.85
CA GLN D 427 -9.75 37.25 -32.06
C GLN D 427 -9.27 37.81 -33.40
N GLU D 428 -8.44 38.85 -33.35
CA GLU D 428 -8.01 39.48 -34.58
C GLU D 428 -7.24 38.52 -35.47
N VAL D 429 -6.36 37.72 -34.87
CA VAL D 429 -5.47 36.88 -35.67
C VAL D 429 -6.25 36.04 -36.67
N SER D 430 -7.44 35.59 -36.29
CA SER D 430 -8.28 34.75 -37.15
C SER D 430 -9.39 35.54 -37.84
N GLN D 431 -9.40 36.86 -37.70
CA GLN D 431 -10.45 37.70 -38.29
C GLN D 431 -11.84 37.15 -37.97
N CYS D 432 -12.05 36.76 -36.72
CA CYS D 432 -13.32 36.16 -36.31
C CYS D 432 -13.61 36.46 -34.85
N PHE D 433 -14.87 36.24 -34.48
CA PHE D 433 -15.32 36.33 -33.10
C PHE D 433 -15.55 34.93 -32.55
N GLY D 434 -15.26 34.74 -31.27
CA GLY D 434 -15.72 33.58 -30.53
C GLY D 434 -16.95 33.97 -29.73
N VAL D 435 -17.99 33.15 -29.84
CA VAL D 435 -19.25 33.41 -29.16
C VAL D 435 -19.69 32.15 -28.43
N LEU D 436 -19.97 32.29 -27.14
CA LEU D 436 -20.58 31.23 -26.35
C LEU D 436 -22.09 31.36 -26.47
N SER D 437 -22.77 30.23 -26.62
CA SER D 437 -24.20 30.24 -26.84
C SER D 437 -24.81 28.97 -26.29
N SER D 438 -26.10 29.03 -26.00
CA SER D 438 -26.83 27.85 -25.55
C SER D 438 -28.20 27.79 -26.19
N ARG D 439 -28.63 26.58 -26.51
CA ARG D 439 -29.94 26.31 -27.10
C ARG D 439 -30.69 25.33 -26.21
N ILE D 440 -32.02 25.37 -26.32
CA ILE D 440 -32.87 24.51 -25.51
C ILE D 440 -33.22 23.27 -26.32
N GLU D 441 -32.94 22.10 -25.75
CA GLU D 441 -33.44 20.83 -26.26
C GLU D 441 -34.33 20.23 -25.19
N VAL D 442 -35.17 19.28 -25.60
CA VAL D 442 -36.18 18.72 -24.72
C VAL D 442 -36.08 17.20 -24.70
N GLN D 443 -36.26 16.62 -23.51
CA GLN D 443 -36.20 15.18 -23.34
C GLN D 443 -37.26 14.50 -24.18
N ASP D 444 -36.84 13.56 -25.02
CA ASP D 444 -37.72 12.87 -25.95
C ASP D 444 -37.73 11.37 -25.69
N THR D 445 -38.52 10.67 -26.48
CA THR D 445 -38.75 9.23 -26.31
C THR D 445 -37.56 8.38 -26.71
N SER D 446 -36.54 8.94 -27.36
CA SER D 446 -35.34 8.17 -27.67
C SER D 446 -34.41 8.00 -26.47
N GLY D 447 -34.69 8.70 -25.38
CA GLY D 447 -33.80 8.83 -24.26
C GLY D 447 -32.92 10.08 -24.34
N GLY D 448 -32.65 10.56 -25.54
CA GLY D 448 -31.91 11.79 -25.73
C GLY D 448 -32.80 13.02 -25.72
N THR D 449 -32.33 14.07 -26.38
CA THR D 449 -33.06 15.31 -26.47
C THR D 449 -33.11 15.76 -27.92
N THR D 450 -34.05 16.66 -28.20
CA THR D 450 -34.31 17.16 -29.55
C THR D 450 -34.42 18.68 -29.49
N ALA D 451 -33.80 19.34 -30.46
CA ALA D 451 -33.85 20.79 -30.53
C ALA D 451 -35.22 21.24 -31.04
N LEU D 452 -35.74 22.30 -30.42
CA LEU D 452 -37.07 22.77 -30.79
C LEU D 452 -37.08 23.43 -32.16
N ARG D 453 -35.93 23.87 -32.63
CA ARG D 453 -35.80 24.53 -33.93
C ARG D 453 -34.34 24.53 -34.31
N PRO D 454 -34.03 24.62 -35.60
CA PRO D 454 -32.63 24.75 -36.01
C PRO D 454 -32.09 26.12 -35.62
N SER D 455 -30.81 26.14 -35.23
CA SER D 455 -30.19 27.40 -34.83
C SER D 455 -28.71 27.35 -35.19
N ALA D 456 -27.98 28.39 -34.79
CA ALA D 456 -26.62 28.59 -35.26
C ALA D 456 -25.72 27.39 -34.96
N SER D 457 -25.82 26.83 -33.75
CA SER D 457 -24.92 25.75 -33.37
C SER D 457 -25.26 24.43 -34.07
N THR D 458 -26.43 24.33 -34.68
CA THR D 458 -26.85 23.11 -35.34
C THR D 458 -26.74 23.21 -36.85
N GLN D 459 -26.76 24.42 -37.39
CA GLN D 459 -26.63 24.67 -38.81
C GLN D 459 -25.23 25.16 -39.15
N ALA D 460 -24.24 24.79 -38.34
CA ALA D 460 -22.90 25.31 -38.53
C ALA D 460 -22.22 24.45 -39.57
N LEU D 461 -21.35 25.10 -40.35
CA LEU D 461 -20.70 24.41 -41.47
C LEU D 461 -19.88 23.22 -40.98
N SER D 462 -19.06 23.44 -39.97
CA SER D 462 -18.27 22.40 -39.33
C SER D 462 -18.72 22.30 -37.88
N SER D 463 -18.68 21.10 -37.33
CA SER D 463 -19.17 20.89 -35.97
C SER D 463 -18.33 19.84 -35.27
N SER D 464 -18.27 19.96 -33.96
CA SER D 464 -17.50 19.05 -33.11
C SER D 464 -18.21 18.95 -31.77
N VAL D 465 -17.85 17.91 -31.02
CA VAL D 465 -18.40 17.67 -29.70
C VAL D 465 -17.27 17.26 -28.77
N SER D 466 -17.20 17.87 -27.60
CA SER D 466 -16.14 17.54 -26.67
C SER D 466 -16.18 16.06 -26.33
N SER D 467 -15.00 15.44 -26.29
CA SER D 467 -14.85 14.04 -25.94
C SER D 467 -14.14 13.89 -24.59
N SER D 468 -14.18 14.94 -23.77
CA SER D 468 -13.45 14.95 -22.52
C SER D 468 -13.97 13.82 -21.62
N LYS D 469 -13.03 13.15 -20.96
CA LYS D 469 -13.37 12.09 -20.05
C LYS D 469 -13.14 12.49 -18.59
N LEU D 470 -12.90 13.78 -18.33
CA LEU D 470 -12.48 14.23 -17.01
C LEU D 470 -13.51 13.87 -15.93
N PHE D 471 -14.77 14.22 -16.15
CA PHE D 471 -15.78 13.85 -15.17
C PHE D 471 -16.33 12.46 -15.38
N SER D 472 -15.93 11.80 -16.47
CA SER D 472 -16.25 10.41 -16.74
C SER D 472 -17.60 10.03 -16.18
N SER D 473 -17.67 8.88 -15.50
CA SER D 473 -18.91 8.41 -14.89
C SER D 473 -19.02 8.77 -13.41
N SER D 474 -18.22 9.73 -12.95
CA SER D 474 -18.21 10.12 -11.54
C SER D 474 -19.63 10.40 -11.03
N THR D 475 -20.40 11.24 -11.73
CA THR D 475 -21.75 11.56 -11.30
C THR D 475 -22.72 10.57 -11.96
N ALA D 476 -23.48 9.83 -11.16
CA ALA D 476 -24.47 8.90 -11.69
C ALA D 476 -25.53 9.64 -12.50
N PRO D 477 -26.18 8.97 -13.45
CA PRO D 477 -27.16 9.68 -14.28
C PRO D 477 -28.32 10.20 -13.44
N HIS D 478 -28.55 11.50 -13.54
CA HIS D 478 -29.63 12.18 -12.84
C HIS D 478 -30.93 11.95 -13.59
N GLU D 479 -31.92 11.38 -12.88
CA GLU D 479 -33.16 10.95 -13.50
C GLU D 479 -33.66 11.98 -14.51
N THR D 480 -34.05 11.50 -15.68
CA THR D 480 -34.53 12.36 -16.76
C THR D 480 -35.96 11.96 -17.11
N SER D 481 -36.84 12.96 -17.13
CA SER D 481 -38.24 12.76 -17.44
C SER D 481 -38.56 13.38 -18.79
N PHE D 482 -39.39 12.71 -19.58
CA PHE D 482 -39.74 13.21 -20.90
C PHE D 482 -40.39 14.58 -20.79
N GLY D 483 -39.99 15.49 -21.66
CA GLY D 483 -40.54 16.82 -21.71
C GLY D 483 -39.74 17.88 -20.97
N GLU D 484 -38.79 17.48 -20.13
CA GLU D 484 -37.99 18.47 -19.43
C GLU D 484 -37.02 19.15 -20.37
N GLU D 485 -36.75 20.42 -20.09
CA GLU D 485 -35.83 21.22 -20.88
C GLU D 485 -34.42 21.08 -20.33
N VAL D 486 -33.44 21.16 -21.23
CA VAL D 486 -32.03 21.19 -20.85
C VAL D 486 -31.33 22.18 -21.78
N GLU D 487 -30.26 22.79 -21.27
CA GLU D 487 -29.45 23.70 -22.06
C GLU D 487 -28.26 22.97 -22.64
N VAL D 488 -27.97 23.26 -23.91
CA VAL D 488 -26.81 22.72 -24.60
C VAL D 488 -25.94 23.90 -25.01
N HIS D 489 -24.69 23.90 -24.55
CA HIS D 489 -23.79 25.02 -24.74
C HIS D 489 -22.79 24.74 -25.84
N ASN D 490 -22.43 25.79 -26.56
CA ASN D 490 -21.54 25.69 -27.70
C ASN D 490 -20.58 26.87 -27.71
N LEU D 491 -19.45 26.67 -28.39
CA LEU D 491 -18.55 27.74 -28.79
C LEU D 491 -18.74 27.92 -30.29
N LEU D 492 -19.09 29.14 -30.70
CA LEU D 492 -19.29 29.45 -32.11
C LEU D 492 -18.12 30.30 -32.61
N ILE D 493 -17.59 29.94 -33.77
CA ILE D 493 -16.58 30.72 -34.45
C ILE D 493 -17.27 31.43 -35.63
N ILE D 494 -17.24 32.76 -35.61
CA ILE D 494 -18.00 33.59 -36.52
C ILE D 494 -17.08 34.55 -37.25
N ASP D 495 -17.27 34.71 -38.57
CA ASP D 495 -16.40 35.54 -39.39
C ASP D 495 -16.72 37.01 -39.13
N GLN D 496 -15.67 37.85 -39.11
CA GLN D 496 -15.85 39.23 -38.68
C GLN D 496 -16.50 40.11 -39.73
N HIS D 497 -16.51 39.68 -40.99
CA HIS D 497 -17.14 40.45 -42.07
C HIS D 497 -18.47 39.88 -42.52
N THR D 498 -18.54 38.57 -42.74
CA THR D 498 -19.77 37.95 -43.19
C THR D 498 -20.66 37.50 -42.04
N PHE D 499 -20.05 37.16 -40.91
CA PHE D 499 -20.78 36.62 -39.75
C PHE D 499 -21.41 35.27 -40.08
N GLU D 500 -20.73 34.52 -40.95
CA GLU D 500 -21.08 33.11 -41.18
C GLU D 500 -20.53 32.28 -40.04
N VAL D 501 -21.33 31.34 -39.54
CA VAL D 501 -20.87 30.43 -38.50
C VAL D 501 -19.92 29.41 -39.11
N LEU D 502 -18.62 29.59 -38.85
CA LEU D 502 -17.60 28.75 -39.46
C LEU D 502 -17.52 27.39 -38.81
N HIS D 503 -17.54 27.35 -37.48
CA HIS D 503 -17.43 26.13 -36.71
C HIS D 503 -18.30 26.29 -35.47
N ALA D 504 -18.85 25.18 -34.99
CA ALA D 504 -19.64 25.16 -33.78
C ALA D 504 -19.18 23.98 -32.94
N HIS D 505 -18.63 24.26 -31.76
CA HIS D 505 -18.19 23.23 -30.84
C HIS D 505 -19.22 23.08 -29.73
N GLN D 506 -19.69 21.85 -29.53
CA GLN D 506 -20.65 21.53 -28.48
C GLN D 506 -19.93 20.97 -27.27
N PHE D 507 -20.26 21.49 -26.09
CA PHE D 507 -19.63 21.07 -24.85
C PHE D 507 -20.33 19.86 -24.27
N LEU D 508 -19.80 19.38 -23.14
CA LEU D 508 -20.30 18.15 -22.54
C LEU D 508 -21.75 18.29 -22.09
N GLN D 509 -22.40 17.15 -21.93
CA GLN D 509 -23.76 17.12 -21.43
C GLN D 509 -23.82 17.73 -20.02
N ASN D 510 -24.71 18.70 -19.85
CA ASN D 510 -24.88 19.43 -18.60
C ASN D 510 -23.71 20.35 -18.27
N GLU D 511 -22.89 20.69 -19.26
CA GLU D 511 -21.79 21.62 -19.07
C GLU D 511 -22.22 22.99 -19.59
N TYR D 512 -22.08 24.01 -18.73
CA TYR D 512 -22.38 25.39 -19.09
C TYR D 512 -21.08 26.12 -19.39
N ALA D 513 -21.06 26.87 -20.49
CA ALA D 513 -19.94 27.73 -20.83
C ALA D 513 -20.22 29.10 -20.20
N LEU D 514 -19.34 29.53 -19.30
CA LEU D 514 -19.55 30.74 -18.53
C LEU D 514 -18.61 31.88 -18.87
N SER D 515 -17.42 31.58 -19.39
CA SER D 515 -16.42 32.60 -19.60
C SER D 515 -15.60 32.26 -20.84
N LEU D 516 -15.11 33.31 -21.51
CA LEU D 516 -14.40 33.17 -22.78
C LEU D 516 -13.37 34.27 -22.90
N VAL D 517 -12.16 33.91 -23.32
CA VAL D 517 -11.12 34.88 -23.63
C VAL D 517 -10.44 34.47 -24.93
N SER D 518 -9.80 35.47 -25.57
CA SER D 518 -8.91 35.26 -26.70
C SER D 518 -7.58 35.90 -26.35
N CYS D 519 -6.51 35.12 -26.40
CA CYS D 519 -5.22 35.68 -26.00
C CYS D 519 -4.08 34.75 -26.37
N LYS D 520 -2.87 35.32 -26.32
CA LYS D 520 -1.61 34.58 -26.34
C LYS D 520 -1.16 34.41 -24.88
N LEU D 521 -0.56 33.27 -24.57
CA LEU D 521 -0.07 33.03 -23.23
C LEU D 521 1.40 32.63 -23.22
N GLY D 522 2.09 32.99 -22.13
CA GLY D 522 3.44 32.54 -21.93
C GLY D 522 4.35 32.86 -23.10
N LYS D 523 5.16 31.88 -23.49
CA LYS D 523 6.02 31.99 -24.64
C LYS D 523 5.45 31.33 -25.88
N ASP D 524 4.15 31.01 -25.87
CA ASP D 524 3.48 30.41 -27.01
C ASP D 524 2.96 31.50 -27.93
N PRO D 525 3.45 31.59 -29.19
CA PRO D 525 2.96 32.64 -30.09
C PRO D 525 1.56 32.40 -30.61
N ASN D 526 1.01 31.20 -30.45
CA ASN D 526 -0.32 30.90 -30.97
C ASN D 526 -1.38 31.62 -30.14
N THR D 527 -2.40 32.13 -30.82
CA THR D 527 -3.53 32.81 -30.18
C THR D 527 -4.71 31.85 -30.04
N TYR D 528 -5.21 31.72 -28.81
CA TYR D 528 -6.19 30.71 -28.46
C TYR D 528 -7.53 31.32 -28.05
N PHE D 529 -8.58 30.52 -28.23
CA PHE D 529 -9.87 30.73 -27.57
C PHE D 529 -9.89 29.84 -26.33
N ILE D 530 -10.11 30.44 -25.16
CA ILE D 530 -10.14 29.71 -23.90
C ILE D 530 -11.52 29.91 -23.28
N VAL D 531 -12.12 28.81 -22.84
CA VAL D 531 -13.48 28.82 -22.32
C VAL D 531 -13.47 28.23 -20.91
N GLY D 532 -14.15 28.91 -19.99
CA GLY D 532 -14.33 28.43 -18.63
C GLY D 532 -15.77 27.96 -18.44
N THR D 533 -15.90 26.78 -17.84
CA THR D 533 -17.18 26.08 -17.81
C THR D 533 -17.57 25.69 -16.39
N ALA D 534 -18.79 25.16 -16.26
CA ALA D 534 -19.31 24.66 -15.00
C ALA D 534 -20.20 23.47 -15.28
N MET D 535 -20.08 22.42 -14.46
CA MET D 535 -20.97 21.28 -14.54
C MET D 535 -22.20 21.56 -13.70
N VAL D 536 -23.35 21.66 -14.35
CA VAL D 536 -24.59 22.09 -13.72
C VAL D 536 -25.47 20.86 -13.59
N TYR D 537 -25.66 20.42 -12.37
CA TYR D 537 -26.62 19.37 -12.06
C TYR D 537 -27.72 19.97 -11.20
N PRO D 538 -28.98 19.68 -11.51
CA PRO D 538 -30.09 20.38 -10.82
C PRO D 538 -30.03 20.31 -9.31
N GLU D 539 -29.47 19.23 -8.76
CA GLU D 539 -29.48 19.02 -7.31
C GLU D 539 -28.50 19.92 -6.59
N GLU D 540 -27.43 20.35 -7.25
CA GLU D 540 -26.34 21.01 -6.55
C GLU D 540 -26.64 22.50 -6.38
N ALA D 541 -26.43 23.00 -5.17
CA ALA D 541 -26.63 24.42 -4.90
C ALA D 541 -25.60 25.28 -5.62
N GLU D 542 -24.39 24.76 -5.80
CA GLU D 542 -23.31 25.49 -6.40
C GLU D 542 -22.51 24.42 -7.11
N PRO D 543 -22.13 24.61 -8.37
CA PRO D 543 -21.38 23.57 -9.08
C PRO D 543 -20.13 23.20 -8.32
N LYS D 544 -19.78 21.92 -8.36
CA LYS D 544 -18.58 21.41 -7.72
C LYS D 544 -17.58 20.88 -8.74
N GLN D 545 -17.89 20.99 -10.03
CA GLN D 545 -17.00 20.54 -11.10
C GLN D 545 -16.99 21.55 -12.24
N GLY D 546 -15.87 21.60 -12.95
CA GLY D 546 -15.76 22.48 -14.10
C GLY D 546 -14.47 22.26 -14.85
N ARG D 547 -14.39 22.92 -16.02
CA ARG D 547 -13.24 22.82 -16.90
C ARG D 547 -12.80 24.20 -17.39
N ILE D 548 -11.51 24.32 -17.65
CA ILE D 548 -10.95 25.39 -18.48
C ILE D 548 -10.43 24.71 -19.74
N VAL D 549 -10.90 25.15 -20.90
CA VAL D 549 -10.57 24.51 -22.17
C VAL D 549 -9.88 25.53 -23.09
N VAL D 550 -8.79 25.10 -23.71
CA VAL D 550 -8.04 25.92 -24.65
C VAL D 550 -8.28 25.40 -26.06
N PHE D 551 -8.82 26.23 -26.94
CA PHE D 551 -9.04 25.89 -28.33
C PHE D 551 -8.10 26.73 -29.21
N GLN D 552 -7.77 26.20 -30.40
CA GLN D 552 -7.06 26.97 -31.42
C GLN D 552 -7.80 26.84 -32.74
N TYR D 553 -8.14 27.98 -33.34
CA TYR D 553 -8.75 28.00 -34.66
C TYR D 553 -7.66 28.26 -35.71
N SER D 554 -7.40 27.26 -36.56
CA SER D 554 -6.41 27.36 -37.62
C SER D 554 -6.92 26.60 -38.83
N ASP D 555 -6.87 27.24 -39.99
CA ASP D 555 -7.28 26.64 -41.26
C ASP D 555 -8.71 26.09 -41.17
N GLY D 556 -9.60 26.86 -40.57
CA GLY D 556 -10.99 26.46 -40.54
C GLY D 556 -11.33 25.35 -39.59
N LYS D 557 -10.42 24.98 -38.68
CA LYS D 557 -10.64 23.89 -37.75
C LYS D 557 -10.32 24.32 -36.33
N LEU D 558 -11.16 23.87 -35.39
CA LEU D 558 -10.94 24.12 -33.98
C LEU D 558 -10.30 22.90 -33.34
N GLN D 559 -9.13 23.10 -32.75
CA GLN D 559 -8.41 22.01 -32.08
C GLN D 559 -8.42 22.22 -30.58
N THR D 560 -8.85 21.19 -29.86
CA THR D 560 -8.82 21.22 -28.40
C THR D 560 -7.36 21.11 -27.96
N VAL D 561 -6.79 22.22 -27.52
CA VAL D 561 -5.35 22.24 -27.27
C VAL D 561 -5.05 21.68 -25.89
N ALA D 562 -5.88 22.00 -24.91
CA ALA D 562 -5.63 21.56 -23.54
C ALA D 562 -6.88 21.77 -22.71
N GLU D 563 -7.02 20.95 -21.68
CA GLU D 563 -8.13 21.04 -20.75
C GLU D 563 -7.59 20.91 -19.34
N LYS D 564 -8.08 21.77 -18.45
CA LYS D 564 -7.69 21.83 -17.05
C LYS D 564 -8.93 21.65 -16.20
N GLU D 565 -8.91 20.66 -15.31
CA GLU D 565 -10.04 20.42 -14.44
C GLU D 565 -10.00 21.33 -13.22
N VAL D 566 -11.16 21.84 -12.84
CA VAL D 566 -11.30 22.64 -11.62
C VAL D 566 -12.51 22.13 -10.85
N LYS D 567 -12.61 22.53 -9.59
CA LYS D 567 -13.64 22.06 -8.67
C LYS D 567 -14.72 23.12 -8.45
N GLY D 568 -15.26 23.66 -9.54
CA GLY D 568 -16.28 24.69 -9.43
C GLY D 568 -16.57 25.34 -10.78
N ALA D 569 -17.31 26.43 -10.73
CA ALA D 569 -17.73 27.14 -11.93
C ALA D 569 -16.72 28.22 -12.26
N VAL D 570 -16.27 28.24 -13.51
CA VAL D 570 -15.29 29.25 -13.96
C VAL D 570 -16.10 30.45 -14.45
N TYR D 571 -16.45 31.33 -13.49
CA TYR D 571 -17.35 32.43 -13.80
C TYR D 571 -16.68 33.49 -14.67
N SER D 572 -15.38 33.75 -14.46
CA SER D 572 -14.72 34.82 -15.20
C SER D 572 -13.25 34.50 -15.44
N MET D 573 -12.76 34.89 -16.61
CA MET D 573 -11.35 34.77 -16.96
C MET D 573 -10.90 36.05 -17.64
N VAL D 574 -9.60 36.33 -17.55
CA VAL D 574 -9.03 37.48 -18.22
C VAL D 574 -7.53 37.23 -18.37
N GLU D 575 -6.97 37.65 -19.51
CA GLU D 575 -5.53 37.57 -19.69
C GLU D 575 -4.85 38.57 -18.78
N PHE D 576 -3.76 38.11 -18.14
CA PHE D 576 -3.06 38.86 -17.09
C PHE D 576 -1.56 38.70 -17.31
N ASN D 577 -0.98 39.62 -18.10
CA ASN D 577 0.46 39.67 -18.29
C ASN D 577 1.01 38.31 -18.71
N GLY D 578 0.41 37.77 -19.77
CA GLY D 578 0.83 36.49 -20.31
C GLY D 578 0.38 35.28 -19.52
N LYS D 579 -0.32 35.48 -18.42
CA LYS D 579 -0.88 34.41 -17.60
C LYS D 579 -2.39 34.48 -17.65
N LEU D 580 -3.04 33.38 -17.28
CA LEU D 580 -4.49 33.28 -17.32
C LEU D 580 -5.04 33.46 -15.92
N LEU D 581 -5.84 34.50 -15.72
CA LEU D 581 -6.50 34.77 -14.44
C LEU D 581 -7.94 34.28 -14.54
N ALA D 582 -8.31 33.34 -13.67
CA ALA D 582 -9.62 32.72 -13.70
C ALA D 582 -10.17 32.67 -12.29
N SER D 583 -11.50 32.79 -12.19
CA SER D 583 -12.22 32.74 -10.92
C SER D 583 -13.06 31.47 -10.88
N ILE D 584 -12.77 30.60 -9.93
CA ILE D 584 -13.50 29.34 -9.72
C ILE D 584 -14.22 29.49 -8.37
N ASN D 585 -15.54 29.75 -8.42
CA ASN D 585 -16.32 29.97 -7.20
C ASN D 585 -15.67 31.05 -6.33
N SER D 586 -15.28 30.70 -5.10
CA SER D 586 -14.60 31.67 -4.24
C SER D 586 -13.16 31.93 -4.67
N THR D 587 -12.49 30.93 -5.23
CA THR D 587 -11.07 31.03 -5.51
C THR D 587 -10.81 31.92 -6.72
N VAL D 588 -9.77 32.73 -6.64
CA VAL D 588 -9.23 33.47 -7.77
C VAL D 588 -7.82 32.94 -8.02
N ARG D 589 -7.59 32.37 -9.21
CA ARG D 589 -6.35 31.67 -9.48
C ARG D 589 -5.62 32.33 -10.64
N LEU D 590 -4.29 32.30 -10.56
CA LEU D 590 -3.42 32.72 -11.66
C LEU D 590 -2.74 31.47 -12.20
N TYR D 591 -2.95 31.20 -13.48
CA TYR D 591 -2.37 30.04 -14.15
C TYR D 591 -1.23 30.48 -15.06
N GLU D 592 -0.18 29.67 -15.14
CA GLU D 592 0.89 29.86 -16.10
C GLU D 592 0.76 28.82 -17.21
N TRP D 593 1.24 29.19 -18.40
CA TRP D 593 1.18 28.35 -19.59
C TRP D 593 2.56 27.74 -19.81
N THR D 594 2.65 26.42 -19.63
CA THR D 594 3.94 25.77 -19.67
C THR D 594 4.40 25.58 -21.11
N THR D 595 5.67 25.21 -21.28
CA THR D 595 6.18 24.87 -22.60
C THR D 595 5.62 23.54 -23.12
N GLU D 596 4.97 22.75 -22.27
CA GLU D 596 4.26 21.56 -22.70
C GLU D 596 2.79 21.86 -23.03
N LYS D 597 2.43 23.14 -23.14
CA LYS D 597 1.09 23.57 -23.53
C LYS D 597 0.02 23.07 -22.56
N GLU D 598 0.23 23.28 -21.26
CA GLU D 598 -0.79 23.00 -20.26
C GLU D 598 -0.73 24.05 -19.16
N LEU D 599 -1.87 24.25 -18.50
CA LEU D 599 -2.00 25.27 -17.47
C LEU D 599 -1.50 24.76 -16.12
N ARG D 600 -0.76 25.61 -15.41
CA ARG D 600 -0.20 25.29 -14.11
C ARG D 600 -0.51 26.40 -13.12
N THR D 601 -1.04 26.03 -11.96
CA THR D 601 -1.43 27.03 -10.97
C THR D 601 -0.19 27.66 -10.35
N GLU D 602 -0.17 28.99 -10.29
CA GLU D 602 0.90 29.72 -9.60
C GLU D 602 0.49 30.09 -8.19
N CYS D 603 -0.62 30.83 -8.04
CA CYS D 603 -1.05 31.27 -6.73
C CYS D 603 -2.57 31.43 -6.72
N ASN D 604 -3.14 31.43 -5.52
CA ASN D 604 -4.58 31.48 -5.33
C ASN D 604 -4.92 32.52 -4.27
N HIS D 605 -6.14 33.04 -4.37
CA HIS D 605 -6.75 33.90 -3.37
C HIS D 605 -8.14 33.38 -3.07
N TYR D 606 -8.45 33.16 -1.79
CA TYR D 606 -9.67 32.47 -1.45
C TYR D 606 -10.72 33.33 -0.74
N ASN D 607 -10.42 34.58 -0.39
CA ASN D 607 -11.33 35.38 0.43
C ASN D 607 -12.43 35.98 -0.44
N ASN D 608 -13.36 35.11 -0.85
CA ASN D 608 -14.50 35.53 -1.65
C ASN D 608 -15.68 34.60 -1.41
N ILE D 609 -16.88 35.16 -1.60
CA ILE D 609 -18.11 34.36 -1.57
C ILE D 609 -18.40 33.76 -2.94
N MET D 610 -18.41 34.60 -3.97
CA MET D 610 -18.55 34.14 -5.35
C MET D 610 -17.91 35.19 -6.24
N ALA D 611 -16.73 34.87 -6.76
CA ALA D 611 -15.94 35.79 -7.57
C ALA D 611 -16.47 35.77 -9.00
N LEU D 612 -17.52 36.56 -9.23
CA LEU D 612 -18.23 36.52 -10.50
C LEU D 612 -17.55 37.34 -11.59
N TYR D 613 -16.94 38.47 -11.25
CA TYR D 613 -16.44 39.38 -12.27
C TYR D 613 -14.98 39.75 -12.01
N LEU D 614 -14.19 39.79 -13.09
CA LEU D 614 -12.77 40.10 -13.01
C LEU D 614 -12.38 41.12 -14.07
N LYS D 615 -11.54 42.09 -13.66
CA LYS D 615 -10.93 43.03 -14.58
C LYS D 615 -9.49 43.27 -14.11
N THR D 616 -8.61 43.68 -15.04
CA THR D 616 -7.21 43.90 -14.69
C THR D 616 -6.69 45.21 -15.28
N LYS D 617 -5.58 45.68 -14.67
CA LYS D 617 -4.81 46.81 -15.17
C LYS D 617 -3.42 46.65 -14.58
N GLY D 618 -2.43 46.29 -15.40
CA GLY D 618 -1.09 46.04 -14.87
C GLY D 618 -1.04 44.78 -14.03
N ASP D 619 -0.47 44.91 -12.82
CA ASP D 619 -0.43 43.82 -11.86
C ASP D 619 -1.53 43.91 -10.81
N PHE D 620 -2.50 44.80 -11.01
CA PHE D 620 -3.65 44.98 -10.12
C PHE D 620 -4.87 44.25 -10.69
N ILE D 621 -5.64 43.62 -9.80
CA ILE D 621 -6.82 42.85 -10.18
C ILE D 621 -8.01 43.34 -9.39
N LEU D 622 -9.13 43.63 -10.07
CA LEU D 622 -10.37 44.02 -9.43
C LEU D 622 -11.35 42.86 -9.50
N VAL D 623 -11.82 42.39 -8.35
CA VAL D 623 -12.71 41.23 -8.26
C VAL D 623 -14.09 41.70 -7.84
N GLY D 624 -15.12 41.25 -8.57
CA GLY D 624 -16.48 41.54 -8.19
C GLY D 624 -17.17 40.35 -7.56
N ASP D 625 -17.66 40.50 -6.34
CA ASP D 625 -18.22 39.41 -5.57
C ASP D 625 -19.75 39.51 -5.61
N LEU D 626 -20.40 38.40 -5.27
CA LEU D 626 -21.86 38.38 -5.30
C LEU D 626 -22.41 39.34 -4.27
N MET D 627 -21.85 39.35 -3.05
CA MET D 627 -22.38 40.21 -2.00
C MET D 627 -21.37 41.14 -1.33
N ARG D 628 -20.07 40.96 -1.51
CA ARG D 628 -19.08 41.77 -0.81
C ARG D 628 -18.45 42.83 -1.73
N SER D 629 -19.18 43.26 -2.74
CA SER D 629 -18.83 44.41 -3.61
C SER D 629 -17.54 44.08 -4.34
N VAL D 630 -16.51 44.91 -4.27
CA VAL D 630 -15.34 44.89 -5.10
C VAL D 630 -14.11 44.85 -4.20
N LEU D 631 -13.11 44.10 -4.64
CA LEU D 631 -11.85 43.97 -3.93
C LEU D 631 -10.73 44.28 -4.92
N LEU D 632 -9.75 45.07 -4.47
CA LEU D 632 -8.57 45.35 -5.28
C LEU D 632 -7.53 44.33 -4.84
N LEU D 633 -7.29 43.33 -5.71
CA LEU D 633 -6.21 42.38 -5.50
C LEU D 633 -4.97 42.86 -6.24
N ALA D 634 -3.82 42.37 -5.82
CA ALA D 634 -2.58 42.67 -6.52
C ALA D 634 -1.69 41.44 -6.55
N TYR D 635 -0.97 41.30 -7.65
CA TYR D 635 0.01 40.25 -7.83
C TYR D 635 1.37 40.79 -7.42
N LYS D 636 1.96 40.22 -6.38
CA LYS D 636 3.30 40.63 -5.97
C LYS D 636 4.28 39.73 -6.71
N PRO D 637 4.82 40.14 -7.85
CA PRO D 637 5.68 39.22 -8.61
C PRO D 637 6.90 38.76 -7.83
N MET D 638 7.46 39.58 -6.96
CA MET D 638 8.65 39.16 -6.23
C MET D 638 8.38 37.91 -5.39
N GLU D 639 7.13 37.72 -4.93
CA GLU D 639 6.80 36.58 -4.10
C GLU D 639 6.00 35.52 -4.83
N GLY D 640 5.34 35.86 -5.95
CA GLY D 640 4.56 34.88 -6.67
C GLY D 640 3.25 34.53 -6.00
N ASN D 641 2.54 35.52 -5.45
CA ASN D 641 1.30 35.29 -4.73
C ASN D 641 0.41 36.52 -4.86
N PHE D 642 -0.73 36.50 -4.19
CA PHE D 642 -1.68 37.62 -4.23
C PHE D 642 -1.65 38.33 -2.89
N GLU D 643 -1.82 39.66 -2.90
CA GLU D 643 -1.96 40.45 -1.69
C GLU D 643 -3.16 41.37 -1.85
N GLU D 644 -4.03 41.37 -0.84
CA GLU D 644 -5.19 42.25 -0.82
C GLU D 644 -4.80 43.70 -0.58
N ILE D 645 -5.19 44.60 -1.49
CA ILE D 645 -4.92 46.01 -1.30
C ILE D 645 -6.06 46.72 -0.58
N ALA D 646 -7.30 46.58 -1.05
CA ALA D 646 -8.41 47.25 -0.40
C ALA D 646 -9.73 46.67 -0.89
N ARG D 647 -10.70 46.60 0.01
CA ARG D 647 -12.02 46.06 -0.29
C ARG D 647 -13.06 47.12 0.00
N ASP D 648 -14.16 47.09 -0.74
CA ASP D 648 -15.33 47.90 -0.42
C ASP D 648 -16.11 47.09 0.60
N PHE D 649 -16.01 47.45 1.88
CA PHE D 649 -16.67 46.65 2.89
C PHE D 649 -18.19 46.87 2.90
N ASN D 650 -18.69 47.86 2.18
CA ASN D 650 -20.12 47.99 1.96
C ASN D 650 -20.65 46.84 1.09
N PRO D 651 -21.72 46.19 1.48
CA PRO D 651 -22.22 45.02 0.72
C PRO D 651 -23.15 45.45 -0.41
N ASN D 652 -22.95 44.83 -1.58
CA ASN D 652 -23.70 45.15 -2.79
C ASN D 652 -23.80 43.92 -3.67
N TRP D 653 -24.95 43.73 -4.30
CA TRP D 653 -25.11 42.68 -5.31
C TRP D 653 -24.58 43.24 -6.64
N MET D 654 -23.50 42.68 -7.14
CA MET D 654 -22.78 43.26 -8.25
C MET D 654 -23.28 42.65 -9.55
N SER D 655 -23.46 43.49 -10.56
CA SER D 655 -23.80 43.05 -11.92
C SER D 655 -22.62 43.12 -12.87
N ALA D 656 -21.69 44.05 -12.66
CA ALA D 656 -20.48 44.15 -13.44
C ALA D 656 -19.56 45.15 -12.75
N VAL D 657 -18.28 45.06 -13.04
CA VAL D 657 -17.28 45.93 -12.46
C VAL D 657 -16.40 46.43 -13.61
N GLU D 658 -15.71 47.54 -13.36
CA GLU D 658 -14.73 48.04 -14.32
C GLU D 658 -13.72 48.90 -13.58
N ILE D 659 -12.51 48.94 -14.12
CA ILE D 659 -11.44 49.79 -13.63
C ILE D 659 -11.43 51.04 -14.49
N LEU D 660 -11.53 52.21 -13.86
CA LEU D 660 -11.47 53.47 -14.58
C LEU D 660 -10.02 53.94 -14.73
N ASP D 661 -9.28 53.91 -13.63
CA ASP D 661 -7.88 54.30 -13.62
C ASP D 661 -7.25 53.65 -12.39
N ASP D 662 -5.98 53.97 -12.16
CA ASP D 662 -5.24 53.28 -11.10
C ASP D 662 -5.87 53.46 -9.73
N ASP D 663 -6.72 54.48 -9.56
CA ASP D 663 -7.29 54.79 -8.27
C ASP D 663 -8.82 54.67 -8.22
N ASN D 664 -9.50 54.74 -9.36
CA ASN D 664 -10.96 54.69 -9.39
C ASN D 664 -11.45 53.36 -9.94
N PHE D 665 -12.50 52.84 -9.33
CA PHE D 665 -13.10 51.55 -9.69
C PHE D 665 -14.61 51.74 -9.80
N LEU D 666 -15.18 51.22 -10.87
CA LEU D 666 -16.59 51.43 -11.19
C LEU D 666 -17.37 50.14 -10.98
N GLY D 667 -18.56 50.27 -10.40
CA GLY D 667 -19.39 49.11 -10.14
C GLY D 667 -20.85 49.37 -10.44
N ALA D 668 -21.57 48.28 -10.73
CA ALA D 668 -23.00 48.32 -11.00
C ALA D 668 -23.69 47.30 -10.09
N GLU D 669 -24.84 47.68 -9.54
CA GLU D 669 -25.58 46.90 -8.56
C GLU D 669 -26.89 46.39 -9.14
N ASN D 670 -27.43 45.35 -8.50
CA ASN D 670 -28.73 44.84 -8.92
C ASN D 670 -29.87 45.77 -8.55
N ALA D 671 -29.56 46.91 -7.92
CA ALA D 671 -30.54 47.92 -7.59
C ALA D 671 -30.61 49.00 -8.65
N PHE D 672 -30.00 48.77 -9.80
CA PHE D 672 -29.96 49.74 -10.89
C PHE D 672 -29.15 50.96 -10.47
N ASN D 673 -28.10 50.74 -9.68
CA ASN D 673 -27.30 51.85 -9.21
C ASN D 673 -25.87 51.67 -9.70
N LEU D 674 -25.19 52.79 -9.91
CA LEU D 674 -23.78 52.82 -10.28
C LEU D 674 -23.04 53.46 -9.10
N PHE D 675 -21.85 52.97 -8.80
CA PHE D 675 -21.06 53.57 -7.72
C PHE D 675 -19.59 53.46 -8.08
N VAL D 676 -18.81 54.41 -7.56
CA VAL D 676 -17.37 54.44 -7.76
C VAL D 676 -16.70 54.49 -6.39
N CYS D 677 -15.80 53.56 -6.13
CA CYS D 677 -14.99 53.53 -4.91
C CYS D 677 -13.52 53.67 -5.30
N GLN D 678 -12.76 54.39 -4.47
CA GLN D 678 -11.36 54.66 -4.72
C GLN D 678 -10.53 54.43 -3.46
N LYS D 679 -9.25 54.15 -3.67
CA LYS D 679 -8.32 54.04 -2.54
C LYS D 679 -8.44 55.26 -1.66
N ASP D 680 -8.51 55.02 -0.35
CA ASP D 680 -8.74 56.12 0.59
C ASP D 680 -7.55 57.08 0.60
N SER D 681 -6.33 56.54 0.59
CA SER D 681 -5.13 57.37 0.57
C SER D 681 -5.20 58.44 1.64
N ALA D 682 -5.71 58.06 2.82
CA ALA D 682 -5.85 58.97 3.93
C ALA D 682 -5.64 58.24 5.25
N ALA D 683 -5.36 59.03 6.29
CA ALA D 683 -5.11 58.59 7.66
C ALA D 683 -3.81 57.81 7.84
N THR D 684 -3.08 57.52 6.76
CA THR D 684 -1.79 56.84 6.84
C THR D 684 -1.77 55.67 7.82
N THR D 685 -2.84 54.88 7.82
CA THR D 685 -2.96 53.69 8.65
C THR D 685 -3.08 52.49 7.71
N ASP D 686 -2.44 51.36 8.07
CA ASP D 686 -2.61 50.18 7.24
C ASP D 686 -4.07 49.77 7.17
N GLU D 687 -4.80 49.99 8.26
CA GLU D 687 -6.22 49.63 8.30
C GLU D 687 -7.05 50.55 7.42
N GLU D 688 -6.77 51.86 7.45
CA GLU D 688 -7.53 52.80 6.63
C GLU D 688 -7.26 52.61 5.14
N ARG D 689 -6.00 52.42 4.75
CA ARG D 689 -5.64 52.24 3.35
C ARG D 689 -6.20 50.96 2.75
N GLN D 690 -6.69 50.04 3.57
CA GLN D 690 -7.35 48.84 3.06
C GLN D 690 -8.87 49.01 2.90
N HIS D 691 -9.40 50.22 3.10
CA HIS D 691 -10.84 50.46 2.99
C HIS D 691 -11.10 51.30 1.75
N LEU D 692 -11.66 50.69 0.71
CA LEU D 692 -12.14 51.46 -0.43
C LEU D 692 -13.43 52.16 -0.02
N GLN D 693 -13.47 53.48 -0.16
CA GLN D 693 -14.65 54.23 0.23
C GLN D 693 -15.42 54.61 -1.03
N GLU D 694 -16.71 54.33 -1.02
CA GLU D 694 -17.59 54.70 -2.12
C GLU D 694 -17.72 56.22 -2.19
N VAL D 695 -17.21 56.79 -3.28
CA VAL D 695 -17.19 58.23 -3.45
C VAL D 695 -18.20 58.73 -4.48
N GLY D 696 -18.71 57.85 -5.34
CA GLY D 696 -19.74 58.21 -6.30
C GLY D 696 -20.92 57.28 -6.19
N LEU D 697 -22.13 57.86 -6.16
CA LEU D 697 -23.37 57.09 -6.09
C LEU D 697 -24.34 57.68 -7.10
N PHE D 698 -24.99 56.84 -7.88
CA PHE D 698 -25.86 57.33 -8.95
C PHE D 698 -26.86 56.25 -9.31
N HIS D 699 -28.14 56.62 -9.35
CA HIS D 699 -29.19 55.70 -9.75
C HIS D 699 -29.31 55.72 -11.27
N LEU D 700 -28.82 54.67 -11.92
CA LEU D 700 -28.84 54.62 -13.37
C LEU D 700 -30.24 54.39 -13.90
N GLY D 701 -31.00 53.51 -13.25
CA GLY D 701 -32.29 53.12 -13.74
C GLY D 701 -32.27 51.94 -14.69
N GLU D 702 -31.10 51.39 -15.00
CA GLU D 702 -30.96 50.29 -15.93
C GLU D 702 -30.08 49.24 -15.28
N PHE D 703 -30.11 48.02 -15.83
CA PHE D 703 -29.33 46.90 -15.32
C PHE D 703 -28.09 46.76 -16.21
N VAL D 704 -26.92 47.00 -15.66
CA VAL D 704 -25.68 46.94 -16.44
C VAL D 704 -25.15 45.51 -16.38
N ASN D 705 -25.03 44.87 -17.54
CA ASN D 705 -24.49 43.53 -17.61
C ASN D 705 -23.00 43.51 -17.95
N VAL D 706 -22.53 44.48 -18.71
CA VAL D 706 -21.18 44.47 -19.26
C VAL D 706 -20.60 45.88 -19.27
N PHE D 707 -19.39 46.03 -18.72
CA PHE D 707 -18.61 47.25 -18.86
C PHE D 707 -17.49 47.00 -19.88
N CYS D 708 -17.28 47.96 -20.78
CA CYS D 708 -16.34 47.79 -21.90
C CYS D 708 -15.68 49.13 -22.20
N HIS D 709 -14.35 49.17 -22.14
CA HIS D 709 -13.60 50.35 -22.53
C HIS D 709 -13.67 50.57 -24.04
N GLY D 710 -13.91 51.81 -24.44
CA GLY D 710 -13.96 52.15 -25.86
C GLY D 710 -14.91 53.30 -26.12
N SER D 711 -14.85 53.80 -27.35
CA SER D 711 -15.79 54.81 -27.82
C SER D 711 -16.11 54.54 -29.28
N LEU D 712 -17.34 54.88 -29.69
CA LEU D 712 -17.77 54.67 -31.06
C LEU D 712 -17.58 55.90 -31.94
N VAL D 713 -17.17 57.02 -31.37
CA VAL D 713 -16.85 58.20 -32.16
C VAL D 713 -15.42 58.07 -32.68
N MET D 714 -15.18 58.64 -33.85
CA MET D 714 -13.84 58.59 -34.41
C MET D 714 -12.88 59.28 -33.47
N GLN D 715 -11.76 58.61 -33.19
CA GLN D 715 -10.70 59.11 -32.33
C GLN D 715 -9.59 59.45 -33.30
N ASN D 716 -9.29 60.73 -33.49
CA ASN D 716 -8.26 61.14 -34.44
C ASN D 716 -6.95 61.23 -33.70
N LEU D 717 -5.91 60.59 -34.25
CA LEU D 717 -4.63 60.51 -33.57
C LEU D 717 -4.12 61.88 -33.18
N GLY D 718 -4.66 62.94 -33.77
CA GLY D 718 -4.25 64.28 -33.39
C GLY D 718 -4.82 64.62 -32.02
N GLU D 719 -3.97 65.21 -31.18
CA GLU D 719 -4.35 65.48 -29.80
C GLU D 719 -5.41 66.57 -29.75
N THR D 720 -6.53 66.26 -29.10
CA THR D 720 -7.62 67.20 -28.89
C THR D 720 -7.90 67.29 -27.39
N SER D 721 -7.94 68.51 -26.86
CA SER D 721 -8.14 68.68 -25.42
C SER D 721 -9.63 68.57 -25.13
N THR D 722 -10.11 67.33 -25.01
CA THR D 722 -11.51 67.13 -24.66
C THR D 722 -11.69 67.37 -23.17
N PRO D 723 -12.85 67.88 -22.75
CA PRO D 723 -13.09 67.99 -21.30
C PRO D 723 -13.19 66.64 -20.62
N THR D 724 -13.81 65.68 -21.28
CA THR D 724 -13.98 64.35 -20.74
C THR D 724 -12.68 63.57 -20.86
N GLN D 725 -12.36 62.79 -19.84
CA GLN D 725 -11.21 61.91 -19.82
C GLN D 725 -11.69 60.48 -19.63
N GLY D 726 -11.30 59.59 -20.53
CA GLY D 726 -11.69 58.20 -20.45
C GLY D 726 -13.02 57.94 -21.15
N SER D 727 -13.25 56.67 -21.46
CA SER D 727 -14.51 56.27 -22.10
C SER D 727 -14.82 54.82 -21.78
N VAL D 728 -15.95 54.59 -21.11
CA VAL D 728 -16.45 53.25 -20.81
C VAL D 728 -17.87 53.12 -21.34
N LEU D 729 -18.12 52.10 -22.16
CA LEU D 729 -19.45 51.77 -22.66
C LEU D 729 -20.07 50.66 -21.81
N PHE D 730 -21.38 50.71 -21.62
CA PHE D 730 -22.07 49.65 -20.90
C PHE D 730 -23.38 49.26 -21.58
N GLY D 731 -23.67 47.97 -21.54
CA GLY D 731 -24.87 47.40 -22.16
C GLY D 731 -25.81 46.87 -21.10
N THR D 732 -27.11 47.07 -21.31
CA THR D 732 -28.12 46.78 -20.30
C THR D 732 -29.15 45.78 -20.82
N VAL D 733 -30.02 45.37 -19.88
CA VAL D 733 -31.05 44.37 -20.19
C VAL D 733 -32.07 44.95 -21.15
N ASN D 734 -32.41 46.24 -20.99
CA ASN D 734 -33.43 46.87 -21.82
C ASN D 734 -32.86 47.46 -23.11
N GLY D 735 -31.66 47.05 -23.50
CA GLY D 735 -31.09 47.48 -24.76
C GLY D 735 -30.40 48.82 -24.71
N MET D 736 -30.54 49.55 -23.61
CA MET D 736 -29.87 50.83 -23.44
C MET D 736 -28.36 50.64 -23.45
N ILE D 737 -27.68 51.51 -24.18
CA ILE D 737 -26.22 51.58 -24.20
C ILE D 737 -25.84 52.95 -23.66
N GLY D 738 -24.88 52.97 -22.73
CA GLY D 738 -24.51 54.21 -22.08
C GLY D 738 -23.00 54.33 -21.98
N LEU D 739 -22.54 55.50 -21.55
CA LEU D 739 -21.12 55.81 -21.52
C LEU D 739 -20.77 56.51 -20.22
N VAL D 740 -19.66 56.07 -19.62
CA VAL D 740 -19.11 56.66 -18.41
C VAL D 740 -17.75 57.27 -18.72
N THR D 741 -17.55 58.52 -18.31
CA THR D 741 -16.28 59.20 -18.46
C THR D 741 -16.03 60.04 -17.21
N SER D 742 -14.77 60.31 -16.92
CA SER D 742 -14.37 61.05 -15.73
C SER D 742 -14.17 62.52 -16.08
N LEU D 743 -14.27 63.37 -15.06
CA LEU D 743 -14.13 64.80 -15.23
C LEU D 743 -13.01 65.35 -14.34
N SER D 744 -12.52 66.52 -14.70
CA SER D 744 -11.65 67.27 -13.81
C SER D 744 -12.52 67.97 -12.77
N GLU D 745 -11.91 68.27 -11.61
CA GLU D 745 -12.67 68.95 -10.57
C GLU D 745 -13.29 70.23 -11.11
N SER D 746 -12.55 70.96 -11.95
CA SER D 746 -13.09 72.18 -12.53
C SER D 746 -14.38 71.90 -13.29
N TRP D 747 -14.41 70.80 -14.04
CA TRP D 747 -15.55 70.49 -14.88
C TRP D 747 -16.76 69.99 -14.11
N TYR D 748 -16.54 69.14 -13.10
CA TYR D 748 -17.66 68.64 -12.31
C TYR D 748 -18.45 69.79 -11.72
N ASN D 749 -17.77 70.70 -11.02
CA ASN D 749 -18.46 71.81 -10.37
C ASN D 749 -19.29 72.64 -11.35
N LEU D 750 -18.75 72.95 -12.53
CA LEU D 750 -19.59 73.65 -13.49
C LEU D 750 -20.83 72.84 -13.84
N LEU D 751 -20.63 71.58 -14.24
CA LEU D 751 -21.74 70.77 -14.71
C LEU D 751 -22.73 70.47 -13.59
N LEU D 752 -22.24 70.31 -12.36
CA LEU D 752 -23.14 70.13 -11.23
C LEU D 752 -23.99 71.38 -11.02
N ASP D 753 -23.35 72.55 -11.05
CA ASP D 753 -24.07 73.80 -10.87
C ASP D 753 -25.17 73.97 -11.90
N MET D 754 -24.92 73.56 -13.15
CA MET D 754 -25.94 73.69 -14.19
C MET D 754 -27.12 72.77 -13.93
N GLN D 755 -26.85 71.56 -13.43
CA GLN D 755 -27.93 70.63 -13.09
C GLN D 755 -28.91 71.28 -12.13
N ASN D 756 -28.39 71.86 -11.04
CA ASN D 756 -29.26 72.55 -10.09
C ASN D 756 -30.00 73.71 -10.74
N ARG D 757 -29.39 74.35 -11.74
CA ARG D 757 -30.06 75.42 -12.46
C ARG D 757 -31.09 74.88 -13.45
N LEU D 758 -30.71 73.85 -14.20
CA LEU D 758 -31.61 73.28 -15.19
C LEU D 758 -32.85 72.71 -14.53
N ASN D 759 -32.68 72.14 -13.33
CA ASN D 759 -33.79 71.50 -12.64
C ASN D 759 -34.86 72.50 -12.24
N LYS D 760 -34.47 73.75 -11.94
CA LYS D 760 -35.47 74.77 -11.66
C LYS D 760 -36.22 75.19 -12.93
N VAL D 761 -35.59 75.05 -14.09
CA VAL D 761 -36.15 75.54 -15.35
C VAL D 761 -37.02 74.50 -16.03
N ILE D 762 -36.58 73.25 -16.05
CA ILE D 762 -37.21 72.22 -16.87
C ILE D 762 -38.40 71.63 -16.11
N LYS D 763 -39.53 71.51 -16.80
CA LYS D 763 -40.74 70.91 -16.24
C LYS D 763 -40.68 69.42 -16.54
N SER D 764 -40.73 68.58 -15.51
CA SER D 764 -40.67 67.14 -15.71
C SER D 764 -42.07 66.54 -15.80
N VAL D 765 -42.18 65.46 -16.57
CA VAL D 765 -43.45 64.75 -16.68
C VAL D 765 -43.80 64.17 -15.32
N GLY D 766 -45.01 64.44 -14.85
CA GLY D 766 -45.42 64.02 -13.53
C GLY D 766 -44.84 64.85 -12.41
N LYS D 767 -44.06 65.88 -12.74
CA LYS D 767 -43.44 66.76 -11.76
C LYS D 767 -42.64 65.97 -10.73
N ILE D 768 -41.78 65.08 -11.25
CA ILE D 768 -40.87 64.29 -10.42
C ILE D 768 -39.56 65.06 -10.24
N GLU D 769 -39.17 65.27 -8.98
CA GLU D 769 -37.91 65.94 -8.67
C GLU D 769 -36.74 65.12 -9.21
N HIS D 770 -35.88 65.78 -9.99
CA HIS D 770 -34.73 65.09 -10.56
C HIS D 770 -33.79 64.55 -9.49
N SER D 771 -33.53 65.35 -8.46
CA SER D 771 -32.61 64.92 -7.41
C SER D 771 -33.06 63.61 -6.79
N PHE D 772 -34.37 63.43 -6.64
CA PHE D 772 -34.92 62.18 -6.12
C PHE D 772 -34.67 61.02 -7.08
N TRP D 773 -34.96 61.24 -8.37
CA TRP D 773 -34.84 60.18 -9.37
C TRP D 773 -33.43 59.59 -9.40
N ARG D 774 -32.41 60.44 -9.48
CA ARG D 774 -31.05 59.95 -9.57
C ARG D 774 -30.42 59.62 -8.21
N SER D 775 -31.15 59.77 -7.11
CA SER D 775 -30.63 59.38 -5.80
C SER D 775 -30.47 57.85 -5.71
N PHE D 776 -29.34 57.44 -5.14
CA PHE D 776 -29.06 56.03 -4.87
C PHE D 776 -30.20 55.36 -4.11
N HIS D 777 -30.60 54.17 -4.58
CA HIS D 777 -31.78 53.54 -4.00
C HIS D 777 -31.73 52.01 -4.04
N THR D 778 -31.84 51.40 -2.86
CA THR D 778 -32.16 50.00 -2.66
C THR D 778 -33.39 49.93 -1.76
N GLU D 779 -33.94 48.73 -1.57
CA GLU D 779 -35.08 48.60 -0.68
C GLU D 779 -34.76 49.12 0.72
N ARG D 780 -33.47 49.11 1.10
CA ARG D 780 -33.07 49.47 2.45
C ARG D 780 -32.46 50.85 2.59
N LYS D 781 -31.93 51.42 1.51
CA LYS D 781 -31.29 52.71 1.64
C LYS D 781 -31.70 53.64 0.51
N THR D 782 -31.61 54.94 0.77
CA THR D 782 -31.78 55.97 -0.24
C THR D 782 -30.80 57.07 0.16
N GLU D 783 -29.84 57.34 -0.72
CA GLU D 783 -28.80 58.33 -0.52
C GLU D 783 -28.82 59.29 -1.69
N PRO D 784 -28.48 60.55 -1.46
CA PRO D 784 -28.38 61.49 -2.59
C PRO D 784 -27.23 61.10 -3.49
N ALA D 785 -27.43 61.29 -4.80
CA ALA D 785 -26.37 60.99 -5.75
C ALA D 785 -25.17 61.89 -5.47
N THR D 786 -23.98 61.39 -5.74
CA THR D 786 -22.76 62.15 -5.52
C THR D 786 -21.72 61.67 -6.53
N GLY D 787 -20.92 62.62 -7.03
CA GLY D 787 -19.84 62.29 -7.92
C GLY D 787 -20.24 61.99 -9.34
N PHE D 788 -21.50 62.21 -9.71
CA PHE D 788 -21.98 61.86 -11.05
C PHE D 788 -22.75 63.03 -11.64
N ILE D 789 -22.45 63.33 -12.91
CA ILE D 789 -23.18 64.33 -13.66
C ILE D 789 -24.14 63.60 -14.58
N ASP D 790 -25.43 63.90 -14.47
CA ASP D 790 -26.42 63.33 -15.37
C ASP D 790 -26.23 63.96 -16.74
N GLY D 791 -25.49 63.28 -17.61
CA GLY D 791 -25.19 63.81 -18.92
C GLY D 791 -26.43 64.08 -19.74
N ASP D 792 -27.46 63.24 -19.58
CA ASP D 792 -28.68 63.43 -20.35
C ASP D 792 -29.37 64.73 -19.96
N LEU D 793 -29.23 65.15 -18.69
CA LEU D 793 -29.73 66.45 -18.27
C LEU D 793 -28.91 67.59 -18.86
N ILE D 794 -27.59 67.47 -18.84
CA ILE D 794 -26.75 68.53 -19.39
C ILE D 794 -27.06 68.72 -20.87
N GLU D 795 -27.25 67.62 -21.60
CA GLU D 795 -27.50 67.71 -23.04
C GLU D 795 -28.92 68.16 -23.40
N SER D 796 -29.79 68.39 -22.42
CA SER D 796 -31.08 68.98 -22.72
C SER D 796 -31.04 70.50 -22.73
N PHE D 797 -29.98 71.10 -22.16
CA PHE D 797 -29.80 72.55 -22.23
C PHE D 797 -29.89 73.04 -23.66
N LEU D 798 -29.39 72.25 -24.61
CA LEU D 798 -29.43 72.64 -26.02
C LEU D 798 -30.84 72.60 -26.60
N ASP D 799 -31.80 71.99 -25.90
CA ASP D 799 -33.15 71.84 -26.42
C ASP D 799 -34.18 72.76 -25.76
N ILE D 800 -33.78 73.57 -24.78
CA ILE D 800 -34.69 74.53 -24.17
C ILE D 800 -34.63 75.84 -24.95
N SER D 801 -35.74 76.59 -24.92
CA SER D 801 -35.84 77.81 -25.70
C SER D 801 -34.83 78.85 -25.23
N ARG D 802 -34.50 79.78 -26.13
CA ARG D 802 -33.52 80.80 -25.79
C ARG D 802 -33.85 81.53 -24.51
N PRO D 803 -35.10 81.92 -24.24
CA PRO D 803 -35.40 82.58 -22.95
C PRO D 803 -34.94 81.78 -21.74
N LYS D 804 -35.16 80.47 -21.74
CA LYS D 804 -34.81 79.66 -20.59
C LYS D 804 -33.30 79.50 -20.47
N MET D 805 -32.59 79.41 -21.60
CA MET D 805 -31.15 79.34 -21.55
C MET D 805 -30.55 80.52 -20.81
N GLN D 806 -31.03 81.73 -21.11
CA GLN D 806 -30.52 82.91 -20.43
C GLN D 806 -30.94 82.91 -18.96
N GLU D 807 -32.10 82.32 -18.65
CA GLU D 807 -32.46 82.14 -17.24
C GLU D 807 -31.50 81.21 -16.52
N VAL D 808 -30.97 80.20 -17.23
CA VAL D 808 -30.09 79.24 -16.58
C VAL D 808 -28.78 79.90 -16.21
N VAL D 809 -28.27 80.79 -17.06
CA VAL D 809 -26.95 81.39 -16.85
C VAL D 809 -26.96 82.60 -15.94
N ALA D 810 -28.13 83.04 -15.47
CA ALA D 810 -28.19 84.21 -14.61
C ALA D 810 -27.29 84.04 -13.39
N ASN D 811 -26.43 85.02 -13.15
CA ASN D 811 -25.52 85.03 -12.01
C ASN D 811 -24.52 83.88 -12.05
N LEU D 812 -24.26 83.33 -13.23
CA LEU D 812 -23.31 82.24 -13.41
C LEU D 812 -22.01 82.87 -13.91
N GLN D 813 -20.90 82.43 -13.34
CA GLN D 813 -19.59 83.00 -13.67
C GLN D 813 -18.84 81.88 -14.40
N TYR D 814 -18.95 81.91 -15.73
CA TYR D 814 -18.28 80.90 -16.55
C TYR D 814 -16.77 81.09 -16.40
N ASP D 815 -16.06 79.97 -16.37
CA ASP D 815 -14.61 79.96 -16.22
C ASP D 815 -14.07 79.77 -17.64
N ASP D 816 -13.78 80.88 -18.32
CA ASP D 816 -13.19 80.81 -19.65
C ASP D 816 -12.05 79.80 -19.76
N GLY D 817 -11.29 79.61 -18.69
CA GLY D 817 -10.04 78.90 -18.78
C GLY D 817 -8.89 79.78 -19.22
N SER D 818 -9.18 81.02 -19.58
CA SER D 818 -8.16 82.02 -19.87
C SER D 818 -7.74 82.78 -18.62
N GLY D 819 -7.78 82.12 -17.47
CA GLY D 819 -7.49 82.77 -16.21
C GLY D 819 -8.55 83.75 -15.73
N MET D 820 -9.67 83.87 -16.44
CA MET D 820 -10.71 84.82 -16.11
C MET D 820 -12.05 84.12 -15.88
N LYS D 821 -12.74 84.56 -14.83
CA LYS D 821 -14.11 84.15 -14.54
C LYS D 821 -15.02 85.30 -14.96
N ARG D 822 -15.90 85.05 -15.93
CA ARG D 822 -16.74 86.10 -16.51
C ARG D 822 -18.20 85.67 -16.49
N GLU D 823 -19.10 86.65 -16.34
CA GLU D 823 -20.52 86.33 -16.36
C GLU D 823 -20.77 85.50 -17.60
N ALA D 824 -21.55 84.44 -17.46
CA ALA D 824 -21.67 83.45 -18.51
C ALA D 824 -22.81 83.85 -19.43
N THR D 825 -22.60 83.63 -20.72
CA THR D 825 -23.64 83.84 -21.71
C THR D 825 -24.18 82.50 -22.19
N ALA D 826 -25.38 82.54 -22.74
CA ALA D 826 -25.98 81.32 -23.28
C ALA D 826 -25.07 80.71 -24.33
N ASP D 827 -24.34 81.56 -25.08
CA ASP D 827 -23.45 81.07 -26.12
C ASP D 827 -22.25 80.33 -25.53
N ASP D 828 -21.79 80.75 -24.34
CA ASP D 828 -20.64 80.09 -23.72
C ASP D 828 -20.97 78.66 -23.34
N LEU D 829 -22.13 78.45 -22.72
CA LEU D 829 -22.54 77.11 -22.31
C LEU D 829 -22.93 76.26 -23.52
N ILE D 830 -23.52 76.88 -24.55
CA ILE D 830 -23.89 76.12 -25.74
C ILE D 830 -22.64 75.53 -26.40
N LYS D 831 -21.53 76.26 -26.38
CA LYS D 831 -20.29 75.69 -26.91
C LYS D 831 -19.82 74.54 -26.03
N VAL D 832 -19.95 74.69 -24.70
CA VAL D 832 -19.52 73.63 -23.80
C VAL D 832 -20.37 72.38 -23.98
N VAL D 833 -21.69 72.53 -23.94
CA VAL D 833 -22.56 71.35 -24.01
C VAL D 833 -22.39 70.65 -25.35
N GLU D 834 -22.26 71.42 -26.43
CA GLU D 834 -22.05 70.82 -27.74
C GLU D 834 -20.80 69.96 -27.76
N GLU D 835 -19.74 70.39 -27.06
CA GLU D 835 -18.54 69.57 -26.94
C GLU D 835 -18.84 68.25 -26.24
N LEU D 836 -19.70 68.28 -25.23
CA LEU D 836 -20.04 67.03 -24.53
C LEU D 836 -20.88 66.10 -25.41
N THR D 837 -21.64 66.66 -26.36
CA THR D 837 -22.41 65.81 -27.26
C THR D 837 -21.53 65.04 -28.24
N ARG D 838 -20.24 65.31 -28.27
CA ARG D 838 -19.31 64.71 -29.21
C ARG D 838 -18.68 63.42 -28.70
N ILE D 839 -18.94 63.05 -27.44
CA ILE D 839 -18.30 61.86 -26.89
C ILE D 839 -19.03 60.58 -27.26
N HIS D 840 -20.31 60.69 -27.64
CA HIS D 840 -21.13 59.56 -28.05
C HIS D 840 -21.70 59.71 -29.46
N THR E 7 -1.46 22.39 26.97
CA THR E 7 -2.85 21.95 27.05
C THR E 7 -3.75 22.95 26.32
N GLU E 8 -5.03 22.58 26.22
CA GLU E 8 -6.01 23.43 25.54
C GLU E 8 -6.23 24.76 26.23
N SER E 9 -5.81 24.90 27.49
CA SER E 9 -6.16 26.05 28.31
C SER E 9 -5.11 27.15 28.31
N ASP E 10 -3.90 26.89 27.80
CA ASP E 10 -2.77 27.80 27.92
C ASP E 10 -2.83 28.83 26.80
N TRP E 11 -3.71 29.80 26.95
CA TRP E 11 -3.93 30.83 25.95
C TRP E 11 -2.82 31.88 26.00
N GLY E 12 -2.65 32.59 24.88
CA GLY E 12 -1.69 33.67 24.78
C GLY E 12 -0.29 33.25 24.42
N LYS E 13 -0.02 31.95 24.35
CA LYS E 13 1.32 31.43 24.12
C LYS E 13 1.55 30.99 22.68
N ARG E 14 0.58 30.30 22.11
CA ARG E 14 0.68 29.80 20.74
C ARG E 14 0.76 30.96 19.75
N CYS E 15 1.57 30.78 18.70
CA CYS E 15 1.82 31.85 17.74
C CYS E 15 0.79 31.83 16.62
N VAL E 16 0.54 33.02 16.05
CA VAL E 16 -0.36 33.14 14.90
C VAL E 16 0.23 32.57 13.63
N ASP E 17 1.50 32.15 13.65
CA ASP E 17 2.03 31.38 12.53
C ASP E 17 1.21 30.13 12.27
N LYS E 18 0.57 29.59 13.30
CA LYS E 18 -0.23 28.37 13.19
C LYS E 18 -1.50 28.61 12.40
N PHE E 19 -1.77 29.84 11.97
CA PHE E 19 -2.92 30.16 11.14
C PHE E 19 -2.41 30.72 9.82
N ASP E 20 -2.94 30.17 8.71
CA ASP E 20 -2.74 30.69 7.36
C ASP E 20 -3.84 31.72 7.10
N ILE E 21 -3.46 32.98 6.97
CA ILE E 21 -4.43 34.06 6.85
C ILE E 21 -5.03 34.09 5.45
N ILE E 22 -6.37 34.01 5.38
CA ILE E 22 -7.04 34.05 4.08
C ILE E 22 -7.30 35.49 3.65
N GLY E 23 -7.72 36.36 4.56
CA GLY E 23 -8.00 37.74 4.18
C GLY E 23 -8.77 38.47 5.25
N ILE E 24 -9.07 39.74 4.94
CA ILE E 24 -9.74 40.63 5.88
C ILE E 24 -11.23 40.60 5.62
N ILE E 25 -12.01 40.09 6.59
CA ILE E 25 -13.46 40.01 6.44
C ILE E 25 -14.17 41.28 6.90
N GLY E 26 -13.63 41.97 7.89
CA GLY E 26 -14.23 43.21 8.36
C GLY E 26 -13.25 43.94 9.26
N GLU E 27 -13.58 45.18 9.55
CA GLU E 27 -12.77 46.05 10.39
C GLU E 27 -13.44 46.13 11.75
N GLY E 28 -12.64 45.97 12.81
CA GLY E 28 -13.15 45.91 14.15
C GLY E 28 -12.93 47.19 14.94
N THR E 29 -13.11 47.08 16.26
CA THR E 29 -12.99 48.23 17.13
C THR E 29 -11.53 48.48 17.53
N TYR E 30 -10.86 47.42 17.95
CA TYR E 30 -9.50 47.45 18.47
C TYR E 30 -8.51 46.83 17.50
N GLY E 31 -8.97 46.42 16.33
CA GLY E 31 -8.15 45.81 15.31
C GLY E 31 -9.06 45.19 14.27
N GLN E 32 -8.44 44.81 13.18
CA GLN E 32 -9.16 44.27 12.02
C GLN E 32 -9.53 42.80 12.28
N VAL E 33 -10.58 42.35 11.59
CA VAL E 33 -11.02 40.97 11.70
C VAL E 33 -10.61 40.23 10.43
N TYR E 34 -9.92 39.10 10.60
CA TYR E 34 -9.38 38.33 9.50
C TYR E 34 -9.97 36.92 9.48
N LYS E 35 -10.10 36.36 8.28
CA LYS E 35 -10.43 34.95 8.10
C LYS E 35 -9.15 34.15 7.93
N ALA E 36 -9.09 32.97 8.53
CA ALA E 36 -7.87 32.19 8.51
C ALA E 36 -8.17 30.70 8.65
N LYS E 37 -7.17 29.88 8.31
CA LYS E 37 -7.24 28.43 8.46
C LYS E 37 -6.12 27.94 9.36
N ASP E 38 -6.48 27.13 10.35
CA ASP E 38 -5.50 26.48 11.21
C ASP E 38 -4.74 25.43 10.41
N LYS E 39 -3.42 25.50 10.43
CA LYS E 39 -2.64 24.64 9.55
C LYS E 39 -2.78 23.17 9.92
N ASP E 40 -2.92 22.87 11.22
CA ASP E 40 -2.94 21.48 11.66
C ASP E 40 -4.33 20.88 11.54
N THR E 41 -5.35 21.61 12.00
CA THR E 41 -6.69 21.04 12.06
C THR E 41 -7.44 21.17 10.75
N GLY E 42 -7.12 22.19 9.95
CA GLY E 42 -7.89 22.50 8.78
C GLY E 42 -9.11 23.36 9.04
N GLU E 43 -9.39 23.68 10.29
CA GLU E 43 -10.54 24.48 10.65
C GLU E 43 -10.43 25.90 10.12
N LEU E 44 -11.59 26.46 9.76
CA LEU E 44 -11.67 27.90 9.44
C LEU E 44 -12.02 28.69 10.69
N VAL E 45 -11.29 29.78 10.90
CA VAL E 45 -11.48 30.65 12.05
C VAL E 45 -11.52 32.11 11.58
N ALA E 46 -11.91 32.98 12.49
CA ALA E 46 -11.86 34.42 12.28
C ALA E 46 -10.97 35.01 13.37
N LEU E 47 -10.00 35.81 12.96
CA LEU E 47 -9.02 36.36 13.89
C LEU E 47 -9.35 37.84 14.09
N LYS E 48 -9.63 38.21 15.33
CA LYS E 48 -9.76 39.61 15.72
C LYS E 48 -8.40 40.07 16.22
N LYS E 49 -7.84 41.06 15.54
CA LYS E 49 -6.52 41.55 15.89
C LYS E 49 -6.65 42.54 17.03
N VAL E 50 -5.83 42.37 18.06
CA VAL E 50 -5.76 43.31 19.17
C VAL E 50 -4.41 44.00 19.14
N ARG E 51 -4.43 45.31 19.00
CA ARG E 51 -3.22 46.12 18.91
C ARG E 51 -3.04 46.88 20.22
N LEU E 52 -2.00 46.53 20.98
CA LEU E 52 -1.59 47.32 22.12
C LEU E 52 -0.37 48.19 21.82
N ASP E 53 0.02 48.30 20.56
CA ASP E 53 1.19 49.10 20.21
C ASP E 53 0.98 50.59 20.49
N ASN E 54 -0.28 51.06 20.44
CA ASN E 54 -0.52 52.47 20.77
C ASN E 54 -0.10 52.80 22.20
N GLU E 55 -0.33 51.89 23.15
CA GLU E 55 0.12 52.05 24.53
C GLU E 55 -0.46 53.28 25.21
N LYS E 56 -1.56 53.82 24.68
CA LYS E 56 -2.25 54.89 25.39
C LYS E 56 -2.68 54.41 26.77
N GLU E 57 -3.44 53.31 26.80
CA GLU E 57 -3.85 52.67 28.05
C GLU E 57 -3.62 51.16 28.03
N GLY E 58 -2.72 50.70 27.17
CA GLY E 58 -2.43 49.28 27.11
C GLY E 58 -3.52 48.49 26.42
N PHE E 59 -3.66 47.23 26.81
CA PHE E 59 -4.61 46.32 26.18
C PHE E 59 -6.00 46.93 26.24
N PRO E 60 -6.72 47.02 25.11
CA PRO E 60 -8.01 47.71 25.13
C PRO E 60 -8.99 47.04 26.07
N ILE E 61 -9.77 47.85 26.78
CA ILE E 61 -10.80 47.30 27.65
C ILE E 61 -11.86 46.61 26.80
N THR E 62 -12.13 47.12 25.60
CA THR E 62 -13.09 46.48 24.71
C THR E 62 -12.75 45.00 24.52
N ALA E 63 -11.46 44.71 24.34
CA ALA E 63 -11.03 43.33 24.19
C ALA E 63 -11.06 42.59 25.52
N ILE E 64 -10.66 43.28 26.60
CA ILE E 64 -10.68 42.64 27.91
C ILE E 64 -12.10 42.19 28.24
N ARG E 65 -13.09 43.02 27.93
CA ARG E 65 -14.47 42.63 28.23
C ARG E 65 -14.85 41.38 27.44
N GLU E 66 -14.53 41.36 26.15
CA GLU E 66 -14.97 40.25 25.32
C GLU E 66 -14.25 38.95 25.68
N ILE E 67 -13.02 39.03 26.17
CA ILE E 67 -12.32 37.83 26.62
C ILE E 67 -12.95 37.35 27.92
N LYS E 68 -13.13 38.27 28.87
CA LYS E 68 -13.72 37.91 30.16
C LYS E 68 -15.11 37.32 29.99
N ILE E 69 -15.93 37.90 29.12
CA ILE E 69 -17.32 37.48 29.01
C ILE E 69 -17.44 36.22 28.17
N LEU E 70 -16.74 36.16 27.04
CA LEU E 70 -16.91 35.01 26.16
C LEU E 70 -16.21 33.75 26.66
N ARG E 71 -15.24 33.87 27.57
CA ARG E 71 -14.75 32.65 28.23
C ARG E 71 -15.71 32.18 29.31
N GLN E 72 -16.60 33.05 29.77
CA GLN E 72 -17.62 32.65 30.73
C GLN E 72 -18.86 32.08 30.05
N LEU E 73 -19.25 32.62 28.90
CA LEU E 73 -20.52 32.26 28.28
C LEU E 73 -20.29 31.13 27.29
N ILE E 74 -21.03 30.04 27.49
CA ILE E 74 -20.99 28.85 26.65
C ILE E 74 -22.43 28.57 26.24
N HIS E 75 -22.82 29.03 25.05
CA HIS E 75 -24.14 28.75 24.52
C HIS E 75 -24.03 28.55 23.02
N ARG E 76 -24.96 27.77 22.46
CA ARG E 76 -24.89 27.52 21.02
C ARG E 76 -25.05 28.82 20.24
N SER E 77 -25.85 29.74 20.77
CA SER E 77 -26.19 30.99 20.10
C SER E 77 -25.31 32.14 20.56
N VAL E 78 -24.25 31.87 21.33
CA VAL E 78 -23.23 32.86 21.68
C VAL E 78 -21.96 32.43 20.97
N VAL E 79 -21.24 33.39 20.40
CA VAL E 79 -20.09 33.04 19.60
C VAL E 79 -19.01 32.44 20.51
N ASN E 80 -18.26 31.49 19.96
CA ASN E 80 -17.32 30.71 20.73
C ASN E 80 -15.91 31.21 20.47
N MET E 81 -15.28 31.74 21.51
CA MET E 81 -13.87 32.11 21.43
C MET E 81 -13.05 30.85 21.64
N LYS E 82 -12.23 30.50 20.66
CA LYS E 82 -11.48 29.25 20.72
C LYS E 82 -10.14 29.43 21.44
N GLU E 83 -9.43 30.51 21.17
CA GLU E 83 -8.14 30.77 21.81
C GLU E 83 -7.64 32.16 21.45
N ILE E 84 -6.53 32.54 22.09
CA ILE E 84 -5.84 33.80 21.83
C ILE E 84 -4.39 33.49 21.47
N VAL E 85 -3.92 34.01 20.34
CA VAL E 85 -2.57 33.78 19.84
C VAL E 85 -1.89 35.13 19.61
N THR E 86 -0.57 35.08 19.43
CA THR E 86 0.24 36.29 19.38
C THR E 86 1.17 36.28 18.18
N ASP E 87 1.61 37.48 17.79
CA ASP E 87 2.68 37.60 16.80
C ASP E 87 3.97 36.98 17.34
N LYS E 88 4.84 36.55 16.43
CA LYS E 88 6.08 35.93 16.87
C LYS E 88 6.88 36.91 17.73
N GLN E 89 7.18 36.53 18.97
CA GLN E 89 8.00 37.36 19.84
C GLN E 89 9.45 37.02 19.52
N ASP E 90 10.06 37.79 18.63
CA ASP E 90 11.45 37.61 18.23
C ASP E 90 12.44 38.32 19.16
N ALA E 91 11.93 39.05 20.16
CA ALA E 91 12.75 39.83 21.08
C ALA E 91 13.00 39.06 22.37
N LEU E 92 14.27 38.97 22.78
CA LEU E 92 14.54 38.35 24.08
C LEU E 92 14.03 39.21 25.23
N ASP E 93 13.75 40.47 24.97
CA ASP E 93 13.40 41.44 26.00
C ASP E 93 11.92 41.76 25.81
N PHE E 94 11.11 41.37 26.81
CA PHE E 94 9.69 41.67 26.78
C PHE E 94 9.45 43.16 26.56
N LYS E 95 10.40 44.01 26.96
CA LYS E 95 10.28 45.44 26.75
C LYS E 95 10.24 45.75 25.25
N LYS E 96 11.14 45.14 24.50
CA LYS E 96 11.26 45.28 23.05
C LYS E 96 10.14 44.69 22.22
N ASP E 97 9.20 44.01 22.87
CA ASP E 97 8.08 43.40 22.17
C ASP E 97 6.91 44.36 21.95
N LYS E 98 6.58 44.65 20.68
CA LYS E 98 5.44 45.49 20.31
C LYS E 98 4.43 44.69 19.49
N GLY E 99 4.56 43.36 19.52
CA GLY E 99 3.67 42.51 18.75
C GLY E 99 2.25 42.47 19.27
N ALA E 100 1.33 42.14 18.35
CA ALA E 100 -0.10 42.14 18.63
C ALA E 100 -0.61 40.76 19.04
N PHE E 101 -1.84 40.76 19.57
CA PHE E 101 -2.58 39.54 19.91
C PHE E 101 -3.77 39.36 18.99
N TYR E 102 -4.20 38.11 18.84
CA TYR E 102 -5.33 37.76 17.97
C TYR E 102 -6.32 36.93 18.76
N LEU E 103 -7.58 37.35 18.74
CA LEU E 103 -8.65 36.59 19.38
C LEU E 103 -9.20 35.64 18.32
N VAL E 104 -8.99 34.34 18.51
CA VAL E 104 -9.45 33.33 17.58
C VAL E 104 -10.90 32.99 17.89
N PHE E 105 -11.74 33.04 16.86
CA PHE E 105 -13.15 32.72 16.98
C PHE E 105 -13.48 31.64 15.95
N GLU E 106 -14.66 31.03 16.12
CA GLU E 106 -15.24 30.20 15.07
C GLU E 106 -15.65 31.07 13.88
N TYR E 107 -15.51 30.53 12.68
CA TYR E 107 -15.87 31.27 11.47
C TYR E 107 -17.34 31.01 11.15
N MET E 108 -18.13 32.08 11.14
CA MET E 108 -19.54 32.04 10.74
C MET E 108 -19.64 32.49 9.29
N ASP E 109 -20.45 31.77 8.51
CA ASP E 109 -20.41 31.95 7.07
C ASP E 109 -20.84 33.36 6.65
N HIS E 110 -21.88 33.90 7.28
CA HIS E 110 -22.40 35.20 6.85
C HIS E 110 -22.83 36.04 8.05
N ASP E 111 -22.99 37.33 7.81
CA ASP E 111 -23.57 38.24 8.80
C ASP E 111 -24.88 38.76 8.22
N LEU E 112 -25.87 38.97 9.08
CA LEU E 112 -27.22 39.24 8.60
C LEU E 112 -27.25 40.49 7.72
N MET E 113 -26.47 41.52 8.09
CA MET E 113 -26.51 42.78 7.35
C MET E 113 -26.07 42.57 5.91
N GLY E 114 -24.99 41.82 5.70
CA GLY E 114 -24.56 41.53 4.35
C GLY E 114 -25.62 40.80 3.55
N LEU E 115 -26.27 39.82 4.17
CA LEU E 115 -27.28 39.05 3.45
C LEU E 115 -28.47 39.92 3.07
N LEU E 116 -28.83 40.89 3.91
CA LEU E 116 -29.94 41.78 3.62
C LEU E 116 -29.56 43.02 2.82
N GLU E 117 -28.47 43.70 3.20
CA GLU E 117 -28.07 44.89 2.46
C GLU E 117 -27.95 44.59 0.98
N SER E 118 -27.34 43.45 0.65
CA SER E 118 -27.21 43.01 -0.73
C SER E 118 -28.52 42.53 -1.32
N GLY E 119 -29.55 42.34 -0.49
CA GLY E 119 -30.83 41.89 -1.02
C GLY E 119 -30.83 40.45 -1.45
N LEU E 120 -29.99 39.62 -0.84
CA LEU E 120 -29.80 38.25 -1.29
C LEU E 120 -30.40 37.18 -0.40
N VAL E 121 -31.36 37.51 0.47
CA VAL E 121 -32.01 36.49 1.27
C VAL E 121 -33.50 36.81 1.40
N HIS E 122 -34.30 35.74 1.47
CA HIS E 122 -35.73 35.81 1.77
C HIS E 122 -36.04 34.88 2.94
N PHE E 123 -36.85 35.36 3.88
CA PHE E 123 -37.16 34.65 5.11
C PHE E 123 -38.65 34.33 5.13
N SER E 124 -39.00 33.04 5.11
CA SER E 124 -40.38 32.64 5.32
C SER E 124 -40.73 32.75 6.79
N GLU E 125 -42.02 32.67 7.11
CA GLU E 125 -42.40 32.75 8.51
C GLU E 125 -41.60 31.75 9.34
N ASP E 126 -41.42 30.54 8.80
CA ASP E 126 -40.72 29.50 9.55
C ASP E 126 -39.24 29.79 9.71
N HIS E 127 -38.61 30.49 8.76
CA HIS E 127 -37.21 30.83 8.91
C HIS E 127 -37.02 31.93 9.94
N ILE E 128 -38.01 32.81 10.08
CA ILE E 128 -37.94 33.84 11.10
C ILE E 128 -38.15 33.22 12.47
N LYS E 129 -38.99 32.17 12.54
CA LYS E 129 -39.20 31.50 13.82
C LYS E 129 -37.92 30.90 14.35
N SER E 130 -37.18 30.20 13.50
CA SER E 130 -35.93 29.58 13.95
C SER E 130 -34.86 30.63 14.21
N PHE E 131 -34.84 31.72 13.43
CA PHE E 131 -33.87 32.79 13.66
C PHE E 131 -34.05 33.40 15.04
N MET E 132 -35.28 33.80 15.36
CA MET E 132 -35.51 34.50 16.62
C MET E 132 -35.45 33.55 17.80
N LYS E 133 -36.00 32.34 17.66
CA LYS E 133 -35.92 31.36 18.75
C LYS E 133 -34.48 31.15 19.15
N GLN E 134 -33.57 31.07 18.17
CA GLN E 134 -32.17 30.94 18.51
C GLN E 134 -31.62 32.23 19.13
N LEU E 135 -31.95 33.37 18.54
CA LEU E 135 -31.43 34.63 19.06
C LEU E 135 -31.93 34.91 20.47
N MET E 136 -33.25 34.80 20.69
CA MET E 136 -33.76 35.10 22.02
C MET E 136 -33.28 34.07 23.04
N GLU E 137 -33.13 32.81 22.64
CA GLU E 137 -32.59 31.82 23.56
C GLU E 137 -31.18 32.18 23.99
N GLY E 138 -30.37 32.70 23.06
CA GLY E 138 -29.04 33.14 23.43
C GLY E 138 -29.05 34.43 24.19
N LEU E 139 -30.00 35.31 23.89
CA LEU E 139 -30.14 36.53 24.67
C LEU E 139 -30.57 36.25 26.10
N GLU E 140 -31.54 35.34 26.29
CA GLU E 140 -31.91 34.97 27.65
C GLU E 140 -30.73 34.41 28.42
N TYR E 141 -29.93 33.54 27.78
CA TYR E 141 -28.78 32.97 28.47
C TYR E 141 -27.91 34.09 29.04
N CYS E 142 -27.61 35.08 28.20
CA CYS E 142 -26.80 36.21 28.67
C CYS E 142 -27.52 36.98 29.77
N HIS E 143 -28.83 37.15 29.65
CA HIS E 143 -29.57 37.90 30.66
C HIS E 143 -29.68 37.13 31.97
N LYS E 144 -29.88 35.81 31.93
CA LYS E 144 -29.85 35.04 33.17
C LYS E 144 -28.47 35.09 33.83
N LYS E 145 -27.40 35.23 33.04
CA LYS E 145 -26.06 35.40 33.57
C LYS E 145 -25.76 36.87 33.91
N ASN E 146 -26.79 37.71 33.84
CA ASN E 146 -26.72 39.11 34.25
C ASN E 146 -25.72 39.88 33.41
N PHE E 147 -25.72 39.63 32.10
CA PHE E 147 -24.91 40.36 31.15
C PHE E 147 -25.81 41.07 30.15
N LEU E 148 -25.48 42.31 29.83
CA LEU E 148 -26.19 43.09 28.84
C LEU E 148 -25.34 43.24 27.60
N HIS E 149 -25.89 42.89 26.44
CA HIS E 149 -25.10 43.00 25.22
C HIS E 149 -24.78 44.45 24.88
N ARG E 150 -25.82 45.28 24.75
CA ARG E 150 -25.73 46.73 24.59
C ARG E 150 -25.33 47.17 23.19
N ASP E 151 -25.08 46.25 22.25
CA ASP E 151 -24.82 46.64 20.87
C ASP E 151 -25.39 45.60 19.90
N ILE E 152 -26.71 45.40 19.97
CA ILE E 152 -27.38 44.43 19.11
C ILE E 152 -27.78 45.11 17.80
N LYS E 153 -27.07 44.78 16.73
CA LYS E 153 -27.37 45.22 15.37
C LYS E 153 -27.36 44.02 14.44
N CYS E 154 -27.83 44.24 13.21
CA CYS E 154 -27.83 43.16 12.22
C CYS E 154 -26.43 42.72 11.85
N SER E 155 -25.43 43.59 12.04
CA SER E 155 -24.06 43.25 11.73
C SER E 155 -23.41 42.39 12.80
N ASN E 156 -23.95 42.40 14.03
CA ASN E 156 -23.41 41.58 15.11
C ASN E 156 -24.19 40.28 15.30
N ILE E 157 -25.12 39.97 14.40
CA ILE E 157 -25.81 38.70 14.36
C ILE E 157 -25.23 37.93 13.18
N LEU E 158 -24.55 36.83 13.48
CA LEU E 158 -23.86 36.02 12.48
C LEU E 158 -24.68 34.77 12.21
N LEU E 159 -24.91 34.48 10.94
CA LEU E 159 -25.70 33.34 10.51
C LEU E 159 -24.83 32.52 9.57
N ASN E 160 -24.63 31.24 9.89
CA ASN E 160 -23.94 30.35 8.97
C ASN E 160 -24.97 29.52 8.18
N ASN E 161 -24.50 28.91 7.08
CA ASN E 161 -25.45 28.33 6.14
C ASN E 161 -26.28 27.18 6.73
N SER E 162 -25.84 26.55 7.82
CA SER E 162 -26.64 25.46 8.38
C SER E 162 -27.90 25.94 9.07
N GLY E 163 -28.11 27.26 9.17
CA GLY E 163 -29.25 27.79 9.88
C GLY E 163 -29.03 28.04 11.36
N GLN E 164 -27.79 28.07 11.81
CA GLN E 164 -27.43 28.36 13.18
C GLN E 164 -27.11 29.84 13.30
N ILE E 165 -27.64 30.48 14.32
CA ILE E 165 -27.46 31.91 14.56
C ILE E 165 -26.58 32.06 15.79
N LYS E 166 -25.63 32.99 15.74
CA LYS E 166 -24.78 33.28 16.89
C LYS E 166 -24.64 34.79 17.09
N LEU E 167 -24.64 35.21 18.36
CA LEU E 167 -24.41 36.60 18.74
C LEU E 167 -22.92 36.90 18.91
N ALA E 168 -22.54 38.13 18.58
CA ALA E 168 -21.12 38.45 18.47
C ALA E 168 -20.83 39.86 18.99
N ASP E 169 -19.55 40.23 18.96
CA ASP E 169 -19.05 41.48 19.51
C ASP E 169 -19.67 41.78 20.87
N PHE E 170 -19.12 41.17 21.91
CA PHE E 170 -19.48 41.46 23.27
C PHE E 170 -18.58 42.53 23.87
N GLY E 171 -17.93 43.32 23.02
CA GLY E 171 -16.99 44.31 23.48
C GLY E 171 -17.59 45.38 24.38
N LEU E 172 -18.87 45.70 24.19
CA LEU E 172 -19.52 46.71 25.00
C LEU E 172 -20.41 46.10 26.08
N ALA E 173 -20.32 44.80 26.30
CA ALA E 173 -21.19 44.11 27.25
C ALA E 173 -20.70 44.33 28.68
N ARG E 174 -21.64 44.48 29.62
CA ARG E 174 -21.33 44.72 31.02
C ARG E 174 -22.29 43.95 31.91
N LEU E 175 -21.84 43.64 33.13
CA LEU E 175 -22.68 42.97 34.11
C LEU E 175 -23.74 43.93 34.62
N TYR E 176 -24.94 43.39 34.85
CA TYR E 176 -26.07 44.19 35.32
C TYR E 176 -26.46 43.76 36.73
N ASN E 177 -26.52 44.73 37.64
CA ASN E 177 -27.02 44.53 38.99
C ASN E 177 -28.22 45.42 39.21
N SER E 178 -29.35 44.82 39.59
CA SER E 178 -30.54 45.62 39.84
C SER E 178 -30.36 46.45 41.11
N GLU E 179 -29.84 45.83 42.17
CA GLU E 179 -29.52 46.53 43.41
C GLU E 179 -28.21 47.26 43.14
N GLU E 180 -27.62 47.88 44.16
CA GLU E 180 -26.36 48.62 44.04
C GLU E 180 -26.29 49.32 42.68
N SER E 181 -27.23 50.23 42.47
CA SER E 181 -27.29 50.91 41.17
C SER E 181 -26.12 51.88 41.05
N ARG E 182 -25.37 51.73 39.97
CA ARG E 182 -24.18 52.50 39.64
C ARG E 182 -24.29 53.09 38.24
N PRO E 183 -23.53 54.13 37.94
CA PRO E 183 -23.59 54.73 36.61
C PRO E 183 -23.13 53.80 35.49
N TYR E 184 -23.92 53.78 34.42
CA TYR E 184 -23.66 53.03 33.20
C TYR E 184 -23.55 54.05 32.06
N TPO E 185 -22.84 53.71 30.98
CA TPO E 185 -22.62 54.61 29.84
CB TPO E 185 -21.37 54.11 29.04
CG2 TPO E 185 -20.19 55.01 29.37
OG1 TPO E 185 -21.14 52.71 29.36
P TPO E 185 -19.77 52.34 30.14
O1P TPO E 185 -18.47 52.59 29.22
O2P TPO E 185 -19.61 53.16 31.52
O3P TPO E 185 -19.83 50.89 30.48
C TPO E 185 -23.88 54.68 28.96
O TPO E 185 -24.40 53.65 28.55
H TPO E 185 -22.47 52.93 30.89
HA TPO E 185 -22.44 55.52 30.15
HB TPO E 185 -21.53 54.17 27.97
HG21 TPO E 185 -19.31 54.66 28.84
HG22 TPO E 185 -19.99 54.98 30.45
HG23 TPO E 185 -20.41 56.03 29.07
N ASN E 186 -24.37 55.90 28.69
CA ASN E 186 -25.65 56.06 27.99
C ASN E 186 -25.47 56.22 26.48
N LYS E 187 -26.55 56.05 25.72
CA LYS E 187 -26.48 55.99 24.26
C LYS E 187 -25.32 55.08 23.85
N VAL E 188 -25.55 53.79 24.12
CA VAL E 188 -24.53 52.76 24.00
C VAL E 188 -24.85 51.76 22.89
N ILE E 189 -25.89 52.01 22.10
CA ILE E 189 -26.34 51.06 21.08
C ILE E 189 -26.73 51.86 19.83
N THR E 190 -26.56 51.22 18.67
CA THR E 190 -26.69 51.95 17.40
C THR E 190 -28.06 52.58 17.27
N LEU E 191 -28.09 53.78 16.66
CA LEU E 191 -29.30 54.58 16.71
C LEU E 191 -30.50 53.82 16.15
N TRP E 192 -30.30 53.11 15.04
CA TRP E 192 -31.43 52.45 14.41
C TRP E 192 -32.05 51.42 15.35
N TYR E 193 -31.22 50.76 16.17
CA TYR E 193 -31.71 49.73 17.10
C TYR E 193 -31.69 50.20 18.55
N ARG E 194 -31.61 51.53 18.81
CA ARG E 194 -31.53 52.05 20.17
C ARG E 194 -32.93 52.18 20.80
N PRO E 195 -33.07 51.81 22.07
CA PRO E 195 -34.39 51.90 22.75
C PRO E 195 -34.77 53.33 23.07
N PRO E 196 -36.07 53.59 23.28
CA PRO E 196 -36.48 54.97 23.60
C PRO E 196 -35.94 55.48 24.93
N GLU E 197 -35.78 54.62 25.93
CA GLU E 197 -35.30 55.10 27.22
C GLU E 197 -33.88 55.66 27.10
N LEU E 198 -33.03 55.03 26.28
CA LEU E 198 -31.67 55.52 26.16
C LEU E 198 -31.61 56.83 25.37
N LEU E 199 -32.54 57.04 24.44
CA LEU E 199 -32.61 58.32 23.73
C LEU E 199 -32.98 59.45 24.67
N LEU E 200 -33.86 59.19 25.64
CA LEU E 200 -34.31 60.16 26.62
C LEU E 200 -33.38 60.27 27.83
N GLY E 201 -32.22 59.62 27.78
CA GLY E 201 -31.15 59.84 28.75
C GLY E 201 -31.14 58.95 29.97
N GLU E 202 -31.70 57.75 29.90
CA GLU E 202 -31.63 56.79 31.01
C GLU E 202 -30.20 56.31 31.21
N GLU E 203 -29.56 56.79 32.28
CA GLU E 203 -28.17 56.41 32.54
C GLU E 203 -28.02 55.08 33.27
N ARG E 204 -29.07 54.59 33.92
CA ARG E 204 -29.09 53.29 34.60
C ARG E 204 -30.22 52.47 33.97
N TYR E 205 -29.91 51.75 32.91
CA TYR E 205 -30.91 51.06 32.10
C TYR E 205 -31.02 49.59 32.47
N THR E 206 -32.05 48.95 31.91
CA THR E 206 -32.41 47.55 32.16
C THR E 206 -31.97 46.67 31.01
N PRO E 207 -31.95 45.35 31.21
CA PRO E 207 -31.68 44.45 30.07
C PRO E 207 -32.68 44.60 28.94
N ALA E 208 -33.80 45.27 29.17
CA ALA E 208 -34.80 45.47 28.12
C ALA E 208 -34.23 46.23 26.93
N ILE E 209 -33.09 46.90 27.09
CA ILE E 209 -32.50 47.59 25.96
C ILE E 209 -32.21 46.61 24.84
N ASP E 210 -31.66 45.45 25.17
CA ASP E 210 -31.37 44.44 24.15
C ASP E 210 -32.66 43.88 23.55
N VAL E 211 -33.70 43.72 24.36
CA VAL E 211 -34.95 43.17 23.83
C VAL E 211 -35.54 44.14 22.80
N TRP E 212 -35.47 45.44 23.08
CA TRP E 212 -35.95 46.41 22.09
C TRP E 212 -35.22 46.26 20.77
N SER E 213 -33.90 46.11 20.83
CA SER E 213 -33.13 45.94 19.60
C SER E 213 -33.61 44.72 18.83
N CYS E 214 -33.82 43.60 19.53
CA CYS E 214 -34.26 42.39 18.87
C CYS E 214 -35.66 42.54 18.28
N GLY E 215 -36.52 43.31 18.94
CA GLY E 215 -37.81 43.62 18.34
C GLY E 215 -37.66 44.37 17.04
N CYS E 216 -36.72 45.33 16.99
CA CYS E 216 -36.45 46.03 15.74
C CYS E 216 -36.03 45.07 14.64
N ILE E 217 -35.20 44.08 14.99
CA ILE E 217 -34.75 43.10 14.02
C ILE E 217 -35.92 42.24 13.55
N LEU E 218 -36.79 41.84 14.46
CA LEU E 218 -37.94 41.04 14.09
C LEU E 218 -38.76 41.72 13.00
N GLY E 219 -39.10 42.99 13.21
CA GLY E 219 -39.86 43.70 12.20
C GLY E 219 -39.12 43.79 10.88
N GLU E 220 -37.82 44.08 10.93
CA GLU E 220 -37.03 44.18 9.72
C GLU E 220 -37.06 42.89 8.92
N LEU E 221 -37.14 41.75 9.61
CA LEU E 221 -37.20 40.47 8.90
C LEU E 221 -38.51 40.28 8.13
N PHE E 222 -39.59 40.93 8.56
CA PHE E 222 -40.86 40.82 7.85
C PHE E 222 -41.02 41.85 6.75
N THR E 223 -40.21 42.92 6.75
CA THR E 223 -40.26 43.92 5.68
C THR E 223 -39.01 43.96 4.82
N LYS E 224 -37.89 43.43 5.32
CA LYS E 224 -36.59 43.51 4.68
C LYS E 224 -35.97 44.90 4.77
N LYS E 225 -36.63 45.83 5.46
CA LYS E 225 -36.09 47.19 5.63
C LYS E 225 -36.15 47.54 7.11
N PRO E 226 -35.09 48.13 7.67
CA PRO E 226 -35.14 48.52 9.09
C PRO E 226 -36.33 49.40 9.39
N ILE E 227 -36.76 49.37 10.65
CA ILE E 227 -37.99 50.05 11.02
C ILE E 227 -37.73 51.53 11.28
N PHE E 228 -36.67 51.85 12.01
CA PHE E 228 -36.40 53.22 12.45
C PHE E 228 -35.06 53.67 11.88
N GLN E 229 -35.11 54.33 10.73
CA GLN E 229 -33.92 54.83 10.05
C GLN E 229 -33.85 56.34 10.26
N ALA E 230 -32.89 56.78 11.07
CA ALA E 230 -32.74 58.19 11.39
C ALA E 230 -31.26 58.52 11.53
N ASN E 231 -30.97 59.83 11.55
CA ASN E 231 -29.61 60.33 11.66
C ASN E 231 -29.27 60.97 13.00
N LEU E 232 -30.25 61.55 13.69
CA LEU E 232 -30.04 62.20 14.97
C LEU E 232 -31.07 61.68 15.97
N GLU E 233 -30.72 61.78 17.26
CA GLU E 233 -31.57 61.18 18.28
C GLU E 233 -32.99 61.71 18.23
N LEU E 234 -33.17 63.00 17.92
CA LEU E 234 -34.53 63.52 17.88
C LEU E 234 -35.32 62.92 16.72
N ALA E 235 -34.71 62.83 15.53
CA ALA E 235 -35.41 62.23 14.41
C ALA E 235 -35.78 60.78 14.70
N GLN E 236 -34.92 60.07 15.42
CA GLN E 236 -35.20 58.67 15.77
C GLN E 236 -36.38 58.57 16.73
N LEU E 237 -36.37 59.38 17.79
CA LEU E 237 -37.48 59.39 18.74
C LEU E 237 -38.80 59.73 18.04
N GLU E 238 -38.74 60.59 17.04
CA GLU E 238 -39.96 60.93 16.28
C GLU E 238 -40.48 59.72 15.51
N LEU E 239 -39.59 58.97 14.86
CA LEU E 239 -40.04 57.78 14.14
C LEU E 239 -40.65 56.76 15.09
N ILE E 240 -39.99 56.51 16.21
CA ILE E 240 -40.55 55.60 17.22
C ILE E 240 -41.95 56.05 17.63
N SER E 241 -42.13 57.36 17.85
CA SER E 241 -43.41 57.84 18.34
C SER E 241 -44.52 57.65 17.32
N ARG E 242 -44.22 57.83 16.03
CA ARG E 242 -45.26 57.67 15.02
C ARG E 242 -45.84 56.27 15.00
N LEU E 243 -45.05 55.28 15.39
CA LEU E 243 -45.44 53.88 15.36
C LEU E 243 -45.91 53.39 16.73
N CYS E 244 -45.11 53.63 17.77
CA CYS E 244 -45.34 53.07 19.08
C CYS E 244 -46.18 53.97 19.98
N GLY E 245 -46.42 55.20 19.59
CA GLY E 245 -47.04 56.17 20.45
C GLY E 245 -45.99 57.04 21.13
N SER E 246 -46.37 58.29 21.41
CA SER E 246 -45.39 59.18 22.01
C SER E 246 -45.14 58.76 23.45
N PRO E 247 -43.88 58.79 23.90
CA PRO E 247 -43.61 58.58 25.33
C PRO E 247 -44.39 59.59 26.15
N CYS E 248 -45.17 59.09 27.11
CA CYS E 248 -45.95 59.95 27.98
C CYS E 248 -46.27 59.16 29.22
N PRO E 249 -46.48 59.83 30.36
CA PRO E 249 -46.79 59.09 31.60
C PRO E 249 -48.00 58.19 31.46
N ALA E 250 -48.90 58.45 30.50
CA ALA E 250 -50.10 57.63 30.35
C ALA E 250 -49.76 56.16 30.13
N VAL E 251 -48.65 55.88 29.44
CA VAL E 251 -48.23 54.52 29.16
C VAL E 251 -46.86 54.21 29.74
N TRP E 252 -46.19 55.20 30.33
CA TRP E 252 -44.80 55.05 30.78
C TRP E 252 -44.64 55.93 32.01
N PRO E 253 -45.20 55.50 33.15
CA PRO E 253 -45.33 56.41 34.30
C PRO E 253 -44.05 57.14 34.68
N ASP E 254 -42.90 56.49 34.53
CA ASP E 254 -41.64 57.04 34.99
C ASP E 254 -40.91 57.82 33.90
N VAL E 255 -41.55 58.06 32.76
CA VAL E 255 -40.87 58.77 31.68
C VAL E 255 -40.48 60.16 32.12
N ILE E 256 -41.25 60.74 33.05
CA ILE E 256 -41.00 62.08 33.56
C ILE E 256 -39.71 62.18 34.36
N ARG E 257 -39.13 61.05 34.75
CA ARG E 257 -37.84 61.09 35.45
C ARG E 257 -36.66 61.23 34.50
N LEU E 258 -36.87 61.12 33.19
CA LEU E 258 -35.73 61.03 32.29
C LEU E 258 -35.23 62.43 31.91
N PRO E 259 -33.91 62.61 31.92
CA PRO E 259 -33.37 63.96 31.64
C PRO E 259 -34.00 64.66 30.43
N TYR E 260 -34.11 63.97 29.31
CA TYR E 260 -34.51 64.60 28.06
C TYR E 260 -35.99 64.44 27.76
N PHE E 261 -36.80 64.04 28.73
CA PHE E 261 -38.22 63.88 28.47
C PHE E 261 -38.82 65.18 27.92
N ASN E 262 -38.61 66.27 28.65
CA ASN E 262 -39.10 67.57 28.18
C ASN E 262 -38.28 68.09 27.01
N THR E 263 -36.97 67.83 27.00
CA THR E 263 -36.12 68.37 25.94
C THR E 263 -36.53 67.78 24.59
N MET E 264 -36.56 66.46 24.50
CA MET E 264 -36.83 65.78 23.24
C MET E 264 -38.31 65.43 23.12
N LYS E 265 -39.14 66.47 23.07
CA LYS E 265 -40.55 66.17 22.88
C LYS E 265 -40.80 65.83 21.40
N PRO E 266 -41.62 64.83 21.11
CA PRO E 266 -41.98 64.56 19.72
C PRO E 266 -42.90 65.65 19.17
N LYS E 267 -42.97 65.70 17.85
CA LYS E 267 -43.78 66.72 17.18
C LYS E 267 -45.21 66.73 17.69
N LYS E 268 -45.79 65.54 17.88
CA LYS E 268 -47.15 65.39 18.35
C LYS E 268 -47.15 64.41 19.51
N GLN E 269 -48.31 64.26 20.15
CA GLN E 269 -48.55 63.17 21.09
C GLN E 269 -49.28 62.09 20.28
N TYR E 270 -48.50 61.24 19.62
CA TYR E 270 -49.03 60.25 18.70
C TYR E 270 -49.65 59.07 19.48
N ARG E 271 -50.69 58.49 18.90
CA ARG E 271 -51.20 57.22 19.40
C ARG E 271 -50.41 56.07 18.78
N ARG E 272 -50.45 54.92 19.44
CA ARG E 272 -49.77 53.73 18.93
C ARG E 272 -50.50 53.19 17.70
N ARG E 273 -49.76 52.98 16.62
CA ARG E 273 -50.34 52.45 15.39
C ARG E 273 -49.70 51.13 14.96
N LEU E 274 -48.86 50.54 15.82
CA LEU E 274 -48.00 49.43 15.41
C LEU E 274 -48.79 48.31 14.74
N ARG E 275 -49.91 47.91 15.33
CA ARG E 275 -50.68 46.79 14.81
C ARG E 275 -51.29 47.11 13.45
N GLU E 276 -51.59 48.39 13.22
CA GLU E 276 -52.14 48.81 11.94
C GLU E 276 -51.07 48.82 10.87
N GLU E 277 -49.90 49.38 11.20
CA GLU E 277 -48.83 49.53 10.23
C GLU E 277 -48.17 48.20 9.86
N PHE E 278 -48.29 47.18 10.72
CA PHE E 278 -47.72 45.86 10.48
C PHE E 278 -48.81 44.81 10.28
N SER E 279 -49.89 45.19 9.60
CA SER E 279 -51.05 44.30 9.49
C SER E 279 -50.76 43.01 8.75
N PHE E 280 -49.71 42.97 7.93
CA PHE E 280 -49.37 41.76 7.19
C PHE E 280 -48.65 40.71 8.02
N ILE E 281 -48.26 41.01 9.25
CA ILE E 281 -47.46 40.07 10.01
C ILE E 281 -48.43 39.04 10.58
N PRO E 282 -48.08 37.76 10.56
CA PRO E 282 -48.94 36.76 11.24
C PRO E 282 -49.22 37.17 12.67
N SER E 283 -50.42 36.84 13.14
CA SER E 283 -50.86 37.33 14.45
C SER E 283 -49.93 36.87 15.56
N ALA E 284 -49.53 35.59 15.54
CA ALA E 284 -48.64 35.11 16.59
C ALA E 284 -47.36 35.93 16.65
N ALA E 285 -46.85 36.34 15.47
CA ALA E 285 -45.64 37.15 15.44
C ALA E 285 -45.93 38.60 15.79
N LEU E 286 -47.01 39.15 15.24
CA LEU E 286 -47.34 40.54 15.51
C LEU E 286 -47.46 40.79 17.01
N ASP E 287 -48.06 39.85 17.74
CA ASP E 287 -48.17 39.97 19.18
C ASP E 287 -46.79 40.04 19.82
N LEU E 288 -45.83 39.24 19.33
CA LEU E 288 -44.47 39.32 19.84
C LEU E 288 -43.86 40.69 19.57
N LEU E 289 -44.04 41.20 18.34
CA LEU E 289 -43.48 42.50 18.01
C LEU E 289 -44.05 43.58 18.93
N ASP E 290 -45.36 43.55 19.15
CA ASP E 290 -46.00 44.56 19.98
C ASP E 290 -45.38 44.58 21.38
N HIS E 291 -45.05 43.40 21.91
CA HIS E 291 -44.52 43.34 23.28
C HIS E 291 -43.04 43.68 23.36
N MET E 292 -42.28 43.41 22.29
CA MET E 292 -40.87 43.74 22.31
C MET E 292 -40.65 45.22 22.10
N LEU E 293 -41.54 45.86 21.33
CA LEU E 293 -41.49 47.30 21.09
C LEU E 293 -42.48 48.05 21.97
N THR E 294 -42.57 47.64 23.24
CA THR E 294 -43.33 48.38 24.23
C THR E 294 -42.44 49.50 24.76
N LEU E 295 -42.99 50.72 24.84
CA LEU E 295 -42.14 51.87 25.14
C LEU E 295 -41.50 51.76 26.51
N ASP E 296 -42.30 51.44 27.53
CA ASP E 296 -41.80 51.46 28.89
C ASP E 296 -40.97 50.21 29.17
N PRO E 297 -39.68 50.34 29.46
CA PRO E 297 -38.85 49.12 29.66
C PRO E 297 -39.36 48.22 30.77
N SER E 298 -40.11 48.75 31.74
CA SER E 298 -40.69 47.93 32.79
C SER E 298 -41.98 47.24 32.37
N LYS E 299 -42.54 47.58 31.20
CA LYS E 299 -43.66 46.86 30.61
C LYS E 299 -43.26 46.04 29.39
N ARG E 300 -42.07 46.25 28.85
CA ARG E 300 -41.58 45.48 27.73
C ARG E 300 -41.23 44.05 28.16
N CYS E 301 -41.61 43.08 27.34
CA CYS E 301 -41.37 41.69 27.68
C CYS E 301 -39.86 41.41 27.75
N THR E 302 -39.53 40.36 28.50
CA THR E 302 -38.16 39.91 28.69
C THR E 302 -37.78 38.93 27.59
N ALA E 303 -36.51 38.50 27.58
CA ALA E 303 -36.12 37.42 26.67
C ALA E 303 -36.89 36.15 26.99
N GLU E 304 -36.98 35.79 28.28
CA GLU E 304 -37.69 34.57 28.65
C GLU E 304 -39.14 34.60 28.17
N GLN E 305 -39.81 35.76 28.28
CA GLN E 305 -41.21 35.82 27.93
C GLN E 305 -41.43 35.61 26.43
N THR E 306 -40.51 36.08 25.59
CA THR E 306 -40.67 35.87 24.15
C THR E 306 -40.59 34.38 23.80
N LEU E 307 -39.76 33.62 24.50
CA LEU E 307 -39.70 32.18 24.29
C LEU E 307 -40.97 31.48 24.74
N GLN E 308 -41.81 32.17 25.52
CA GLN E 308 -43.10 31.66 25.95
C GLN E 308 -44.22 32.39 25.21
N SER E 309 -44.04 32.58 23.90
CA SER E 309 -45.02 33.24 23.05
C SER E 309 -45.60 32.21 22.09
N ASP E 310 -46.82 32.44 21.62
CA ASP E 310 -47.40 31.53 20.63
C ASP E 310 -46.51 31.39 19.41
N PHE E 311 -45.72 32.42 19.11
CA PHE E 311 -44.90 32.40 17.90
C PHE E 311 -43.70 31.46 18.05
N LEU E 312 -43.01 31.52 19.19
CA LEU E 312 -41.79 30.74 19.36
C LEU E 312 -41.92 29.54 20.28
N LYS E 313 -42.96 29.50 21.12
CA LYS E 313 -43.08 28.48 22.15
C LYS E 313 -42.91 27.08 21.59
N ASP E 314 -43.60 26.76 20.50
CA ASP E 314 -43.57 25.40 19.97
C ASP E 314 -42.67 25.26 18.76
N VAL E 315 -41.70 26.15 18.59
CA VAL E 315 -40.75 26.02 17.50
C VAL E 315 -39.67 25.07 17.98
N GLU E 316 -39.34 24.07 17.17
CA GLU E 316 -38.35 23.08 17.52
C GLU E 316 -37.08 23.43 16.77
N LEU E 317 -36.00 23.65 17.51
CA LEU E 317 -34.73 23.98 16.87
C LEU E 317 -34.06 22.74 16.31
N SER E 318 -34.67 21.58 16.51
CA SER E 318 -34.24 20.37 15.82
C SER E 318 -34.30 20.58 14.31
N LYS E 319 -35.33 21.29 13.85
CA LYS E 319 -35.55 21.62 12.44
C LYS E 319 -34.99 23.01 12.20
N MET E 320 -33.69 23.10 11.90
CA MET E 320 -33.03 24.40 11.80
C MET E 320 -33.73 25.34 10.82
N ALA E 321 -34.22 24.80 9.70
CA ALA E 321 -34.92 25.61 8.69
C ALA E 321 -33.99 26.70 8.15
N PRO E 322 -33.06 26.34 7.27
CA PRO E 322 -32.09 27.33 6.78
C PRO E 322 -32.75 28.40 5.94
N PRO E 323 -32.22 29.63 5.96
CA PRO E 323 -32.81 30.69 5.12
C PRO E 323 -32.60 30.41 3.63
N ASP E 324 -33.53 30.92 2.83
CA ASP E 324 -33.49 30.72 1.38
C ASP E 324 -32.41 31.57 0.74
N LEU E 325 -31.23 30.98 0.57
CA LEU E 325 -30.09 31.68 -0.01
C LEU E 325 -29.92 31.37 -1.49
N PRO E 326 -30.17 32.33 -2.38
CA PRO E 326 -29.81 32.10 -3.79
C PRO E 326 -28.29 31.99 -3.94
N HIS E 327 -27.87 31.05 -4.79
CA HIS E 327 -26.44 30.86 -5.05
C HIS E 327 -26.19 30.69 -6.54
N TRP E 328 -26.91 29.77 -7.17
CA TRP E 328 -26.90 29.61 -8.62
C TRP E 328 -28.09 30.36 -9.22
N GLN E 329 -27.93 30.82 -10.47
CA GLN E 329 -28.89 31.63 -11.22
C GLN E 329 -28.83 33.09 -10.76
N ASP E 330 -27.91 33.41 -9.86
CA ASP E 330 -27.65 34.78 -9.43
C ASP E 330 -26.92 35.61 -10.47
N CYS E 331 -26.28 34.95 -11.45
CA CYS E 331 -25.52 35.64 -12.47
C CYS E 331 -26.40 36.55 -13.32
N THR F 24 -10.74 22.65 29.29
CA THR F 24 -11.37 23.92 28.94
C THR F 24 -10.64 25.08 29.62
N LYS F 25 -10.81 25.20 30.94
CA LYS F 25 -10.25 26.29 31.74
C LYS F 25 -9.03 25.77 32.51
N PRO F 26 -7.98 26.55 32.71
CA PRO F 26 -6.77 26.01 33.36
C PRO F 26 -6.97 25.85 34.86
N CYS F 27 -6.12 25.01 35.44
CA CYS F 27 -6.15 24.73 36.87
C CYS F 27 -5.20 25.70 37.58
N TRP F 28 -5.72 26.46 38.53
CA TRP F 28 -4.95 27.48 39.23
C TRP F 28 -4.68 27.11 40.69
N TYR F 29 -4.63 25.82 41.00
CA TYR F 29 -4.41 25.37 42.38
C TYR F 29 -3.30 24.34 42.45
N TRP F 30 -2.40 24.56 43.40
CA TRP F 30 -1.25 23.71 43.69
C TRP F 30 -1.38 23.15 45.12
N ASP F 31 -0.56 22.17 45.45
CA ASP F 31 -0.46 21.65 46.82
C ASP F 31 0.62 22.42 47.55
N LYS F 32 0.46 22.60 48.87
CA LYS F 32 1.48 23.35 49.59
C LYS F 32 2.88 22.80 49.32
N LYS F 33 3.00 21.46 49.30
CA LYS F 33 4.30 20.84 49.07
C LYS F 33 4.94 21.30 47.76
N ASP F 34 4.12 21.73 46.79
CA ASP F 34 4.67 22.20 45.52
C ASP F 34 5.32 23.58 45.63
N LEU F 35 4.96 24.37 46.65
CA LEU F 35 5.53 25.70 46.77
C LEU F 35 7.01 25.68 47.11
N ALA F 36 7.56 24.53 47.51
CA ALA F 36 8.99 24.38 47.69
C ALA F 36 9.73 24.35 46.37
N HIS F 37 9.00 24.36 45.25
CA HIS F 37 9.56 24.23 43.91
C HIS F 37 9.07 25.34 42.99
N THR F 38 8.80 26.51 43.54
CA THR F 38 8.55 27.66 42.70
C THR F 38 9.85 28.08 42.02
N PRO F 39 9.77 28.75 40.87
CA PRO F 39 10.99 29.33 40.29
C PRO F 39 11.81 30.09 41.33
N SER F 40 11.14 30.85 42.19
CA SER F 40 11.85 31.62 43.20
C SER F 40 12.68 30.71 44.11
N GLN F 41 12.07 29.64 44.61
CA GLN F 41 12.82 28.72 45.46
C GLN F 41 14.01 28.12 44.72
N LEU F 42 13.81 27.75 43.46
CA LEU F 42 14.85 27.06 42.72
C LEU F 42 15.98 27.98 42.27
N GLU F 43 15.80 29.30 42.34
CA GLU F 43 16.89 30.23 42.14
C GLU F 43 17.58 30.60 43.44
N GLY F 44 17.31 29.87 44.52
CA GLY F 44 18.02 30.06 45.77
C GLY F 44 17.34 30.91 46.81
N LEU F 45 16.14 31.40 46.53
CA LEU F 45 15.37 32.11 47.54
C LEU F 45 14.81 31.10 48.54
N ASP F 46 14.93 31.42 49.84
CA ASP F 46 14.50 30.48 50.86
C ASP F 46 13.00 30.63 51.14
N PRO F 47 12.40 29.65 51.82
CA PRO F 47 10.94 29.71 52.01
C PRO F 47 10.46 30.97 52.72
N ALA F 48 11.17 31.41 53.76
CA ALA F 48 10.74 32.60 54.48
C ALA F 48 10.74 33.83 53.57
N THR F 49 11.80 34.00 52.78
CA THR F 49 11.90 35.20 51.95
C THR F 49 10.79 35.26 50.92
N GLU F 50 10.49 34.14 50.25
CA GLU F 50 9.40 34.19 49.27
C GLU F 50 8.07 34.51 49.96
N ALA F 51 7.83 33.95 51.14
CA ALA F 51 6.62 34.28 51.87
C ALA F 51 6.57 35.78 52.16
N ARG F 52 7.69 36.37 52.56
CA ARG F 52 7.75 37.80 52.82
C ARG F 52 7.47 38.61 51.55
N TYR F 53 8.14 38.25 50.44
CA TYR F 53 7.91 38.97 49.19
C TYR F 53 6.43 38.94 48.80
N ARG F 54 5.77 37.80 49.00
CA ARG F 54 4.35 37.72 48.70
C ARG F 54 3.54 38.63 49.61
N ARG F 55 3.83 38.64 50.92
CA ARG F 55 3.14 39.56 51.81
C ARG F 55 3.35 41.00 51.40
N GLU F 56 4.60 41.36 51.10
CA GLU F 56 4.89 42.75 50.75
C GLU F 56 4.20 43.12 49.44
N GLY F 57 4.24 42.23 48.45
CA GLY F 57 3.56 42.49 47.20
C GLY F 57 2.06 42.56 47.34
N ALA F 58 1.49 41.66 48.15
CA ALA F 58 0.05 41.69 48.35
C ALA F 58 -0.36 42.97 49.08
N ARG F 59 0.30 43.28 50.19
CA ARG F 59 -0.05 44.49 50.94
C ARG F 59 0.23 45.76 50.14
N PHE F 60 1.27 45.75 49.30
CA PHE F 60 1.52 46.88 48.40
C PHE F 60 0.35 47.08 47.44
N ILE F 61 -0.11 46.00 46.80
CA ILE F 61 -1.28 46.09 45.95
C ILE F 61 -2.48 46.57 46.77
N PHE F 62 -2.65 45.99 47.95
CA PHE F 62 -3.76 46.35 48.82
C PHE F 62 -3.73 47.82 49.15
N ASP F 63 -2.59 48.32 49.64
CA ASP F 63 -2.51 49.71 50.05
C ASP F 63 -2.65 50.67 48.88
N VAL F 64 -1.97 50.37 47.76
CA VAL F 64 -2.04 51.29 46.62
C VAL F 64 -3.48 51.44 46.14
N GLY F 65 -4.17 50.31 45.99
CA GLY F 65 -5.55 50.36 45.51
C GLY F 65 -6.49 51.00 46.51
N THR F 66 -6.24 50.79 47.81
CA THR F 66 -7.05 51.44 48.83
C THR F 66 -6.91 52.96 48.74
N ARG F 67 -5.66 53.44 48.62
CA ARG F 67 -5.42 54.87 48.47
C ARG F 67 -6.09 55.41 47.22
N LEU F 68 -6.15 54.62 46.14
CA LEU F 68 -6.80 55.04 44.91
C LEU F 68 -8.32 54.94 44.97
N GLY F 69 -8.88 54.40 46.07
CA GLY F 69 -10.31 54.31 46.21
C GLY F 69 -10.94 53.11 45.54
N LEU F 70 -10.21 52.01 45.41
CA LEU F 70 -10.67 50.88 44.62
C LEU F 70 -11.54 49.90 45.40
N HIS F 71 -12.50 49.32 44.69
CA HIS F 71 -13.39 48.30 45.23
C HIS F 71 -12.61 47.10 45.76
N TYR F 72 -13.21 46.41 46.73
CA TYR F 72 -12.50 45.29 47.35
C TYR F 72 -12.26 44.15 46.36
N ASP F 73 -13.19 43.92 45.43
CA ASP F 73 -12.95 42.89 44.43
C ASP F 73 -11.74 43.23 43.56
N THR F 74 -11.55 44.52 43.27
CA THR F 74 -10.43 44.92 42.42
C THR F 74 -9.09 44.64 43.08
N LEU F 75 -8.96 44.94 44.37
CA LEU F 75 -7.70 44.68 45.07
C LEU F 75 -7.37 43.20 45.04
N ALA F 76 -8.36 42.35 45.32
CA ALA F 76 -8.11 40.91 45.36
C ALA F 76 -7.73 40.35 44.00
N THR F 77 -8.41 40.78 42.94
CA THR F 77 -8.07 40.29 41.61
C THR F 77 -6.60 40.55 41.30
N GLY F 78 -6.14 41.78 41.55
CA GLY F 78 -4.74 42.09 41.38
C GLY F 78 -3.83 41.22 42.22
N ILE F 79 -4.20 41.01 43.48
CA ILE F 79 -3.37 40.19 44.36
C ILE F 79 -3.29 38.77 43.83
N ILE F 80 -4.42 38.24 43.34
CA ILE F 80 -4.42 36.87 42.83
C ILE F 80 -3.70 36.77 41.50
N TYR F 81 -3.80 37.78 40.63
CA TYR F 81 -2.90 37.82 39.48
C TYR F 81 -1.45 37.78 39.96
N PHE F 82 -1.13 38.62 40.94
CA PHE F 82 0.21 38.70 41.48
C PHE F 82 0.69 37.35 42.00
N HIS F 83 -0.12 36.70 42.85
CA HIS F 83 0.32 35.43 43.40
C HIS F 83 0.57 34.41 42.29
N ARG F 84 -0.35 34.33 41.34
CA ARG F 84 -0.20 33.38 40.24
C ARG F 84 1.06 33.66 39.45
N PHE F 85 1.35 34.93 39.19
CA PHE F 85 2.51 35.30 38.40
C PHE F 85 3.79 34.65 38.93
N TYR F 86 4.00 34.65 40.23
CA TYR F 86 5.23 34.11 40.81
C TYR F 86 5.18 32.62 41.02
N MET F 87 4.21 31.94 40.41
CA MET F 87 4.28 30.50 40.20
C MET F 87 4.94 30.16 38.88
N PHE F 88 5.17 31.15 38.03
CA PHE F 88 5.78 30.94 36.74
C PHE F 88 7.08 31.71 36.59
N HIS F 89 7.38 32.61 37.51
CA HIS F 89 8.56 33.46 37.42
C HIS F 89 9.20 33.56 38.79
N SER F 90 10.43 34.08 38.80
CA SER F 90 11.17 34.24 40.03
C SER F 90 11.08 35.68 40.51
N PHE F 91 11.02 35.85 41.82
CA PHE F 91 11.07 37.20 42.38
C PHE F 91 12.37 37.89 42.04
N LYS F 92 13.41 37.13 41.73
CA LYS F 92 14.71 37.73 41.38
C LYS F 92 14.74 38.29 39.96
N GLN F 93 13.79 37.88 39.10
CA GLN F 93 13.75 38.37 37.74
C GLN F 93 12.69 39.43 37.49
N PHE F 94 11.66 39.49 38.33
CA PHE F 94 10.58 40.45 38.19
C PHE F 94 10.42 41.13 39.53
N PRO F 95 11.04 42.30 39.71
CA PRO F 95 10.91 43.00 41.01
C PRO F 95 9.44 43.15 41.37
N ARG F 96 9.13 42.81 42.62
CA ARG F 96 7.75 42.50 42.97
C ARG F 96 6.84 43.72 42.91
N TYR F 97 7.32 44.90 43.31
CA TYR F 97 6.41 46.04 43.35
C TYR F 97 6.05 46.53 41.95
N VAL F 98 6.93 46.29 40.95
CA VAL F 98 6.56 46.57 39.57
C VAL F 98 5.44 45.63 39.13
N THR F 99 5.64 44.33 39.36
CA THR F 99 4.60 43.35 39.08
C THR F 99 3.29 43.73 39.76
N GLY F 100 3.36 44.07 41.06
CA GLY F 100 2.17 44.46 41.77
C GLY F 100 1.40 45.57 41.08
N ALA F 101 2.09 46.66 40.75
CA ALA F 101 1.43 47.77 40.08
C ALA F 101 0.76 47.32 38.79
N CYS F 102 1.44 46.47 38.02
CA CYS F 102 0.88 45.97 36.77
C CYS F 102 -0.37 45.13 37.04
N CYS F 103 -0.32 44.26 38.05
CA CYS F 103 -1.50 43.47 38.40
C CYS F 103 -2.68 44.37 38.74
N LEU F 104 -2.45 45.38 39.58
CA LEU F 104 -3.54 46.28 39.94
C LEU F 104 -4.06 47.01 38.71
N PHE F 105 -3.15 47.46 37.84
CA PHE F 105 -3.54 48.17 36.62
C PHE F 105 -4.47 47.31 35.77
N LEU F 106 -4.08 46.06 35.53
CA LEU F 106 -4.92 45.17 34.74
C LEU F 106 -6.21 44.83 35.48
N ALA F 107 -6.11 44.53 36.77
CA ALA F 107 -7.29 44.23 37.56
C ALA F 107 -8.33 45.33 37.40
N GLY F 108 -7.89 46.58 37.42
CA GLY F 108 -8.82 47.68 37.24
C GLY F 108 -9.57 47.61 35.92
N LYS F 109 -8.88 47.23 34.85
CA LYS F 109 -9.55 47.07 33.56
C LYS F 109 -10.47 45.86 33.56
N VAL F 110 -10.05 44.76 34.19
CA VAL F 110 -10.88 43.57 34.20
C VAL F 110 -12.16 43.82 34.98
N GLU F 111 -12.05 44.42 36.16
CA GLU F 111 -13.18 44.57 37.07
C GLU F 111 -13.98 45.85 36.82
N GLU F 112 -13.67 46.58 35.76
CA GLU F 112 -14.39 47.81 35.41
C GLU F 112 -14.30 48.87 36.50
N THR F 113 -13.14 48.96 37.13
CA THR F 113 -12.80 50.07 38.04
C THR F 113 -11.45 50.64 37.59
N PRO F 114 -11.36 51.10 36.34
CA PRO F 114 -10.04 51.41 35.78
C PRO F 114 -9.42 52.66 36.37
N LYS F 115 -8.09 52.66 36.40
CA LYS F 115 -7.28 53.81 36.79
C LYS F 115 -6.15 53.96 35.79
N LYS F 116 -5.68 55.19 35.62
CA LYS F 116 -4.58 55.46 34.71
C LYS F 116 -3.25 54.99 35.31
N CYS F 117 -2.39 54.46 34.45
CA CYS F 117 -1.11 53.94 34.93
C CYS F 117 -0.33 54.99 35.69
N LYS F 118 -0.37 56.24 35.24
CA LYS F 118 0.36 57.31 35.92
C LYS F 118 -0.12 57.45 37.37
N ASP F 119 -1.41 57.28 37.62
CA ASP F 119 -1.91 57.46 38.98
C ASP F 119 -1.45 56.35 39.90
N ILE F 120 -1.38 55.13 39.38
CA ILE F 120 -0.88 54.02 40.19
C ILE F 120 0.58 54.22 40.52
N ILE F 121 1.37 54.67 39.53
CA ILE F 121 2.79 54.92 39.74
C ILE F 121 3.00 55.99 40.82
N LYS F 122 2.26 57.10 40.73
CA LYS F 122 2.43 58.17 41.70
C LYS F 122 2.11 57.68 43.12
N THR F 123 1.00 56.95 43.26
CA THR F 123 0.62 56.43 44.58
C THR F 123 1.71 55.53 45.14
N ALA F 124 2.39 54.77 44.28
CA ALA F 124 3.48 53.91 44.73
C ALA F 124 4.61 54.70 45.37
N ARG F 125 5.01 55.82 44.75
CA ARG F 125 6.08 56.62 45.34
C ARG F 125 5.70 57.05 46.75
N SER F 126 4.42 57.36 46.94
CA SER F 126 3.94 57.77 48.26
C SER F 126 4.14 56.66 49.28
N LEU F 127 3.85 55.41 48.91
CA LEU F 127 3.87 54.29 49.84
C LEU F 127 5.22 53.57 49.88
N LEU F 128 6.10 53.80 48.91
CA LEU F 128 7.37 53.09 48.83
C LEU F 128 8.55 54.02 49.10
N ASN F 129 9.61 53.49 49.71
CA ASN F 129 10.84 54.23 49.93
C ASN F 129 11.69 54.21 48.66
N ASP F 130 12.74 55.04 48.66
CA ASP F 130 13.51 55.23 47.44
C ASP F 130 14.23 53.95 47.02
N VAL F 131 14.71 53.16 47.98
CA VAL F 131 15.35 51.90 47.61
C VAL F 131 14.35 51.01 46.88
N GLN F 132 13.11 50.96 47.39
CA GLN F 132 12.08 50.14 46.80
C GLN F 132 11.61 50.69 45.46
N PHE F 133 11.36 52.00 45.39
CA PHE F 133 10.91 52.58 44.13
C PHE F 133 11.95 52.50 43.03
N GLY F 134 13.22 52.27 43.38
CA GLY F 134 14.24 52.05 42.38
C GLY F 134 13.91 50.91 41.44
N GLN F 135 13.16 49.92 41.94
CA GLN F 135 12.74 48.81 41.08
C GLN F 135 12.11 49.31 39.79
N PHE F 136 11.44 50.46 39.83
CA PHE F 136 10.78 51.01 38.66
C PHE F 136 11.73 51.69 37.67
N GLY F 137 13.01 51.82 38.02
CA GLY F 137 13.97 52.34 37.06
C GLY F 137 13.68 53.78 36.64
N ASP F 138 14.22 54.12 35.46
CA ASP F 138 14.16 55.51 34.99
C ASP F 138 12.79 55.89 34.44
N ASP F 139 12.00 54.94 33.95
CA ASP F 139 10.66 55.20 33.42
C ASP F 139 9.69 54.23 34.08
N PRO F 140 9.14 54.58 35.24
CA PRO F 140 8.23 53.65 35.92
C PRO F 140 7.03 53.25 35.08
N LYS F 141 6.34 54.21 34.46
CA LYS F 141 5.15 53.84 33.69
C LYS F 141 5.51 52.81 32.62
N GLU F 142 6.66 52.98 31.97
CA GLU F 142 7.06 52.05 30.92
C GLU F 142 7.29 50.65 31.50
N GLU F 143 8.02 50.54 32.60
CA GLU F 143 8.29 49.22 33.18
C GLU F 143 6.99 48.49 33.50
N VAL F 144 5.96 49.22 33.93
CA VAL F 144 4.68 48.59 34.21
C VAL F 144 3.95 48.21 32.92
N MET F 145 3.83 49.16 31.99
CA MET F 145 3.09 48.89 30.76
C MET F 145 3.71 47.74 29.99
N VAL F 146 5.04 47.64 30.03
CA VAL F 146 5.75 46.58 29.33
C VAL F 146 5.38 45.22 29.89
N LEU F 147 5.24 45.13 31.22
CA LEU F 147 4.97 43.87 31.89
C LEU F 147 3.57 43.36 31.61
N GLU F 148 2.65 44.25 31.24
CA GLU F 148 1.28 43.83 30.96
C GLU F 148 1.23 42.69 29.96
N ARG F 149 2.04 42.73 28.92
CA ARG F 149 2.01 41.66 27.92
C ARG F 149 2.29 40.31 28.58
N ILE F 150 3.32 40.25 29.42
CA ILE F 150 3.68 39.00 30.10
C ILE F 150 2.61 38.61 31.09
N LEU F 151 2.10 39.57 31.86
CA LEU F 151 1.06 39.25 32.84
C LEU F 151 -0.08 38.52 32.17
N LEU F 152 -0.56 39.05 31.04
CA LEU F 152 -1.65 38.40 30.32
C LEU F 152 -1.27 37.00 29.86
N GLN F 153 -0.06 36.83 29.31
CA GLN F 153 0.33 35.50 28.88
C GLN F 153 0.49 34.56 30.07
N THR F 154 1.02 35.05 31.20
CA THR F 154 1.21 34.18 32.35
C THR F 154 -0.13 33.74 32.93
N ILE F 155 -1.08 34.65 33.07
CA ILE F 155 -2.37 34.27 33.66
C ILE F 155 -3.26 33.61 32.60
N LYS F 156 -2.68 33.31 31.44
CA LYS F 156 -3.36 32.52 30.41
C LYS F 156 -4.68 33.16 30.00
N PHE F 157 -4.74 34.48 30.04
CA PHE F 157 -5.91 35.26 29.63
C PHE F 157 -7.18 34.78 30.31
N ASP F 158 -7.04 34.07 31.43
CA ASP F 158 -8.17 33.69 32.27
C ASP F 158 -8.37 34.84 33.24
N LEU F 159 -9.13 35.85 32.79
CA LEU F 159 -9.25 37.10 33.53
C LEU F 159 -10.33 37.05 34.59
N GLN F 160 -11.31 36.19 34.44
CA GLN F 160 -12.38 36.12 35.42
C GLN F 160 -11.85 35.46 36.69
N VAL F 161 -12.01 36.14 37.82
CA VAL F 161 -11.59 35.60 39.11
C VAL F 161 -12.70 35.90 40.11
N GLU F 162 -13.04 34.91 40.93
CA GLU F 162 -13.98 35.09 42.03
C GLU F 162 -13.25 35.02 43.37
N HIS F 163 -13.84 35.67 44.37
CA HIS F 163 -13.19 35.85 45.65
C HIS F 163 -14.07 35.38 46.79
N PRO F 164 -13.46 34.98 47.92
CA PRO F 164 -14.23 34.50 49.06
C PRO F 164 -15.36 35.42 49.51
N TYR F 165 -15.24 36.72 49.21
CA TYR F 165 -16.21 37.68 49.73
C TYR F 165 -17.63 37.31 49.32
N GLN F 166 -17.84 37.01 48.03
CA GLN F 166 -19.20 36.77 47.59
C GLN F 166 -19.83 35.63 48.36
N PHE F 167 -19.04 34.61 48.67
CA PHE F 167 -19.54 33.41 49.33
C PHE F 167 -19.73 33.63 50.82
N LEU F 168 -18.84 34.39 51.46
CA LEU F 168 -19.10 34.79 52.84
C LEU F 168 -20.44 35.51 52.96
N LEU F 169 -20.77 36.35 51.99
CA LEU F 169 -22.01 37.11 52.03
C LEU F 169 -23.20 36.30 51.54
N LYS F 170 -23.01 35.41 50.56
CA LYS F 170 -24.14 34.61 50.08
C LYS F 170 -24.57 33.59 51.12
N TYR F 171 -23.60 32.95 51.78
CA TYR F 171 -23.89 31.96 52.80
C TYR F 171 -24.49 32.61 54.03
N ALA F 172 -23.97 33.79 54.41
CA ALA F 172 -24.49 34.47 55.58
C ALA F 172 -25.94 34.88 55.43
N LYS F 173 -26.37 35.25 54.22
CA LYS F 173 -27.77 35.62 54.03
C LYS F 173 -28.69 34.44 54.35
N GLN F 174 -28.19 33.22 54.24
CA GLN F 174 -28.97 32.04 54.56
C GLN F 174 -28.99 31.73 56.04
N LEU F 175 -28.12 32.35 56.83
CA LEU F 175 -28.17 32.21 58.28
C LEU F 175 -29.26 33.11 58.83
N LYS F 176 -30.04 32.60 59.77
CA LYS F 176 -31.12 33.34 60.40
C LYS F 176 -30.94 33.23 61.90
N GLY F 177 -30.93 34.37 62.58
CA GLY F 177 -30.71 34.36 64.02
C GLY F 177 -30.42 35.75 64.54
N ASP F 178 -29.75 35.81 65.70
CA ASP F 178 -29.46 37.11 66.29
C ASP F 178 -28.69 37.93 65.26
N LYS F 179 -29.30 39.00 64.76
CA LYS F 179 -28.67 39.80 63.71
C LYS F 179 -27.29 40.29 64.14
N ASN F 180 -27.13 40.64 65.41
CA ASN F 180 -25.83 41.18 65.83
C ASN F 180 -24.76 40.10 65.93
N LYS F 181 -25.14 38.86 66.28
CA LYS F 181 -24.14 37.79 66.28
C LYS F 181 -23.76 37.38 64.86
N ILE F 182 -24.74 37.35 63.95
CA ILE F 182 -24.43 37.00 62.57
C ILE F 182 -23.51 38.05 61.98
N GLN F 183 -23.71 39.31 62.35
CA GLN F 183 -22.87 40.38 61.81
C GLN F 183 -21.46 40.34 62.39
N LYS F 184 -21.31 40.06 63.69
CA LYS F 184 -19.97 39.95 64.25
C LYS F 184 -19.21 38.84 63.55
N LEU F 185 -19.92 37.76 63.20
CA LEU F 185 -19.29 36.68 62.44
C LEU F 185 -18.79 37.17 61.09
N VAL F 186 -19.66 37.83 60.31
CA VAL F 186 -19.28 38.24 58.97
C VAL F 186 -18.09 39.21 59.03
N GLN F 187 -18.18 40.20 59.92
CA GLN F 187 -17.13 41.22 59.98
C GLN F 187 -15.78 40.60 60.31
N MET F 188 -15.75 39.70 61.30
CA MET F 188 -14.50 39.01 61.60
C MET F 188 -14.07 38.13 60.43
N ALA F 189 -15.01 37.45 59.78
CA ALA F 189 -14.67 36.62 58.64
C ALA F 189 -14.07 37.45 57.52
N TRP F 190 -14.65 38.63 57.25
CA TRP F 190 -14.10 39.52 56.24
C TRP F 190 -12.67 39.91 56.56
N THR F 191 -12.40 40.25 57.82
CA THR F 191 -11.03 40.58 58.22
C THR F 191 -10.09 39.41 57.95
N PHE F 192 -10.59 38.18 58.12
CA PHE F 192 -9.78 37.02 57.79
C PHE F 192 -9.55 36.90 56.29
N VAL F 193 -10.57 37.18 55.48
CA VAL F 193 -10.37 37.10 54.04
C VAL F 193 -9.30 38.10 53.61
N ASN F 194 -9.41 39.36 54.07
CA ASN F 194 -8.43 40.37 53.72
C ASN F 194 -7.02 39.95 54.15
N ASP F 195 -6.91 39.32 55.32
CA ASP F 195 -5.59 38.90 55.79
C ASP F 195 -5.10 37.68 55.04
N SER F 196 -6.00 36.83 54.56
CA SER F 196 -5.61 35.64 53.81
C SER F 196 -5.03 35.96 52.43
N LEU F 197 -5.30 37.16 51.90
CA LEU F 197 -4.77 37.50 50.58
C LEU F 197 -3.25 37.57 50.60
N CYS F 198 -2.66 37.80 51.76
CA CYS F 198 -1.21 37.81 51.93
C CYS F 198 -0.60 36.42 51.91
N THR F 199 -1.42 35.39 51.77
CA THR F 199 -0.96 34.01 51.84
C THR F 199 -1.16 33.33 50.49
N THR F 200 -0.62 32.13 50.39
CA THR F 200 -0.78 31.27 49.24
C THR F 200 -2.07 30.48 49.29
N LEU F 201 -2.94 30.77 50.26
CA LEU F 201 -4.24 30.10 50.30
C LEU F 201 -5.03 30.36 49.02
N SER F 202 -4.91 31.56 48.45
CA SER F 202 -5.58 31.86 47.19
C SER F 202 -5.22 30.84 46.12
N LEU F 203 -4.04 30.23 46.26
CA LEU F 203 -3.56 29.26 45.29
C LEU F 203 -3.77 27.82 45.70
N GLN F 204 -4.26 27.56 46.92
CA GLN F 204 -4.44 26.21 47.40
C GLN F 204 -5.89 25.77 47.39
N TRP F 205 -6.82 26.69 47.64
CA TRP F 205 -8.21 26.35 47.84
C TRP F 205 -9.12 27.29 47.08
N GLU F 206 -10.20 26.70 46.54
CA GLU F 206 -11.22 27.49 45.88
C GLU F 206 -11.74 28.57 46.82
N PRO F 207 -12.28 29.66 46.27
CA PRO F 207 -12.78 30.73 47.14
C PRO F 207 -13.89 30.28 48.07
N GLU F 208 -14.78 29.43 47.58
CA GLU F 208 -15.88 28.93 48.41
C GLU F 208 -15.34 28.27 49.68
N ILE F 209 -14.27 27.49 49.54
CA ILE F 209 -13.69 26.79 50.68
C ILE F 209 -13.10 27.79 51.67
N ILE F 210 -12.41 28.82 51.16
CA ILE F 210 -11.86 29.84 52.04
C ILE F 210 -12.99 30.51 52.81
N ALA F 211 -14.08 30.84 52.11
CA ALA F 211 -15.20 31.52 52.76
C ALA F 211 -15.75 30.69 53.91
N VAL F 212 -15.90 29.38 53.70
CA VAL F 212 -16.36 28.53 54.81
C VAL F 212 -15.34 28.55 55.94
N ALA F 213 -14.06 28.43 55.60
CA ALA F 213 -13.03 28.38 56.64
C ALA F 213 -13.05 29.63 57.51
N VAL F 214 -13.22 30.81 56.91
CA VAL F 214 -13.17 32.03 57.71
C VAL F 214 -14.42 32.14 58.57
N MET F 215 -15.58 31.69 58.06
CA MET F 215 -16.76 31.58 58.92
C MET F 215 -16.48 30.60 60.05
N TYR F 216 -15.91 29.44 59.70
CA TYR F 216 -15.55 28.43 60.68
C TYR F 216 -14.64 29.01 61.75
N LEU F 217 -13.60 29.73 61.33
CA LEU F 217 -12.69 30.34 62.28
C LEU F 217 -13.42 31.37 63.13
N ALA F 218 -14.11 32.31 62.46
CA ALA F 218 -14.85 33.34 63.20
C ALA F 218 -15.83 32.69 64.17
N GLY F 219 -16.45 31.58 63.77
CA GLY F 219 -17.34 30.89 64.68
C GLY F 219 -16.64 30.40 65.92
N ARG F 220 -15.49 29.73 65.74
CA ARG F 220 -14.75 29.22 66.90
C ARG F 220 -14.37 30.34 67.86
N LEU F 221 -13.79 31.42 67.33
CA LEU F 221 -13.31 32.48 68.20
C LEU F 221 -14.45 33.17 68.93
N CYS F 222 -15.58 33.37 68.25
CA CYS F 222 -16.74 34.03 68.84
C CYS F 222 -17.61 33.07 69.63
N LYS F 223 -17.18 31.83 69.83
CA LYS F 223 -17.94 30.83 70.57
C LYS F 223 -19.37 30.73 70.03
N PHE F 224 -19.51 30.84 68.70
CA PHE F 224 -20.81 30.73 68.05
C PHE F 224 -20.99 29.34 67.46
N GLU F 225 -22.23 28.85 67.49
CA GLU F 225 -22.59 27.56 66.90
C GLU F 225 -23.33 27.88 65.60
N ILE F 226 -22.59 28.01 64.50
CA ILE F 226 -23.17 28.49 63.26
C ILE F 226 -24.29 27.53 62.82
N GLN F 227 -24.26 26.32 63.36
CA GLN F 227 -25.23 25.29 62.97
C GLN F 227 -26.65 25.70 63.25
N GLU F 228 -26.91 26.37 64.37
CA GLU F 228 -28.28 26.68 64.76
C GLU F 228 -28.92 27.67 63.80
N TRP F 229 -28.13 28.56 63.23
CA TRP F 229 -28.65 29.57 62.32
C TRP F 229 -28.97 29.01 60.95
N THR F 230 -28.56 27.77 60.67
CA THR F 230 -28.74 27.17 59.37
C THR F 230 -30.14 26.59 59.24
N SER F 231 -30.47 26.15 58.02
CA SER F 231 -31.73 25.48 57.81
C SER F 231 -31.81 24.10 58.47
N LYS F 232 -30.67 23.51 58.83
CA LYS F 232 -30.59 22.19 59.47
C LYS F 232 -29.88 22.37 60.81
N PRO F 233 -30.61 22.76 61.86
CA PRO F 233 -29.91 23.17 63.09
C PRO F 233 -29.15 22.04 63.77
N MET F 234 -29.43 20.80 63.42
CA MET F 234 -28.81 19.63 64.05
C MET F 234 -27.83 18.94 63.12
N TYR F 235 -27.46 19.58 62.03
CA TYR F 235 -26.41 19.11 61.11
C TYR F 235 -25.11 19.74 61.58
N ARG F 236 -24.36 19.03 62.42
CA ARG F 236 -23.21 19.66 63.07
C ARG F 236 -22.16 20.10 62.06
N ARG F 237 -22.06 19.40 60.94
CA ARG F 237 -21.22 19.81 59.82
C ARG F 237 -22.00 20.76 58.91
N TRP F 238 -22.11 22.02 59.37
CA TRP F 238 -22.93 22.98 58.66
C TRP F 238 -22.43 23.30 57.26
N TRP F 239 -21.11 23.26 57.04
CA TRP F 239 -20.60 23.65 55.73
C TRP F 239 -21.10 22.71 54.64
N GLU F 240 -21.33 21.44 54.95
CA GLU F 240 -21.79 20.50 53.93
C GLU F 240 -23.06 21.00 53.27
N GLN F 241 -23.77 21.93 53.90
CA GLN F 241 -24.90 22.61 53.27
C GLN F 241 -24.47 23.68 52.28
N PHE F 242 -23.28 24.25 52.43
CA PHE F 242 -22.81 25.28 51.52
C PHE F 242 -21.79 24.76 50.52
N VAL F 243 -20.76 24.07 51.01
CA VAL F 243 -19.71 23.54 50.15
C VAL F 243 -19.58 22.06 50.46
N GLN F 244 -19.99 21.22 49.53
CA GLN F 244 -19.92 19.77 49.72
C GLN F 244 -18.49 19.29 49.59
N ASP F 245 -18.19 18.20 50.27
CA ASP F 245 -16.92 17.48 50.13
C ASP F 245 -15.75 18.23 50.76
N VAL F 246 -15.99 18.91 51.87
CA VAL F 246 -14.87 19.56 52.57
C VAL F 246 -14.70 18.89 53.94
N PRO F 247 -13.60 18.18 54.17
CA PRO F 247 -13.36 17.63 55.50
C PRO F 247 -12.88 18.71 56.45
N VAL F 248 -13.04 18.42 57.75
CA VAL F 248 -12.56 19.35 58.76
C VAL F 248 -11.06 19.57 58.60
N ASP F 249 -10.33 18.53 58.17
CA ASP F 249 -8.90 18.68 57.97
C ASP F 249 -8.56 19.94 57.20
N VAL F 250 -9.30 20.21 56.12
CA VAL F 250 -8.99 21.36 55.28
C VAL F 250 -9.28 22.66 56.03
N LEU F 251 -10.46 22.75 56.65
CA LEU F 251 -10.80 23.97 57.39
C LEU F 251 -9.77 24.25 58.46
N GLU F 252 -9.25 23.21 59.12
CA GLU F 252 -8.25 23.41 60.16
C GLU F 252 -6.92 23.86 59.55
N ASP F 253 -6.53 23.24 58.43
CA ASP F 253 -5.33 23.67 57.75
C ASP F 253 -5.42 25.15 57.38
N ILE F 254 -6.55 25.55 56.81
CA ILE F 254 -6.72 26.95 56.44
C ILE F 254 -6.73 27.83 57.68
N CYS F 255 -7.50 27.45 58.70
CA CYS F 255 -7.51 28.24 59.92
C CYS F 255 -6.11 28.39 60.49
N HIS F 256 -5.32 27.31 60.48
CA HIS F 256 -3.98 27.38 61.02
C HIS F 256 -3.13 28.42 60.28
N GLN F 257 -3.17 28.40 58.94
CA GLN F 257 -2.38 29.34 58.16
C GLN F 257 -2.80 30.78 58.42
N ILE F 258 -4.10 31.03 58.56
CA ILE F 258 -4.56 32.39 58.82
C ILE F 258 -4.05 32.87 60.18
N LEU F 259 -4.21 32.05 61.21
CA LEU F 259 -3.78 32.47 62.55
C LEU F 259 -2.27 32.64 62.64
N ASP F 260 -1.50 31.96 61.78
CA ASP F 260 -0.05 32.11 61.82
C ASP F 260 0.39 33.54 61.57
N LEU F 261 -0.31 34.24 60.68
CA LEU F 261 0.00 35.64 60.39
C LEU F 261 -0.23 36.52 61.61
N TYR F 262 -1.23 36.17 62.43
CA TYR F 262 -1.53 36.96 63.63
C TYR F 262 -0.44 36.76 64.68
N SER F 263 0.14 35.57 64.77
CA SER F 263 1.15 35.31 65.80
C SER F 263 2.41 36.12 65.55
N GLN F 264 2.94 36.06 64.32
CA GLN F 264 4.14 36.80 63.97
C GLN F 264 3.89 38.31 63.95
N GLY F 265 2.78 38.75 63.40
CA GLY F 265 2.53 40.16 63.25
C GLY F 265 2.13 40.82 64.56
N LYS F 266 2.08 42.16 64.53
CA LYS F 266 1.70 42.89 65.73
C LYS F 266 0.23 42.70 66.06
N GLN F 267 -0.63 42.65 65.05
CA GLN F 267 -2.06 42.52 65.28
C GLN F 267 -2.35 41.18 65.94
N GLN F 268 -3.33 41.17 66.84
CA GLN F 268 -3.75 39.97 67.55
C GLN F 268 -5.14 39.57 67.02
N MET F 269 -5.48 38.29 67.18
CA MET F 269 -6.70 37.77 66.60
C MET F 269 -7.88 38.64 67.04
N PRO F 270 -8.78 39.04 66.12
CA PRO F 270 -9.82 40.02 66.48
C PRO F 270 -10.66 39.62 67.69
N HIS F 271 -10.94 38.32 67.86
CA HIS F 271 -11.77 37.84 68.95
C HIS F 271 -12.88 38.78 69.41
N MET G 5 57.47 -9.04 26.65
CA MET G 5 57.31 -8.86 25.17
C MET G 5 57.11 -7.38 24.81
N SER G 6 56.49 -6.61 25.70
CA SER G 6 56.32 -5.18 25.52
C SER G 6 56.91 -4.45 26.73
N TYR G 7 57.40 -3.24 26.52
CA TYR G 7 58.14 -2.50 27.54
C TYR G 7 57.66 -1.07 27.62
N ASN G 8 57.27 -0.63 28.82
CA ASN G 8 56.70 0.70 29.00
C ASN G 8 57.07 1.28 30.36
N TYR G 9 56.89 2.60 30.50
CA TYR G 9 57.34 3.42 31.63
C TYR G 9 56.23 4.40 31.99
N VAL G 10 55.84 4.45 33.27
CA VAL G 10 54.78 5.35 33.73
C VAL G 10 55.33 6.25 34.83
N VAL G 11 55.17 7.57 34.64
CA VAL G 11 55.65 8.57 35.58
C VAL G 11 54.54 9.56 35.87
N THR G 12 54.57 10.13 37.07
CA THR G 12 53.57 11.08 37.52
C THR G 12 54.07 12.49 37.25
N ALA G 13 53.38 13.20 36.35
CA ALA G 13 53.73 14.59 36.08
C ALA G 13 53.10 15.51 37.11
N GLN G 14 51.84 15.28 37.45
CA GLN G 14 51.14 16.04 38.49
C GLN G 14 50.51 15.07 39.47
N LYS G 15 50.80 15.27 40.75
CA LYS G 15 50.30 14.39 41.80
C LYS G 15 48.79 14.55 41.94
N PRO G 16 48.14 13.60 42.63
CA PRO G 16 46.70 13.75 42.88
C PRO G 16 46.37 15.06 43.57
N THR G 17 45.30 15.70 43.10
CA THR G 17 44.86 16.99 43.64
C THR G 17 43.55 16.92 44.41
N ALA G 18 42.75 15.88 44.22
CA ALA G 18 41.48 15.75 44.92
C ALA G 18 41.73 15.31 46.36
N VAL G 19 40.98 15.91 47.28
CA VAL G 19 41.06 15.55 48.70
C VAL G 19 40.08 14.43 48.99
N ASN G 20 40.60 13.30 49.46
CA ASN G 20 39.79 12.13 49.78
C ASN G 20 39.42 12.03 51.25
N GLY G 21 40.20 12.64 52.14
CA GLY G 21 39.84 12.70 53.56
C GLY G 21 40.83 13.56 54.32
N CYS G 22 40.40 14.03 55.48
CA CYS G 22 41.27 14.88 56.30
C CYS G 22 40.91 14.77 57.78
N VAL G 23 41.95 14.80 58.62
CA VAL G 23 41.81 14.69 60.07
C VAL G 23 42.61 15.81 60.74
N THR G 24 42.27 16.06 62.01
CA THR G 24 43.02 16.99 62.85
C THR G 24 43.48 16.28 64.11
N GLY G 25 44.54 16.79 64.72
CA GLY G 25 45.04 16.21 65.94
C GLY G 25 46.42 16.73 66.28
N HIS G 26 47.15 15.93 67.06
CA HIS G 26 48.45 16.32 67.64
C HIS G 26 49.45 15.21 67.31
N PHE G 27 49.83 15.14 66.04
CA PHE G 27 50.61 14.05 65.49
C PHE G 27 52.11 14.35 65.51
N THR G 28 52.52 15.56 65.12
CA THR G 28 53.94 15.86 65.08
C THR G 28 54.51 16.17 66.46
N SER G 29 53.71 16.81 67.32
CA SER G 29 54.11 17.10 68.69
C SER G 29 52.84 17.22 69.53
N ALA G 30 52.96 16.93 70.82
CA ALA G 30 51.79 17.03 71.69
C ALA G 30 51.25 18.45 71.79
N GLU G 31 52.00 19.45 71.35
CA GLU G 31 51.58 20.85 71.44
C GLU G 31 51.00 21.39 70.14
N ASP G 32 51.62 21.11 69.01
CA ASP G 32 51.14 21.68 67.75
C ASP G 32 49.85 21.00 67.33
N LEU G 33 48.91 21.79 66.81
CA LEU G 33 47.69 21.30 66.21
C LEU G 33 47.92 21.08 64.73
N ASN G 34 47.74 19.85 64.27
CA ASN G 34 48.10 19.47 62.92
C ASN G 34 46.87 19.25 62.05
N LEU G 35 47.07 19.37 60.74
CA LEU G 35 46.08 18.98 59.74
C LEU G 35 46.73 17.97 58.80
N LEU G 36 46.22 16.73 58.81
CA LEU G 36 46.64 15.69 57.89
C LEU G 36 45.61 15.57 56.77
N ILE G 37 46.07 15.74 55.54
CA ILE G 37 45.23 15.62 54.35
C ILE G 37 45.68 14.41 53.55
N ALA G 38 44.72 13.57 53.17
CA ALA G 38 45.00 12.43 52.32
C ALA G 38 44.43 12.80 50.95
N LYS G 39 45.32 12.97 49.98
CA LYS G 39 44.95 12.91 48.57
C LYS G 39 45.30 11.48 48.16
N ASN G 40 44.80 11.02 47.03
CA ASN G 40 44.97 9.60 46.75
C ASN G 40 46.47 9.28 46.74
N THR G 41 46.86 8.30 47.55
CA THR G 41 48.21 7.75 47.66
C THR G 41 49.18 8.74 48.31
N ARG G 42 48.77 9.96 48.67
CA ARG G 42 49.68 10.96 49.21
C ARG G 42 49.19 11.37 50.59
N LEU G 43 50.10 11.47 51.55
CA LEU G 43 49.77 12.00 52.87
C LEU G 43 50.50 13.33 53.02
N GLU G 44 49.75 14.38 53.29
CA GLU G 44 50.28 15.72 53.50
C GLU G 44 50.08 16.10 54.96
N ILE G 45 51.15 16.54 55.61
CA ILE G 45 51.15 16.93 57.01
C ILE G 45 51.39 18.43 57.10
N TYR G 46 50.50 19.13 57.81
CA TYR G 46 50.62 20.56 58.01
C TYR G 46 50.60 20.85 59.50
N VAL G 47 51.00 22.06 59.86
CA VAL G 47 50.84 22.58 61.22
C VAL G 47 49.94 23.79 61.16
N VAL G 48 48.94 23.83 62.03
CA VAL G 48 47.96 24.89 62.02
C VAL G 48 48.56 26.10 62.72
N THR G 49 48.64 27.22 62.01
CA THR G 49 49.06 28.49 62.56
C THR G 49 47.88 29.45 62.45
N ALA G 50 48.01 30.62 63.05
CA ALA G 50 46.94 31.60 62.94
C ALA G 50 46.89 32.26 61.57
N GLU G 51 47.90 32.05 60.74
CA GLU G 51 47.97 32.64 59.42
C GLU G 51 47.45 31.73 58.33
N GLY G 52 47.46 30.42 58.56
CA GLY G 52 47.06 29.46 57.57
C GLY G 52 47.61 28.10 57.92
N LEU G 53 48.14 27.40 56.93
CA LEU G 53 48.73 26.08 57.10
C LEU G 53 50.21 26.16 56.76
N ARG G 54 51.05 25.59 57.63
CA ARG G 54 52.49 25.48 57.40
C ARG G 54 52.83 24.04 57.04
N PRO G 55 53.32 23.76 55.83
CA PRO G 55 53.67 22.37 55.49
C PRO G 55 54.83 21.85 56.35
N VAL G 56 54.82 20.53 56.58
CA VAL G 56 55.83 19.88 57.42
C VAL G 56 56.52 18.75 56.69
N LYS G 57 55.76 17.88 56.04
CA LYS G 57 56.31 16.70 55.39
C LYS G 57 55.23 16.14 54.47
N GLU G 58 55.66 15.56 53.37
CA GLU G 58 54.77 14.82 52.50
C GLU G 58 55.45 13.50 52.18
N VAL G 59 54.70 12.42 52.33
CA VAL G 59 55.17 11.08 52.01
C VAL G 59 54.19 10.49 51.04
N GLY G 60 54.68 9.58 50.22
CA GLY G 60 53.84 8.74 49.40
C GLY G 60 53.68 7.38 50.06
N MET G 61 52.58 6.72 49.76
CA MET G 61 52.35 5.37 50.23
C MET G 61 52.08 4.46 49.04
N TYR G 62 52.50 3.21 49.17
CA TYR G 62 52.29 2.19 48.15
C TYR G 62 50.90 1.57 48.35
N GLY G 63 49.88 2.41 48.14
CA GLY G 63 48.49 2.03 48.35
C GLY G 63 47.54 3.21 48.29
N LYS G 64 46.28 2.96 47.94
CA LYS G 64 45.27 4.02 48.00
C LYS G 64 44.80 4.16 49.45
N ILE G 65 44.85 5.37 49.99
CA ILE G 65 44.53 5.58 51.40
C ILE G 65 43.01 5.48 51.56
N ALA G 66 42.55 4.42 52.23
CA ALA G 66 41.12 4.20 52.45
C ALA G 66 40.66 4.71 53.82
N VAL G 67 41.42 4.40 54.87
CA VAL G 67 41.14 4.86 56.22
C VAL G 67 42.31 5.72 56.69
N MET G 68 42.01 6.84 57.33
CA MET G 68 43.03 7.68 57.94
C MET G 68 42.45 8.23 59.23
N GLU G 69 43.06 7.87 60.36
CA GLU G 69 42.54 8.21 61.67
C GLU G 69 43.67 8.43 62.64
N LEU G 70 43.52 9.42 63.51
CA LEU G 70 44.49 9.73 64.55
C LEU G 70 43.95 9.26 65.91
N PHE G 71 44.85 8.71 66.72
CA PHE G 71 44.50 8.21 68.04
C PHE G 71 45.71 8.33 68.95
N ARG G 72 45.45 8.28 70.25
CA ARG G 72 46.48 8.45 71.28
C ARG G 72 46.30 7.43 72.40
N PRO G 73 46.99 6.30 72.33
CA PRO G 73 46.85 5.30 73.40
C PRO G 73 47.53 5.76 74.68
N LYS G 74 46.99 5.28 75.80
CA LYS G 74 47.53 5.65 77.10
C LYS G 74 49.04 5.38 77.16
N GLY G 75 49.79 6.39 77.57
CA GLY G 75 51.23 6.28 77.66
C GLY G 75 51.98 6.97 76.54
N GLU G 76 51.30 7.34 75.46
CA GLU G 76 51.97 8.01 74.36
C GLU G 76 51.98 9.52 74.63
N SER G 77 53.07 10.16 74.23
CA SER G 77 53.19 11.61 74.42
C SER G 77 52.36 12.37 73.40
N LYS G 78 52.12 11.77 72.23
CA LYS G 78 51.45 12.46 71.14
C LYS G 78 50.69 11.44 70.30
N ASP G 79 49.90 11.95 69.36
CA ASP G 79 49.02 11.11 68.57
C ASP G 79 49.80 10.21 67.62
N LEU G 80 49.25 9.02 67.39
CA LEU G 80 49.68 8.09 66.36
C LEU G 80 48.68 8.10 65.22
N LEU G 81 49.13 7.64 64.05
CA LEU G 81 48.33 7.64 62.84
C LEU G 81 48.02 6.22 62.41
N PHE G 82 46.74 5.94 62.17
CA PHE G 82 46.31 4.68 61.59
C PHE G 82 45.90 4.88 60.14
N ILE G 83 46.40 4.01 59.26
CA ILE G 83 46.04 4.04 57.84
C ILE G 83 45.81 2.62 57.36
N LEU G 84 44.76 2.44 56.55
CA LEU G 84 44.45 1.19 55.87
C LEU G 84 44.31 1.50 54.39
N THR G 85 45.00 0.73 53.55
CA THR G 85 44.93 0.99 52.12
C THR G 85 43.79 0.20 51.48
N ALA G 86 43.47 0.55 50.23
CA ALA G 86 42.39 -0.10 49.52
C ALA G 86 42.69 -1.57 49.23
N LYS G 87 43.95 -1.97 49.28
CA LYS G 87 44.34 -3.37 49.20
C LYS G 87 44.46 -4.02 50.57
N TYR G 88 43.97 -3.35 51.63
CA TYR G 88 43.92 -3.88 52.98
C TYR G 88 45.29 -3.94 53.65
N ASN G 89 46.17 -2.99 53.34
CA ASN G 89 47.44 -2.84 54.04
C ASN G 89 47.20 -1.93 55.24
N ALA G 90 47.42 -2.46 56.44
CA ALA G 90 47.21 -1.69 57.66
C ALA G 90 48.56 -1.33 58.28
N CYS G 91 48.60 -0.20 58.96
CA CYS G 91 49.82 0.21 59.65
C CYS G 91 49.47 1.29 60.66
N ILE G 92 50.31 1.38 61.69
CA ILE G 92 50.27 2.47 62.66
C ILE G 92 51.57 3.24 62.53
N LEU G 93 51.46 4.55 62.37
CA LEU G 93 52.59 5.38 62.03
C LEU G 93 52.85 6.36 63.15
N GLU G 94 54.11 6.70 63.31
CA GLU G 94 54.55 7.69 64.28
C GLU G 94 55.40 8.70 63.54
N TYR G 95 55.18 9.97 63.85
CA TYR G 95 56.03 11.03 63.35
C TYR G 95 57.24 11.15 64.26
N LYS G 96 58.43 11.12 63.68
CA LYS G 96 59.65 11.27 64.47
C LYS G 96 60.61 12.18 63.73
N GLN G 97 61.07 13.23 64.41
CA GLN G 97 61.97 14.21 63.83
C GLN G 97 63.08 14.55 64.81
N SER G 98 64.33 14.46 64.32
CA SER G 98 65.53 14.79 65.10
C SER G 98 66.33 15.81 64.29
N GLY G 99 66.23 17.08 64.65
CA GLY G 99 66.85 18.14 63.87
C GLY G 99 66.11 18.36 62.56
N GLU G 100 66.84 18.32 61.45
CA GLU G 100 66.23 18.53 60.13
C GLU G 100 65.71 17.24 59.50
N SER G 101 66.06 16.08 60.06
CA SER G 101 65.74 14.79 59.46
C SER G 101 64.36 14.35 59.93
N ILE G 102 63.42 14.23 58.99
CA ILE G 102 62.07 13.82 59.29
C ILE G 102 61.86 12.39 58.80
N ASP G 103 61.31 11.56 59.67
CA ASP G 103 60.98 10.19 59.36
C ASP G 103 59.55 9.93 59.79
N ILE G 104 58.90 8.97 59.16
CA ILE G 104 57.62 8.45 59.63
C ILE G 104 57.87 6.97 59.95
N ILE G 105 57.74 6.62 61.21
CA ILE G 105 58.13 5.31 61.69
C ILE G 105 56.91 4.41 61.66
N THR G 106 57.08 3.21 61.15
CA THR G 106 56.02 2.20 61.13
C THR G 106 56.12 1.36 62.39
N ARG G 107 55.23 1.60 63.35
CA ARG G 107 55.28 0.88 64.62
C ARG G 107 54.61 -0.49 64.52
N ALA G 108 53.59 -0.62 63.69
CA ALA G 108 52.90 -1.88 63.48
C ALA G 108 52.44 -1.93 62.04
N HIS G 109 52.39 -3.13 61.47
CA HIS G 109 51.94 -3.25 60.09
C HIS G 109 51.45 -4.66 59.85
N GLY G 110 50.55 -4.78 58.87
CA GLY G 110 50.02 -6.06 58.48
C GLY G 110 48.90 -5.88 57.48
N ASN G 111 48.49 -6.98 56.88
CA ASN G 111 47.43 -7.02 55.89
C ASN G 111 46.22 -7.71 56.49
N VAL G 112 45.07 -7.04 56.44
CA VAL G 112 43.88 -7.50 57.16
C VAL G 112 42.86 -8.16 56.23
N GLN G 113 43.27 -8.54 55.02
CA GLN G 113 42.33 -9.15 54.09
C GLN G 113 41.90 -10.52 54.60
N ASP G 114 40.62 -10.84 54.42
CA ASP G 114 40.09 -12.16 54.76
C ASP G 114 40.01 -13.02 53.50
N ARG G 115 40.35 -14.30 53.64
CA ARG G 115 40.28 -15.20 52.50
C ARG G 115 38.89 -15.23 51.91
N ILE G 116 37.86 -15.18 52.76
CA ILE G 116 36.49 -15.25 52.32
C ILE G 116 35.73 -14.08 52.91
N GLY G 117 35.01 -13.36 52.07
CA GLY G 117 34.19 -12.25 52.51
C GLY G 117 33.61 -11.50 51.33
N ARG G 118 32.45 -10.87 51.52
CA ARG G 118 31.84 -10.07 50.46
C ARG G 118 32.13 -8.61 50.74
N PRO G 119 32.84 -7.90 49.86
CA PRO G 119 33.06 -6.46 50.09
C PRO G 119 31.74 -5.73 50.25
N SER G 120 31.70 -4.84 51.24
CA SER G 120 30.45 -4.17 51.60
C SER G 120 30.11 -3.08 50.59
N GLU G 121 28.82 -2.76 50.50
CA GLU G 121 28.34 -1.79 49.54
C GLU G 121 28.83 -0.38 49.86
N THR G 122 28.80 0.03 51.13
CA THR G 122 29.20 1.38 51.50
C THR G 122 30.70 1.50 51.80
N GLY G 123 31.50 0.52 51.41
CA GLY G 123 32.96 0.64 51.45
C GLY G 123 33.61 0.43 52.81
N ILE G 124 34.94 0.49 52.79
CA ILE G 124 35.72 0.27 54.00
C ILE G 124 35.37 1.36 55.00
N ILE G 125 35.12 0.96 56.24
CA ILE G 125 34.92 1.89 57.34
C ILE G 125 35.93 1.55 58.43
N GLY G 126 36.57 2.60 58.96
CA GLY G 126 37.49 2.43 60.07
C GLY G 126 37.17 3.38 61.20
N ILE G 127 37.06 2.85 62.41
CA ILE G 127 36.75 3.61 63.61
C ILE G 127 37.66 3.12 64.72
N ILE G 128 37.93 3.99 65.69
CA ILE G 128 38.80 3.66 66.80
C ILE G 128 38.08 4.00 68.10
N ASP G 129 38.22 3.12 69.09
CA ASP G 129 37.57 3.29 70.37
C ASP G 129 38.01 4.58 71.05
N PRO G 130 37.10 5.24 71.78
CA PRO G 130 37.52 6.44 72.53
C PRO G 130 38.64 6.17 73.51
N GLU G 131 38.71 4.96 74.06
CA GLU G 131 39.75 4.57 74.98
C GLU G 131 40.98 3.99 74.26
N CYS G 132 41.03 4.09 72.94
CA CYS G 132 42.14 3.51 72.16
C CYS G 132 42.40 2.08 72.61
N ARG G 133 41.32 1.33 72.81
CA ARG G 133 41.38 -0.08 73.15
C ARG G 133 41.42 -0.97 71.92
N MET G 134 40.84 -0.52 70.81
CA MET G 134 40.77 -1.35 69.62
C MET G 134 40.49 -0.49 68.40
N ILE G 135 40.79 -1.06 67.23
CA ILE G 135 40.43 -0.50 65.94
C ILE G 135 39.33 -1.38 65.36
N GLY G 136 38.20 -0.76 65.03
CA GLY G 136 37.12 -1.46 64.36
C GLY G 136 37.17 -1.22 62.87
N LEU G 137 37.01 -2.31 62.10
CA LEU G 137 36.99 -2.23 60.65
C LEU G 137 35.72 -2.92 60.15
N ARG G 138 35.00 -2.27 59.24
CA ARG G 138 33.88 -2.89 58.54
C ARG G 138 34.36 -3.09 57.10
N LEU G 139 34.88 -4.28 56.82
CA LEU G 139 35.40 -4.60 55.50
C LEU G 139 34.43 -5.40 54.66
N TYR G 140 33.71 -6.33 55.25
CA TYR G 140 32.85 -7.25 54.52
C TYR G 140 31.47 -7.27 55.16
N ASP G 141 30.47 -7.58 54.34
CA ASP G 141 29.11 -7.76 54.84
C ASP G 141 29.07 -8.93 55.81
N GLY G 142 28.46 -8.70 56.98
CA GLY G 142 28.25 -9.77 57.93
C GLY G 142 29.41 -10.11 58.84
N LEU G 143 30.47 -9.33 58.82
CA LEU G 143 31.64 -9.56 59.66
C LEU G 143 32.19 -8.22 60.13
N PHE G 144 32.57 -8.16 61.39
CA PHE G 144 33.19 -7.00 62.02
C PHE G 144 34.58 -7.40 62.50
N LYS G 145 35.61 -6.69 62.03
CA LYS G 145 36.98 -7.02 62.35
C LYS G 145 37.49 -6.13 63.48
N VAL G 146 38.12 -6.74 64.48
CA VAL G 146 38.68 -6.02 65.62
C VAL G 146 40.18 -6.26 65.65
N ILE G 147 40.96 -5.17 65.58
CA ILE G 147 42.38 -5.21 65.88
C ILE G 147 42.55 -4.69 67.31
N PRO G 148 42.89 -5.54 68.28
CA PRO G 148 43.11 -5.02 69.65
C PRO G 148 44.39 -4.20 69.73
N LEU G 149 44.31 -3.06 70.41
CA LEU G 149 45.43 -2.14 70.52
C LEU G 149 46.29 -2.51 71.73
N ASP G 150 46.97 -3.65 71.62
CA ASP G 150 47.97 -4.06 72.58
C ASP G 150 49.32 -3.48 72.13
N ARG G 151 50.18 -3.16 73.10
CA ARG G 151 51.48 -2.60 72.75
C ARG G 151 52.30 -3.58 71.91
N ASP G 152 52.12 -4.88 72.13
CA ASP G 152 52.90 -5.90 71.44
C ASP G 152 52.32 -6.29 70.09
N ASN G 153 51.12 -5.82 69.75
CA ASN G 153 50.46 -6.24 68.50
C ASN G 153 51.04 -5.48 67.30
N LYS G 154 52.33 -5.70 67.06
CA LYS G 154 53.04 -5.03 65.99
C LYS G 154 52.72 -5.62 64.62
N GLU G 155 52.14 -6.82 64.56
CA GLU G 155 51.69 -7.40 63.29
C GLU G 155 50.22 -7.12 63.00
N LEU G 156 49.53 -6.39 63.89
CA LEU G 156 48.12 -6.05 63.70
C LEU G 156 47.27 -7.30 63.47
N LYS G 157 47.48 -8.31 64.30
CA LYS G 157 46.64 -9.51 64.25
C LYS G 157 45.23 -9.15 64.70
N ALA G 158 44.24 -9.81 64.10
CA ALA G 158 42.86 -9.43 64.35
C ALA G 158 41.95 -10.64 64.26
N PHE G 159 40.73 -10.48 64.78
CA PHE G 159 39.72 -11.52 64.79
C PHE G 159 38.40 -10.92 64.31
N ASN G 160 37.56 -11.77 63.72
CA ASN G 160 36.26 -11.31 63.23
C ASN G 160 35.14 -11.72 64.17
N ILE G 161 34.23 -10.78 64.40
CA ILE G 161 32.98 -11.03 65.10
C ILE G 161 31.86 -11.08 64.07
N ARG G 162 31.06 -12.14 64.11
CA ARG G 162 29.96 -12.25 63.18
C ARG G 162 28.98 -11.10 63.38
N LEU G 163 28.52 -10.53 62.26
CA LEU G 163 27.58 -9.41 62.30
C LEU G 163 26.28 -9.92 61.69
N GLU G 164 25.23 -9.97 62.51
CA GLU G 164 23.95 -10.47 62.02
C GLU G 164 23.40 -9.57 60.91
N GLU G 165 23.48 -8.27 61.11
CA GLU G 165 22.95 -7.29 60.15
C GLU G 165 23.93 -7.18 58.99
N LEU G 166 23.55 -7.75 57.85
CA LEU G 166 24.51 -7.90 56.76
C LEU G 166 24.78 -6.57 56.07
N HIS G 167 23.75 -5.73 55.90
CA HIS G 167 23.87 -4.48 55.14
C HIS G 167 23.97 -3.32 56.13
N VAL G 168 25.21 -2.88 56.37
CA VAL G 168 25.49 -1.81 57.32
C VAL G 168 25.85 -0.55 56.54
N ILE G 169 25.17 0.55 56.86
CA ILE G 169 25.43 1.81 56.18
C ILE G 169 26.60 2.54 56.82
N ASP G 170 26.58 2.72 58.14
CA ASP G 170 27.65 3.46 58.79
C ASP G 170 27.75 3.04 60.25
N VAL G 171 28.94 3.18 60.83
CA VAL G 171 29.19 2.78 62.22
C VAL G 171 30.20 3.71 62.87
N LYS G 172 30.02 3.92 64.17
CA LYS G 172 30.94 4.69 65.00
C LYS G 172 31.04 4.02 66.37
N PHE G 173 32.14 4.25 67.06
CA PHE G 173 32.26 3.87 68.46
C PHE G 173 31.60 4.94 69.31
N LEU G 174 30.70 4.55 70.21
CA LEU G 174 29.98 5.55 70.99
C LEU G 174 30.82 5.96 72.19
N TYR G 175 30.60 7.18 72.65
CA TYR G 175 31.29 7.78 73.79
C TYR G 175 30.45 7.60 75.05
N GLY G 176 31.12 7.69 76.20
CA GLY G 176 30.40 7.72 77.47
C GLY G 176 29.81 6.40 77.89
N CYS G 177 30.44 5.30 77.49
CA CYS G 177 29.90 3.98 77.73
C CYS G 177 30.74 3.20 78.73
N GLN G 178 30.05 2.34 79.48
CA GLN G 178 30.69 1.50 80.49
C GLN G 178 31.64 0.51 79.85
N ALA G 179 31.38 0.11 78.60
CA ALA G 179 32.24 -0.74 77.79
C ALA G 179 32.33 -0.21 76.36
N PRO G 180 33.27 -0.68 75.54
CA PRO G 180 33.26 -0.32 74.11
C PRO G 180 31.93 -0.66 73.45
N THR G 181 31.37 0.32 72.74
CA THR G 181 30.06 0.21 72.11
C THR G 181 30.08 0.76 70.70
N ILE G 182 29.41 0.05 69.77
CA ILE G 182 29.28 0.47 68.38
C ILE G 182 27.84 0.83 68.08
N CYS G 183 27.63 1.92 67.35
CA CYS G 183 26.32 2.33 66.86
C CYS G 183 26.35 2.30 65.33
N PHE G 184 25.42 1.57 64.73
CA PHE G 184 25.39 1.44 63.27
C PHE G 184 23.98 1.60 62.75
N VAL G 185 23.89 2.20 61.57
CA VAL G 185 22.65 2.26 60.80
C VAL G 185 22.72 1.14 59.78
N TYR G 186 21.79 0.22 59.83
CA TYR G 186 21.79 -0.92 58.93
C TYR G 186 20.47 -0.96 58.17
N GLN G 187 20.47 -1.68 57.07
CA GLN G 187 19.29 -1.79 56.24
C GLN G 187 18.94 -3.25 56.03
N ASP G 188 17.67 -3.56 56.21
CA ASP G 188 17.07 -4.87 55.95
C ASP G 188 15.76 -4.61 55.24
N PRO G 189 15.00 -5.65 54.89
CA PRO G 189 13.76 -5.41 54.12
C PRO G 189 12.74 -4.56 54.85
N GLN G 190 12.85 -4.42 56.17
CA GLN G 190 11.86 -3.72 56.97
C GLN G 190 12.15 -2.22 57.10
N GLY G 191 13.13 -1.72 56.35
CA GLY G 191 13.54 -0.33 56.44
C GLY G 191 14.95 -0.21 56.96
N ARG G 192 15.32 0.96 57.47
CA ARG G 192 16.60 1.15 58.12
C ARG G 192 16.40 1.29 59.62
N HIS G 193 17.39 0.83 60.37
CA HIS G 193 17.31 0.85 61.82
C HIS G 193 18.67 1.24 62.38
N VAL G 194 18.64 1.69 63.64
CA VAL G 194 19.85 1.94 64.41
C VAL G 194 19.84 0.95 65.57
N LYS G 195 20.95 0.26 65.75
CA LYS G 195 21.13 -0.77 66.77
C LYS G 195 22.50 -0.55 67.39
N THR G 196 22.67 -1.03 68.62
CA THR G 196 23.97 -0.93 69.27
C THR G 196 24.36 -2.28 69.88
N TYR G 197 25.66 -2.54 69.87
CA TYR G 197 26.26 -3.74 70.43
C TYR G 197 27.47 -3.32 71.28
N GLU G 198 27.88 -4.19 72.18
CA GLU G 198 29.08 -4.00 72.98
C GLU G 198 30.14 -4.99 72.51
N VAL G 199 31.41 -4.59 72.58
CA VAL G 199 32.52 -5.38 72.05
C VAL G 199 33.35 -5.90 73.22
N SER G 200 33.48 -7.22 73.32
CA SER G 200 34.28 -7.85 74.37
C SER G 200 35.55 -8.39 73.75
N LEU G 201 36.68 -7.73 74.02
CA LEU G 201 37.96 -8.24 73.55
C LEU G 201 38.29 -9.58 74.18
N ARG G 202 37.82 -9.81 75.42
CA ARG G 202 38.11 -11.04 76.11
C ARG G 202 37.36 -12.23 75.50
N GLU G 203 36.07 -12.05 75.28
CA GLU G 203 35.23 -13.11 74.74
C GLU G 203 35.28 -13.17 73.21
N LYS G 204 35.75 -12.11 72.56
CA LYS G 204 35.78 -12.03 71.11
C LYS G 204 34.38 -12.22 70.51
N GLU G 205 33.40 -11.50 71.06
CA GLU G 205 32.05 -11.54 70.54
C GLU G 205 31.29 -10.30 70.98
N PHE G 206 30.14 -10.07 70.33
CA PHE G 206 29.26 -8.97 70.71
C PHE G 206 28.38 -9.40 71.88
N ASN G 207 27.99 -8.43 72.69
CA ASN G 207 26.98 -8.58 73.74
C ASN G 207 25.89 -7.57 73.45
N LYS G 208 24.73 -7.74 74.07
CA LYS G 208 23.61 -6.86 73.73
C LYS G 208 23.94 -5.41 74.10
N GLY G 209 23.62 -4.49 73.21
CA GLY G 209 24.01 -3.12 73.33
C GLY G 209 23.11 -2.35 74.29
N PRO G 210 23.58 -1.15 74.67
CA PRO G 210 22.87 -0.38 75.70
C PRO G 210 21.43 0.00 75.36
N TRP G 211 21.14 0.46 74.15
CA TRP G 211 19.81 0.99 73.91
C TRP G 211 19.10 0.34 72.73
N LYS G 212 17.78 0.41 72.80
CA LYS G 212 16.90 -0.37 71.94
C LYS G 212 17.06 0.06 70.49
N GLN G 213 16.70 -0.84 69.58
CA GLN G 213 16.70 -0.46 68.18
C GLN G 213 15.59 0.54 67.95
N GLU G 214 15.86 1.52 67.09
CA GLU G 214 14.88 2.52 66.67
C GLU G 214 14.84 2.52 65.16
N ASN G 215 13.64 2.67 64.61
CA ASN G 215 13.48 2.81 63.17
C ASN G 215 13.92 4.20 62.72
N VAL G 216 14.70 4.27 61.66
CA VAL G 216 15.27 5.53 61.21
C VAL G 216 14.79 5.82 59.79
N GLU G 217 15.10 7.03 59.33
CA GLU G 217 14.77 7.47 57.97
C GLU G 217 15.22 6.42 56.96
N ALA G 218 14.43 6.29 55.88
CA ALA G 218 14.74 5.29 54.87
C ALA G 218 16.11 5.54 54.25
N GLU G 219 16.54 6.80 54.19
CA GLU G 219 17.83 7.16 53.64
C GLU G 219 18.83 7.63 54.70
N ALA G 220 18.70 7.13 55.92
CA ALA G 220 19.68 7.44 56.97
C ALA G 220 21.08 7.12 56.47
N SER G 221 21.94 8.13 56.43
CA SER G 221 23.23 8.04 55.75
C SER G 221 24.44 7.99 56.68
N MET G 222 24.46 8.76 57.76
CA MET G 222 25.69 8.89 58.54
C MET G 222 25.42 8.80 60.03
N VAL G 223 26.43 8.32 60.77
CA VAL G 223 26.39 8.26 62.22
C VAL G 223 27.45 9.20 62.78
N ILE G 224 27.04 10.01 63.76
CA ILE G 224 27.93 10.91 64.48
C ILE G 224 27.93 10.45 65.93
N ALA G 225 29.11 10.14 66.46
CA ALA G 225 29.25 9.79 67.87
C ALA G 225 29.40 11.10 68.65
N VAL G 226 28.41 11.44 69.47
CA VAL G 226 28.40 12.72 70.18
C VAL G 226 29.34 12.58 71.37
N PRO G 227 30.09 13.61 71.73
CA PRO G 227 31.08 13.45 72.81
C PRO G 227 30.40 13.25 74.16
N GLU G 228 31.23 13.01 75.18
CA GLU G 228 30.69 12.51 76.44
C GLU G 228 29.78 13.52 77.13
N PRO G 229 30.00 14.84 77.08
CA PRO G 229 29.04 15.75 77.73
C PRO G 229 27.59 15.49 77.37
N PHE G 230 27.31 15.18 76.11
CA PHE G 230 25.98 14.75 75.70
C PHE G 230 25.88 13.24 75.58
N GLY G 231 26.82 12.64 74.85
CA GLY G 231 26.81 11.21 74.68
C GLY G 231 25.76 10.75 73.68
N GLY G 232 25.98 9.56 73.15
CA GLY G 232 24.99 9.05 72.24
C GLY G 232 25.37 9.29 70.80
N ALA G 233 24.38 9.37 69.91
CA ALA G 233 24.68 9.55 68.50
C ALA G 233 23.60 10.36 67.80
N ILE G 234 24.03 11.06 66.74
CA ILE G 234 23.16 11.76 65.82
C ILE G 234 23.20 11.04 64.48
N ILE G 235 22.03 10.87 63.86
CA ILE G 235 21.91 10.16 62.58
C ILE G 235 21.34 11.10 61.54
N ILE G 236 22.11 11.31 60.47
CA ILE G 236 21.78 12.27 59.42
C ILE G 236 21.15 11.54 58.25
N GLY G 237 20.02 12.05 57.76
CA GLY G 237 19.37 11.48 56.60
C GLY G 237 19.24 12.47 55.46
N GLN G 238 18.26 12.25 54.58
CA GLN G 238 17.93 13.20 53.52
C GLN G 238 16.94 14.27 53.99
N GLU G 239 15.97 13.87 54.82
CA GLU G 239 14.94 14.79 55.29
C GLU G 239 15.03 15.13 56.76
N SER G 240 15.65 14.27 57.58
CA SER G 240 15.59 14.45 59.03
C SER G 240 16.94 14.17 59.68
N ILE G 241 17.16 14.84 60.81
CA ILE G 241 18.30 14.61 61.69
C ILE G 241 17.75 14.18 63.05
N THR G 242 18.27 13.07 63.57
CA THR G 242 17.78 12.51 64.82
C THR G 242 18.92 12.21 65.79
N TYR G 243 18.61 12.33 67.08
CA TYR G 243 19.53 12.00 68.17
C TYR G 243 18.95 10.83 68.93
N HIS G 244 19.75 9.78 69.12
CA HIS G 244 19.32 8.57 69.80
C HIS G 244 20.30 8.28 70.92
N ASN G 245 19.84 8.32 72.17
CA ASN G 245 20.62 7.83 73.29
C ASN G 245 19.69 7.36 74.40
N GLY G 246 19.86 6.12 74.85
CA GLY G 246 19.03 5.60 75.93
C GLY G 246 17.57 5.74 75.61
N ASP G 247 16.82 6.40 76.49
CA ASP G 247 15.41 6.65 76.26
C ASP G 247 15.17 7.94 75.49
N LYS G 248 16.17 8.82 75.46
CA LYS G 248 16.06 10.12 74.83
C LYS G 248 16.05 10.00 73.31
N TYR G 249 15.07 10.66 72.68
CA TYR G 249 14.97 10.71 71.23
C TYR G 249 14.55 12.12 70.82
N LEU G 250 15.31 12.70 69.89
CA LEU G 250 14.99 14.00 69.32
C LEU G 250 14.96 13.88 67.81
N ALA G 251 14.09 14.64 67.16
CA ALA G 251 14.04 14.64 65.70
C ALA G 251 13.67 16.02 65.20
N ILE G 252 14.52 16.59 64.35
CA ILE G 252 14.26 17.85 63.66
C ILE G 252 14.35 17.56 62.16
N ALA G 253 13.37 18.05 61.40
CA ALA G 253 13.28 17.79 59.97
C ALA G 253 13.08 19.10 59.24
N PRO G 254 14.10 19.95 59.19
CA PRO G 254 13.95 21.26 58.53
C PRO G 254 13.87 21.11 57.03
N PRO G 255 12.98 21.87 56.37
CA PRO G 255 12.78 21.67 54.93
C PRO G 255 13.99 21.99 54.09
N ILE G 256 14.96 22.73 54.64
CA ILE G 256 16.06 23.24 53.84
C ILE G 256 17.04 22.13 53.49
N ILE G 257 17.26 21.16 54.39
CA ILE G 257 18.23 20.12 54.09
C ILE G 257 17.71 19.16 53.04
N LYS G 258 16.37 19.05 52.88
CA LYS G 258 15.79 18.18 51.87
C LYS G 258 16.22 18.58 50.46
N GLN G 259 16.61 19.84 50.24
CA GLN G 259 16.92 20.30 48.90
C GLN G 259 18.15 19.61 48.32
N SER G 260 19.13 19.29 49.17
CA SER G 260 20.37 18.66 48.72
C SER G 260 20.90 17.72 49.80
N THR G 261 21.39 16.56 49.35
CA THR G 261 21.87 15.53 50.26
C THR G 261 23.07 16.01 51.07
N ILE G 262 23.06 15.72 52.37
CA ILE G 262 24.18 16.04 53.24
C ILE G 262 25.17 14.89 53.15
N VAL G 263 26.44 15.20 52.85
CA VAL G 263 27.42 14.17 52.58
C VAL G 263 28.57 14.13 53.60
N CYS G 264 28.84 15.21 54.31
CA CYS G 264 29.95 15.21 55.27
C CYS G 264 29.55 15.95 56.54
N HIS G 265 30.30 15.68 57.61
CA HIS G 265 30.11 16.34 58.90
C HIS G 265 31.45 16.46 59.60
N ASN G 266 31.50 17.35 60.59
CA ASN G 266 32.68 17.50 61.44
C ASN G 266 32.28 18.21 62.74
N ARG G 267 32.95 17.83 63.82
CA ARG G 267 32.68 18.39 65.14
C ARG G 267 33.47 19.68 65.34
N VAL G 268 32.79 20.76 65.71
CA VAL G 268 33.46 22.02 65.99
C VAL G 268 33.85 22.11 67.46
N ASP G 269 32.86 22.02 68.36
CA ASP G 269 33.13 22.15 69.78
C ASP G 269 33.40 20.77 70.37
N PRO G 270 34.57 20.54 70.99
CA PRO G 270 34.79 19.25 71.66
C PRO G 270 33.70 18.88 72.64
N ASN G 271 33.05 19.85 73.27
CA ASN G 271 31.95 19.53 74.19
C ASN G 271 30.78 18.89 73.44
N GLY G 272 30.72 19.05 72.12
CA GLY G 272 29.66 18.46 71.33
C GLY G 272 28.50 19.36 71.03
N SER G 273 28.59 20.65 71.32
CA SER G 273 27.49 21.57 71.12
C SER G 273 27.26 21.90 69.66
N ARG G 274 28.33 21.98 68.85
CA ARG G 274 28.23 22.46 67.48
C ARG G 274 28.93 21.52 66.51
N TYR G 275 28.27 21.26 65.37
CA TYR G 275 28.81 20.44 64.29
C TYR G 275 28.63 21.17 62.96
N LEU G 276 29.53 20.94 62.01
CA LEU G 276 29.39 21.45 60.65
C LEU G 276 28.81 20.36 59.74
N LEU G 277 28.00 20.77 58.75
CA LEU G 277 27.41 19.87 57.77
C LEU G 277 27.60 20.42 56.36
N GLY G 278 27.85 19.54 55.39
CA GLY G 278 27.99 19.96 54.00
C GLY G 278 27.08 19.13 53.09
N ASP G 279 26.72 19.74 51.98
CA ASP G 279 25.81 19.08 51.05
C ASP G 279 26.29 19.13 49.60
N MET G 280 25.60 18.39 48.72
CA MET G 280 26.07 18.20 47.35
C MET G 280 25.96 19.47 46.51
N GLU G 281 25.10 20.43 46.90
CA GLU G 281 25.04 21.72 46.22
C GLU G 281 26.03 22.73 46.78
N GLY G 282 26.96 22.30 47.64
CA GLY G 282 27.99 23.16 48.16
C GLY G 282 27.64 24.00 49.37
N ARG G 283 26.47 23.78 49.97
CA ARG G 283 26.02 24.58 51.11
C ARG G 283 26.63 24.07 52.41
N LEU G 284 26.93 24.99 53.32
CA LEU G 284 27.53 24.67 54.61
C LEU G 284 26.56 25.05 55.73
N PHE G 285 26.25 24.09 56.58
CA PHE G 285 25.34 24.29 57.70
C PHE G 285 26.07 24.13 59.02
N MET G 286 25.49 24.69 60.07
CA MET G 286 25.89 24.48 61.46
C MET G 286 24.79 23.69 62.15
N LEU G 287 25.14 22.56 62.76
CA LEU G 287 24.22 21.78 63.57
C LEU G 287 24.46 22.09 65.05
N LEU G 288 23.45 22.66 65.70
CA LEU G 288 23.56 23.11 67.08
C LEU G 288 22.78 22.20 68.01
N LEU G 289 23.43 21.78 69.09
CA LEU G 289 22.80 21.00 70.15
C LEU G 289 22.43 21.95 71.28
N GLU G 290 21.13 22.18 71.46
CA GLU G 290 20.69 23.11 72.49
C GLU G 290 20.82 22.41 73.83
N LYS G 291 21.72 22.90 74.68
CA LYS G 291 22.02 22.22 75.92
C LYS G 291 20.87 22.56 76.87
N GLU G 292 20.47 21.62 77.70
CA GLU G 292 19.49 21.90 78.74
C GLU G 292 20.28 22.08 80.03
N GLU G 293 20.27 23.30 80.57
CA GLU G 293 21.01 23.59 81.79
C GLU G 293 20.17 23.13 82.97
N GLN G 294 20.77 22.39 83.88
CA GLN G 294 20.14 21.93 85.11
C GLN G 294 21.01 22.36 86.29
N MET G 295 20.37 22.70 87.42
CA MET G 295 21.13 23.02 88.62
C MET G 295 21.98 21.82 89.00
N ASP G 296 21.42 20.67 88.71
CA ASP G 296 22.02 19.36 88.82
C ASP G 296 22.96 19.14 87.65
N GLY G 297 24.06 18.46 87.96
CA GLY G 297 25.16 18.26 86.99
C GLY G 297 24.89 17.18 85.94
N THR G 298 23.65 17.07 85.49
CA THR G 298 23.28 16.13 84.44
C THR G 298 23.06 16.88 83.14
N VAL G 299 23.51 16.31 82.03
CA VAL G 299 23.41 16.97 80.74
C VAL G 299 22.29 16.29 79.96
N THR G 300 21.30 17.06 79.55
CA THR G 300 20.22 16.61 78.69
C THR G 300 20.18 17.52 77.48
N LEU G 301 19.59 17.03 76.39
CA LEU G 301 19.51 17.78 75.14
C LEU G 301 18.08 18.26 74.94
N LYS G 302 17.90 19.58 74.92
CA LYS G 302 16.55 20.14 74.77
C LYS G 302 16.08 20.02 73.32
N ASP G 303 16.90 20.46 72.36
CA ASP G 303 16.47 20.45 70.97
C ASP G 303 17.69 20.61 70.07
N LEU G 304 17.47 20.33 68.77
CA LEU G 304 18.50 20.46 67.76
C LEU G 304 18.13 21.55 66.77
N ARG G 305 19.14 22.25 66.25
CA ARG G 305 18.93 23.33 65.30
C ARG G 305 19.92 23.23 64.15
N VAL G 306 19.45 23.61 62.95
CA VAL G 306 20.29 23.65 61.76
C VAL G 306 20.24 25.07 61.18
N GLU G 307 21.40 25.63 60.89
CA GLU G 307 21.53 26.99 60.38
C GLU G 307 22.41 27.01 59.16
N LEU G 308 21.94 27.66 58.09
CA LEU G 308 22.73 27.79 56.89
C LEU G 308 23.76 28.90 57.07
N LEU G 309 25.03 28.56 56.83
CA LEU G 309 26.10 29.54 56.91
C LEU G 309 26.40 30.17 55.57
N GLY G 310 26.44 29.37 54.51
CA GLY G 310 26.80 29.86 53.19
C GLY G 310 27.13 28.71 52.25
N GLU G 311 28.08 28.97 51.34
CA GLU G 311 28.51 28.02 50.34
C GLU G 311 30.02 27.84 50.39
N THR G 312 30.47 26.61 50.20
CA THR G 312 31.88 26.28 49.99
C THR G 312 31.98 25.53 48.67
N SER G 313 33.19 25.12 48.30
CA SER G 313 33.29 24.20 47.17
C SER G 313 32.70 22.87 47.62
N ILE G 314 32.03 22.19 46.68
CA ILE G 314 31.38 20.92 47.01
C ILE G 314 32.39 20.07 47.79
N ALA G 315 32.05 19.70 49.02
CA ALA G 315 33.04 19.23 49.99
C ALA G 315 32.93 17.73 50.16
N GLU G 316 34.06 17.05 50.05
CA GLU G 316 34.12 15.63 50.40
C GLU G 316 34.19 15.47 51.92
N CYS G 317 34.97 16.33 52.58
CA CYS G 317 35.12 16.32 54.03
C CYS G 317 35.35 17.73 54.56
N LEU G 318 34.91 17.95 55.78
CA LEU G 318 35.12 19.19 56.50
C LEU G 318 36.00 18.90 57.71
N THR G 319 36.86 19.84 58.07
CA THR G 319 37.59 19.74 59.32
C THR G 319 37.77 21.15 59.86
N TYR G 320 37.39 21.36 61.10
CA TYR G 320 37.50 22.67 61.73
C TYR G 320 38.89 22.81 62.35
N LEU G 321 39.61 23.83 61.92
CA LEU G 321 40.90 24.23 62.49
C LEU G 321 40.57 25.33 63.50
N ASP G 322 41.54 25.68 64.34
CA ASP G 322 41.23 26.70 65.34
C ASP G 322 41.03 28.08 64.69
N ASN G 323 40.35 28.96 65.41
CA ASN G 323 40.06 30.35 65.02
C ASN G 323 39.03 30.49 63.90
N GLY G 324 38.09 29.57 63.79
CA GLY G 324 37.06 29.73 62.80
C GLY G 324 37.48 29.42 61.38
N VAL G 325 38.66 28.84 61.20
CA VAL G 325 39.19 28.52 59.88
C VAL G 325 38.73 27.09 59.62
N VAL G 326 38.01 26.86 58.55
CA VAL G 326 37.49 25.52 58.24
C VAL G 326 38.13 25.10 56.95
N PHE G 327 38.79 23.96 56.97
CA PHE G 327 39.41 23.41 55.77
C PHE G 327 38.35 22.58 55.06
N VAL G 328 38.10 22.91 53.81
CA VAL G 328 37.11 22.27 52.98
C VAL G 328 37.87 21.40 51.99
N GLY G 329 37.77 20.09 52.17
CA GLY G 329 38.43 19.15 51.28
C GLY G 329 37.49 18.70 50.18
N SER G 330 37.83 19.02 48.93
CA SER G 330 36.95 18.80 47.80
C SER G 330 37.55 17.80 46.83
N ARG G 331 36.69 16.88 46.36
CA ARG G 331 37.05 15.93 45.31
C ARG G 331 36.54 16.35 43.94
N LEU G 332 35.51 17.20 43.89
CA LEU G 332 34.94 17.68 42.63
C LEU G 332 35.45 19.04 42.21
N GLY G 333 35.87 19.89 43.15
CA GLY G 333 36.33 21.22 42.80
C GLY G 333 37.51 21.65 43.65
N ASP G 334 37.89 22.93 43.59
CA ASP G 334 39.04 23.38 44.36
C ASP G 334 38.77 23.24 45.86
N SER G 335 39.77 22.76 46.58
CA SER G 335 39.73 22.75 48.05
C SER G 335 40.06 24.14 48.57
N GLN G 336 39.73 24.37 49.83
CA GLN G 336 39.90 25.73 50.34
C GLN G 336 39.98 25.76 51.86
N LEU G 337 40.55 26.87 52.35
CA LEU G 337 40.34 27.35 53.71
C LEU G 337 39.30 28.47 53.67
N VAL G 338 38.36 28.43 54.61
CA VAL G 338 37.34 29.48 54.68
C VAL G 338 37.28 30.04 56.10
N LYS G 339 36.84 31.29 56.19
CA LYS G 339 36.65 31.98 57.46
C LYS G 339 35.17 31.90 57.81
N LEU G 340 34.87 31.39 58.99
CA LEU G 340 33.50 31.40 59.51
C LEU G 340 33.38 32.62 60.41
N ASN G 341 32.49 33.53 60.03
CA ASN G 341 32.31 34.77 60.76
C ASN G 341 31.05 34.77 61.60
N VAL G 342 31.10 35.52 62.70
CA VAL G 342 29.91 35.78 63.48
C VAL G 342 29.01 36.73 62.70
N ASP G 343 29.62 37.59 61.89
CA ASP G 343 28.90 38.57 61.10
C ASP G 343 28.62 38.08 59.69
N SER G 344 27.38 38.32 59.24
CA SER G 344 26.99 38.04 57.87
C SER G 344 27.53 39.13 56.96
N ASN G 345 27.80 38.77 55.71
CA ASN G 345 28.28 39.74 54.73
C ASN G 345 27.10 40.38 53.98
N GLU G 346 27.43 41.11 52.91
CA GLU G 346 26.43 41.88 52.19
C GLU G 346 25.40 41.00 51.49
N GLN G 347 25.69 39.72 51.30
CA GLN G 347 24.76 38.77 50.69
C GLN G 347 24.03 37.91 51.71
N GLY G 348 24.34 38.05 53.00
CA GLY G 348 23.75 37.22 54.02
C GLY G 348 24.56 36.00 54.43
N SER G 349 25.77 35.85 53.92
CA SER G 349 26.59 34.68 54.17
C SER G 349 27.57 34.93 55.31
N TYR G 350 27.85 33.87 56.08
CA TYR G 350 28.83 33.89 57.15
C TYR G 350 30.16 33.27 56.74
N VAL G 351 30.33 32.91 55.47
CA VAL G 351 31.49 32.17 54.98
C VAL G 351 32.28 33.04 54.00
N VAL G 352 33.58 33.15 54.23
CA VAL G 352 34.48 33.93 53.39
C VAL G 352 35.71 33.11 53.05
N ALA G 353 36.04 33.02 51.76
CA ALA G 353 37.21 32.26 51.35
C ALA G 353 38.49 32.96 51.78
N MET G 354 39.43 32.19 52.34
CA MET G 354 40.76 32.69 52.64
C MET G 354 41.73 32.29 51.53
N GLU G 355 41.87 30.98 51.31
CA GLU G 355 42.79 30.43 50.33
C GLU G 355 42.05 29.45 49.43
N THR G 356 42.57 29.28 48.22
CA THR G 356 42.02 28.33 47.26
C THR G 356 43.15 27.44 46.80
N PHE G 357 42.97 26.14 46.95
CA PHE G 357 43.99 25.17 46.57
C PHE G 357 43.55 24.52 45.27
N THR G 358 44.39 24.63 44.25
CA THR G 358 44.02 24.12 42.95
C THR G 358 43.71 22.63 43.07
N ASN G 359 42.56 22.24 42.55
CA ASN G 359 42.18 20.83 42.42
C ASN G 359 41.83 20.65 40.95
N LEU G 360 42.63 19.88 40.23
CA LEU G 360 42.29 19.57 38.84
C LEU G 360 41.02 18.73 38.74
N GLY G 361 40.42 18.39 39.88
CA GLY G 361 39.13 17.74 39.94
C GLY G 361 39.09 16.52 39.06
N PRO G 362 37.90 15.95 38.88
CA PRO G 362 37.77 14.88 37.89
C PRO G 362 38.12 15.42 36.51
N ILE G 363 39.06 14.76 35.85
CA ILE G 363 39.45 15.15 34.50
C ILE G 363 38.60 14.30 33.56
N VAL G 364 37.49 14.87 33.11
CA VAL G 364 36.58 14.12 32.24
C VAL G 364 37.16 13.95 30.85
N ASP G 365 37.80 14.99 30.33
CA ASP G 365 38.47 14.93 29.03
C ASP G 365 39.61 15.95 29.03
N MET G 366 40.46 15.87 28.01
CA MET G 366 41.53 16.85 27.85
C MET G 366 42.06 16.78 26.43
N CYS G 367 42.63 17.90 25.98
CA CYS G 367 43.26 18.00 24.67
C CYS G 367 44.56 18.79 24.80
N VAL G 368 45.52 18.47 23.93
CA VAL G 368 46.80 19.15 23.87
C VAL G 368 46.82 20.06 22.66
N VAL G 369 47.18 21.32 22.88
CA VAL G 369 47.23 22.32 21.82
C VAL G 369 48.46 23.19 22.07
N ASP G 370 49.25 23.42 21.02
CA ASP G 370 50.41 24.30 21.09
C ASP G 370 49.95 25.69 20.65
N LEU G 371 49.39 26.44 21.61
CA LEU G 371 48.81 27.73 21.27
C LEU G 371 49.85 28.74 20.80
N GLU G 372 51.03 28.74 21.41
CA GLU G 372 52.09 29.67 21.02
C GLU G 372 53.01 29.08 19.96
N ARG G 373 52.65 27.93 19.39
CA ARG G 373 53.46 27.31 18.33
C ARG G 373 54.92 27.27 18.76
N GLN G 374 55.13 26.99 20.05
CA GLN G 374 56.47 26.97 20.63
C GLN G 374 57.02 25.56 20.75
N GLY G 375 56.53 24.64 19.94
CA GLY G 375 57.01 23.27 20.01
C GLY G 375 56.79 22.64 21.37
N GLN G 376 56.05 23.32 22.25
CA GLN G 376 55.84 22.79 23.59
C GLN G 376 54.53 22.01 23.73
N GLY G 377 53.40 22.70 23.66
CA GLY G 377 52.10 22.10 23.86
C GLY G 377 51.61 22.35 25.28
N GLN G 378 50.32 22.63 25.42
CA GLN G 378 49.68 22.91 26.70
C GLN G 378 48.48 21.98 26.83
N LEU G 379 48.13 21.63 28.06
CA LEU G 379 47.05 20.67 28.30
C LEU G 379 45.81 21.42 28.78
N VAL G 380 44.75 21.37 27.98
CA VAL G 380 43.48 22.01 28.31
C VAL G 380 42.55 20.90 28.80
N THR G 381 42.18 20.93 30.06
CA THR G 381 41.43 19.85 30.69
C THR G 381 40.01 20.29 31.00
N CYS G 382 39.06 19.37 30.78
CA CYS G 382 37.69 19.51 31.28
C CYS G 382 37.66 19.00 32.71
N SER G 383 37.53 19.90 33.69
CA SER G 383 37.69 19.49 35.08
C SER G 383 36.51 19.92 35.95
N GLY G 384 36.27 19.12 36.98
CA GLY G 384 35.24 19.44 37.95
C GLY G 384 33.86 19.01 37.50
N ALA G 385 32.89 19.14 38.40
CA ALA G 385 31.52 18.84 38.07
C ALA G 385 30.59 19.85 38.74
N PHE G 386 29.41 20.01 38.14
CA PHE G 386 28.33 20.84 38.69
C PHE G 386 28.84 22.27 38.80
N LYS G 387 28.62 22.95 39.93
CA LYS G 387 29.03 24.34 40.07
C LYS G 387 30.54 24.49 40.01
N GLU G 388 31.29 23.42 40.28
CA GLU G 388 32.74 23.46 40.27
C GLU G 388 33.33 23.19 38.90
N GLY G 389 32.49 23.09 37.87
CA GLY G 389 33.01 22.75 36.56
C GLY G 389 33.93 23.84 36.04
N SER G 390 34.98 23.42 35.34
CA SER G 390 36.01 24.36 34.89
C SER G 390 36.77 23.75 33.72
N LEU G 391 37.43 24.63 32.98
CA LEU G 391 38.49 24.28 32.04
C LEU G 391 39.80 24.73 32.65
N ARG G 392 40.84 23.91 32.54
CA ARG G 392 42.13 24.23 33.14
C ARG G 392 43.23 24.11 32.09
N ILE G 393 44.03 25.17 31.98
CA ILE G 393 45.11 25.27 31.01
C ILE G 393 46.43 24.99 31.73
N ILE G 394 47.15 23.96 31.31
CA ILE G 394 48.35 23.50 32.02
C ILE G 394 49.57 23.53 31.09
N ARG G 395 50.64 24.20 31.55
CA ARG G 395 51.89 24.31 30.81
C ARG G 395 53.06 24.15 31.75
N ASN G 396 54.20 23.72 31.21
CA ASN G 396 55.45 23.65 31.97
C ASN G 396 56.07 25.04 32.10
N GLY G 397 56.67 25.30 33.24
CA GLY G 397 57.33 26.57 33.48
C GLY G 397 58.79 26.46 33.08
N ILE G 398 59.23 27.39 32.24
CA ILE G 398 60.55 27.28 31.63
C ILE G 398 61.33 28.58 31.84
N LYS G 409 57.80 23.27 38.24
CA LYS G 409 56.38 23.29 38.54
C LYS G 409 55.52 23.75 37.36
N LEU G 410 54.27 23.31 37.38
CA LEU G 410 53.29 23.65 36.37
C LEU G 410 52.55 24.96 36.62
N HIS G 411 52.35 25.72 35.55
CA HIS G 411 51.51 26.91 35.58
C HIS G 411 50.10 26.51 35.16
N ILE G 412 49.11 26.78 36.00
CA ILE G 412 47.74 26.33 35.79
C ILE G 412 46.81 27.55 35.78
N ARG G 413 46.16 27.79 34.63
CA ARG G 413 45.13 28.82 34.50
C ARG G 413 43.76 28.17 34.62
N THR G 414 42.86 28.81 35.38
CA THR G 414 41.54 28.25 35.67
C THR G 414 40.45 29.07 34.98
N VAL G 415 39.57 28.40 34.25
CA VAL G 415 38.45 29.01 33.56
C VAL G 415 37.17 28.37 34.09
N PRO G 416 36.49 29.08 35.02
CA PRO G 416 35.28 28.48 35.61
C PRO G 416 34.09 28.49 34.66
N LEU G 417 33.38 27.35 34.61
CA LEU G 417 32.14 27.23 33.84
C LEU G 417 30.88 27.22 34.68
N TYR G 418 30.95 26.77 35.94
CA TYR G 418 29.80 26.69 36.82
C TYR G 418 28.78 25.67 36.34
N GLU G 419 29.17 24.81 35.41
CA GLU G 419 28.39 23.68 34.97
C GLU G 419 29.39 22.59 34.57
N SER G 420 28.90 21.37 34.40
CA SER G 420 29.79 20.23 34.21
C SER G 420 30.35 20.20 32.78
N PRO G 421 31.67 20.21 32.62
CA PRO G 421 32.25 19.97 31.29
C PRO G 421 32.36 18.47 31.06
N ARG G 422 32.17 18.06 29.80
CA ARG G 422 32.14 16.64 29.47
C ARG G 422 33.21 16.24 28.46
N LYS G 423 33.29 16.91 27.32
CA LYS G 423 34.27 16.60 26.29
C LYS G 423 34.80 17.93 25.74
N ILE G 424 36.03 17.93 25.25
CA ILE G 424 36.65 19.14 24.71
C ILE G 424 37.32 18.84 23.38
N CYS G 425 37.25 19.79 22.45
CA CYS G 425 37.90 19.66 21.16
C CYS G 425 38.38 21.03 20.73
N TYR G 426 39.57 21.08 20.14
CA TYR G 426 40.17 22.33 19.66
C TYR G 426 40.05 22.42 18.15
N GLN G 427 39.67 23.62 17.68
CA GLN G 427 39.50 23.89 16.25
C GLN G 427 40.36 25.10 15.90
N GLU G 428 41.52 24.85 15.29
CA GLU G 428 42.43 25.95 14.96
C GLU G 428 41.80 26.91 13.98
N VAL G 429 41.07 26.38 13.00
CA VAL G 429 40.47 27.23 11.96
C VAL G 429 39.67 28.37 12.58
N SER G 430 38.99 28.10 13.69
CA SER G 430 38.16 29.09 14.36
C SER G 430 38.83 29.69 15.58
N GLN G 431 40.08 29.34 15.83
CA GLN G 431 40.83 29.84 16.98
C GLN G 431 39.98 29.72 18.24
N CYS G 432 39.32 28.58 18.38
CA CYS G 432 38.41 28.38 19.50
C CYS G 432 38.44 26.91 19.91
N PHE G 433 37.99 26.66 21.13
CA PHE G 433 37.79 25.31 21.64
C PHE G 433 36.29 25.04 21.65
N GLY G 434 35.91 23.80 21.29
CA GLY G 434 34.55 23.32 21.52
C GLY G 434 34.52 22.46 22.76
N VAL G 435 33.55 22.73 23.63
CA VAL G 435 33.39 22.02 24.88
C VAL G 435 31.93 21.62 25.05
N LEU G 436 31.70 20.33 25.31
CA LEU G 436 30.38 19.82 25.66
C LEU G 436 30.17 19.94 27.17
N SER G 437 28.95 20.31 27.56
CA SER G 437 28.66 20.56 28.96
C SER G 437 27.20 20.25 29.28
N SER G 438 26.93 20.04 30.56
CA SER G 438 25.57 19.87 31.05
C SER G 438 25.41 20.59 32.37
N ARG G 439 24.23 21.20 32.56
CA ARG G 439 23.86 21.89 33.78
C ARG G 439 22.57 21.28 34.32
N ILE G 440 22.38 21.36 35.62
CA ILE G 440 21.21 20.80 36.28
C ILE G 440 20.16 21.87 36.52
N GLU G 441 18.95 21.62 36.02
CA GLU G 441 17.76 22.41 36.31
C GLU G 441 16.78 21.51 37.05
N VAL G 442 15.79 22.12 37.68
CA VAL G 442 14.83 21.37 38.49
C VAL G 442 13.42 21.68 38.01
N GLN G 443 12.59 20.64 37.96
CA GLN G 443 11.20 20.77 37.54
C GLN G 443 10.48 21.73 38.47
N ASP G 444 9.87 22.77 37.90
CA ASP G 444 9.26 23.82 38.71
C ASP G 444 7.75 23.86 38.47
N THR G 445 7.10 24.75 39.23
CA THR G 445 5.64 24.83 39.28
C THR G 445 5.02 25.36 38.01
N SER G 446 5.82 25.90 37.09
CA SER G 446 5.29 26.33 35.80
C SER G 446 5.08 25.17 34.82
N GLY G 447 5.55 23.97 35.16
CA GLY G 447 5.65 22.90 34.21
C GLY G 447 6.98 22.83 33.50
N GLY G 448 7.69 23.94 33.40
CA GLY G 448 9.03 23.98 32.85
C GLY G 448 10.06 23.68 33.91
N THR G 449 11.28 24.15 33.68
CA THR G 449 12.37 23.92 34.60
C THR G 449 13.08 25.23 34.91
N THR G 450 13.83 25.21 36.00
CA THR G 450 14.53 26.38 36.49
C THR G 450 15.96 25.99 36.85
N ALA G 451 16.92 26.78 36.37
CA ALA G 451 18.32 26.52 36.67
C ALA G 451 18.62 27.07 38.06
N LEU G 452 19.44 26.32 38.81
CA LEU G 452 19.75 26.68 40.18
C LEU G 452 20.70 27.87 40.28
N ARG G 453 21.42 28.16 39.20
CA ARG G 453 22.40 29.23 39.15
C ARG G 453 22.75 29.47 37.68
N PRO G 454 23.19 30.67 37.33
CA PRO G 454 23.63 30.91 35.94
C PRO G 454 24.96 30.21 35.66
N SER G 455 25.13 29.78 34.41
CA SER G 455 26.33 29.07 34.02
C SER G 455 26.69 29.39 32.57
N ALA G 456 27.76 28.75 32.10
CA ALA G 456 28.32 29.09 30.80
C ALA G 456 27.30 28.94 29.69
N SER G 457 26.46 27.91 29.76
CA SER G 457 25.51 27.67 28.68
C SER G 457 24.44 28.76 28.60
N THR G 458 24.30 29.56 29.65
CA THR G 458 23.31 30.63 29.70
C THR G 458 23.92 32.03 29.68
N GLN G 459 25.16 32.18 30.08
CA GLN G 459 25.87 33.47 30.10
C GLN G 459 26.84 33.61 28.93
N ALA G 460 26.39 33.23 27.75
CA ALA G 460 27.17 33.30 26.52
C ALA G 460 26.80 34.52 25.68
N LEU G 461 27.78 35.03 24.92
CA LEU G 461 27.50 36.21 24.11
C LEU G 461 26.33 35.97 23.17
N SER G 462 26.37 34.88 22.41
CA SER G 462 25.26 34.43 21.57
C SER G 462 24.87 33.01 21.97
N SER G 463 23.61 32.66 21.75
CA SER G 463 23.14 31.34 22.12
C SER G 463 22.05 30.88 21.16
N SER G 464 21.88 29.56 21.07
CA SER G 464 20.88 28.95 20.21
C SER G 464 20.34 27.70 20.87
N VAL G 465 19.24 27.18 20.32
CA VAL G 465 18.57 25.98 20.82
C VAL G 465 18.20 25.12 19.63
N SER G 466 18.51 23.82 19.69
CA SER G 466 18.19 22.95 18.56
C SER G 466 16.69 22.99 18.30
N SER G 467 16.33 23.05 17.02
CA SER G 467 14.94 23.02 16.60
C SER G 467 14.60 21.72 15.88
N SER G 468 15.42 20.70 16.09
CA SER G 468 15.25 19.45 15.36
C SER G 468 13.90 18.83 15.66
N LYS G 469 13.25 18.35 14.61
CA LYS G 469 12.01 17.59 14.72
C LYS G 469 12.24 16.12 14.43
N LEU G 470 13.50 15.67 14.44
CA LEU G 470 13.84 14.31 14.03
C LEU G 470 13.06 13.28 14.86
N PHE G 471 13.05 13.43 16.18
CA PHE G 471 12.25 12.54 17.01
C PHE G 471 10.80 12.99 17.10
N SER G 472 10.51 14.15 16.50
CA SER G 472 9.15 14.60 16.28
C SER G 472 8.17 14.25 17.37
N SER G 473 7.12 13.51 17.01
CA SER G 473 6.10 13.22 18.02
C SER G 473 6.59 12.19 19.01
N SER G 474 7.36 11.21 18.54
CA SER G 474 7.90 10.15 19.39
C SER G 474 6.76 9.30 19.94
N THR G 475 5.65 9.95 20.31
CA THR G 475 4.49 9.28 20.93
C THR G 475 4.93 8.46 22.14
N ALA G 476 5.72 9.09 23.00
CA ALA G 476 6.20 8.48 24.24
C ALA G 476 6.15 9.56 25.32
N PRO G 477 4.95 9.86 25.82
CA PRO G 477 4.81 10.92 26.84
C PRO G 477 5.42 10.48 28.17
N HIS G 478 6.33 11.30 28.69
CA HIS G 478 6.99 11.03 29.97
C HIS G 478 6.54 12.00 31.06
N GLU G 479 6.08 11.43 32.18
CA GLU G 479 5.60 12.21 33.30
C GLU G 479 6.73 12.99 33.98
N THR G 480 6.45 14.24 34.32
CA THR G 480 7.42 15.12 34.97
C THR G 480 6.85 15.52 36.32
N SER G 481 7.62 15.32 37.38
CA SER G 481 7.20 15.64 38.75
C SER G 481 8.03 16.78 39.32
N PHE G 482 7.35 17.66 40.06
CA PHE G 482 8.00 18.81 40.66
C PHE G 482 9.12 18.38 41.60
N GLY G 483 10.27 19.05 41.49
CA GLY G 483 11.40 18.77 42.33
C GLY G 483 12.43 17.84 41.73
N GLU G 484 12.07 17.13 40.65
CA GLU G 484 13.01 16.24 40.00
C GLU G 484 14.08 17.05 39.27
N GLU G 485 15.28 16.50 39.20
CA GLU G 485 16.37 17.12 38.46
C GLU G 485 16.37 16.64 37.01
N VAL G 486 16.85 17.51 36.11
CA VAL G 486 17.09 17.14 34.72
C VAL G 486 18.42 17.75 34.30
N GLU G 487 19.10 17.10 33.36
CA GLU G 487 20.31 17.65 32.77
C GLU G 487 19.97 18.33 31.44
N VAL G 488 20.60 19.47 31.20
CA VAL G 488 20.48 20.20 29.95
C VAL G 488 21.87 20.28 29.34
N HIS G 489 22.01 19.77 28.11
CA HIS G 489 23.30 19.66 27.47
C HIS G 489 23.47 20.73 26.41
N ASN G 490 24.70 21.21 26.26
CA ASN G 490 25.00 22.32 25.37
C ASN G 490 26.36 22.05 24.74
N LEU G 491 26.58 22.65 23.57
CA LEU G 491 27.91 22.77 22.99
C LEU G 491 28.34 24.22 23.15
N LEU G 492 29.48 24.44 23.80
CA LEU G 492 29.99 25.78 24.07
C LEU G 492 31.16 26.06 23.13
N ILE G 493 31.15 27.23 22.53
CA ILE G 493 32.29 27.71 21.75
C ILE G 493 33.04 28.71 22.63
N ILE G 494 34.30 28.41 22.90
CA ILE G 494 35.13 29.13 23.87
C ILE G 494 36.36 29.65 23.12
N ASP G 495 36.73 30.89 23.38
CA ASP G 495 37.86 31.51 22.68
C ASP G 495 39.20 31.06 23.26
N GLN G 496 40.19 30.90 22.37
CA GLN G 496 41.48 30.36 22.80
C GLN G 496 42.33 31.35 23.58
N HIS G 497 42.01 32.65 23.52
CA HIS G 497 42.76 33.65 24.27
C HIS G 497 41.98 34.17 25.47
N THR G 498 40.72 34.57 25.26
CA THR G 498 39.90 35.10 26.34
C THR G 498 39.18 34.00 27.10
N PHE G 499 38.89 32.88 26.43
CA PHE G 499 38.12 31.79 27.04
C PHE G 499 36.73 32.26 27.43
N GLU G 500 36.23 33.23 26.65
CA GLU G 500 34.86 33.70 26.73
C GLU G 500 33.92 32.76 25.98
N VAL G 501 32.76 32.50 26.57
CA VAL G 501 31.78 31.64 25.92
C VAL G 501 31.17 32.45 24.77
N LEU G 502 31.63 32.22 23.55
CA LEU G 502 31.13 32.98 22.41
C LEU G 502 29.73 32.54 22.02
N HIS G 503 29.48 31.23 22.02
CA HIS G 503 28.18 30.69 21.63
C HIS G 503 27.91 29.46 22.45
N ALA G 504 26.62 29.18 22.69
CA ALA G 504 26.20 27.95 23.36
C ALA G 504 24.99 27.40 22.62
N HIS G 505 25.10 26.18 22.11
CA HIS G 505 23.98 25.52 21.47
C HIS G 505 23.40 24.56 22.49
N GLN G 506 22.10 24.71 22.77
CA GLN G 506 21.41 23.84 23.72
C GLN G 506 20.75 22.71 22.95
N PHE G 507 20.96 21.49 23.42
CA PHE G 507 20.46 20.32 22.71
C PHE G 507 19.01 20.04 23.11
N LEU G 508 18.44 19.03 22.48
CA LEU G 508 17.02 18.75 22.66
C LEU G 508 16.68 18.41 24.10
N GLN G 509 15.41 18.58 24.45
CA GLN G 509 14.91 18.17 25.75
C GLN G 509 15.17 16.68 25.95
N ASN G 510 15.84 16.35 27.05
CA ASN G 510 16.24 14.99 27.39
C ASN G 510 17.32 14.42 26.49
N GLU G 511 18.04 15.27 25.76
CA GLU G 511 19.13 14.81 24.91
C GLU G 511 20.48 15.04 25.59
N TYR G 512 21.30 13.98 25.63
CA TYR G 512 22.65 14.03 26.16
C TYR G 512 23.67 14.09 25.03
N ALA G 513 24.66 14.98 25.19
CA ALA G 513 25.82 15.05 24.30
C ALA G 513 26.92 14.18 24.86
N LEU G 514 27.36 13.18 24.08
CA LEU G 514 28.32 12.20 24.56
C LEU G 514 29.68 12.27 23.88
N SER G 515 29.75 12.79 22.66
CA SER G 515 30.98 12.73 21.89
C SER G 515 31.12 13.99 21.04
N LEU G 516 32.37 14.38 20.79
CA LEU G 516 32.66 15.63 20.09
C LEU G 516 33.95 15.48 19.29
N VAL G 517 33.91 15.93 18.04
CA VAL G 517 35.09 16.01 17.20
C VAL G 517 35.09 17.33 16.44
N SER G 518 36.29 17.73 16.01
CA SER G 518 36.50 18.85 15.10
C SER G 518 37.31 18.32 13.93
N CYS G 519 36.75 18.45 12.72
CA CYS G 519 37.44 17.90 11.55
C CYS G 519 36.80 18.35 10.26
N LYS G 520 37.54 18.14 9.16
CA LYS G 520 37.05 18.24 7.80
C LYS G 520 36.69 16.83 7.32
N LEU G 521 35.64 16.73 6.51
CA LEU G 521 35.19 15.45 5.98
C LEU G 521 35.11 15.48 4.46
N GLY G 522 35.33 14.31 3.86
CA GLY G 522 35.23 14.19 2.41
C GLY G 522 36.12 15.20 1.73
N LYS G 523 35.61 15.83 0.68
CA LYS G 523 36.30 16.94 0.03
C LYS G 523 35.75 18.30 0.46
N ASP G 524 35.01 18.35 1.57
CA ASP G 524 34.42 19.60 2.02
C ASP G 524 35.46 20.39 2.80
N PRO G 525 35.85 21.58 2.32
CA PRO G 525 36.94 22.32 2.97
C PRO G 525 36.56 22.93 4.31
N ASN G 526 35.27 23.00 4.63
CA ASN G 526 34.86 23.61 5.88
C ASN G 526 35.22 22.69 7.05
N THR G 527 35.65 23.29 8.14
CA THR G 527 35.97 22.56 9.36
C THR G 527 34.74 22.60 10.25
N TYR G 528 34.27 21.42 10.66
CA TYR G 528 33.00 21.31 11.36
C TYR G 528 33.25 20.84 12.80
N PHE G 529 32.32 21.22 13.68
CA PHE G 529 32.14 20.59 14.99
C PHE G 529 31.04 19.54 14.83
N ILE G 530 31.32 18.29 15.18
CA ILE G 530 30.34 17.23 15.06
C ILE G 530 30.09 16.65 16.43
N VAL G 531 28.81 16.47 16.78
CA VAL G 531 28.40 16.04 18.11
C VAL G 531 27.55 14.78 17.99
N GLY G 532 27.83 13.81 18.85
CA GLY G 532 27.03 12.60 18.96
C GLY G 532 26.23 12.62 20.25
N THR G 533 24.94 12.30 20.14
CA THR G 533 24.01 12.47 21.24
C THR G 533 23.23 11.17 21.48
N ALA G 534 22.48 11.17 22.57
CA ALA G 534 21.61 10.06 22.97
C ALA G 534 20.36 10.60 23.63
N MET G 535 19.21 10.04 23.28
CA MET G 535 17.95 10.40 23.94
C MET G 535 17.81 9.55 25.19
N VAL G 536 17.83 10.22 26.35
CA VAL G 536 17.94 9.58 27.66
C VAL G 536 16.63 9.76 28.43
N TYR G 537 15.95 8.65 28.67
CA TYR G 537 14.79 8.58 29.55
C TYR G 537 15.04 7.57 30.66
N PRO G 538 14.66 7.86 31.90
CA PRO G 538 14.88 6.87 32.97
C PRO G 538 14.32 5.50 32.62
N GLU G 539 13.29 5.46 31.78
CA GLU G 539 12.60 4.19 31.49
C GLU G 539 13.48 3.23 30.68
N GLU G 540 14.41 3.75 29.88
CA GLU G 540 15.20 2.89 29.00
C GLU G 540 16.46 2.42 29.70
N ALA G 541 16.68 1.11 29.69
CA ALA G 541 17.93 0.58 30.23
C ALA G 541 19.11 0.98 29.35
N GLU G 542 18.85 1.19 28.07
CA GLU G 542 19.87 1.51 27.12
C GLU G 542 19.18 2.43 26.12
N PRO G 543 19.76 3.58 25.80
CA PRO G 543 19.10 4.50 24.85
C PRO G 543 18.83 3.81 23.52
N LYS G 544 17.69 4.14 22.92
CA LYS G 544 17.30 3.57 21.64
C LYS G 544 17.20 4.59 20.52
N GLN G 545 17.50 5.87 20.79
CA GLN G 545 17.47 6.91 19.76
C GLN G 545 18.69 7.80 19.95
N GLY G 546 19.15 8.42 18.87
CA GLY G 546 20.28 9.34 19.00
C GLY G 546 20.52 10.10 17.71
N ARG G 547 21.44 11.06 17.81
CA ARG G 547 21.74 11.91 16.68
C ARG G 547 23.25 12.07 16.50
N ILE G 548 23.67 12.24 15.25
CA ILE G 548 24.95 12.85 14.91
C ILE G 548 24.63 14.18 14.22
N VAL G 549 25.16 15.26 14.76
CA VAL G 549 24.87 16.61 14.27
C VAL G 549 26.17 17.25 13.82
N VAL G 550 26.14 17.87 12.65
CA VAL G 550 27.28 18.58 12.08
C VAL G 550 27.01 20.08 12.22
N PHE G 551 27.87 20.77 12.96
CA PHE G 551 27.79 22.21 13.15
C PHE G 551 28.97 22.88 12.46
N GLN G 552 28.81 24.16 12.12
CA GLN G 552 29.92 25.01 11.68
C GLN G 552 29.93 26.31 12.47
N TYR G 553 31.09 26.67 13.01
CA TYR G 553 31.25 27.98 13.65
C TYR G 553 31.66 28.95 12.56
N SER G 554 30.81 29.93 12.28
CA SER G 554 31.07 30.91 11.23
C SER G 554 30.58 32.27 11.71
N ASP G 555 31.48 33.25 11.71
CA ASP G 555 31.13 34.63 12.02
C ASP G 555 30.32 34.74 13.32
N GLY G 556 30.80 34.04 14.35
CA GLY G 556 30.23 34.13 15.68
C GLY G 556 28.95 33.36 15.92
N LYS G 557 28.50 32.53 14.98
CA LYS G 557 27.32 31.69 15.17
C LYS G 557 27.55 30.27 14.66
N LEU G 558 26.86 29.33 15.30
CA LEU G 558 26.93 27.92 14.97
C LEU G 558 25.76 27.55 14.06
N GLN G 559 26.07 27.01 12.88
CA GLN G 559 25.06 26.63 11.89
C GLN G 559 24.96 25.11 11.82
N THR G 560 23.74 24.60 11.95
CA THR G 560 23.50 23.17 11.80
C THR G 560 23.55 22.82 10.32
N VAL G 561 24.60 22.11 9.92
CA VAL G 561 24.82 21.80 8.50
C VAL G 561 24.09 20.53 8.10
N ALA G 562 24.05 19.54 8.98
CA ALA G 562 23.46 18.26 8.65
C ALA G 562 23.16 17.51 9.94
N GLU G 563 22.16 16.62 9.87
CA GLU G 563 21.69 15.85 11.00
C GLU G 563 21.46 14.41 10.59
N LYS G 564 21.93 13.47 11.40
CA LYS G 564 21.79 12.06 11.11
C LYS G 564 21.15 11.34 12.30
N GLU G 565 20.05 10.64 12.04
CA GLU G 565 19.38 9.88 13.09
C GLU G 565 20.02 8.51 13.27
N VAL G 566 20.19 8.09 14.52
CA VAL G 566 20.69 6.76 14.85
C VAL G 566 19.79 6.13 15.91
N LYS G 567 19.92 4.81 16.04
CA LYS G 567 19.08 4.03 16.95
C LYS G 567 19.83 3.63 18.22
N GLY G 568 20.46 4.59 18.88
CA GLY G 568 21.22 4.29 20.08
C GLY G 568 22.04 5.50 20.49
N ALA G 569 22.96 5.27 21.41
CA ALA G 569 23.81 6.34 21.92
C ALA G 569 25.11 6.40 21.12
N VAL G 570 25.45 7.60 20.66
CA VAL G 570 26.72 7.81 19.95
C VAL G 570 27.77 8.08 21.02
N TYR G 571 28.33 6.98 21.55
CA TYR G 571 29.27 7.09 22.66
C TYR G 571 30.59 7.71 22.22
N SER G 572 31.05 7.41 21.00
CA SER G 572 32.38 7.86 20.57
C SER G 572 32.43 8.12 19.07
N MET G 573 33.17 9.16 18.68
CA MET G 573 33.42 9.49 17.29
C MET G 573 34.90 9.84 17.10
N VAL G 574 35.39 9.68 15.87
CA VAL G 574 36.78 10.00 15.53
C VAL G 574 36.88 10.20 14.03
N GLU G 575 37.73 11.16 13.63
CA GLU G 575 37.98 11.36 12.20
C GLU G 575 38.74 10.17 11.65
N PHE G 576 38.34 9.69 10.47
CA PHE G 576 38.93 8.48 9.91
C PHE G 576 39.09 8.65 8.40
N ASN G 577 40.25 9.18 8.01
CA ASN G 577 40.62 9.28 6.60
C ASN G 577 39.50 9.93 5.78
N GLY G 578 39.06 11.10 6.24
CA GLY G 578 38.02 11.84 5.56
C GLY G 578 36.63 11.31 5.78
N LYS G 579 36.49 10.24 6.55
CA LYS G 579 35.20 9.65 6.90
C LYS G 579 34.99 9.77 8.40
N LEU G 580 33.73 9.63 8.82
CA LEU G 580 33.37 9.76 10.22
C LEU G 580 33.13 8.38 10.81
N LEU G 581 33.94 8.01 11.81
CA LEU G 581 33.81 6.74 12.50
C LEU G 581 33.11 6.99 13.83
N ALA G 582 31.96 6.35 14.02
CA ALA G 582 31.14 6.54 15.21
C ALA G 582 30.66 5.21 15.76
N SER G 583 30.53 5.16 17.07
CA SER G 583 30.06 3.98 17.79
C SER G 583 28.67 4.23 18.32
N ILE G 584 27.69 3.45 17.85
CA ILE G 584 26.30 3.57 18.25
C ILE G 584 25.93 2.29 18.99
N ASN G 585 25.86 2.37 20.32
CA ASN G 585 25.61 1.21 21.19
C ASN G 585 26.59 0.07 20.88
N SER G 586 26.09 -1.09 20.45
CA SER G 586 26.99 -2.18 20.08
C SER G 586 27.70 -1.90 18.76
N THR G 587 27.04 -1.19 17.86
CA THR G 587 27.54 -0.99 16.50
C THR G 587 28.71 -0.02 16.43
N VAL G 588 29.68 -0.35 15.58
CA VAL G 588 30.74 0.56 15.15
C VAL G 588 30.53 0.82 13.67
N ARG G 589 30.30 2.08 13.32
CA ARG G 589 29.90 2.47 11.97
C ARG G 589 30.86 3.47 11.36
N LEU G 590 31.07 3.35 10.05
CA LEU G 590 31.86 4.30 9.28
C LEU G 590 30.92 5.03 8.32
N TYR G 591 30.89 6.36 8.43
CA TYR G 591 30.07 7.22 7.60
C TYR G 591 30.94 7.95 6.58
N GLU G 592 30.39 8.19 5.39
CA GLU G 592 30.99 9.02 4.37
C GLU G 592 30.29 10.38 4.34
N TRP G 593 31.03 11.42 3.96
CA TRP G 593 30.50 12.77 3.88
C TRP G 593 30.25 13.08 2.41
N THR G 594 28.97 13.16 2.03
CA THR G 594 28.65 13.26 0.61
C THR G 594 28.82 14.68 0.08
N THR G 595 28.74 14.78 -1.24
CA THR G 595 28.73 16.06 -1.92
C THR G 595 27.47 16.86 -1.61
N GLU G 596 26.47 16.21 -1.01
CA GLU G 596 25.24 16.84 -0.57
C GLU G 596 25.28 17.30 0.87
N LYS G 597 26.46 17.30 1.50
CA LYS G 597 26.62 17.70 2.90
C LYS G 597 25.71 16.89 3.81
N GLU G 598 25.73 15.56 3.64
CA GLU G 598 25.02 14.65 4.54
C GLU G 598 25.82 13.38 4.71
N LEU G 599 25.63 12.73 5.86
CA LEU G 599 26.36 11.51 6.19
C LEU G 599 25.68 10.29 5.58
N ARG G 600 26.51 9.41 5.01
CA ARG G 600 26.05 8.17 4.39
C ARG G 600 26.85 7.02 4.94
N THR G 601 26.16 5.98 5.41
CA THR G 601 26.80 4.84 6.03
C THR G 601 27.52 4.01 4.97
N GLU G 602 28.78 3.64 5.25
CA GLU G 602 29.52 2.75 4.37
C GLU G 602 29.50 1.31 4.86
N CYS G 603 29.99 1.06 6.08
CA CYS G 603 30.09 -0.31 6.60
C CYS G 603 29.97 -0.31 8.11
N ASN G 604 29.65 -1.50 8.67
CA ASN G 604 29.37 -1.66 10.09
C ASN G 604 30.07 -2.87 10.70
N HIS G 605 30.29 -2.78 12.02
CA HIS G 605 30.76 -3.89 12.84
C HIS G 605 29.88 -3.96 14.09
N TYR G 606 29.32 -5.15 14.37
CA TYR G 606 28.34 -5.27 15.44
C TYR G 606 28.78 -6.11 16.64
N ASN G 607 29.92 -6.81 16.57
CA ASN G 607 30.25 -7.78 17.63
C ASN G 607 30.84 -7.03 18.83
N ASN G 608 29.94 -6.35 19.54
CA ASN G 608 30.34 -5.59 20.73
C ASN G 608 29.15 -5.56 21.68
N ILE G 609 29.45 -5.38 22.95
CA ILE G 609 28.40 -5.21 23.95
C ILE G 609 28.01 -3.74 24.07
N MET G 610 29.00 -2.87 24.27
CA MET G 610 28.78 -1.43 24.31
C MET G 610 30.10 -0.81 23.88
N ALA G 611 30.13 -0.29 22.65
CA ALA G 611 31.34 0.24 22.02
C ALA G 611 31.61 1.63 22.57
N LEU G 612 32.31 1.69 23.70
CA LEU G 612 32.40 2.95 24.42
C LEU G 612 33.50 3.86 23.88
N TYR G 613 34.64 3.30 23.46
CA TYR G 613 35.81 4.10 23.12
C TYR G 613 36.37 3.72 21.76
N LEU G 614 36.80 4.74 21.02
CA LEU G 614 37.38 4.55 19.70
C LEU G 614 38.68 5.34 19.58
N LYS G 615 39.69 4.70 18.97
CA LYS G 615 40.94 5.35 18.57
C LYS G 615 41.33 4.76 17.23
N THR G 616 42.04 5.53 16.40
CA THR G 616 42.44 5.05 15.08
C THR G 616 43.90 5.38 14.79
N LYS G 617 44.46 4.64 13.84
CA LYS G 617 45.82 4.88 13.34
C LYS G 617 45.90 4.26 11.95
N GLY G 618 45.94 5.08 10.91
CA GLY G 618 45.90 4.56 9.56
C GLY G 618 44.52 4.00 9.26
N ASP G 619 44.46 2.77 8.79
CA ASP G 619 43.21 2.05 8.59
C ASP G 619 42.88 1.12 9.75
N PHE G 620 43.59 1.27 10.88
CA PHE G 620 43.38 0.44 12.06
C PHE G 620 42.50 1.18 13.06
N ILE G 621 41.59 0.44 13.71
CA ILE G 621 40.66 1.00 14.69
C ILE G 621 40.78 0.20 15.98
N LEU G 622 40.95 0.91 17.11
CA LEU G 622 40.97 0.28 18.42
C LEU G 622 39.63 0.56 19.11
N VAL G 623 38.93 -0.50 19.49
CA VAL G 623 37.62 -0.39 20.11
C VAL G 623 37.72 -0.82 21.57
N GLY G 624 37.23 0.03 22.46
CA GLY G 624 37.16 -0.29 23.87
C GLY G 624 35.74 -0.60 24.27
N ASP G 625 35.50 -1.78 24.83
CA ASP G 625 34.17 -2.27 25.13
C ASP G 625 33.86 -2.14 26.62
N LEU G 626 32.57 -2.22 26.93
CA LEU G 626 32.16 -2.09 28.32
C LEU G 626 32.70 -3.22 29.18
N MET G 627 32.61 -4.46 28.69
CA MET G 627 33.06 -5.60 29.49
C MET G 627 34.03 -6.53 28.78
N ARG G 628 34.18 -6.41 27.46
CA ARG G 628 34.98 -7.35 26.67
C ARG G 628 36.34 -6.78 26.31
N SER G 629 36.86 -5.87 27.12
CA SER G 629 38.22 -5.35 27.00
C SER G 629 38.32 -4.66 25.64
N VAL G 630 39.30 -4.97 24.80
CA VAL G 630 39.60 -4.19 23.62
C VAL G 630 39.70 -5.11 22.39
N LEU G 631 39.26 -4.58 21.25
CA LEU G 631 39.26 -5.27 19.97
C LEU G 631 39.97 -4.42 18.91
N LEU G 632 40.81 -5.07 18.09
CA LEU G 632 41.49 -4.43 16.97
C LEU G 632 40.72 -4.68 15.67
N LEU G 633 40.15 -3.62 15.11
CA LEU G 633 39.49 -3.67 13.82
C LEU G 633 40.42 -3.13 12.74
N ALA G 634 40.10 -3.46 11.49
CA ALA G 634 40.78 -2.90 10.33
C ALA G 634 39.73 -2.58 9.29
N TYR G 635 39.97 -1.51 8.55
CA TYR G 635 39.12 -1.13 7.43
C TYR G 635 39.75 -1.75 6.19
N LYS G 636 39.03 -2.65 5.55
CA LYS G 636 39.56 -3.27 4.34
C LYS G 636 39.12 -2.42 3.15
N PRO G 637 39.99 -1.54 2.65
CA PRO G 637 39.56 -0.61 1.60
C PRO G 637 39.11 -1.31 0.34
N MET G 638 39.77 -2.42 0.01
CA MET G 638 39.50 -3.12 -1.23
C MET G 638 38.07 -3.63 -1.31
N GLU G 639 37.49 -4.00 -0.18
CA GLU G 639 36.20 -4.67 -0.14
C GLU G 639 35.08 -3.75 0.35
N GLY G 640 35.43 -2.65 1.01
CA GLY G 640 34.47 -1.71 1.53
C GLY G 640 33.77 -2.17 2.79
N ASN G 641 34.49 -2.81 3.71
CA ASN G 641 33.91 -3.35 4.94
C ASN G 641 34.99 -3.37 6.02
N PHE G 642 34.66 -3.93 7.18
CA PHE G 642 35.53 -4.05 8.33
C PHE G 642 36.01 -5.49 8.47
N GLU G 643 37.21 -5.67 9.04
CA GLU G 643 37.73 -6.99 9.38
C GLU G 643 38.22 -7.00 10.82
N GLU G 644 37.76 -7.99 11.60
CA GLU G 644 38.29 -8.18 12.95
C GLU G 644 39.70 -8.73 12.85
N ILE G 645 40.67 -8.02 13.41
CA ILE G 645 42.06 -8.49 13.37
C ILE G 645 42.40 -9.33 14.59
N ALA G 646 42.10 -8.81 15.78
CA ALA G 646 42.48 -9.50 17.01
C ALA G 646 41.69 -8.92 18.17
N ARG G 647 41.33 -9.78 19.11
CA ARG G 647 40.56 -9.38 20.27
C ARG G 647 41.29 -9.81 21.54
N ASP G 648 41.13 -9.02 22.59
CA ASP G 648 41.57 -9.41 23.92
C ASP G 648 40.44 -10.19 24.59
N PHE G 649 40.58 -11.50 24.69
CA PHE G 649 39.49 -12.29 25.23
C PHE G 649 39.37 -12.21 26.75
N ASN G 650 40.35 -11.65 27.45
CA ASN G 650 40.18 -11.38 28.87
C ASN G 650 39.10 -10.32 29.09
N PRO G 651 38.12 -10.55 29.97
CA PRO G 651 37.10 -9.51 30.22
C PRO G 651 37.64 -8.43 31.13
N ASN G 652 37.37 -7.17 30.77
CA ASN G 652 37.78 -6.04 31.59
C ASN G 652 36.80 -4.89 31.39
N TRP G 653 36.48 -4.23 32.51
CA TRP G 653 35.65 -3.03 32.48
C TRP G 653 36.56 -1.87 32.11
N MET G 654 36.30 -1.24 30.97
CA MET G 654 37.21 -0.27 30.39
C MET G 654 36.82 1.15 30.77
N SER G 655 37.84 1.94 31.11
CA SER G 655 37.68 3.37 31.36
C SER G 655 38.21 4.23 30.21
N ALA G 656 39.22 3.75 29.49
CA ALA G 656 39.74 4.46 28.33
C ALA G 656 40.75 3.57 27.62
N VAL G 657 40.98 3.86 26.34
CA VAL G 657 41.92 3.12 25.52
C VAL G 657 42.79 4.09 24.74
N GLU G 658 43.93 3.59 24.24
CA GLU G 658 44.82 4.37 23.39
C GLU G 658 45.67 3.41 22.57
N ILE G 659 46.09 3.88 21.38
CA ILE G 659 46.99 3.15 20.51
C ILE G 659 48.40 3.68 20.74
N LEU G 660 49.34 2.79 21.06
CA LEU G 660 50.73 3.20 21.23
C LEU G 660 51.52 3.14 19.91
N ASP G 661 51.42 2.03 19.19
CA ASP G 661 52.05 1.87 17.88
C ASP G 661 51.30 0.74 17.16
N ASP G 662 51.77 0.39 15.96
CA ASP G 662 50.99 -0.54 15.13
C ASP G 662 50.78 -1.90 15.78
N ASP G 663 51.56 -2.26 16.82
CA ASP G 663 51.43 -3.56 17.46
C ASP G 663 51.02 -3.51 18.92
N ASN G 664 51.23 -2.40 19.64
CA ASN G 664 50.96 -2.31 21.07
C ASN G 664 49.74 -1.42 21.34
N PHE G 665 48.90 -1.86 22.30
CA PHE G 665 47.67 -1.16 22.66
C PHE G 665 47.53 -1.04 24.17
N LEU G 666 47.15 0.16 24.63
CA LEU G 666 47.10 0.49 26.06
C LEU G 666 45.66 0.63 26.55
N GLY G 667 45.40 0.10 27.75
CA GLY G 667 44.07 0.15 28.32
C GLY G 667 44.08 0.47 29.81
N ALA G 668 42.96 1.04 30.25
CA ALA G 668 42.71 1.38 31.65
C ALA G 668 41.37 0.78 32.06
N GLU G 669 41.32 0.19 33.26
CA GLU G 669 40.13 -0.50 33.74
C GLU G 669 39.55 0.17 34.98
N ASN G 670 38.30 -0.16 35.28
CA ASN G 670 37.59 0.44 36.41
C ASN G 670 38.12 0.00 37.77
N ALA G 671 39.14 -0.86 37.79
CA ALA G 671 39.80 -1.29 39.02
C ALA G 671 41.11 -0.58 39.28
N PHE G 672 41.37 0.52 38.59
CA PHE G 672 42.60 1.29 38.75
C PHE G 672 43.82 0.56 38.18
N ASN G 673 43.64 -0.13 37.05
CA ASN G 673 44.72 -0.89 36.42
C ASN G 673 44.97 -0.48 34.98
N LEU G 674 46.22 -0.63 34.56
CA LEU G 674 46.67 -0.40 33.19
C LEU G 674 47.16 -1.71 32.61
N PHE G 675 46.94 -1.92 31.31
CA PHE G 675 47.44 -3.13 30.66
C PHE G 675 47.75 -2.82 29.20
N VAL G 676 48.63 -3.63 28.61
CA VAL G 676 49.02 -3.49 27.21
C VAL G 676 48.80 -4.83 26.51
N CYS G 677 48.17 -4.79 25.34
CA CYS G 677 47.91 -5.95 24.51
C CYS G 677 48.77 -5.86 23.25
N GLN G 678 49.25 -7.00 22.75
CA GLN G 678 50.09 -7.02 21.57
C GLN G 678 49.56 -8.05 20.58
N LYS G 679 49.60 -7.68 19.29
CA LYS G 679 49.27 -8.62 18.23
C LYS G 679 50.29 -9.75 18.27
N ASP G 680 49.83 -10.99 18.13
CA ASP G 680 50.79 -12.10 18.16
C ASP G 680 51.70 -12.06 16.94
N SER G 681 52.42 -10.94 16.75
CA SER G 681 53.32 -10.80 15.62
C SER G 681 52.60 -11.13 14.32
N ALA G 682 53.22 -11.93 13.46
CA ALA G 682 52.62 -12.35 12.19
C ALA G 682 52.67 -13.87 12.14
N ALA G 683 51.94 -14.50 13.05
CA ALA G 683 51.99 -15.95 13.19
C ALA G 683 51.40 -16.64 11.97
N THR G 684 51.75 -17.92 11.81
CA THR G 684 51.24 -18.77 10.75
C THR G 684 49.89 -19.39 11.10
N THR G 685 49.40 -19.18 12.31
CA THR G 685 48.14 -19.75 12.76
C THR G 685 47.14 -18.60 12.87
N ASP G 686 46.00 -18.75 12.21
CA ASP G 686 44.98 -17.70 12.26
C ASP G 686 44.44 -17.52 13.67
N GLU G 687 44.40 -18.59 14.46
CA GLU G 687 43.94 -18.45 15.84
C GLU G 687 44.91 -17.62 16.66
N GLU G 688 46.22 -17.78 16.41
CA GLU G 688 47.19 -16.95 17.09
C GLU G 688 47.06 -15.49 16.66
N ARG G 689 46.84 -15.24 15.36
CA ARG G 689 46.80 -13.85 14.91
C ARG G 689 45.55 -13.11 15.43
N GLN G 690 44.46 -13.83 15.69
CA GLN G 690 43.20 -13.26 16.15
C GLN G 690 43.16 -13.12 17.65
N HIS G 691 44.28 -13.41 18.32
CA HIS G 691 44.42 -13.34 19.76
C HIS G 691 45.34 -12.18 20.17
N LEU G 692 44.76 -11.17 20.79
CA LEU G 692 45.55 -10.16 21.50
C LEU G 692 46.03 -10.71 22.85
N GLN G 693 47.33 -10.62 23.08
CA GLN G 693 47.94 -11.11 24.30
C GLN G 693 48.22 -9.95 25.24
N GLU G 694 47.71 -10.03 26.46
CA GLU G 694 48.04 -9.01 27.46
C GLU G 694 49.49 -9.20 27.85
N VAL G 695 50.33 -8.23 27.46
CA VAL G 695 51.77 -8.33 27.66
C VAL G 695 52.28 -7.39 28.74
N GLY G 696 51.52 -6.37 29.11
CA GLY G 696 51.89 -5.47 30.18
C GLY G 696 50.78 -5.35 31.20
N LEU G 697 51.13 -5.44 32.47
CA LEU G 697 50.17 -5.31 33.56
C LEU G 697 50.73 -4.40 34.64
N PHE G 698 49.92 -3.45 35.10
CA PHE G 698 50.38 -2.48 36.08
C PHE G 698 49.19 -1.89 36.79
N HIS G 699 49.27 -1.86 38.13
CA HIS G 699 48.25 -1.23 38.96
C HIS G 699 48.62 0.24 39.09
N LEU G 700 47.90 1.11 38.39
CA LEU G 700 48.19 2.54 38.47
C LEU G 700 47.80 3.10 39.83
N GLY G 701 46.66 2.64 40.36
CA GLY G 701 46.10 3.19 41.56
C GLY G 701 45.16 4.34 41.33
N GLU G 702 44.95 4.72 40.08
CA GLU G 702 44.08 5.82 39.69
C GLU G 702 43.16 5.41 38.57
N PHE G 703 42.11 6.20 38.38
CA PHE G 703 41.07 5.97 37.39
C PHE G 703 41.33 6.85 36.18
N VAL G 704 41.68 6.23 35.05
CA VAL G 704 42.03 6.98 33.84
C VAL G 704 40.77 7.19 33.01
N ASN G 705 40.42 8.46 32.78
CA ASN G 705 39.27 8.83 31.94
C ASN G 705 39.66 9.19 30.52
N VAL G 706 40.84 9.75 30.30
CA VAL G 706 41.22 10.28 28.99
C VAL G 706 42.70 9.96 28.73
N PHE G 707 42.97 9.35 27.58
CA PHE G 707 44.32 9.15 27.05
C PHE G 707 44.56 10.11 25.89
N CYS G 708 45.74 10.75 25.87
CA CYS G 708 46.03 11.76 24.87
C CYS G 708 47.49 11.76 24.47
N HIS G 709 47.74 11.62 23.16
CA HIS G 709 49.10 11.72 22.63
C HIS G 709 49.58 13.17 22.71
N GLY G 710 50.80 13.36 23.19
CA GLY G 710 51.39 14.69 23.29
C GLY G 710 52.33 14.75 24.48
N SER G 711 53.05 15.87 24.56
CA SER G 711 53.87 16.13 25.74
C SER G 711 53.91 17.63 26.04
N LEU G 712 54.14 17.95 27.33
CA LEU G 712 54.23 19.33 27.78
C LEU G 712 55.67 19.83 27.78
N VAL G 713 56.65 18.96 27.48
CA VAL G 713 58.04 19.36 27.36
C VAL G 713 58.32 19.89 25.96
N MET G 714 59.36 20.72 25.86
CA MET G 714 59.81 21.25 24.58
C MET G 714 60.18 20.11 23.62
N GLN G 715 59.74 20.24 22.37
CA GLN G 715 59.98 19.24 21.34
C GLN G 715 61.01 19.74 20.34
N ASN G 716 62.13 19.02 20.21
CA ASN G 716 63.19 19.44 19.30
C ASN G 716 63.08 18.77 17.92
N LEU G 717 63.23 19.58 16.86
CA LEU G 717 63.20 19.04 15.51
C LEU G 717 64.41 18.17 15.21
N GLY G 718 65.51 18.38 15.94
CA GLY G 718 66.70 17.58 15.76
C GLY G 718 66.58 16.23 16.43
N GLU G 719 66.88 15.18 15.67
CA GLU G 719 66.76 13.81 16.18
C GLU G 719 67.84 13.50 17.20
N THR G 720 67.41 13.06 18.38
CA THR G 720 68.27 12.62 19.47
C THR G 720 67.78 11.25 19.92
N SER G 721 68.71 10.29 20.06
CA SER G 721 68.30 8.93 20.40
C SER G 721 67.97 8.91 21.89
N THR G 722 66.74 9.30 22.20
CA THR G 722 66.26 9.31 23.57
C THR G 722 65.92 7.89 24.01
N PRO G 723 66.05 7.58 25.31
CA PRO G 723 65.64 6.23 25.76
C PRO G 723 64.15 5.96 25.59
N THR G 724 63.32 6.94 25.91
CA THR G 724 61.88 6.82 25.78
C THR G 724 61.44 7.12 24.35
N GLN G 725 60.48 6.35 23.85
CA GLN G 725 59.87 6.58 22.54
C GLN G 725 58.37 6.73 22.71
N GLY G 726 57.82 7.84 22.22
CA GLY G 726 56.40 8.11 22.30
C GLY G 726 56.00 8.86 23.57
N SER G 727 54.82 9.46 23.52
CA SER G 727 54.30 10.19 24.67
C SER G 727 52.78 10.14 24.67
N VAL G 728 52.21 9.53 25.71
CA VAL G 728 50.77 9.48 25.95
C VAL G 728 50.52 10.07 27.32
N LEU G 729 49.69 11.10 27.37
CA LEU G 729 49.26 11.71 28.63
C LEU G 729 47.91 11.16 29.03
N PHE G 730 47.72 10.96 30.33
CA PHE G 730 46.45 10.43 30.84
C PHE G 730 45.98 11.24 32.03
N GLY G 731 44.65 11.40 32.13
CA GLY G 731 44.02 12.17 33.19
C GLY G 731 43.19 11.24 34.07
N THR G 732 43.20 11.48 35.37
CA THR G 732 42.57 10.59 36.33
C THR G 732 41.45 11.32 37.06
N VAL G 733 40.65 10.55 37.81
CA VAL G 733 39.53 11.14 38.53
C VAL G 733 40.04 11.98 39.70
N ASN G 734 41.12 11.55 40.33
CA ASN G 734 41.66 12.23 41.50
C ASN G 734 42.58 13.39 41.12
N GLY G 735 42.57 13.77 39.84
CA GLY G 735 43.35 14.90 39.35
C GLY G 735 44.77 14.62 38.91
N MET G 736 45.30 13.42 39.15
CA MET G 736 46.64 13.07 38.71
C MET G 736 46.74 13.02 37.20
N ILE G 737 47.82 13.59 36.67
CA ILE G 737 48.15 13.53 35.25
C ILE G 737 49.49 12.80 35.11
N GLY G 738 49.55 11.82 34.20
CA GLY G 738 50.70 10.97 34.04
C GLY G 738 51.05 10.73 32.59
N LEU G 739 52.18 10.04 32.39
CA LEU G 739 52.73 9.77 31.07
C LEU G 739 53.13 8.31 30.95
N VAL G 740 52.79 7.72 29.81
CA VAL G 740 53.18 6.36 29.45
C VAL G 740 54.10 6.48 28.25
N THR G 741 55.28 5.86 28.33
CA THR G 741 56.24 5.90 27.22
C THR G 741 56.86 4.53 27.04
N SER G 742 57.35 4.28 25.83
CA SER G 742 57.90 2.98 25.46
C SER G 742 59.41 2.98 25.62
N LEU G 743 59.96 1.80 25.89
CA LEU G 743 61.39 1.62 26.07
C LEU G 743 61.92 0.55 25.13
N SER G 744 63.24 0.55 24.92
CA SER G 744 63.91 -0.56 24.27
C SER G 744 64.13 -1.69 25.29
N GLU G 745 64.30 -2.91 24.79
CA GLU G 745 64.49 -4.03 25.70
C GLU G 745 65.66 -3.78 26.65
N SER G 746 66.77 -3.24 26.13
CA SER G 746 67.92 -2.95 26.98
C SER G 746 67.55 -1.97 28.09
N TRP G 747 66.76 -0.95 27.75
CA TRP G 747 66.43 0.08 28.72
C TRP G 747 65.50 -0.45 29.80
N TYR G 748 64.53 -1.29 29.41
CA TYR G 748 63.67 -1.94 30.38
C TYR G 748 64.50 -2.75 31.38
N ASN G 749 65.33 -3.65 30.87
CA ASN G 749 66.09 -4.52 31.75
C ASN G 749 66.93 -3.73 32.74
N LEU G 750 67.58 -2.65 32.28
CA LEU G 750 68.34 -1.82 33.20
C LEU G 750 67.45 -1.25 34.29
N LEU G 751 66.34 -0.62 33.88
CA LEU G 751 65.47 0.05 34.83
C LEU G 751 64.78 -0.93 35.76
N LEU G 752 64.38 -2.09 35.24
CA LEU G 752 63.78 -3.11 36.10
C LEU G 752 64.76 -3.58 37.15
N ASP G 753 66.00 -3.88 36.74
CA ASP G 753 67.02 -4.28 37.69
C ASP G 753 67.24 -3.19 38.74
N MET G 754 67.14 -1.93 38.32
CA MET G 754 67.29 -0.84 39.28
C MET G 754 66.12 -0.81 40.25
N GLN G 755 64.90 -1.06 39.77
CA GLN G 755 63.75 -1.06 40.67
C GLN G 755 63.90 -2.09 41.78
N ASN G 756 64.12 -3.36 41.39
CA ASN G 756 64.27 -4.43 42.38
C ASN G 756 65.43 -4.13 43.31
N ARG G 757 66.45 -3.42 42.84
CA ARG G 757 67.50 -2.96 43.72
C ARG G 757 67.01 -1.81 44.59
N LEU G 758 66.28 -0.86 43.99
CA LEU G 758 65.79 0.29 44.74
C LEU G 758 64.84 -0.15 45.85
N ASN G 759 64.02 -1.17 45.59
CA ASN G 759 63.03 -1.59 46.57
C ASN G 759 63.69 -2.18 47.81
N LYS G 760 64.85 -2.82 47.65
CA LYS G 760 65.57 -3.33 48.83
C LYS G 760 66.12 -2.19 49.66
N VAL G 761 66.36 -1.03 49.05
CA VAL G 761 66.98 0.11 49.73
C VAL G 761 65.95 1.01 50.39
N ILE G 762 64.86 1.29 49.70
CA ILE G 762 63.93 2.36 50.09
C ILE G 762 62.93 1.84 51.10
N LYS G 763 62.71 2.61 52.17
CA LYS G 763 61.70 2.31 53.17
C LYS G 763 60.39 3.00 52.82
N SER G 764 59.33 2.21 52.69
CA SER G 764 58.00 2.71 52.37
C SER G 764 57.20 2.93 53.65
N VAL G 765 56.30 3.92 53.63
CA VAL G 765 55.42 4.12 54.76
C VAL G 765 54.47 2.93 54.88
N GLY G 766 54.37 2.38 56.10
CA GLY G 766 53.60 1.19 56.34
C GLY G 766 54.29 -0.11 56.02
N LYS G 767 55.55 -0.08 55.60
CA LYS G 767 56.29 -1.29 55.25
C LYS G 767 55.52 -2.10 54.20
N ILE G 768 55.03 -1.41 53.17
CA ILE G 768 54.30 -2.03 52.07
C ILE G 768 55.27 -2.39 50.95
N GLU G 769 55.26 -3.66 50.55
CA GLU G 769 56.08 -4.12 49.43
C GLU G 769 55.65 -3.44 48.13
N HIS G 770 56.63 -2.86 47.42
CA HIS G 770 56.33 -2.18 46.16
C HIS G 770 55.75 -3.15 45.14
N SER G 771 56.30 -4.36 45.07
CA SER G 771 55.77 -5.34 44.12
C SER G 771 54.29 -5.62 44.37
N PHE G 772 53.88 -5.64 45.63
CA PHE G 772 52.47 -5.86 45.98
C PHE G 772 51.60 -4.70 45.50
N TRP G 773 52.01 -3.47 45.81
CA TRP G 773 51.22 -2.30 45.45
C TRP G 773 50.96 -2.23 43.95
N ARG G 774 52.00 -2.41 43.15
CA ARG G 774 51.86 -2.28 41.71
C ARG G 774 51.35 -3.56 41.04
N SER G 775 51.09 -4.62 41.78
CA SER G 775 50.52 -5.81 41.18
C SER G 775 49.10 -5.54 40.70
N PHE G 776 48.80 -6.04 39.50
CA PHE G 776 47.46 -5.98 38.94
C PHE G 776 46.43 -6.51 39.92
N HIS G 777 45.33 -5.79 40.09
CA HIS G 777 44.40 -6.17 41.14
C HIS G 777 42.95 -5.84 40.81
N THR G 778 42.13 -6.88 40.81
CA THR G 778 40.67 -6.79 40.81
C THR G 778 40.17 -7.56 42.03
N GLU G 779 38.88 -7.43 42.35
CA GLU G 779 38.35 -8.22 43.45
C GLU G 779 38.55 -9.71 43.23
N ARG G 780 38.66 -10.15 41.98
CA ARG G 780 38.72 -11.58 41.69
C ARG G 780 40.12 -12.10 41.34
N LYS G 781 41.03 -11.28 40.84
CA LYS G 781 42.37 -11.79 40.54
C LYS G 781 43.42 -10.78 40.94
N THR G 782 44.63 -11.29 41.17
CA THR G 782 45.81 -10.49 41.48
C THR G 782 47.01 -11.14 40.83
N GLU G 783 47.70 -10.39 39.94
CA GLU G 783 48.88 -10.86 39.24
C GLU G 783 49.99 -9.84 39.42
N PRO G 784 51.25 -10.28 39.43
CA PRO G 784 52.36 -9.32 39.51
C PRO G 784 52.50 -8.48 38.26
N ALA G 785 52.93 -7.23 38.46
CA ALA G 785 53.09 -6.32 37.33
C ALA G 785 54.13 -6.84 36.35
N THR G 786 53.94 -6.51 35.07
CA THR G 786 54.86 -6.93 34.03
C THR G 786 54.82 -5.93 32.89
N GLY G 787 55.98 -5.68 32.29
CA GLY G 787 56.06 -4.79 31.15
C GLY G 787 56.01 -3.32 31.47
N PHE G 788 56.07 -2.96 32.75
CA PHE G 788 55.91 -1.59 33.20
C PHE G 788 56.99 -1.21 34.21
N ILE G 789 57.60 -0.05 34.03
CA ILE G 789 58.55 0.53 34.97
C ILE G 789 57.85 1.64 35.73
N ASP G 790 57.84 1.56 37.06
CA ASP G 790 57.30 2.64 37.88
C ASP G 790 58.26 3.81 37.80
N GLY G 791 57.98 4.76 36.91
CA GLY G 791 58.91 5.86 36.71
C GLY G 791 59.17 6.65 37.98
N ASP G 792 58.17 6.78 38.83
CA ASP G 792 58.32 7.50 40.09
C ASP G 792 59.31 6.80 41.00
N LEU G 793 59.41 5.47 40.92
CA LEU G 793 60.43 4.76 41.67
C LEU G 793 61.82 5.03 41.10
N ILE G 794 61.96 5.01 39.79
CA ILE G 794 63.25 5.28 39.17
C ILE G 794 63.72 6.69 39.48
N GLU G 795 62.81 7.66 39.42
CA GLU G 795 63.15 9.06 39.68
C GLU G 795 63.36 9.36 41.16
N SER G 796 63.21 8.37 42.02
CA SER G 796 63.55 8.55 43.43
C SER G 796 65.03 8.28 43.70
N PHE G 797 65.72 7.61 42.77
CA PHE G 797 67.16 7.39 42.87
C PHE G 797 67.92 8.70 43.07
N LEU G 798 67.46 9.79 42.45
CA LEU G 798 68.16 11.05 42.58
C LEU G 798 68.04 11.66 43.98
N ASP G 799 67.12 11.16 44.80
CA ASP G 799 66.88 11.71 46.11
C ASP G 799 67.40 10.83 47.24
N ILE G 800 68.03 9.66 46.91
CA ILE G 800 68.55 8.78 47.95
C ILE G 800 69.96 9.21 48.29
N SER G 801 70.40 8.90 49.50
CA SER G 801 71.74 9.28 49.94
C SER G 801 72.80 8.54 49.11
N ARG G 802 73.99 9.12 49.05
CA ARG G 802 75.05 8.51 48.26
C ARG G 802 75.36 7.08 48.73
N PRO G 803 75.44 6.78 50.03
CA PRO G 803 75.70 5.38 50.43
C PRO G 803 74.74 4.40 49.78
N LYS G 804 73.46 4.76 49.71
CA LYS G 804 72.47 3.88 49.10
C LYS G 804 72.63 3.81 47.60
N MET G 805 73.05 4.91 46.97
CA MET G 805 73.32 4.87 45.54
C MET G 805 74.33 3.77 45.23
N GLN G 806 75.34 3.62 46.10
CA GLN G 806 76.38 2.64 45.88
C GLN G 806 75.86 1.22 46.04
N GLU G 807 74.94 1.00 46.98
CA GLU G 807 74.34 -0.33 47.11
C GLU G 807 73.56 -0.68 45.85
N VAL G 808 73.00 0.33 45.17
CA VAL G 808 72.23 0.09 43.95
C VAL G 808 73.15 -0.30 42.79
N VAL G 809 74.30 0.38 42.66
CA VAL G 809 75.15 0.13 41.50
C VAL G 809 76.10 -1.04 41.69
N ALA G 810 76.18 -1.60 42.90
CA ALA G 810 77.05 -2.75 43.13
C ALA G 810 76.65 -3.88 42.20
N ASN G 811 77.63 -4.45 41.50
CA ASN G 811 77.42 -5.60 40.64
C ASN G 811 76.51 -5.30 39.46
N LEU G 812 76.42 -4.03 39.06
CA LEU G 812 75.54 -3.60 37.98
C LEU G 812 76.31 -3.33 36.70
N GLN G 813 75.75 -3.78 35.57
CA GLN G 813 76.37 -3.62 34.26
C GLN G 813 75.48 -2.78 33.35
N TYR G 814 76.05 -1.68 32.85
CA TYR G 814 75.43 -0.73 31.94
C TYR G 814 76.21 -0.71 30.63
N ASP G 815 75.56 -0.25 29.56
CA ASP G 815 76.16 -0.26 28.24
C ASP G 815 76.17 1.14 27.65
N ASP G 816 77.35 1.57 27.18
CA ASP G 816 77.57 2.85 26.51
C ASP G 816 78.11 2.52 25.12
N GLY G 817 77.17 2.30 24.19
CA GLY G 817 77.53 1.75 22.89
C GLY G 817 76.80 0.44 22.69
N SER G 818 77.20 -0.35 21.72
CA SER G 818 76.67 -1.68 21.49
C SER G 818 77.75 -2.70 21.82
N GLY G 819 77.51 -3.49 22.86
CA GLY G 819 78.45 -4.49 23.31
C GLY G 819 79.53 -3.99 24.24
N MET G 820 79.49 -2.72 24.62
CA MET G 820 80.51 -2.13 25.49
C MET G 820 80.05 -2.22 26.94
N LYS G 821 79.81 -3.46 27.37
CA LYS G 821 79.40 -3.69 28.75
C LYS G 821 80.38 -3.12 29.76
N ARG G 822 79.85 -2.22 30.60
CA ARG G 822 80.60 -1.53 31.64
C ARG G 822 79.88 -1.69 32.97
N GLU G 823 80.63 -2.02 34.04
CA GLU G 823 80.00 -1.97 35.36
C GLU G 823 79.58 -0.53 35.61
N ALA G 824 78.37 -0.37 36.13
CA ALA G 824 77.80 0.96 36.23
C ALA G 824 78.30 1.60 37.51
N THR G 825 78.59 2.89 37.44
CA THR G 825 78.97 3.72 38.55
C THR G 825 77.77 4.59 38.92
N ALA G 826 77.79 5.13 40.13
CA ALA G 826 76.69 6.01 40.53
C ALA G 826 76.52 7.16 39.55
N ASP G 827 77.62 7.64 38.96
CA ASP G 827 77.49 8.72 37.98
C ASP G 827 76.83 8.25 36.70
N ASP G 828 77.05 6.99 36.30
CA ASP G 828 76.37 6.49 35.10
C ASP G 828 74.86 6.46 35.31
N LEU G 829 74.41 5.99 36.47
CA LEU G 829 72.97 5.90 36.70
C LEU G 829 72.34 7.28 36.93
N ILE G 830 73.05 8.19 37.60
CA ILE G 830 72.47 9.51 37.82
C ILE G 830 72.20 10.20 36.49
N LYS G 831 73.08 10.00 35.51
CA LYS G 831 72.83 10.53 34.18
C LYS G 831 71.63 9.82 33.54
N VAL G 832 71.50 8.51 33.75
CA VAL G 832 70.38 7.78 33.19
C VAL G 832 69.06 8.32 33.75
N VAL G 833 68.97 8.46 35.06
CA VAL G 833 67.72 8.90 35.68
C VAL G 833 67.41 10.35 35.30
N GLU G 834 68.42 11.22 35.32
CA GLU G 834 68.17 12.64 35.02
C GLU G 834 67.64 12.81 33.60
N GLU G 835 68.15 12.03 32.63
CA GLU G 835 67.60 12.13 31.28
C GLU G 835 66.13 11.71 31.24
N LEU G 836 65.77 10.70 32.05
CA LEU G 836 64.38 10.25 32.09
C LEU G 836 63.46 11.30 32.71
N THR G 837 63.97 12.14 33.62
CA THR G 837 63.14 13.18 34.21
C THR G 837 62.80 14.31 33.24
N ARG G 838 63.33 14.29 32.03
CA ARG G 838 63.11 15.37 31.09
C ARG G 838 61.82 15.22 30.31
N ILE G 839 61.15 14.08 30.46
CA ILE G 839 59.91 13.80 29.74
C ILE G 839 58.65 14.31 30.45
N HIS G 840 58.71 14.59 31.74
CA HIS G 840 57.53 15.02 32.48
C HIS G 840 57.70 16.46 32.98
N THR H 7 15.70 -32.59 5.10
CA THR H 7 14.84 -32.69 6.28
C THR H 7 15.52 -32.06 7.48
N GLU H 8 14.80 -32.01 8.60
CA GLU H 8 15.34 -31.42 9.82
C GLU H 8 16.54 -32.18 10.37
N SER H 9 16.74 -33.43 9.93
CA SER H 9 17.74 -34.31 10.55
C SER H 9 19.06 -34.39 9.79
N ASP H 10 19.11 -33.95 8.53
CA ASP H 10 20.27 -34.19 7.67
C ASP H 10 21.33 -33.13 7.95
N TRP H 11 22.03 -33.33 9.06
CA TRP H 11 23.07 -32.42 9.51
C TRP H 11 24.35 -32.61 8.68
N GLY H 12 25.19 -31.60 8.70
CA GLY H 12 26.47 -31.66 8.04
C GLY H 12 26.44 -31.35 6.56
N LYS H 13 25.26 -31.17 5.97
CA LYS H 13 25.12 -30.93 4.54
C LYS H 13 24.92 -29.46 4.23
N ARG H 14 24.05 -28.78 4.96
CA ARG H 14 23.80 -27.37 4.73
C ARG H 14 25.06 -26.54 4.97
N CYS H 15 25.24 -25.52 4.14
CA CYS H 15 26.46 -24.72 4.14
C CYS H 15 26.37 -23.57 5.13
N VAL H 16 27.55 -23.18 5.65
CA VAL H 16 27.64 -22.03 6.54
C VAL H 16 27.38 -20.72 5.82
N ASP H 17 27.25 -20.73 4.50
CA ASP H 17 26.82 -19.55 3.77
C ASP H 17 25.49 -19.01 4.28
N LYS H 18 24.66 -19.87 4.85
CA LYS H 18 23.34 -19.49 5.34
C LYS H 18 23.42 -18.62 6.59
N PHE H 19 24.63 -18.35 7.10
CA PHE H 19 24.83 -17.48 8.25
C PHE H 19 25.75 -16.30 7.91
N ASP H 20 25.36 -15.12 8.37
CA ASP H 20 26.24 -13.94 8.34
C ASP H 20 27.08 -13.88 9.59
N ILE H 21 28.40 -13.98 9.45
CA ILE H 21 29.29 -14.01 10.61
C ILE H 21 29.42 -12.60 11.18
N ILE H 22 29.07 -12.45 12.46
CA ILE H 22 29.14 -11.16 13.15
C ILE H 22 30.50 -10.89 13.75
N GLY H 23 31.11 -11.90 14.34
CA GLY H 23 32.42 -11.74 14.96
C GLY H 23 32.73 -12.93 15.84
N ILE H 24 33.91 -12.88 16.43
CA ILE H 24 34.44 -13.99 17.23
C ILE H 24 34.15 -13.69 18.70
N ILE H 25 33.31 -14.54 19.32
CA ILE H 25 32.91 -14.29 20.71
C ILE H 25 33.94 -14.86 21.70
N GLY H 26 34.59 -15.96 21.36
CA GLY H 26 35.52 -16.56 22.30
C GLY H 26 36.34 -17.65 21.65
N GLU H 27 37.29 -18.16 22.41
CA GLU H 27 38.14 -19.28 21.99
C GLU H 27 37.69 -20.56 22.68
N GLY H 28 37.51 -21.61 21.89
CA GLY H 28 37.07 -22.89 22.42
C GLY H 28 38.21 -23.91 22.43
N THR H 29 37.85 -25.13 22.79
CA THR H 29 38.88 -26.14 22.96
C THR H 29 39.39 -26.62 21.61
N TYR H 30 38.47 -26.88 20.68
CA TYR H 30 38.80 -27.48 19.40
C TYR H 30 38.74 -26.52 18.22
N GLY H 31 38.50 -25.23 18.46
CA GLY H 31 38.36 -24.27 17.39
C GLY H 31 37.79 -22.98 17.95
N GLN H 32 37.70 -21.99 17.08
CA GLN H 32 37.16 -20.69 17.51
C GLN H 32 35.64 -20.70 17.53
N VAL H 33 35.08 -19.86 18.39
CA VAL H 33 33.64 -19.71 18.57
C VAL H 33 33.21 -18.37 18.01
N TYR H 34 32.24 -18.38 17.11
CA TYR H 34 31.79 -17.16 16.44
C TYR H 34 30.30 -16.90 16.72
N LYS H 35 29.94 -15.63 16.76
CA LYS H 35 28.54 -15.19 16.81
C LYS H 35 28.06 -14.96 15.38
N ALA H 36 26.82 -15.32 15.09
CA ALA H 36 26.33 -15.22 13.73
C ALA H 36 24.82 -15.02 13.71
N LYS H 37 24.33 -14.56 12.56
CA LYS H 37 22.90 -14.36 12.32
C LYS H 37 22.47 -15.25 11.16
N ASP H 38 21.37 -15.99 11.38
CA ASP H 38 20.82 -16.83 10.33
C ASP H 38 20.14 -15.96 9.26
N LYS H 39 20.50 -16.18 7.99
CA LYS H 39 19.99 -15.34 6.92
C LYS H 39 18.49 -15.52 6.70
N ASP H 40 17.97 -16.73 6.91
CA ASP H 40 16.56 -16.97 6.64
C ASP H 40 15.68 -16.55 7.81
N THR H 41 16.05 -16.97 9.02
CA THR H 41 15.20 -16.76 10.19
C THR H 41 15.54 -15.49 10.97
N GLY H 42 16.79 -15.04 10.91
CA GLY H 42 17.23 -13.91 11.72
C GLY H 42 17.69 -14.27 13.11
N GLU H 43 17.60 -15.52 13.51
CA GLU H 43 18.02 -15.92 14.85
C GLU H 43 19.52 -15.71 15.03
N LEU H 44 19.91 -15.37 16.25
CA LEU H 44 21.33 -15.32 16.57
C LEU H 44 21.76 -16.71 17.01
N VAL H 45 22.92 -17.14 16.50
CA VAL H 45 23.47 -18.46 16.79
C VAL H 45 24.92 -18.25 17.20
N ALA H 46 25.52 -19.30 17.74
CA ALA H 46 26.94 -19.33 18.02
C ALA H 46 27.53 -20.53 17.29
N LEU H 47 28.58 -20.30 16.51
CA LEU H 47 29.22 -21.32 15.70
C LEU H 47 30.55 -21.69 16.32
N LYS H 48 30.72 -22.96 16.67
CA LYS H 48 32.02 -23.49 17.07
C LYS H 48 32.63 -24.16 15.85
N LYS H 49 33.79 -23.67 15.40
CA LYS H 49 34.42 -24.19 14.21
C LYS H 49 35.22 -25.43 14.61
N VAL H 50 35.00 -26.53 13.92
CA VAL H 50 35.76 -27.76 14.13
C VAL H 50 36.67 -27.91 12.93
N ARG H 51 37.97 -27.86 13.16
CA ARG H 51 38.94 -27.83 12.08
C ARG H 51 39.57 -29.21 11.93
N LEU H 52 39.30 -29.84 10.79
CA LEU H 52 39.98 -31.07 10.43
C LEU H 52 41.18 -30.79 9.54
N ASP H 53 41.53 -29.51 9.36
CA ASP H 53 42.68 -29.17 8.53
C ASP H 53 43.98 -29.62 9.18
N ASN H 54 44.09 -29.58 10.51
CA ASN H 54 45.29 -30.14 11.15
C ASN H 54 45.38 -31.64 10.86
N GLU H 55 44.25 -32.34 10.93
CA GLU H 55 44.14 -33.73 10.52
C GLU H 55 45.15 -34.62 11.24
N LYS H 56 45.61 -34.18 12.41
CA LYS H 56 46.49 -35.00 13.23
C LYS H 56 45.87 -36.35 13.51
N GLU H 57 44.65 -36.34 14.05
CA GLU H 57 43.87 -37.56 14.28
C GLU H 57 42.46 -37.38 13.73
N GLY H 58 42.29 -36.52 12.74
CA GLY H 58 40.99 -36.36 12.13
C GLY H 58 40.05 -35.54 13.01
N PHE H 59 38.76 -35.85 12.90
CA PHE H 59 37.75 -35.10 13.64
C PHE H 59 38.05 -35.16 15.14
N PRO H 60 38.12 -34.01 15.82
CA PRO H 60 38.48 -34.03 17.25
C PRO H 60 37.45 -34.78 18.09
N ILE H 61 37.96 -35.57 19.04
CA ILE H 61 37.06 -36.30 19.92
C ILE H 61 36.34 -35.32 20.87
N THR H 62 37.00 -34.22 21.25
CA THR H 62 36.35 -33.23 22.10
C THR H 62 35.01 -32.79 21.50
N ALA H 63 34.96 -32.61 20.18
CA ALA H 63 33.71 -32.26 19.51
C ALA H 63 32.81 -33.49 19.32
N ILE H 64 33.40 -34.64 18.99
CA ILE H 64 32.64 -35.88 18.87
C ILE H 64 31.85 -36.11 20.15
N ARG H 65 32.48 -35.88 21.30
CA ARG H 65 31.76 -36.03 22.56
C ARG H 65 30.61 -35.03 22.64
N GLU H 66 30.87 -33.77 22.32
CA GLU H 66 29.85 -32.75 22.49
C GLU H 66 28.69 -32.98 21.52
N ILE H 67 28.98 -33.57 20.35
CA ILE H 67 27.92 -33.90 19.39
C ILE H 67 27.15 -35.13 19.85
N LYS H 68 27.89 -36.20 20.21
CA LYS H 68 27.27 -37.43 20.65
C LYS H 68 26.35 -37.18 21.83
N ILE H 69 26.79 -36.36 22.78
CA ILE H 69 26.06 -36.21 24.04
C ILE H 69 24.93 -35.21 23.91
N LEU H 70 25.16 -34.07 23.25
CA LEU H 70 24.15 -33.02 23.24
C LEU H 70 22.99 -33.32 22.31
N ARG H 71 23.14 -34.23 21.36
CA ARG H 71 21.97 -34.71 20.61
C ARG H 71 21.13 -35.69 21.43
N GLN H 72 21.69 -36.19 22.55
CA GLN H 72 20.94 -37.01 23.48
C GLN H 72 20.20 -36.17 24.52
N LEU H 73 20.78 -35.06 24.94
CA LEU H 73 20.26 -34.27 26.05
C LEU H 73 19.34 -33.16 25.58
N ILE H 74 18.12 -33.12 26.13
CA ILE H 74 17.14 -32.09 25.84
C ILE H 74 16.63 -31.56 27.18
N HIS H 75 17.18 -30.43 27.62
CA HIS H 75 16.73 -29.78 28.85
C HIS H 75 16.83 -28.27 28.70
N ARG H 76 15.99 -27.56 29.48
CA ARG H 76 16.00 -26.10 29.41
C ARG H 76 17.36 -25.54 29.80
N SER H 77 18.05 -26.18 30.72
CA SER H 77 19.30 -25.68 31.27
C SER H 77 20.52 -26.33 30.65
N VAL H 78 20.36 -27.11 29.58
CA VAL H 78 21.48 -27.67 28.82
C VAL H 78 21.48 -27.00 27.45
N VAL H 79 22.69 -26.66 26.95
CA VAL H 79 22.75 -25.90 25.71
C VAL H 79 22.22 -26.77 24.56
N ASN H 80 21.59 -26.14 23.60
CA ASN H 80 20.93 -26.85 22.52
C ASN H 80 21.78 -26.73 21.26
N MET H 81 22.26 -27.86 20.77
CA MET H 81 22.91 -27.90 19.47
C MET H 81 21.82 -27.99 18.42
N LYS H 82 21.77 -26.99 17.53
CA LYS H 82 20.72 -26.85 16.54
C LYS H 82 21.00 -27.60 15.25
N GLU H 83 22.21 -27.53 14.72
CA GLU H 83 22.57 -28.30 13.54
C GLU H 83 24.07 -28.19 13.34
N ILE H 84 24.58 -28.91 12.33
CA ILE H 84 25.98 -28.85 11.92
C ILE H 84 26.04 -28.48 10.45
N VAL H 85 26.84 -27.47 10.14
CA VAL H 85 27.01 -26.95 8.79
C VAL H 85 28.49 -27.05 8.42
N THR H 86 28.78 -26.88 7.13
CA THR H 86 30.11 -27.12 6.60
C THR H 86 30.56 -25.93 5.77
N ASP H 87 31.88 -25.79 5.63
CA ASP H 87 32.42 -24.84 4.68
C ASP H 87 32.07 -25.29 3.26
N LYS H 88 32.03 -24.32 2.34
CA LYS H 88 31.67 -24.63 0.97
C LYS H 88 32.60 -25.69 0.40
N GLN H 89 32.02 -26.77 -0.11
CA GLN H 89 32.81 -27.87 -0.67
C GLN H 89 33.14 -27.52 -2.13
N ASP H 90 33.98 -26.49 -2.28
CA ASP H 90 34.35 -26.01 -3.60
C ASP H 90 35.31 -26.94 -4.30
N ALA H 91 35.98 -27.83 -3.58
CA ALA H 91 36.98 -28.68 -4.19
C ALA H 91 36.24 -29.78 -4.94
N LEU H 92 36.60 -29.95 -6.22
CA LEU H 92 35.93 -30.95 -7.05
C LEU H 92 36.07 -32.35 -6.48
N ASP H 93 37.14 -32.62 -5.73
CA ASP H 93 37.44 -33.93 -5.20
C ASP H 93 37.35 -33.87 -3.69
N PHE H 94 36.63 -34.85 -3.10
CA PHE H 94 36.47 -34.84 -1.65
C PHE H 94 37.81 -34.90 -0.94
N LYS H 95 38.81 -35.53 -1.58
CA LYS H 95 40.14 -35.60 -0.99
C LYS H 95 40.73 -34.20 -0.82
N LYS H 96 40.59 -33.35 -1.83
CA LYS H 96 41.13 -32.01 -1.77
C LYS H 96 40.47 -31.15 -0.70
N ASP H 97 39.32 -31.57 -0.19
CA ASP H 97 38.52 -30.70 0.67
C ASP H 97 39.13 -30.65 2.05
N LYS H 98 39.53 -29.45 2.47
CA LYS H 98 40.09 -29.19 3.80
C LYS H 98 39.23 -28.27 4.65
N GLY H 99 38.02 -27.96 4.21
CA GLY H 99 37.16 -27.07 4.98
C GLY H 99 36.68 -27.71 6.26
N ALA H 100 36.39 -26.86 7.24
CA ALA H 100 35.99 -27.28 8.57
C ALA H 100 34.46 -27.35 8.67
N PHE H 101 33.99 -27.94 9.77
CA PHE H 101 32.57 -28.01 10.08
C PHE H 101 32.27 -27.03 11.22
N TYR H 102 31.01 -26.61 11.31
CA TYR H 102 30.58 -25.66 12.34
C TYR H 102 29.42 -26.24 13.12
N LEU H 103 29.53 -26.24 14.45
CA LEU H 103 28.45 -26.68 15.33
C LEU H 103 27.59 -25.47 15.67
N VAL H 104 26.34 -25.47 15.23
CA VAL H 104 25.43 -24.34 15.45
C VAL H 104 24.77 -24.51 16.81
N PHE H 105 24.80 -23.44 17.60
CA PHE H 105 24.16 -23.39 18.90
C PHE H 105 23.20 -22.22 18.96
N GLU H 106 22.33 -22.23 19.96
CA GLU H 106 21.57 -21.04 20.32
C GLU H 106 22.52 -20.01 20.90
N TYR H 107 22.22 -18.73 20.70
CA TYR H 107 23.07 -17.67 21.23
C TYR H 107 22.62 -17.32 22.65
N MET H 108 23.52 -17.50 23.61
CA MET H 108 23.31 -17.05 24.99
C MET H 108 24.05 -15.74 25.17
N ASP H 109 23.39 -14.77 25.80
CA ASP H 109 23.89 -13.39 25.77
C ASP H 109 25.23 -13.26 26.48
N HIS H 110 25.38 -13.91 27.64
CA HIS H 110 26.59 -13.72 28.45
C HIS H 110 27.04 -15.03 29.07
N ASP H 111 28.29 -15.02 29.54
CA ASP H 111 28.87 -16.11 30.33
C ASP H 111 29.19 -15.59 31.72
N LEU H 112 29.03 -16.45 32.73
CA LEU H 112 29.09 -15.98 34.10
C LEU H 112 30.44 -15.33 34.40
N MET H 113 31.52 -15.90 33.85
CA MET H 113 32.85 -15.34 34.13
C MET H 113 32.97 -13.91 33.61
N GLY H 114 32.48 -13.67 32.39
CA GLY H 114 32.54 -12.32 31.85
C GLY H 114 31.78 -11.32 32.70
N LEU H 115 30.59 -11.69 33.16
CA LEU H 115 29.80 -10.78 33.99
C LEU H 115 30.44 -10.54 35.34
N LEU H 116 31.11 -11.55 35.89
CA LEU H 116 31.67 -11.42 37.22
C LEU H 116 33.04 -10.72 37.17
N GLU H 117 33.89 -11.17 36.24
CA GLU H 117 35.21 -10.59 36.08
C GLU H 117 35.14 -9.09 35.90
N SER H 118 34.22 -8.62 35.07
CA SER H 118 34.06 -7.19 34.82
C SER H 118 33.40 -6.47 35.99
N GLY H 119 32.88 -7.20 36.97
CA GLY H 119 32.27 -6.57 38.13
C GLY H 119 30.95 -5.92 37.84
N LEU H 120 30.25 -6.39 36.80
CA LEU H 120 29.04 -5.76 36.29
C LEU H 120 27.79 -6.55 36.66
N VAL H 121 27.84 -7.32 37.75
CA VAL H 121 26.67 -8.06 38.21
C VAL H 121 26.50 -7.92 39.71
N HIS H 122 25.23 -7.90 40.12
CA HIS H 122 24.84 -8.01 41.52
C HIS H 122 23.84 -9.16 41.63
N PHE H 123 24.05 -10.03 42.61
CA PHE H 123 23.19 -11.20 42.79
C PHE H 123 22.56 -11.13 44.17
N SER H 124 21.24 -10.97 44.20
CA SER H 124 20.48 -11.10 45.43
C SER H 124 20.25 -12.58 45.73
N GLU H 125 19.83 -12.87 46.97
CA GLU H 125 19.53 -14.25 47.32
C GLU H 125 18.55 -14.86 46.33
N ASP H 126 17.50 -14.11 45.97
CA ASP H 126 16.52 -14.67 45.05
C ASP H 126 17.11 -14.87 43.66
N HIS H 127 18.11 -14.07 43.29
CA HIS H 127 18.77 -14.30 42.01
C HIS H 127 19.67 -15.53 42.05
N ILE H 128 20.22 -15.84 43.22
CA ILE H 128 21.01 -17.05 43.37
C ILE H 128 20.10 -18.27 43.44
N LYS H 129 18.90 -18.11 44.00
CA LYS H 129 17.95 -19.22 44.00
C LYS H 129 17.59 -19.62 42.58
N SER H 130 17.35 -18.63 41.70
CA SER H 130 17.01 -18.97 40.33
C SER H 130 18.21 -19.52 39.55
N PHE H 131 19.39 -18.98 39.80
CA PHE H 131 20.59 -19.47 39.11
C PHE H 131 20.83 -20.93 39.43
N MET H 132 20.81 -21.28 40.72
CA MET H 132 21.16 -22.63 41.11
C MET H 132 20.04 -23.62 40.78
N LYS H 133 18.78 -23.23 40.98
CA LYS H 133 17.72 -24.18 40.68
C LYS H 133 17.80 -24.64 39.24
N GLN H 134 18.10 -23.72 38.32
CA GLN H 134 18.25 -24.11 36.93
C GLN H 134 19.51 -24.93 36.71
N LEU H 135 20.63 -24.48 37.26
CA LEU H 135 21.88 -25.20 37.04
C LEU H 135 21.79 -26.62 37.56
N MET H 136 21.29 -26.78 38.78
CA MET H 136 21.16 -28.10 39.37
C MET H 136 20.10 -28.94 38.67
N GLU H 137 19.02 -28.32 38.24
CA GLU H 137 18.02 -29.05 37.46
C GLU H 137 18.59 -29.59 36.16
N GLY H 138 19.50 -28.85 35.53
CA GLY H 138 20.17 -29.35 34.36
C GLY H 138 21.26 -30.34 34.70
N LEU H 139 21.97 -30.14 35.81
CA LEU H 139 22.98 -31.10 36.23
C LEU H 139 22.34 -32.43 36.61
N GLU H 140 21.25 -32.40 37.37
CA GLU H 140 20.57 -33.64 37.71
C GLU H 140 20.12 -34.37 36.44
N TYR H 141 19.59 -33.61 35.47
CA TYR H 141 19.19 -34.23 34.20
C TYR H 141 20.35 -35.01 33.58
N CYS H 142 21.51 -34.36 33.47
CA CYS H 142 22.67 -35.01 32.86
C CYS H 142 23.12 -36.21 33.67
N HIS H 143 23.12 -36.08 35.00
CA HIS H 143 23.54 -37.20 35.83
C HIS H 143 22.54 -38.34 35.73
N LYS H 144 21.24 -38.01 35.63
CA LYS H 144 20.24 -39.05 35.42
C LYS H 144 20.47 -39.77 34.10
N LYS H 145 21.01 -39.08 33.10
CA LYS H 145 21.38 -39.73 31.84
C LYS H 145 22.80 -40.29 31.88
N ASN H 146 23.44 -40.31 33.07
CA ASN H 146 24.72 -40.97 33.29
C ASN H 146 25.87 -40.30 32.53
N PHE H 147 25.91 -38.97 32.58
CA PHE H 147 27.00 -38.19 32.00
C PHE H 147 27.66 -37.33 33.08
N LEU H 148 28.99 -37.23 33.01
CA LEU H 148 29.75 -36.36 33.90
C LEU H 148 30.26 -35.19 33.08
N HIS H 149 30.01 -33.97 33.55
CA HIS H 149 30.43 -32.80 32.80
C HIS H 149 31.96 -32.70 32.73
N ARG H 150 32.59 -32.64 33.90
CA ARG H 150 34.03 -32.72 34.10
C ARG H 150 34.72 -31.41 33.75
N ASP H 151 33.98 -30.40 33.29
CA ASP H 151 34.55 -29.08 33.05
C ASP H 151 33.56 -27.99 33.46
N ILE H 152 33.14 -28.00 34.72
CA ILE H 152 32.20 -27.01 35.22
C ILE H 152 33.02 -25.84 35.77
N LYS H 153 33.07 -24.75 35.01
CA LYS H 153 33.68 -23.49 35.42
C LYS H 153 32.67 -22.38 35.15
N CYS H 154 32.99 -21.17 35.61
CA CYS H 154 32.07 -20.06 35.40
C CYS H 154 31.93 -19.69 33.93
N SER H 155 32.95 -19.97 33.12
CA SER H 155 32.91 -19.61 31.71
C SER H 155 32.09 -20.58 30.87
N ASN H 156 31.78 -21.75 31.40
CA ASN H 156 30.93 -22.72 30.73
C ASN H 156 29.49 -22.69 31.22
N ILE H 157 29.11 -21.67 32.00
CA ILE H 157 27.73 -21.41 32.37
C ILE H 157 27.29 -20.14 31.64
N LEU H 158 26.32 -20.28 30.74
CA LEU H 158 25.85 -19.18 29.90
C LEU H 158 24.46 -18.73 30.35
N LEU H 159 24.27 -17.43 30.51
CA LEU H 159 22.98 -16.86 30.88
C LEU H 159 22.58 -15.75 29.91
N ASN H 160 21.35 -15.81 29.41
CA ASN H 160 20.79 -14.69 28.65
C ASN H 160 19.95 -13.80 29.57
N ASN H 161 19.62 -12.59 29.08
CA ASN H 161 19.08 -11.57 29.97
C ASN H 161 17.75 -11.98 30.60
N SER H 162 17.04 -12.96 30.05
CA SER H 162 15.79 -13.37 30.66
C SER H 162 16.00 -14.07 32.00
N GLY H 163 17.24 -14.35 32.39
CA GLY H 163 17.49 -15.08 33.61
C GLY H 163 17.51 -16.58 33.46
N GLN H 164 17.64 -17.08 32.25
CA GLN H 164 17.72 -18.50 31.96
C GLN H 164 19.19 -18.92 31.89
N ILE H 165 19.51 -20.03 32.53
CA ILE H 165 20.87 -20.53 32.62
C ILE H 165 20.99 -21.81 31.79
N LYS H 166 22.10 -21.95 31.09
CA LYS H 166 22.41 -23.17 30.33
C LYS H 166 23.86 -23.56 30.56
N LEU H 167 24.10 -24.86 30.75
CA LEU H 167 25.43 -25.43 30.87
C LEU H 167 25.99 -25.66 29.47
N ALA H 168 27.31 -25.63 29.33
CA ALA H 168 27.81 -25.44 27.98
C ALA H 168 28.87 -26.35 27.38
N ASP H 169 30.04 -26.46 28.00
CA ASP H 169 31.14 -27.16 27.33
C ASP H 169 31.11 -28.63 27.71
N PHE H 170 30.43 -29.43 26.89
CA PHE H 170 30.38 -30.88 27.08
C PHE H 170 31.48 -31.62 26.33
N GLY H 171 32.54 -30.92 25.96
CA GLY H 171 33.64 -31.55 25.26
C GLY H 171 34.37 -32.60 26.09
N LEU H 172 34.34 -32.47 27.41
CA LEU H 172 34.98 -33.41 28.32
C LEU H 172 34.00 -34.35 29.00
N ALA H 173 32.77 -34.44 28.52
CA ALA H 173 31.77 -35.30 29.14
C ALA H 173 31.96 -36.75 28.73
N ARG H 174 31.79 -37.66 29.70
CA ARG H 174 31.86 -39.08 29.44
C ARG H 174 30.79 -39.80 30.25
N LEU H 175 30.39 -40.97 29.75
CA LEU H 175 29.38 -41.77 30.42
C LEU H 175 29.97 -42.35 31.70
N TYR H 176 29.15 -42.45 32.74
CA TYR H 176 29.56 -42.99 34.03
C TYR H 176 28.76 -44.27 34.30
N ASN H 177 29.46 -45.35 34.61
CA ASN H 177 28.85 -46.60 35.03
C ASN H 177 29.35 -46.94 36.43
N SER H 178 28.40 -47.07 37.37
CA SER H 178 28.76 -47.42 38.74
C SER H 178 29.18 -48.89 38.85
N GLU H 179 28.48 -49.76 38.13
CA GLU H 179 28.74 -51.20 38.22
C GLU H 179 30.09 -51.57 37.61
N GLU H 180 30.46 -50.94 36.50
CA GLU H 180 31.73 -51.17 35.81
C GLU H 180 32.59 -49.91 35.92
N SER H 181 33.53 -49.93 36.86
CA SER H 181 34.49 -48.83 36.98
C SER H 181 35.65 -48.95 35.98
N ARG H 182 35.92 -47.87 35.26
CA ARG H 182 36.99 -47.79 34.27
C ARG H 182 37.90 -46.61 34.64
N PRO H 183 39.19 -46.68 34.32
CA PRO H 183 40.08 -45.56 34.70
C PRO H 183 39.78 -44.35 33.84
N TYR H 184 39.66 -43.19 34.50
CA TYR H 184 39.37 -41.96 33.79
C TYR H 184 40.58 -41.02 34.00
N TPO H 185 40.68 -40.00 33.16
CA TPO H 185 41.73 -38.99 33.23
CB TPO H 185 41.51 -38.02 32.09
CG2 TPO H 185 42.79 -37.17 31.98
OG1 TPO H 185 41.39 -38.69 30.83
P TPO H 185 39.92 -38.86 30.11
O1P TPO H 185 39.95 -40.26 29.30
O2P TPO H 185 38.79 -38.86 31.05
O3P TPO H 185 39.69 -37.70 29.01
C TPO H 185 41.71 -38.30 34.60
O TPO H 185 40.68 -37.81 35.03
H TPO H 185 40.13 -39.85 32.53
HA TPO H 185 42.62 -39.38 33.13
HB TPO H 185 40.60 -37.45 32.30
HG21 TPO H 185 42.68 -36.46 31.16
HG22 TPO H 185 43.64 -37.82 31.78
HG23 TPO H 185 42.95 -36.62 32.92
N ASN H 186 42.86 -38.24 35.29
CA ASN H 186 42.85 -37.75 36.67
C ASN H 186 42.52 -36.27 36.84
N LYS H 187 42.93 -35.43 35.90
CA LYS H 187 42.78 -33.97 36.00
C LYS H 187 41.82 -33.48 34.93
N VAL H 188 40.54 -33.29 35.27
CA VAL H 188 39.53 -32.86 34.29
C VAL H 188 39.00 -31.47 34.60
N ILE H 189 38.69 -31.19 35.85
CA ILE H 189 38.03 -29.93 36.14
C ILE H 189 39.14 -28.91 36.44
N THR H 190 38.89 -27.64 36.11
CA THR H 190 39.90 -26.61 36.31
C THR H 190 40.18 -26.48 37.80
N LEU H 191 41.42 -26.15 38.14
CA LEU H 191 41.90 -26.32 39.51
C LEU H 191 41.03 -25.64 40.54
N TRP H 192 40.57 -24.42 40.27
CA TRP H 192 39.78 -23.68 41.24
C TRP H 192 38.50 -24.42 41.61
N TYR H 193 37.89 -25.08 40.64
CA TYR H 193 36.66 -25.82 40.84
C TYR H 193 36.90 -27.32 40.90
N ARG H 194 38.15 -27.76 41.07
CA ARG H 194 38.42 -29.18 41.06
C ARG H 194 38.18 -29.75 42.46
N PRO H 195 37.53 -30.90 42.56
CA PRO H 195 37.24 -31.50 43.89
C PRO H 195 38.48 -32.07 44.53
N PRO H 196 38.45 -32.26 45.86
CA PRO H 196 39.65 -32.79 46.55
C PRO H 196 40.02 -34.21 46.13
N GLU H 197 39.05 -35.05 45.80
CA GLU H 197 39.40 -36.42 45.41
C GLU H 197 40.29 -36.44 44.18
N LEU H 198 40.02 -35.54 43.23
CA LEU H 198 40.84 -35.47 42.03
C LEU H 198 42.21 -34.90 42.33
N LEU H 199 42.29 -34.01 43.32
CA LEU H 199 43.58 -33.51 43.77
C LEU H 199 44.41 -34.63 44.39
N LEU H 200 43.76 -35.54 45.11
CA LEU H 200 44.40 -36.68 45.75
C LEU H 200 44.55 -37.88 44.82
N GLY H 201 44.28 -37.70 43.53
CA GLY H 201 44.64 -38.67 42.51
C GLY H 201 43.62 -39.76 42.24
N GLU H 202 42.35 -39.52 42.56
CA GLU H 202 41.30 -40.46 42.20
C GLU H 202 41.15 -40.54 40.68
N GLU H 203 41.21 -41.74 40.13
CA GLU H 203 41.06 -41.96 38.71
C GLU H 203 39.75 -42.63 38.32
N ARG H 204 38.99 -43.11 39.30
CA ARG H 204 37.65 -43.68 39.10
C ARG H 204 36.67 -42.82 39.89
N TYR H 205 36.27 -41.69 39.32
CA TYR H 205 35.50 -40.72 40.07
C TYR H 205 34.01 -40.81 39.75
N THR H 206 33.22 -40.14 40.59
CA THR H 206 31.78 -40.10 40.55
C THR H 206 31.28 -38.77 40.01
N PRO H 207 29.98 -38.69 39.68
CA PRO H 207 29.38 -37.39 39.39
C PRO H 207 29.53 -36.39 40.52
N ALA H 208 29.96 -36.84 41.69
CA ALA H 208 30.16 -35.91 42.80
C ALA H 208 31.15 -34.82 42.42
N ILE H 209 31.99 -35.06 41.41
CA ILE H 209 32.94 -34.05 40.98
C ILE H 209 32.20 -32.81 40.49
N ASP H 210 31.15 -33.00 39.69
CA ASP H 210 30.39 -31.87 39.18
C ASP H 210 29.70 -31.13 40.32
N VAL H 211 29.24 -31.85 41.33
CA VAL H 211 28.59 -31.17 42.46
C VAL H 211 29.57 -30.26 43.17
N TRP H 212 30.81 -30.73 43.37
CA TRP H 212 31.80 -29.87 44.02
C TRP H 212 32.02 -28.60 43.23
N SER H 213 32.12 -28.69 41.91
CA SER H 213 32.33 -27.51 41.09
C SER H 213 31.20 -26.51 41.27
N CYS H 214 29.95 -27.01 41.23
CA CYS H 214 28.81 -26.12 41.37
C CYS H 214 28.73 -25.54 42.77
N GLY H 215 29.13 -26.32 43.78
CA GLY H 215 29.22 -25.78 45.12
C GLY H 215 30.20 -24.62 45.19
N CYS H 216 31.34 -24.75 44.50
CA CYS H 216 32.25 -23.62 44.41
C CYS H 216 31.56 -22.40 43.82
N ILE H 217 30.72 -22.62 42.81
CA ILE H 217 30.00 -21.51 42.19
C ILE H 217 29.00 -20.90 43.17
N LEU H 218 28.27 -21.75 43.91
CA LEU H 218 27.32 -21.22 44.88
C LEU H 218 28.00 -20.23 45.83
N GLY H 219 29.12 -20.63 46.42
CA GLY H 219 29.85 -19.72 47.28
C GLY H 219 30.30 -18.47 46.57
N GLU H 220 30.81 -18.64 45.34
CA GLU H 220 31.30 -17.50 44.57
C GLU H 220 30.20 -16.47 44.34
N LEU H 221 28.95 -16.91 44.19
CA LEU H 221 27.87 -15.96 43.98
C LEU H 221 27.59 -15.11 45.22
N PHE H 222 27.95 -15.60 46.40
CA PHE H 222 27.74 -14.83 47.63
C PHE H 222 28.92 -13.93 47.98
N THR H 223 30.10 -14.15 47.38
CA THR H 223 31.24 -13.27 47.58
C THR H 223 31.64 -12.52 46.33
N LYS H 224 31.26 -13.00 45.14
CA LYS H 224 31.66 -12.45 43.84
C LYS H 224 33.11 -12.74 43.50
N LYS H 225 33.78 -13.57 44.30
CA LYS H 225 35.16 -14.00 44.13
C LYS H 225 35.27 -15.51 44.32
N PRO H 226 36.02 -16.22 43.46
CA PRO H 226 36.16 -17.67 43.66
C PRO H 226 36.67 -17.99 45.07
N ILE H 227 36.34 -19.20 45.52
CA ILE H 227 36.62 -19.56 46.90
C ILE H 227 38.05 -20.06 47.07
N PHE H 228 38.51 -20.91 46.15
CA PHE H 228 39.80 -21.58 46.25
C PHE H 228 40.65 -21.17 45.06
N GLN H 229 41.43 -20.12 45.21
CA GLN H 229 42.28 -19.64 44.13
C GLN H 229 43.73 -19.95 44.44
N ALA H 230 44.29 -20.89 43.69
CA ALA H 230 45.69 -21.28 43.80
C ALA H 230 46.14 -21.65 42.40
N ASN H 231 47.44 -21.78 42.23
CA ASN H 231 48.04 -22.12 40.95
C ASN H 231 48.50 -23.56 40.86
N LEU H 232 48.70 -24.21 42.01
CA LEU H 232 49.21 -25.57 42.05
C LEU H 232 48.28 -26.49 42.83
N GLU H 233 48.32 -27.77 42.47
CA GLU H 233 47.40 -28.74 43.03
C GLU H 233 47.57 -28.87 44.53
N LEU H 234 48.81 -28.82 45.02
CA LEU H 234 49.00 -28.89 46.48
C LEU H 234 48.50 -27.62 47.15
N ALA H 235 48.85 -26.46 46.61
CA ALA H 235 48.35 -25.21 47.17
C ALA H 235 46.83 -25.18 47.16
N GLN H 236 46.21 -25.81 46.16
CA GLN H 236 44.75 -25.87 46.11
C GLN H 236 44.21 -26.72 47.24
N LEU H 237 44.76 -27.92 47.44
CA LEU H 237 44.33 -28.77 48.54
C LEU H 237 44.48 -28.07 49.88
N GLU H 238 45.55 -27.28 50.04
CA GLU H 238 45.73 -26.54 51.29
C GLU H 238 44.60 -25.55 51.52
N LEU H 239 44.22 -24.82 50.47
CA LEU H 239 43.13 -23.87 50.62
C LEU H 239 41.83 -24.58 50.96
N ILE H 240 41.53 -25.65 50.24
CA ILE H 240 40.34 -26.44 50.53
C ILE H 240 40.37 -26.92 51.97
N SER H 241 41.54 -27.36 52.44
CA SER H 241 41.65 -27.91 53.79
C SER H 241 41.40 -26.84 54.85
N ARG H 242 41.90 -25.62 54.64
CA ARG H 242 41.73 -24.57 55.64
C ARG H 242 40.27 -24.28 55.91
N LEU H 243 39.42 -24.46 54.90
CA LEU H 243 38.01 -24.17 54.99
C LEU H 243 37.18 -25.38 55.33
N CYS H 244 37.40 -26.48 54.62
CA CYS H 244 36.58 -27.67 54.73
C CYS H 244 37.08 -28.66 55.75
N GLY H 245 38.29 -28.49 56.25
CA GLY H 245 38.93 -29.50 57.06
C GLY H 245 39.88 -30.32 56.21
N SER H 246 40.91 -30.85 56.83
CA SER H 246 41.89 -31.64 56.09
C SER H 246 41.32 -33.01 55.74
N PRO H 247 41.61 -33.54 54.56
CA PRO H 247 41.24 -34.94 54.28
C PRO H 247 41.89 -35.86 55.30
N CYS H 248 41.07 -36.69 55.94
CA CYS H 248 41.56 -37.66 56.92
C CYS H 248 40.53 -38.75 57.07
N PRO H 249 40.94 -39.97 57.46
CA PRO H 249 39.97 -41.07 57.57
C PRO H 249 38.81 -40.81 58.52
N ALA H 250 38.97 -39.91 59.51
CA ALA H 250 37.89 -39.66 60.46
C ALA H 250 36.63 -39.13 59.79
N VAL H 251 36.77 -38.39 58.70
CA VAL H 251 35.64 -37.79 58.00
C VAL H 251 35.49 -38.33 56.58
N TRP H 252 36.46 -39.12 56.10
CA TRP H 252 36.50 -39.60 54.72
C TRP H 252 37.15 -40.97 54.77
N PRO H 253 36.43 -41.96 55.31
CA PRO H 253 37.08 -43.25 55.66
C PRO H 253 37.93 -43.85 54.57
N ASP H 254 37.57 -43.67 53.31
CA ASP H 254 38.26 -44.33 52.21
C ASP H 254 39.38 -43.49 51.60
N VAL H 255 39.73 -42.36 52.22
CA VAL H 255 40.77 -41.51 51.66
C VAL H 255 42.12 -42.24 51.63
N ILE H 256 42.32 -43.19 52.54
CA ILE H 256 43.59 -43.91 52.63
C ILE H 256 43.86 -44.75 51.39
N ARG H 257 42.84 -44.99 50.57
CA ARG H 257 43.01 -45.68 49.32
C ARG H 257 43.53 -44.78 48.20
N LEU H 258 43.60 -43.48 48.44
CA LEU H 258 43.93 -42.62 47.32
C LEU H 258 45.43 -42.52 47.13
N PRO H 259 45.87 -42.52 45.87
CA PRO H 259 47.31 -42.52 45.60
C PRO H 259 48.10 -41.53 46.42
N TYR H 260 47.66 -40.27 46.45
CA TYR H 260 48.44 -39.18 47.00
C TYR H 260 48.03 -38.81 48.42
N PHE H 261 47.28 -39.68 49.10
CA PHE H 261 46.85 -39.34 50.45
C PHE H 261 48.05 -39.06 51.34
N ASN H 262 49.03 -39.98 51.37
CA ASN H 262 50.23 -39.74 52.16
C ASN H 262 51.07 -38.61 51.55
N THR H 263 51.08 -38.54 50.22
CA THR H 263 51.95 -37.61 49.51
C THR H 263 51.53 -36.16 49.73
N MET H 264 50.28 -35.84 49.42
CA MET H 264 49.81 -34.45 49.44
C MET H 264 49.18 -34.13 50.78
N LYS H 265 50.00 -34.12 51.80
CA LYS H 265 49.46 -33.76 53.09
C LYS H 265 49.36 -32.23 53.22
N PRO H 266 48.28 -31.73 53.83
CA PRO H 266 48.21 -30.29 54.11
C PRO H 266 49.18 -29.89 55.22
N LYS H 267 49.41 -28.57 55.31
CA LYS H 267 50.32 -28.02 56.31
C LYS H 267 50.00 -28.56 57.70
N LYS H 268 48.71 -28.61 58.04
CA LYS H 268 48.22 -29.08 59.32
C LYS H 268 47.09 -30.07 59.08
N GLN H 269 46.55 -30.59 60.18
CA GLN H 269 45.26 -31.30 60.19
C GLN H 269 44.20 -30.28 60.62
N TYR H 270 43.66 -29.55 59.65
CA TYR H 270 42.74 -28.45 59.93
C TYR H 270 41.35 -28.94 60.31
N ARG H 271 40.69 -28.18 61.19
CA ARG H 271 39.29 -28.41 61.47
C ARG H 271 38.43 -27.71 60.41
N ARG H 272 37.19 -28.19 60.25
CA ARG H 272 36.28 -27.56 59.31
C ARG H 272 35.83 -26.21 59.85
N ARG H 273 35.99 -25.17 59.03
CA ARG H 273 35.58 -23.82 59.41
C ARG H 273 34.56 -23.25 58.44
N LEU H 274 34.03 -24.07 57.53
CA LEU H 274 33.20 -23.55 56.45
C LEU H 274 32.02 -22.75 56.99
N ARG H 275 31.31 -23.29 57.98
CA ARG H 275 30.18 -22.54 58.51
C ARG H 275 30.62 -21.28 59.23
N GLU H 276 31.83 -21.27 59.78
CA GLU H 276 32.31 -20.09 60.46
C GLU H 276 32.71 -19.00 59.47
N GLU H 277 33.53 -19.35 58.47
CA GLU H 277 34.03 -18.36 57.52
C GLU H 277 32.97 -17.91 56.53
N PHE H 278 31.86 -18.65 56.40
CA PHE H 278 30.74 -18.23 55.56
C PHE H 278 29.50 -17.85 56.39
N SER H 279 29.70 -17.30 57.59
CA SER H 279 28.57 -16.98 58.45
C SER H 279 27.66 -15.91 57.85
N PHE H 280 28.13 -15.15 56.85
CA PHE H 280 27.33 -14.09 56.26
C PHE H 280 26.25 -14.62 55.31
N ILE H 281 26.26 -15.92 55.02
CA ILE H 281 25.31 -16.54 54.09
C ILE H 281 24.02 -16.99 54.77
N PRO H 282 22.88 -16.84 54.10
CA PRO H 282 21.61 -17.36 54.64
C PRO H 282 21.69 -18.83 55.03
N SER H 283 20.93 -19.20 56.07
CA SER H 283 21.04 -20.54 56.64
C SER H 283 20.65 -21.61 55.61
N ALA H 284 19.54 -21.42 54.90
CA ALA H 284 19.16 -22.41 53.91
C ALA H 284 20.28 -22.62 52.90
N ALA H 285 21.02 -21.55 52.59
CA ALA H 285 22.13 -21.65 51.65
C ALA H 285 23.36 -22.28 52.28
N LEU H 286 23.74 -21.82 53.48
CA LEU H 286 24.95 -22.34 54.10
C LEU H 286 24.88 -23.86 54.24
N ASP H 287 23.68 -24.39 54.53
CA ASP H 287 23.50 -25.83 54.60
C ASP H 287 23.81 -26.47 53.25
N LEU H 288 23.37 -25.85 52.15
CA LEU H 288 23.67 -26.40 50.83
C LEU H 288 25.17 -26.39 50.58
N LEU H 289 25.81 -25.26 50.87
CA LEU H 289 27.24 -25.12 50.64
C LEU H 289 28.04 -26.12 51.47
N ASP H 290 27.68 -26.26 52.75
CA ASP H 290 28.36 -27.23 53.60
C ASP H 290 28.25 -28.63 53.02
N HIS H 291 27.09 -28.96 52.45
CA HIS H 291 26.85 -30.29 51.91
C HIS H 291 27.45 -30.49 50.53
N MET H 292 27.56 -29.43 49.72
CA MET H 292 28.18 -29.59 48.41
C MET H 292 29.69 -29.61 48.50
N LEU H 293 30.27 -28.92 49.47
CA LEU H 293 31.71 -28.90 49.72
C LEU H 293 32.08 -29.86 50.83
N THR H 294 31.45 -31.03 50.82
CA THR H 294 31.81 -32.14 51.70
C THR H 294 32.97 -32.90 51.07
N LEU H 295 33.99 -33.20 51.88
CA LEU H 295 35.22 -33.75 51.32
C LEU H 295 34.98 -35.12 50.69
N ASP H 296 34.30 -36.01 51.40
CA ASP H 296 34.13 -37.39 50.93
C ASP H 296 33.05 -37.45 49.86
N PRO H 297 33.40 -37.80 48.61
CA PRO H 297 32.38 -37.77 47.54
C PRO H 297 31.21 -38.70 47.81
N SER H 298 31.39 -39.75 48.59
CA SER H 298 30.29 -40.64 48.93
C SER H 298 29.42 -40.07 50.03
N LYS H 299 29.83 -38.97 50.66
CA LYS H 299 29.01 -38.24 51.61
C LYS H 299 28.52 -36.91 51.04
N ARG H 300 29.07 -36.47 49.91
CA ARG H 300 28.64 -35.25 49.25
C ARG H 300 27.26 -35.45 48.63
N CYS H 301 26.40 -34.45 48.81
CA CYS H 301 25.03 -34.54 48.33
C CYS H 301 24.99 -34.63 46.80
N THR H 302 23.89 -35.19 46.30
CA THR H 302 23.68 -35.33 44.86
C THR H 302 22.98 -34.11 44.28
N ALA H 303 22.89 -34.07 42.94
CA ALA H 303 22.12 -33.01 42.30
C ALA H 303 20.65 -33.07 42.72
N GLU H 304 20.08 -34.27 42.72
CA GLU H 304 18.69 -34.40 43.14
C GLU H 304 18.51 -33.86 44.55
N GLN H 305 19.45 -34.16 45.44
CA GLN H 305 19.29 -33.75 46.83
C GLN H 305 19.32 -32.25 46.99
N THR H 306 20.10 -31.54 46.17
CA THR H 306 20.11 -30.09 46.26
C THR H 306 18.78 -29.50 45.82
N LEU H 307 18.13 -30.11 44.83
CA LEU H 307 16.80 -29.68 44.43
C LEU H 307 15.77 -29.99 45.49
N GLN H 308 16.11 -30.86 46.44
CA GLN H 308 15.26 -31.16 47.59
C GLN H 308 15.85 -30.53 48.85
N SER H 309 16.33 -29.29 48.75
CA SER H 309 16.91 -28.58 49.88
C SER H 309 16.00 -27.43 50.26
N ASP H 310 16.07 -27.01 51.52
CA ASP H 310 15.27 -25.87 51.92
C ASP H 310 15.53 -24.66 51.05
N PHE H 311 16.75 -24.56 50.48
CA PHE H 311 17.10 -23.37 49.70
C PHE H 311 16.40 -23.38 48.35
N LEU H 312 16.38 -24.53 47.66
CA LEU H 312 15.87 -24.62 46.30
C LEU H 312 14.55 -25.36 46.16
N LYS H 313 14.15 -26.14 47.15
CA LYS H 313 13.00 -27.03 47.02
C LYS H 313 11.79 -26.29 46.49
N ASP H 314 11.44 -25.16 47.11
CA ASP H 314 10.21 -24.44 46.77
C ASP H 314 10.49 -23.19 45.96
N VAL H 315 11.56 -23.18 45.18
CA VAL H 315 11.84 -22.03 44.31
C VAL H 315 11.09 -22.25 43.01
N GLU H 316 10.35 -21.23 42.57
CA GLU H 316 9.56 -21.30 41.35
C GLU H 316 10.25 -20.55 40.22
N LEU H 317 10.48 -21.25 39.11
CA LEU H 317 11.14 -20.66 37.95
C LEU H 317 10.21 -19.82 37.09
N SER H 318 8.92 -19.74 37.44
CA SER H 318 8.04 -18.79 36.76
C SER H 318 8.55 -17.37 36.91
N LYS H 319 9.10 -17.04 38.07
CA LYS H 319 9.66 -15.73 38.37
C LYS H 319 11.16 -15.85 38.10
N MET H 320 11.55 -15.88 36.82
CA MET H 320 12.95 -16.10 36.50
C MET H 320 13.81 -15.09 37.23
N ALA H 321 13.32 -13.86 37.37
CA ALA H 321 14.01 -12.83 38.13
C ALA H 321 15.39 -12.60 37.55
N PRO H 322 15.50 -11.84 36.46
CA PRO H 322 16.81 -11.64 35.81
C PRO H 322 17.77 -10.92 36.75
N PRO H 323 19.07 -11.27 36.70
CA PRO H 323 20.04 -10.63 37.59
C PRO H 323 20.24 -9.16 37.25
N ASP H 324 20.66 -8.41 38.27
CA ASP H 324 20.86 -6.97 38.11
C ASP H 324 22.10 -6.69 37.27
N LEU H 325 21.90 -6.56 35.96
CA LEU H 325 22.96 -6.22 35.02
C LEU H 325 22.90 -4.72 34.76
N PRO H 326 23.81 -3.92 35.29
CA PRO H 326 23.80 -2.48 34.98
C PRO H 326 24.04 -2.25 33.49
N HIS H 327 23.30 -1.27 32.94
CA HIS H 327 23.49 -0.97 31.52
C HIS H 327 23.61 0.52 31.24
N TRP H 328 22.67 1.33 31.70
CA TRP H 328 22.80 2.77 31.58
C TRP H 328 23.33 3.37 32.87
N GLN H 329 24.06 4.47 32.73
CA GLN H 329 24.79 5.16 33.79
C GLN H 329 26.08 4.40 34.11
N ASP H 330 26.38 3.34 33.36
CA ASP H 330 27.60 2.58 33.60
C ASP H 330 28.86 3.28 33.12
N CYS H 331 28.75 4.14 32.11
CA CYS H 331 29.94 4.77 31.55
C CYS H 331 30.60 5.71 32.56
N HIS H 332 29.86 6.68 33.08
CA HIS H 332 30.50 7.69 33.92
C HIS H 332 30.88 7.13 35.29
N GLU H 333 29.98 6.35 35.92
CA GLU H 333 30.26 5.66 37.18
C GLU H 333 30.97 6.57 38.19
N LEU H 334 30.42 7.73 38.42
CA LEU H 334 31.01 8.64 39.41
C LEU H 334 30.01 9.75 39.73
N TRP H 335 30.47 10.76 40.46
CA TRP H 335 29.68 11.98 40.81
C TRP H 335 28.41 11.51 41.50
N SER H 336 27.23 11.92 41.07
CA SER H 336 25.98 11.54 41.67
C SER H 336 25.76 10.04 41.49
N THR I 24 13.72 -34.05 14.14
CA THR I 24 14.73 -33.99 15.19
C THR I 24 15.93 -34.85 14.82
N LYS I 25 15.82 -36.18 15.01
CA LYS I 25 16.87 -37.15 14.70
C LYS I 25 16.41 -38.08 13.57
N PRO I 26 17.33 -38.53 12.73
CA PRO I 26 16.93 -39.23 11.49
C PRO I 26 16.49 -40.66 11.69
N CYS I 27 15.81 -41.17 10.64
CA CYS I 27 15.34 -42.55 10.58
C CYS I 27 16.38 -43.40 9.88
N TRP I 28 16.83 -44.47 10.54
CA TRP I 28 17.88 -45.34 10.02
C TRP I 28 17.40 -46.75 9.66
N TYR I 29 16.12 -46.92 9.31
CA TYR I 29 15.61 -48.24 9.01
C TYR I 29 14.83 -48.26 7.71
N TRP I 30 15.13 -49.26 6.88
CA TRP I 30 14.52 -49.48 5.58
C TRP I 30 13.78 -50.82 5.58
N ASP I 31 12.97 -51.02 4.54
CA ASP I 31 12.34 -52.32 4.32
C ASP I 31 13.22 -53.18 3.42
N LYS I 32 13.14 -54.49 3.62
CA LYS I 32 13.93 -55.42 2.83
C LYS I 32 13.81 -55.12 1.35
N LYS I 33 12.58 -54.82 0.90
CA LYS I 33 12.35 -54.53 -0.51
C LYS I 33 13.21 -53.37 -0.99
N ASP I 34 13.56 -52.46 -0.10
CA ASP I 34 14.29 -51.26 -0.48
C ASP I 34 15.74 -51.54 -0.83
N LEU I 35 16.31 -52.64 -0.35
CA LEU I 35 17.70 -52.97 -0.65
C LEU I 35 17.93 -53.31 -2.12
N ALA I 36 16.85 -53.49 -2.89
CA ALA I 36 16.97 -53.63 -4.33
C ALA I 36 17.33 -52.33 -5.03
N HIS I 37 17.39 -51.22 -4.28
CA HIS I 37 17.57 -49.90 -4.86
C HIS I 37 18.68 -49.13 -4.15
N THR I 38 19.67 -49.82 -3.61
CA THR I 38 20.83 -49.13 -3.10
C THR I 38 21.64 -48.57 -4.26
N PRO I 39 22.44 -47.52 -4.01
CA PRO I 39 23.35 -47.04 -5.07
C PRO I 39 24.09 -48.17 -5.75
N SER I 40 24.57 -49.15 -4.98
CA SER I 40 25.33 -50.25 -5.56
C SER I 40 24.49 -51.04 -6.57
N GLN I 41 23.25 -51.38 -6.21
CA GLN I 41 22.41 -52.13 -7.13
C GLN I 41 22.19 -51.35 -8.42
N LEU I 42 21.97 -50.04 -8.30
CA LEU I 42 21.64 -49.21 -9.45
C LEU I 42 22.84 -48.90 -10.32
N GLU I 43 24.05 -49.12 -9.82
CA GLU I 43 25.25 -49.05 -10.63
C GLU I 43 25.63 -50.40 -11.24
N GLY I 44 24.71 -51.38 -11.21
CA GLY I 44 24.92 -52.63 -11.90
C GLY I 44 25.44 -53.76 -11.03
N LEU I 45 25.67 -53.51 -9.74
CA LEU I 45 26.06 -54.57 -8.83
C LEU I 45 24.84 -55.45 -8.55
N ASP I 46 25.03 -56.75 -8.59
CA ASP I 46 23.91 -57.65 -8.37
C ASP I 46 23.73 -57.93 -6.88
N PRO I 47 22.56 -58.44 -6.49
CA PRO I 47 22.30 -58.61 -5.05
C PRO I 47 23.29 -59.51 -4.34
N ALA I 48 23.70 -60.62 -4.95
CA ALA I 48 24.65 -61.50 -4.29
C ALA I 48 25.95 -60.77 -4.02
N THR I 49 26.44 -59.99 -4.99
CA THR I 49 27.71 -59.31 -4.83
C THR I 49 27.66 -58.28 -3.71
N GLU I 50 26.60 -57.46 -3.68
CA GLU I 50 26.54 -56.46 -2.62
C GLU I 50 26.48 -57.13 -1.26
N ALA I 51 25.70 -58.22 -1.13
CA ALA I 51 25.68 -58.96 0.11
C ALA I 51 27.06 -59.48 0.48
N ARG I 52 27.79 -60.00 -0.51
CA ARG I 52 29.15 -60.50 -0.24
C ARG I 52 30.05 -59.38 0.24
N TYR I 53 30.01 -58.22 -0.43
CA TYR I 53 30.83 -57.09 0.01
C TYR I 53 30.50 -56.68 1.44
N ARG I 54 29.22 -56.69 1.81
CA ARG I 54 28.85 -56.34 3.18
C ARG I 54 29.45 -57.32 4.16
N ARG I 55 29.38 -58.62 3.85
CA ARG I 55 30.00 -59.62 4.72
C ARG I 55 31.51 -59.38 4.80
N GLU I 56 32.15 -59.15 3.65
CA GLU I 56 33.60 -58.98 3.64
C GLU I 56 33.99 -57.72 4.39
N GLY I 57 33.26 -56.62 4.16
CA GLY I 57 33.56 -55.41 4.90
C GLY I 57 33.30 -55.55 6.38
N ALA I 58 32.18 -56.18 6.74
CA ALA I 58 31.86 -56.34 8.16
C ALA I 58 32.89 -57.22 8.86
N ARG I 59 33.19 -58.39 8.30
CA ARG I 59 34.16 -59.26 8.97
C ARG I 59 35.54 -58.63 9.02
N PHE I 60 35.91 -57.85 8.00
CA PHE I 60 37.15 -57.08 8.04
C PHE I 60 37.17 -56.14 9.25
N ILE I 61 36.09 -55.37 9.44
CA ILE I 61 36.01 -54.50 10.60
C ILE I 61 36.11 -55.33 11.88
N PHE I 62 35.39 -56.45 11.93
CA PHE I 62 35.42 -57.29 13.11
C PHE I 62 36.82 -57.79 13.39
N ASP I 63 37.48 -58.35 12.36
CA ASP I 63 38.79 -58.95 12.56
C ASP I 63 39.82 -57.88 12.93
N VAL I 64 39.82 -56.76 12.21
CA VAL I 64 40.80 -55.72 12.48
C VAL I 64 40.66 -55.23 13.92
N GLY I 65 39.43 -54.93 14.34
CA GLY I 65 39.21 -54.45 15.68
C GLY I 65 39.50 -55.47 16.75
N THR I 66 39.23 -56.75 16.46
CA THR I 66 39.51 -57.79 17.44
C THR I 66 41.01 -57.89 17.73
N ARG I 67 41.84 -57.85 16.68
CA ARG I 67 43.28 -57.88 16.92
C ARG I 67 43.72 -56.70 17.79
N LEU I 68 43.09 -55.54 17.60
CA LEU I 68 43.45 -54.35 18.37
C LEU I 68 42.95 -54.41 19.81
N GLY I 69 42.15 -55.41 20.16
CA GLY I 69 41.66 -55.53 21.52
C GLY I 69 40.46 -54.67 21.83
N LEU I 70 39.65 -54.36 20.82
CA LEU I 70 38.58 -53.39 20.98
C LEU I 70 37.34 -54.00 21.60
N HIS I 71 36.64 -53.19 22.40
CA HIS I 71 35.38 -53.59 22.99
C HIS I 71 34.40 -54.01 21.90
N TYR I 72 33.46 -54.88 22.24
CA TYR I 72 32.53 -55.37 21.23
C TYR I 72 31.63 -54.26 20.70
N ASP I 73 31.26 -53.30 21.55
CA ASP I 73 30.41 -52.21 21.08
C ASP I 73 31.10 -51.39 19.99
N THR I 74 32.42 -51.20 20.13
CA THR I 74 33.15 -50.41 19.14
C THR I 74 33.11 -51.08 17.78
N LEU I 75 33.27 -52.41 17.75
CA LEU I 75 33.19 -53.12 16.48
C LEU I 75 31.83 -52.96 15.84
N ALA I 76 30.77 -53.17 16.61
CA ALA I 76 29.42 -53.09 16.06
C ALA I 76 29.13 -51.67 15.58
N THR I 77 29.54 -50.67 16.36
CA THR I 77 29.32 -49.29 15.95
C THR I 77 29.94 -49.03 14.58
N GLY I 78 31.21 -49.40 14.41
CA GLY I 78 31.84 -49.24 13.12
C GLY I 78 31.10 -49.96 12.01
N ILE I 79 30.65 -51.19 12.29
CA ILE I 79 29.96 -51.97 11.27
C ILE I 79 28.65 -51.29 10.88
N ILE I 80 27.91 -50.75 11.84
CA ILE I 80 26.66 -50.08 11.48
C ILE I 80 26.94 -48.81 10.71
N TYR I 81 27.99 -48.06 11.07
CA TYR I 81 28.41 -46.96 10.22
C TYR I 81 28.66 -47.47 8.80
N PHE I 82 29.39 -48.58 8.70
CA PHE I 82 29.70 -49.18 7.40
C PHE I 82 28.44 -49.55 6.63
N HIS I 83 27.53 -50.29 7.26
CA HIS I 83 26.32 -50.70 6.54
C HIS I 83 25.52 -49.49 6.07
N ARG I 84 25.35 -48.50 6.96
CA ARG I 84 24.61 -47.31 6.59
C ARG I 84 25.28 -46.57 5.46
N PHE I 85 26.61 -46.48 5.48
CA PHE I 85 27.33 -45.75 4.46
C PHE I 85 26.92 -46.22 3.06
N TYR I 86 26.84 -47.54 2.87
CA TYR I 86 26.52 -48.08 1.55
C TYR I 86 25.03 -48.14 1.28
N MET I 87 24.24 -47.48 2.11
CA MET I 87 22.87 -47.10 1.76
C MET I 87 22.84 -45.74 1.09
N PHE I 88 23.98 -45.02 1.12
CA PHE I 88 24.13 -43.69 0.54
C PHE I 88 25.20 -43.62 -0.54
N HIS I 89 26.01 -44.65 -0.70
CA HIS I 89 27.09 -44.65 -1.68
C HIS I 89 27.14 -46.01 -2.34
N SER I 90 27.88 -46.08 -3.44
CA SER I 90 28.04 -47.32 -4.17
C SER I 90 29.37 -47.96 -3.80
N PHE I 91 29.37 -49.29 -3.73
CA PHE I 91 30.63 -50.01 -3.51
C PHE I 91 31.60 -49.79 -4.65
N LYS I 92 31.11 -49.43 -5.84
CA LYS I 92 31.99 -49.22 -6.98
C LYS I 92 32.73 -47.89 -6.90
N GLN I 93 32.27 -46.95 -6.08
CA GLN I 93 32.93 -45.66 -5.94
C GLN I 93 33.75 -45.55 -4.66
N PHE I 94 33.48 -46.40 -3.68
CA PHE I 94 34.18 -46.41 -2.40
C PHE I 94 34.66 -47.82 -2.07
N PRO I 95 35.93 -48.13 -2.30
CA PRO I 95 36.43 -49.47 -1.97
C PRO I 95 36.11 -49.82 -0.52
N ARG I 96 35.62 -51.04 -0.32
CA ARG I 96 34.94 -51.35 0.94
C ARG I 96 35.90 -51.37 2.12
N TYR I 97 37.12 -51.88 1.92
CA TYR I 97 38.01 -52.04 3.08
C TYR I 97 38.56 -50.70 3.56
N VAL I 98 38.68 -49.70 2.67
CA VAL I 98 39.02 -48.36 3.12
C VAL I 98 37.88 -47.78 3.96
N THR I 99 36.65 -47.88 3.43
CA THR I 99 35.48 -47.45 4.18
C THR I 99 35.43 -48.14 5.54
N GLY I 100 35.59 -49.46 5.55
CA GLY I 100 35.61 -50.15 6.83
C GLY I 100 36.61 -49.56 7.80
N ALA I 101 37.86 -49.42 7.37
CA ALA I 101 38.88 -48.86 8.24
C ALA I 101 38.48 -47.49 8.76
N CYS I 102 37.90 -46.65 7.89
CA CYS I 102 37.46 -45.34 8.33
C CYS I 102 36.36 -45.46 9.37
N CYS I 103 35.40 -46.35 9.16
CA CYS I 103 34.33 -46.53 10.14
C CYS I 103 34.89 -46.91 11.50
N LEU I 104 35.78 -47.90 11.55
CA LEU I 104 36.33 -48.31 12.84
C LEU I 104 37.09 -47.16 13.47
N PHE I 105 37.86 -46.40 12.67
CA PHE I 105 38.61 -45.28 13.21
C PHE I 105 37.67 -44.30 13.89
N LEU I 106 36.56 -43.96 13.22
CA LEU I 106 35.60 -43.03 13.81
C LEU I 106 34.89 -43.68 14.99
N ALA I 107 34.50 -44.95 14.84
CA ALA I 107 33.83 -45.64 15.94
C ALA I 107 34.63 -45.59 17.22
N GLY I 108 35.95 -45.80 17.14
CA GLY I 108 36.77 -45.78 18.33
C GLY I 108 36.71 -44.46 19.08
N LYS I 109 36.74 -43.35 18.35
CA LYS I 109 36.63 -42.06 19.00
C LYS I 109 35.23 -41.87 19.56
N VAL I 110 34.22 -42.36 18.85
CA VAL I 110 32.85 -42.24 19.28
C VAL I 110 32.63 -43.02 20.58
N GLU I 111 33.11 -44.26 20.63
CA GLU I 111 32.86 -45.15 21.77
C GLU I 111 33.90 -45.02 22.87
N GLU I 112 34.80 -44.04 22.79
CA GLU I 112 35.83 -43.83 23.81
C GLU I 112 36.77 -45.03 23.91
N THR I 113 37.06 -45.66 22.76
CA THR I 113 38.10 -46.67 22.64
C THR I 113 39.01 -46.31 21.47
N PRO I 114 39.63 -45.13 21.50
CA PRO I 114 40.29 -44.63 20.29
C PRO I 114 41.56 -45.41 19.94
N LYS I 115 41.84 -45.48 18.64
CA LYS I 115 43.05 -46.07 18.12
C LYS I 115 43.62 -45.14 17.04
N LYS I 116 44.93 -45.17 16.88
CA LYS I 116 45.59 -44.33 15.89
C LYS I 116 45.34 -44.86 14.49
N CYS I 117 45.09 -43.95 13.54
CA CYS I 117 44.88 -44.39 12.18
C CYS I 117 46.06 -45.25 11.72
N LYS I 118 47.26 -44.89 12.17
CA LYS I 118 48.46 -45.64 11.85
C LYS I 118 48.33 -47.11 12.25
N ASP I 119 47.74 -47.37 13.41
CA ASP I 119 47.64 -48.74 13.89
C ASP I 119 46.60 -49.54 13.13
N ILE I 120 45.50 -48.90 12.73
CA ILE I 120 44.49 -49.61 11.95
C ILE I 120 45.05 -50.01 10.58
N ILE I 121 45.78 -49.10 9.94
CA ILE I 121 46.36 -49.41 8.64
C ILE I 121 47.29 -50.60 8.74
N LYS I 122 48.15 -50.60 9.76
CA LYS I 122 49.11 -51.68 9.94
C LYS I 122 48.39 -53.01 10.12
N THR I 123 47.36 -53.05 10.97
CA THR I 123 46.60 -54.29 11.17
C THR I 123 45.93 -54.74 9.88
N ALA I 124 45.44 -53.80 9.07
CA ALA I 124 44.82 -54.17 7.80
C ALA I 124 45.80 -54.93 6.92
N ARG I 125 47.06 -54.48 6.89
CA ARG I 125 48.07 -55.16 6.09
C ARG I 125 48.28 -56.59 6.59
N SER I 126 48.20 -56.80 7.91
CA SER I 126 48.36 -58.14 8.46
C SER I 126 47.26 -59.08 7.97
N LEU I 127 46.03 -58.58 7.90
CA LEU I 127 44.86 -59.40 7.56
C LEU I 127 44.50 -59.41 6.08
N LEU I 128 45.04 -58.49 5.27
CA LEU I 128 44.63 -58.38 3.88
C LEU I 128 45.75 -58.81 2.93
N ASN I 129 45.36 -59.40 1.80
CA ASN I 129 46.35 -59.76 0.79
C ASN I 129 46.71 -58.53 -0.04
N ASP I 130 47.72 -58.68 -0.90
CA ASP I 130 48.24 -57.51 -1.60
C ASP I 130 47.19 -56.89 -2.52
N VAL I 131 46.38 -57.73 -3.18
CA VAL I 131 45.33 -57.19 -4.04
C VAL I 131 44.36 -56.35 -3.23
N GLN I 132 43.96 -56.84 -2.05
CA GLN I 132 43.00 -56.13 -1.23
C GLN I 132 43.58 -54.83 -0.68
N PHE I 133 44.81 -54.89 -0.17
CA PHE I 133 45.43 -53.68 0.36
C PHE I 133 45.65 -52.64 -0.73
N GLY I 134 45.60 -53.07 -2.00
CA GLY I 134 45.67 -52.12 -3.10
C GLY I 134 44.59 -51.06 -3.05
N GLN I 135 43.42 -51.40 -2.49
CA GLN I 135 42.37 -50.39 -2.33
C GLN I 135 42.90 -49.17 -1.60
N PHE I 136 43.84 -49.36 -0.69
CA PHE I 136 44.39 -48.24 0.08
C PHE I 136 45.38 -47.40 -0.72
N GLY I 137 45.74 -47.82 -1.92
CA GLY I 137 46.52 -46.94 -2.77
C GLY I 137 47.87 -46.60 -2.19
N ASP I 138 48.39 -45.44 -2.62
CA ASP I 138 49.76 -45.06 -2.32
C ASP I 138 49.93 -44.59 -0.88
N ASP I 139 48.89 -44.03 -0.27
CA ASP I 139 48.96 -43.50 1.09
C ASP I 139 47.75 -44.04 1.83
N PRO I 140 47.89 -45.20 2.49
CA PRO I 140 46.73 -45.77 3.19
C PRO I 140 46.13 -44.83 4.22
N LYS I 141 46.94 -44.19 5.07
CA LYS I 141 46.40 -43.33 6.11
C LYS I 141 45.56 -42.20 5.53
N GLU I 142 46.07 -41.54 4.48
CA GLU I 142 45.34 -40.39 3.93
C GLU I 142 44.01 -40.84 3.35
N GLU I 143 44.01 -41.95 2.60
CA GLU I 143 42.75 -42.43 2.01
C GLU I 143 41.69 -42.60 3.09
N VAL I 144 42.08 -43.01 4.29
CA VAL I 144 41.13 -43.16 5.38
C VAL I 144 40.77 -41.79 5.95
N MET I 145 41.78 -40.98 6.31
CA MET I 145 41.49 -39.70 6.94
C MET I 145 40.61 -38.81 6.08
N VAL I 146 40.86 -38.82 4.77
CA VAL I 146 40.08 -38.01 3.83
C VAL I 146 38.62 -38.46 3.84
N LEU I 147 38.38 -39.76 4.02
CA LEU I 147 37.01 -40.28 3.97
C LEU I 147 36.19 -39.90 5.19
N GLU I 148 36.85 -39.67 6.34
CA GLU I 148 36.13 -39.37 7.57
C GLU I 148 35.14 -38.24 7.38
N ARG I 149 35.54 -37.22 6.62
CA ARG I 149 34.65 -36.11 6.34
C ARG I 149 33.35 -36.60 5.73
N ILE I 150 33.45 -37.45 4.72
CA ILE I 150 32.24 -37.96 4.07
C ILE I 150 31.50 -38.91 5.00
N LEU I 151 32.21 -39.77 5.72
CA LEU I 151 31.53 -40.66 6.66
C LEU I 151 30.65 -39.86 7.62
N LEU I 152 31.23 -38.84 8.24
CA LEU I 152 30.48 -38.01 9.18
C LEU I 152 29.27 -37.36 8.52
N GLN I 153 29.44 -36.84 7.30
CA GLN I 153 28.31 -36.25 6.61
C GLN I 153 27.30 -37.32 6.20
N THR I 154 27.77 -38.50 5.81
CA THR I 154 26.87 -39.55 5.35
C THR I 154 25.97 -40.02 6.49
N ILE I 155 26.55 -40.27 7.66
CA ILE I 155 25.77 -40.73 8.80
C ILE I 155 25.12 -39.55 9.52
N LYS I 156 25.14 -38.39 8.87
CA LYS I 156 24.41 -37.22 9.33
C LYS I 156 24.80 -36.82 10.76
N PHE I 157 26.05 -37.06 11.12
CA PHE I 157 26.58 -36.72 12.45
C PHE I 157 25.71 -37.29 13.56
N ASP I 158 24.90 -38.29 13.26
CA ASP I 158 24.13 -39.01 14.29
C ASP I 158 25.02 -40.13 14.81
N LEU I 159 25.86 -39.81 15.79
CA LEU I 159 26.92 -40.73 16.18
C LEU I 159 26.48 -41.76 17.22
N GLN I 160 25.48 -41.46 18.03
CA GLN I 160 25.06 -42.40 19.07
C GLN I 160 24.32 -43.59 18.46
N VAL I 161 24.79 -44.79 18.80
CA VAL I 161 24.21 -46.02 18.27
C VAL I 161 24.05 -47.03 19.40
N GLU I 162 22.91 -47.74 19.40
CA GLU I 162 22.63 -48.81 20.33
C GLU I 162 22.76 -50.15 19.61
N HIS I 163 23.13 -51.19 20.34
CA HIS I 163 23.37 -52.49 19.73
C HIS I 163 22.60 -53.58 20.46
N PRO I 164 22.28 -54.67 19.76
CA PRO I 164 21.50 -55.75 20.41
C PRO I 164 22.13 -56.29 21.68
N TYR I 165 23.45 -56.19 21.85
CA TYR I 165 24.09 -56.86 22.98
C TYR I 165 23.51 -56.39 24.30
N GLN I 166 23.44 -55.07 24.50
CA GLN I 166 22.99 -54.53 25.78
C GLN I 166 21.58 -55.00 26.11
N PHE I 167 20.72 -55.13 25.10
CA PHE I 167 19.36 -55.57 25.35
C PHE I 167 19.31 -57.08 25.60
N LEU I 168 20.18 -57.83 24.93
CA LEU I 168 20.32 -59.25 25.22
C LEU I 168 20.64 -59.46 26.70
N LEU I 169 21.46 -58.56 27.27
CA LEU I 169 21.83 -58.69 28.67
C LEU I 169 20.76 -58.15 29.60
N LYS I 170 20.09 -57.07 29.19
CA LYS I 170 19.05 -56.47 30.01
C LYS I 170 17.85 -57.39 30.15
N TYR I 171 17.46 -58.03 29.05
CA TYR I 171 16.31 -58.94 29.07
C TYR I 171 16.64 -60.25 29.78
N ALA I 172 17.82 -60.82 29.51
CA ALA I 172 18.19 -62.07 30.17
C ALA I 172 18.30 -61.89 31.68
N LYS I 173 18.72 -60.69 32.12
CA LYS I 173 18.86 -60.42 33.56
C LYS I 173 17.53 -60.57 34.29
N GLN I 174 16.41 -60.35 33.60
CA GLN I 174 15.09 -60.51 34.21
C GLN I 174 14.61 -61.96 34.19
N LEU I 175 15.34 -62.84 33.51
CA LEU I 175 15.02 -64.27 33.54
C LEU I 175 15.57 -64.93 34.79
N LYS I 176 14.75 -65.79 35.41
CA LYS I 176 15.14 -66.53 36.62
C LYS I 176 14.85 -68.01 36.41
N GLY I 177 15.84 -68.85 36.68
CA GLY I 177 15.68 -70.27 36.50
C GLY I 177 17.03 -70.98 36.56
N ASP I 178 17.11 -72.14 35.90
CA ASP I 178 18.38 -72.85 35.83
C ASP I 178 19.42 -71.92 35.24
N LYS I 179 20.40 -71.51 36.05
CA LYS I 179 21.38 -70.56 35.56
C LYS I 179 22.10 -71.05 34.32
N ASN I 180 22.38 -72.36 34.26
CA ASN I 180 23.18 -72.88 33.17
C ASN I 180 22.39 -72.93 31.85
N LYS I 181 21.07 -73.12 31.93
CA LYS I 181 20.28 -73.06 30.70
C LYS I 181 20.15 -71.62 30.22
N ILE I 182 19.99 -70.67 31.14
CA ILE I 182 19.90 -69.25 30.77
C ILE I 182 21.21 -68.77 30.16
N GLN I 183 22.33 -69.26 30.68
CA GLN I 183 23.64 -68.85 30.15
C GLN I 183 23.87 -69.41 28.75
N LYS I 184 23.48 -70.67 28.51
CA LYS I 184 23.61 -71.23 27.17
C LYS I 184 22.79 -70.44 26.17
N LEU I 185 21.60 -69.99 26.59
CA LEU I 185 20.80 -69.12 25.74
C LEU I 185 21.55 -67.84 25.40
N VAL I 186 22.07 -67.17 26.42
CA VAL I 186 22.74 -65.88 26.19
C VAL I 186 23.91 -66.06 25.25
N GLN I 187 24.73 -67.08 25.50
CA GLN I 187 25.91 -67.31 24.67
C GLN I 187 25.53 -67.59 23.23
N MET I 188 24.52 -68.42 23.02
CA MET I 188 24.08 -68.72 21.66
C MET I 188 23.50 -67.47 21.01
N ALA I 189 22.73 -66.69 21.75
CA ALA I 189 22.20 -65.44 21.21
C ALA I 189 23.32 -64.47 20.88
N TRP I 190 24.31 -64.37 21.76
CA TRP I 190 25.45 -63.50 21.50
C TRP I 190 26.13 -63.90 20.19
N THR I 191 26.32 -65.20 19.99
CA THR I 191 26.91 -65.68 18.75
C THR I 191 26.07 -65.30 17.54
N PHE I 192 24.73 -65.38 17.69
CA PHE I 192 23.85 -64.97 16.59
C PHE I 192 23.96 -63.47 16.33
N VAL I 193 24.07 -62.67 17.39
CA VAL I 193 24.23 -61.22 17.21
C VAL I 193 25.48 -60.94 16.40
N ASN I 194 26.59 -61.57 16.76
CA ASN I 194 27.83 -61.39 16.01
C ASN I 194 27.64 -61.77 14.55
N ASP I 195 26.83 -62.79 14.28
CA ASP I 195 26.58 -63.24 12.92
C ASP I 195 25.68 -62.27 12.15
N SER I 196 24.71 -61.67 12.86
CA SER I 196 23.78 -60.75 12.20
C SER I 196 24.45 -59.47 11.75
N LEU I 197 25.62 -59.14 12.31
CA LEU I 197 26.33 -57.94 11.89
C LEU I 197 26.79 -58.04 10.44
N CYS I 198 26.96 -59.26 9.93
CA CYS I 198 27.33 -59.44 8.52
C CYS I 198 26.17 -59.20 7.59
N THR I 199 24.99 -58.92 8.13
CA THR I 199 23.77 -58.78 7.36
C THR I 199 23.24 -57.36 7.49
N THR I 200 22.23 -57.07 6.69
CA THR I 200 21.54 -55.79 6.70
C THR I 200 20.43 -55.73 7.74
N LEU I 201 20.34 -56.73 8.62
CA LEU I 201 19.39 -56.64 9.71
C LEU I 201 19.63 -55.39 10.54
N SER I 202 20.91 -55.00 10.69
CA SER I 202 21.23 -53.76 11.39
C SER I 202 20.45 -52.59 10.82
N LEU I 203 20.06 -52.69 9.55
CA LEU I 203 19.36 -51.61 8.86
C LEU I 203 17.85 -51.82 8.77
N GLN I 204 17.34 -52.96 9.22
CA GLN I 204 15.92 -53.25 9.07
C GLN I 204 15.12 -53.13 10.36
N TRP I 205 15.72 -53.49 11.51
CA TRP I 205 15.00 -53.61 12.76
C TRP I 205 15.78 -52.97 13.88
N GLU I 206 15.08 -52.35 14.83
CA GLU I 206 15.72 -51.79 15.99
C GLU I 206 16.53 -52.86 16.73
N PRO I 207 17.59 -52.47 17.44
CA PRO I 207 18.39 -53.48 18.14
C PRO I 207 17.59 -54.26 19.17
N GLU I 208 16.65 -53.61 19.86
CA GLU I 208 15.82 -54.32 20.82
C GLU I 208 15.13 -55.51 20.16
N ILE I 209 14.62 -55.32 18.94
CA ILE I 209 13.95 -56.41 18.23
C ILE I 209 14.94 -57.50 17.87
N ILE I 210 16.15 -57.13 17.44
CA ILE I 210 17.17 -58.13 17.15
C ILE I 210 17.46 -58.95 18.39
N ALA I 211 17.63 -58.27 19.53
CA ALA I 211 17.95 -58.98 20.76
C ALA I 211 16.88 -60.02 21.09
N VAL I 212 15.61 -59.67 20.94
CA VAL I 212 14.55 -60.65 21.16
C VAL I 212 14.63 -61.78 20.14
N ALA I 213 14.86 -61.44 18.87
CA ALA I 213 14.89 -62.49 17.84
C ALA I 213 15.94 -63.54 18.16
N VAL I 214 17.13 -63.13 18.61
CA VAL I 214 18.19 -64.10 18.85
C VAL I 214 17.91 -64.92 20.10
N MET I 215 17.31 -64.30 21.12
CA MET I 215 16.82 -65.10 22.24
C MET I 215 15.78 -66.09 21.76
N TYR I 216 14.85 -65.61 20.92
CA TYR I 216 13.83 -66.47 20.33
C TYR I 216 14.45 -67.64 19.57
N LEU I 217 15.44 -67.37 18.74
CA LEU I 217 16.09 -68.44 17.99
C LEU I 217 16.80 -69.40 18.92
N ALA I 218 17.65 -68.89 19.81
CA ALA I 218 18.36 -69.75 20.74
C ALA I 218 17.39 -70.60 21.54
N GLY I 219 16.26 -70.02 21.94
CA GLY I 219 15.26 -70.79 22.66
C GLY I 219 14.75 -71.94 21.84
N ARG I 220 14.43 -71.68 20.57
CA ARG I 220 13.96 -72.76 19.70
C ARG I 220 15.01 -73.85 19.59
N LEU I 221 16.26 -73.48 19.31
CA LEU I 221 17.29 -74.49 19.10
C LEU I 221 17.56 -75.27 20.38
N CYS I 222 17.56 -74.61 21.53
CA CYS I 222 17.82 -75.27 22.80
C CYS I 222 16.56 -75.87 23.41
N LYS I 223 15.42 -75.81 22.73
CA LYS I 223 14.16 -76.39 23.22
C LYS I 223 13.85 -75.86 24.64
N PHE I 224 14.03 -74.56 24.84
CA PHE I 224 13.70 -73.89 26.08
C PHE I 224 12.34 -73.21 25.95
N GLU I 225 11.60 -73.16 27.05
CA GLU I 225 10.34 -72.42 27.13
C GLU I 225 10.63 -71.16 27.92
N ILE I 226 11.02 -70.09 27.20
CA ILE I 226 11.54 -68.91 27.86
C ILE I 226 10.50 -68.23 28.74
N GLN I 227 9.22 -68.41 28.44
CA GLN I 227 8.22 -67.72 29.25
C GLN I 227 8.35 -68.14 30.71
N GLU I 228 8.76 -69.38 30.95
CA GLU I 228 8.80 -69.90 32.32
C GLU I 228 9.78 -69.14 33.19
N TRP I 229 10.87 -68.63 32.62
CA TRP I 229 11.85 -67.89 33.41
C TRP I 229 11.41 -66.46 33.68
N THR I 230 10.34 -65.99 33.04
CA THR I 230 9.90 -64.62 33.17
C THR I 230 9.04 -64.42 34.42
N SER I 231 8.76 -63.15 34.73
CA SER I 231 7.85 -62.82 35.82
C SER I 231 6.42 -63.24 35.50
N LYS I 232 6.12 -63.50 34.23
CA LYS I 232 4.78 -63.91 33.78
C LYS I 232 4.88 -65.29 33.13
N PRO I 233 4.94 -66.36 33.93
CA PRO I 233 5.24 -67.68 33.35
C PRO I 233 4.17 -68.26 32.43
N MET I 234 2.95 -67.70 32.38
CA MET I 234 1.91 -68.20 31.48
C MET I 234 1.60 -67.23 30.35
N TYR I 235 2.47 -66.25 30.12
CA TYR I 235 2.40 -65.32 29.00
C TYR I 235 3.28 -65.88 27.89
N ARG I 236 2.68 -66.65 26.97
CA ARG I 236 3.47 -67.35 25.97
C ARG I 236 4.20 -66.39 25.05
N ARG I 237 3.65 -65.20 24.87
CA ARG I 237 4.30 -64.15 24.10
C ARG I 237 5.22 -63.36 25.04
N TRP I 238 6.32 -64.02 25.43
CA TRP I 238 7.19 -63.41 26.45
C TRP I 238 7.84 -62.14 25.95
N TRP I 239 8.13 -62.04 24.64
CA TRP I 239 8.85 -60.88 24.14
C TRP I 239 8.07 -59.59 24.34
N GLU I 240 6.75 -59.65 24.25
CA GLU I 240 5.92 -58.46 24.41
C GLU I 240 6.13 -57.82 25.77
N GLN I 241 6.68 -58.58 26.73
CA GLN I 241 6.98 -58.01 28.03
C GLN I 241 8.23 -57.14 27.99
N PHE I 242 9.12 -57.36 27.03
CA PHE I 242 10.32 -56.55 26.87
C PHE I 242 10.20 -55.56 25.72
N VAL I 243 9.70 -56.01 24.58
CA VAL I 243 9.58 -55.19 23.37
C VAL I 243 8.12 -55.21 22.96
N GLN I 244 7.45 -54.08 23.10
CA GLN I 244 6.04 -54.01 22.78
C GLN I 244 5.82 -54.04 21.28
N ASP I 245 4.72 -54.65 20.87
CA ASP I 245 4.24 -54.56 19.49
C ASP I 245 5.13 -55.28 18.50
N VAL I 246 5.67 -56.44 18.86
CA VAL I 246 6.49 -57.17 17.90
C VAL I 246 5.72 -58.43 17.50
N PRO I 247 5.30 -58.54 16.24
CA PRO I 247 4.65 -59.77 15.78
C PRO I 247 5.65 -60.89 15.55
N VAL I 248 5.15 -62.13 15.61
CA VAL I 248 6.01 -63.28 15.37
C VAL I 248 6.58 -63.28 13.96
N ASP I 249 5.79 -62.80 12.97
CA ASP I 249 6.27 -62.76 11.60
C ASP I 249 7.68 -62.17 11.54
N VAL I 250 7.90 -61.10 12.29
CA VAL I 250 9.18 -60.41 12.28
C VAL I 250 10.26 -61.29 12.88
N LEU I 251 10.01 -61.83 14.08
CA LEU I 251 10.99 -62.69 14.72
C LEU I 251 11.34 -63.87 13.83
N GLU I 252 10.37 -64.38 13.06
CA GLU I 252 10.67 -65.46 12.12
C GLU I 252 11.48 -64.94 10.93
N ASP I 253 11.16 -63.76 10.42
CA ASP I 253 11.95 -63.18 9.33
C ASP I 253 13.40 -63.02 9.75
N ILE I 254 13.65 -62.50 10.96
CA ILE I 254 15.01 -62.28 11.42
C ILE I 254 15.74 -63.61 11.61
N CYS I 255 15.10 -64.55 12.31
CA CYS I 255 15.74 -65.84 12.55
C CYS I 255 16.09 -66.49 11.22
N HIS I 256 15.18 -66.41 10.26
CA HIS I 256 15.41 -67.01 8.96
C HIS I 256 16.71 -66.51 8.34
N GLN I 257 16.96 -65.21 8.41
CA GLN I 257 18.17 -64.67 7.81
C GLN I 257 19.43 -65.24 8.46
N ILE I 258 19.45 -65.35 9.78
CA ILE I 258 20.64 -65.89 10.44
C ILE I 258 20.85 -67.34 10.02
N LEU I 259 19.77 -68.12 10.01
CA LEU I 259 19.89 -69.53 9.65
C LEU I 259 20.34 -69.66 8.20
N ASP I 260 20.00 -68.69 7.35
CA ASP I 260 20.45 -68.72 5.96
C ASP I 260 21.96 -68.60 5.85
N LEU I 261 22.59 -67.83 6.74
CA LEU I 261 24.05 -67.70 6.68
C LEU I 261 24.74 -69.01 7.02
N TYR I 262 24.19 -69.76 7.96
CA TYR I 262 24.80 -71.03 8.34
C TYR I 262 24.60 -72.09 7.27
N SER I 263 23.43 -72.09 6.61
CA SER I 263 23.14 -73.11 5.62
C SER I 263 23.98 -72.93 4.35
N GLN I 264 24.06 -71.69 3.84
CA GLN I 264 24.83 -71.46 2.62
C GLN I 264 26.32 -71.74 2.85
N GLY I 265 26.85 -71.27 3.98
CA GLY I 265 28.24 -71.47 4.32
C GLY I 265 28.52 -72.84 4.92
N LYS I 266 29.83 -73.10 5.11
CA LYS I 266 30.26 -74.33 5.76
C LYS I 266 29.85 -74.33 7.23
N GLN I 267 29.72 -73.14 7.83
CA GLN I 267 29.50 -73.00 9.27
C GLN I 267 28.25 -73.73 9.73
N GLN I 268 28.31 -74.29 10.95
CA GLN I 268 27.20 -75.02 11.57
C GLN I 268 26.66 -74.31 12.80
N MET I 269 25.38 -74.58 13.09
CA MET I 269 24.71 -73.87 14.18
C MET I 269 25.43 -74.09 15.49
N PRO I 270 25.58 -73.04 16.33
CA PRO I 270 26.34 -73.21 17.58
C PRO I 270 25.81 -74.36 18.43
N HIS I 271 24.50 -74.43 18.61
CA HIS I 271 23.82 -75.43 19.42
C HIS I 271 24.73 -76.07 20.48
C1 EDO J . 0.01 -6.97 -24.95
O1 EDO J . 0.84 -7.16 -23.81
C2 EDO J . 0.84 -6.46 -26.16
O2 EDO J . 1.68 -7.55 -26.66
H11 EDO J . -0.48 -7.91 -25.21
H12 EDO J . -0.78 -6.24 -24.73
HO1 EDO J . 0.35 -7.65 -23.13
H21 EDO J . 0.19 -6.12 -26.95
H22 EDO J . 1.47 -5.63 -25.85
HO2 EDO J . 2.12 -7.25 -27.47
S SO4 K . 9.46 -66.61 -31.02
O1 SO4 K . 9.93 -67.71 -31.87
O2 SO4 K . 10.06 -66.75 -29.69
O3 SO4 K . 9.88 -65.35 -31.62
O4 SO4 K . 8.01 -66.64 -30.91
S SO4 L . 9.83 -8.06 -18.44
O1 SO4 L . 10.92 -8.08 -19.42
O2 SO4 L . 10.39 -7.88 -17.10
O3 SO4 L . 8.91 -6.95 -18.73
O4 SO4 L . 9.10 -9.32 -18.52
S SO4 M . -12.53 -76.20 -40.22
O1 SO4 M . -12.66 -77.17 -41.30
O2 SO4 M . -11.36 -76.54 -39.41
O3 SO4 M . -12.38 -74.86 -40.79
O4 SO4 M . -13.73 -76.23 -39.37
C10 RSI N . -10.90 -22.01 -30.48
C9 RSI N . -11.77 -22.57 -31.39
C8 RSI N . -11.38 -22.77 -32.71
N2 RSI N . -13.86 -21.79 -30.49
C7 RSI N . -10.11 -22.38 -33.11
N1 RSI N . -7.55 -21.17 -33.94
C1 RSI N . -6.33 -20.77 -34.32
C2 RSI N . -7.84 -21.37 -32.64
C3 RSI N . -6.86 -21.14 -31.68
C4 RSI N . -5.62 -20.73 -32.05
C5 RSI N . -5.35 -20.54 -33.37
C6 RSI N . -9.23 -21.82 -32.20
O1 RSI N . -14.02 -21.36 -37.50
C11 RSI N . -9.63 -21.64 -30.88
C12 RSI N . -13.16 -22.99 -30.91
C13 RSI N . -14.80 -21.21 -31.42
C14 RSI N . -15.54 -21.04 -33.61
C15 RSI N . -16.66 -19.91 -32.07
C16 RSI N . -15.81 -20.37 -31.05
C17 RSI N . -17.32 -19.07 -30.17
C18 RSI N . -18.57 -18.44 -32.01
C19 RSI N . -19.67 -19.38 -32.54
C20 RSI N . -18.10 -17.52 -33.14
C21 RSI N . -14.04 -22.05 -35.20
C22 RSI N . -13.86 -22.47 -36.66
C23 RSI N . -15.26 -20.74 -37.35
C24 RSI N . -15.48 -20.30 -35.90
N3 RSI N . -14.68 -21.52 -32.71
N4 RSI N . -16.56 -20.22 -33.32
N5 RSI N . -16.26 -19.83 -29.86
N6 RSI N . -17.48 -19.18 -31.42
N7 RSI N . -15.33 -21.42 -34.99
H101 RSI N . -11.21 -21.87 -29.45
H81 RSI N . -12.07 -23.23 -33.42
H21 RSI N . -13.69 -21.37 -29.59
H71 RSI N . -9.81 -22.50 -34.15
H11 RSI N . -6.11 -20.62 -35.37
H31 RSI N . -7.10 -21.27 -30.63
H41 RSI N . -4.86 -20.55 -31.30
H51 RSI N . -4.36 -20.21 -33.67
H111 RSI N . -8.95 -21.20 -30.17
H121 RSI N . -13.70 -23.46 -31.73
H122 RSI N . -13.07 -23.69 -30.09
H171 RSI N . -17.92 -18.49 -29.49
H181 RSI N . -19.00 -17.84 -31.22
H192 RSI N . -20.17 -18.92 -33.38
H193 RSI N . -19.22 -20.31 -32.87
H191 RSI N . -20.38 -19.59 -31.74
H201 RSI N . -18.91 -16.85 -33.42
H203 RSI N . -17.25 -16.94 -32.80
H202 RSI N . -17.81 -18.12 -34.00
H212 RSI N . -13.95 -22.92 -34.56
H211 RSI N . -13.26 -21.34 -34.93
H221 RSI N . -12.86 -22.89 -36.79
H222 RSI N . -14.60 -23.22 -36.91
H232 RSI N . -16.04 -21.43 -37.63
H231 RSI N . -15.30 -19.86 -37.99
H241 RSI N . -16.47 -19.88 -35.79
H242 RSI N . -14.75 -19.54 -35.64
S SO4 O . -46.85 16.29 -46.40
O1 SO4 O . -46.45 17.11 -47.54
O2 SO4 O . -45.85 15.25 -46.18
O3 SO4 O . -46.96 17.12 -45.20
O4 SO4 O . -48.15 15.69 -46.70
S SO4 P . -74.07 -20.84 -30.29
O1 SO4 P . -73.52 -19.55 -30.70
O2 SO4 P . -73.00 -21.83 -30.21
O3 SO4 P . -74.70 -20.69 -28.97
O4 SO4 P . -75.08 -21.28 -31.26
S SO4 Q . -61.43 -3.62 -14.48
O1 SO4 Q . -60.32 -3.64 -13.53
O2 SO4 Q . -61.52 -4.92 -15.15
O3 SO4 Q . -61.21 -2.57 -15.47
O4 SO4 Q . -62.68 -3.35 -13.77
C1 EDO R . -1.69 28.14 -2.69
O1 EDO R . -2.25 27.29 -1.66
C2 EDO R . -1.79 29.61 -2.22
O2 EDO R . -1.02 30.43 -3.11
H11 EDO R . -0.65 27.88 -2.86
H12 EDO R . -2.23 28.00 -3.62
HO1 EDO R . -2.39 26.41 -2.03
H21 EDO R . -2.84 29.93 -2.23
H22 EDO R . -1.42 29.71 -1.20
HO2 EDO R . -1.21 31.36 -2.95
S SO4 S . -56.90 42.70 -21.84
O1 SO4 S . -55.45 42.65 -21.97
O2 SO4 S . -57.45 41.41 -22.27
O3 SO4 S . -57.43 43.77 -22.68
O4 SO4 S . -57.26 42.94 -20.45
S SO4 T . -2.06 22.46 -10.69
O1 SO4 T . -1.39 23.42 -11.57
O2 SO4 T . -2.06 21.14 -11.33
O3 SO4 T . -1.33 22.38 -9.42
O4 SO4 T . -3.43 22.87 -10.44
S SO4 U . 7.84 26.34 -17.52
O1 SO4 U . 8.76 26.77 -18.57
O2 SO4 U . 7.52 24.92 -17.73
O3 SO4 U . 6.62 27.14 -17.58
O4 SO4 U . 8.47 26.52 -16.22
C10 RSI V . -18.09 36.14 6.85
C9 RSI V . -18.73 37.09 7.60
C8 RSI V . -18.67 38.43 7.25
N2 RSI V . -18.56 36.04 9.78
C7 RSI V . -17.97 38.80 6.10
N1 RSI V . -16.12 39.47 3.88
C1 RSI V . -15.40 39.80 2.79
C2 RSI V . -16.51 38.20 4.10
C3 RSI V . -16.15 37.22 3.20
C4 RSI V . -15.43 37.52 2.10
C5 RSI V . -15.05 38.80 1.89
C6 RSI V . -17.32 37.83 5.34
O1 RSI V . -17.15 42.90 10.28
C11 RSI V . -17.37 36.50 5.73
C12 RSI V . -19.51 36.66 8.85
C13 RSI V . -18.04 36.84 10.84
C14 RSI V . -17.61 38.94 11.71
C15 RSI V . -17.03 37.17 12.94
C16 RSI V . -17.51 36.28 11.98
C17 RSI V . -16.73 35.12 13.62
C18 RSI V . -16.02 36.75 15.10
C19 RSI V . -17.04 37.43 16.02
C20 RSI V . -14.81 37.66 14.87
C21 RSI V . -18.11 40.69 10.13
C22 RSI V . -18.33 42.20 9.93
C23 RSI V . -16.75 42.63 11.59
C24 RSI V . -16.55 41.13 11.83
N3 RSI V . -18.09 38.16 10.74
N4 RSI V . -17.07 38.48 12.85
N5 RSI V . -17.30 34.99 12.42
N6 RSI V . -16.62 36.36 13.83
N7 RSI V . -17.73 40.37 11.49
H101 RSI V . -18.15 35.09 7.14
H81 RSI V . -19.18 39.18 7.84
H21 RSI V . -18.29 35.08 9.66
H71 RSI V . -17.91 39.83 5.81
H11 RSI V . -15.09 40.83 2.62
H31 RSI V . -16.46 36.19 3.37
H41 RSI V . -15.15 36.74 1.39
H51 RSI V . -14.47 39.05 1.01
H111 RSI V . -16.86 35.75 5.15
H121 RSI V . -20.29 35.96 8.58
H122 RSI V . -19.96 37.54 9.32
H171 RSI V . -16.43 34.32 14.29
H181 RSI V . -15.69 35.84 15.58
H192 RSI V . -17.55 36.69 16.62
H193 RSI V . -17.76 37.99 15.43
H191 RSI V . -16.52 38.12 16.69
H201 RSI V . -14.23 37.75 15.79
H203 RSI V . -15.15 38.65 14.56
H202 RSI V . -14.17 37.24 14.09
H212 RSI V . -19.03 40.17 9.89
H211 RSI V . -17.34 40.36 9.45
H221 RSI V . -18.56 42.40 8.90
H222 RSI V . -19.14 42.53 10.57
H232 RSI V . -17.52 42.99 12.27
H231 RSI V . -15.82 43.14 11.79
H241 RSI V . -16.32 40.97 12.89
H242 RSI V . -15.71 40.78 11.24
S SO4 W . -29.54 32.97 68.58
O1 SO4 W . -28.24 33.56 68.33
O2 SO4 W . -29.48 31.54 68.24
O3 SO4 W . -30.55 33.64 67.75
O4 SO4 W . -29.92 33.12 69.99
S SO4 X . 14.98 42.54 50.24
O1 SO4 X . 16.10 43.48 50.08
O2 SO4 X . 15.52 41.20 50.49
O3 SO4 X . 14.18 42.94 51.39
O4 SO4 X . 14.17 42.54 49.04
S SO4 Y . 32.80 13.89 63.52
O1 SO4 Y . 33.25 14.20 62.16
O2 SO4 Y . 32.62 12.45 63.63
O3 SO4 Y . 31.55 14.60 63.79
O4 SO4 Y . 33.80 14.32 64.50
S SO4 Z . 22.35 5.64 5.46
O1 SO4 Z . 23.41 6.66 5.43
O2 SO4 Z . 22.74 4.51 4.62
O3 SO4 Z . 21.11 6.21 4.95
O4 SO4 Z . 22.17 5.17 6.83
S SO4 AA . 46.25 -13.80 27.82
O1 SO4 AA . 47.44 -14.40 27.21
O2 SO4 AA . 46.51 -13.49 29.22
O3 SO4 AA . 45.91 -12.56 27.10
O4 SO4 AA . 45.13 -14.73 27.70
S SO4 BA . 26.32 -3.91 6.80
O1 SO4 BA . 26.45 -4.81 5.64
O2 SO4 BA . 27.63 -3.63 7.36
O3 SO4 BA . 25.67 -2.67 6.37
O4 SO4 BA . 25.49 -4.56 7.82
C10 RSI CA . 28.33 -13.72 24.33
C9 RSI CA . 29.02 -14.58 25.17
C8 RSI CA . 30.38 -14.42 25.37
N2 RSI CA . 27.64 -16.56 24.87
C7 RSI CA . 31.05 -13.39 24.73
N1 RSI CA . 32.45 -11.44 23.08
C1 RSI CA . 33.13 -10.47 22.47
C2 RSI CA . 31.12 -11.42 23.18
C3 RSI CA . 30.41 -10.37 22.60
C4 RSI CA . 31.07 -9.38 21.97
C5 RSI CA . 32.42 -9.41 21.89
C6 RSI CA . 30.37 -12.53 23.88
O1 RSI CA . 34.34 -18.38 25.10
C11 RSI CA . 29.00 -12.71 23.68
C12 RSI CA . 28.26 -15.69 25.88
C13 RSI CA . 28.31 -17.80 24.54
C14 RSI CA . 30.22 -19.08 24.60
C15 RSI CA . 28.40 -19.95 23.61
C16 RSI CA . 27.66 -18.79 23.89
C17 RSI CA . 26.36 -20.18 22.86
C18 RSI CA . 27.73 -22.00 22.50
C19 RSI CA . 27.94 -23.02 23.62
C20 RSI CA . 28.92 -22.00 21.53
C21 RSI CA . 32.03 -17.82 25.51
C22 RSI CA . 33.46 -17.88 26.07
C23 RSI CA . 33.97 -19.65 24.63
C24 RSI CA . 32.53 -19.63 24.08
N3 RSI CA . 29.57 -17.97 24.90
N4 RSI CA . 29.67 -20.13 23.96
N5 RSI CA . 26.38 -18.96 23.40
N6 RSI CA . 27.51 -20.66 23.02
N7 RSI CA . 31.58 -19.12 25.06
H101 RSI CA . 27.27 -13.84 24.18
H81 RSI CA . 30.92 -15.10 26.03
H21 RSI CA . 26.79 -16.30 24.43
H71 RSI CA . 32.11 -13.25 24.87
H11 RSI CA . 34.21 -10.49 22.41
H31 RSI CA . 29.33 -10.36 22.66
H41 RSI CA . 30.52 -8.55 21.52
H51 RSI CA . 32.96 -8.62 21.39
H111 RSI CA . 28.47 -12.05 23.00
H121 RSI CA . 27.48 -15.27 26.50
H122 RSI CA . 28.94 -16.26 26.50
H171 RSI CA . 25.51 -20.66 22.37
H181 RSI CA . 26.84 -22.30 21.97
H192 RSI CA . 28.56 -23.83 23.24
H193 RSI CA . 26.99 -23.41 23.95
H191 RSI CA . 28.44 -22.54 24.46
H201 RSI CA . 28.83 -21.16 20.86
H203 RSI CA . 29.84 -21.91 22.11
H202 RSI CA . 28.92 -22.92 20.97
H212 RSI CA . 31.36 -17.46 26.29
H211 RSI CA . 32.01 -17.13 24.68
H221 RSI CA . 33.48 -18.54 26.93
H222 RSI CA . 33.78 -16.89 26.37
H232 RSI CA . 34.64 -19.94 23.84
H231 RSI CA . 34.02 -20.36 25.45
H241 RSI CA . 32.25 -20.65 23.81
H242 RSI CA . 32.49 -19.00 23.20
S SO4 DA . 8.87 -24.69 37.70
O1 SO4 DA . 10.17 -25.08 37.16
O2 SO4 DA . 8.60 -25.44 38.92
O3 SO4 DA . 8.88 -23.26 38.02
O4 SO4 DA . 7.82 -24.97 36.72
S SO4 EA . 18.29 -17.00 57.34
O1 SO4 EA . 19.70 -16.86 57.74
O2 SO4 EA . 18.20 -17.88 56.19
O3 SO4 EA . 17.76 -15.68 56.99
O4 SO4 EA . 17.52 -17.54 58.44
S SO4 FA . 1.22 -62.60 15.05
O1 SO4 FA . 2.41 -62.55 14.19
O2 SO4 FA . 0.77 -63.99 15.15
O3 SO4 FA . 0.16 -61.78 14.47
O4 SO4 FA . 1.56 -62.10 16.38
S SO4 GA . 14.47 -74.88 34.88
O1 SO4 GA . 15.10 -74.40 33.64
O2 SO4 GA . 15.21 -76.05 35.37
O3 SO4 GA . 14.50 -73.81 35.87
O4 SO4 GA . 13.09 -75.27 34.61
S SO4 HA . 35.93 -58.47 -5.86
O1 SO4 HA . 37.26 -58.60 -6.47
O2 SO4 HA . 35.87 -59.28 -4.65
O3 SO4 HA . 35.69 -57.07 -5.55
O4 SO4 HA . 34.92 -58.96 -6.80
#